data_7UKO
#
_entry.id   7UKO
#
_cell.length_a   258.388
_cell.length_b   144.599
_cell.length_c   104.854
_cell.angle_alpha   90.000
_cell.angle_beta   90.000
_cell.angle_gamma   90.000
#
_symmetry.space_group_name_H-M   'P 21 21 2'
#
loop_
_entity.id
_entity.type
_entity.pdbx_description
1 polymer 'Integrin alpha-IIb heavy chain'
2 polymer 'Isoform Beta-3C of Integrin beta-3'
3 polymer '10E5 Fab heavy chain'
4 polymer '10E5 Fab light chain'
5 branched alpha-D-mannopyranose-(1-3)-[alpha-D-mannopyranose-(1-6)]beta-D-mannopyranose-(1-4)-2-acetamido-2-deoxy-beta-D-glucopyranose-(1-4)-2-acetamido-2-deoxy-beta-D-glucopyranose
6 branched 2-acetamido-2-deoxy-beta-D-glucopyranose-(1-4)-2-acetamido-2-deoxy-beta-D-glucopyranose
7 branched alpha-D-mannopyranose-(1-3)-beta-D-mannopyranose-(1-4)-2-acetamido-2-deoxy-beta-D-glucopyranose-(1-4)-2-acetamido-2-deoxy-beta-D-glucopyranose
8 non-polymer 'SULFATE ION'
9 non-polymer 'CALCIUM ION'
10 non-polymer GLYCEROL
11 non-polymer 'MANGANESE (II) ION'
12 non-polymer 2-acetamido-2-deoxy-beta-D-glucopyranose
13 non-polymer 'sibrafiban (active form)'
14 non-polymer 'CHLORIDE ION'
15 water water
#
loop_
_entity_poly.entity_id
_entity_poly.type
_entity_poly.pdbx_seq_one_letter_code
_entity_poly.pdbx_strand_id
1 'polypeptide(L)'
;LNLDPVQLTFYAGPNGSQFGFSLDFHKDSHGRVAIVVGAPRTLGPSQEETGGVFLCPWRAEGGQCPSLLFDLRDETRNVG
SQTLQTFKARQGLGASVVSWSDVIVACAPWQHWNVLEKTEEAEKTPVGSCFLAQPESGRRAEYSPCRGNTLSRIYVENDF
SWDKRYCEAGFSSVVTQAGELVLGAPGGYYFLGLLAQAPVADIFSSYRPGILLWHVSSQSLSFDSSNPEYFDGYWGYSVA
VGEFDGDLNTTEYVVGAPTWSWTLGAVEILDSYYQRLHRLRGEQMASYFGHSVAVTDVNGDGRHDLLVGAPLYMESRADR
KLAEVGRVYLFLQPRGPHALGAPSLLLTGTQLYGRFGSAIAPLGDLDRDGYNDIAVAAPYGGPSGRGQVLVFLGQSEGLR
SRPSQVLDSPFPTGSAFGFSLRGAVDIDDNGYPDLIVGAYGANQVAVYRAQPVVKAS
;
A,C
2 'polypeptide(L)'
;GPNICTTRGVSSCQQCLAVSPMCAWCSDEALPLGSPRCDLKENLLKDNCAPESIEFPVSEARVLEDRPLSDKGSGDSSQV
TQVSPQRIALRLRPDDSKNFSIQVRQVEDYPVDIYYLMDLSYSMKDDLWSIQNLGTKLATQMRKLTSNLRIGFGAFVDKP
VSPYMYISPPEALENPCYDMKTTCLPMFGYKHVLTLTDQVTRFNEEVKKQSVSRNRDAPEGGFDAIMQATVCDEKIGWRN
DASHLLVFTTDAKTHIALDGRLAGIVQPNDGQCHVGSDNHYSASTTMDYPSLGLMTEKLSQKNINLIFAVTENVVNLYQN
YSELIPGTTVGVLSMDSSNVLQLIVDAYGKIRSKVELEVRDLPEELSLSFNATCLNNEVIPGLKSCMGLKIGDTVSFSIE
AKVRGCPQEKEKSFTIKPVGFKDSLIVQVTFDCDCACQAQAEPNSHRCNNGNGTFECGVCRCGPGWLGSQCE
;
B,D
3 'polypeptide(L)'
;EVQLQQSGAELVKPGASVKLSCTASGFNIKDTYVHWVKQRPEQGLEWIGRIDPANGYTKYDPKFQGKATITADTSSNTAY
LQLSSLTSEDTAVYYCVRPLYDYYAMDYWGQGTSVTVSSAKTTAPSVYPLAPVCGDTTGSSVTLGCLVKGYFPEPVTLTW
NSGSLSSGVHTFPAVLQSDLYTLSSSVTVTSSTWPSQSITCNVAHPASSTKVDKKIEPRGP
;
E,H
4 'polypeptide(L)'
;DILMTQSPSSMSVSLGDTVSITCHASQGISSNIGWLQQKPGKSFMGLIYYGTNLVDGVPSRFSGSGSGADYSLTISSLDS
EDFADYYCVQYAQLPYTFGGGTKLEIKRADAAPTVSIFPPSSEQLTSGGASVVCFLNNFYPKDINVKWKIDGSERQNGVL
NSWTDQDSKDSTYSMSSTLTLTKDEYERHNSYTCEATHKTSTSPIVKSFNRNEC
;
F,L
#
loop_
_chem_comp.id
_chem_comp.type
_chem_comp.name
_chem_comp.formula
BMA D-saccharide, beta linking beta-D-mannopyranose 'C6 H12 O6'
CA non-polymer 'CALCIUM ION' 'Ca 2'
CL non-polymer 'CHLORIDE ION' 'Cl -1'
GOL non-polymer GLYCEROL 'C3 H8 O3'
MAN D-saccharide, alpha linking alpha-D-mannopyranose 'C6 H12 O6'
MN non-polymer 'MANGANESE (II) ION' 'Mn 2'
NAG D-saccharide, beta linking 2-acetamido-2-deoxy-beta-D-glucopyranose 'C8 H15 N O6'
SO4 non-polymer 'SULFATE ION' 'O4 S -2'
XQS non-polymer 'sibrafiban (active form)' 'C18 H24 N4 O5'
#
# COMPACT_ATOMS: atom_id res chain seq x y z
N LEU A 1 24.05 -5.02 -41.38
CA LEU A 1 24.21 -4.42 -42.70
C LEU A 1 25.07 -5.27 -43.62
N ASN A 2 26.27 -5.61 -43.16
CA ASN A 2 27.32 -6.19 -44.00
C ASN A 2 27.73 -7.59 -43.55
N LEU A 3 26.80 -8.35 -42.96
CA LEU A 3 27.03 -9.77 -42.75
C LEU A 3 26.77 -10.51 -44.06
N ASP A 4 27.65 -11.46 -44.40
CA ASP A 4 27.51 -12.19 -45.65
C ASP A 4 26.45 -13.28 -45.52
N PRO A 5 25.31 -13.15 -46.20
CA PRO A 5 24.28 -14.18 -46.15
C PRO A 5 24.37 -15.21 -47.28
N VAL A 6 25.36 -15.11 -48.14
CA VAL A 6 25.49 -16.03 -49.27
C VAL A 6 26.36 -17.23 -48.92
N GLN A 7 27.51 -16.99 -48.31
CA GLN A 7 28.48 -18.04 -47.96
C GLN A 7 28.49 -18.21 -46.45
N LEU A 8 27.68 -19.13 -45.96
CA LEU A 8 27.61 -19.43 -44.54
C LEU A 8 28.53 -20.59 -44.20
N THR A 9 28.78 -20.75 -42.90
CA THR A 9 29.50 -21.87 -42.36
C THR A 9 28.58 -22.61 -41.40
N PHE A 10 28.48 -23.93 -41.57
CA PHE A 10 27.61 -24.76 -40.75
C PHE A 10 28.44 -25.76 -39.96
N TYR A 11 28.21 -25.80 -38.64
CA TYR A 11 28.67 -26.86 -37.76
C TYR A 11 27.45 -27.64 -37.27
N ALA A 12 27.65 -28.94 -37.03
CA ALA A 12 26.53 -29.81 -36.70
C ALA A 12 26.90 -30.80 -35.61
N GLY A 13 25.89 -31.22 -34.84
CA GLY A 13 26.07 -32.22 -33.81
C GLY A 13 25.15 -33.41 -34.02
N PRO A 14 25.12 -34.33 -33.05
CA PRO A 14 24.28 -35.52 -33.19
C PRO A 14 22.81 -35.17 -33.26
N ASN A 15 22.04 -36.05 -33.89
CA ASN A 15 20.60 -35.85 -34.00
CA ASN A 15 20.60 -35.85 -34.00
C ASN A 15 19.95 -35.91 -32.61
N GLY A 16 19.10 -34.95 -32.32
CA GLY A 16 18.41 -34.92 -31.05
C GLY A 16 19.24 -34.49 -29.86
N SER A 17 20.45 -33.99 -30.07
CA SER A 17 21.28 -33.51 -28.97
C SER A 17 21.03 -32.05 -28.62
N GLN A 18 20.24 -31.35 -29.43
CA GLN A 18 20.01 -29.91 -29.28
C GLN A 18 21.31 -29.11 -29.35
N PHE A 19 22.26 -29.63 -30.13
CA PHE A 19 23.47 -28.90 -30.52
C PHE A 19 23.09 -27.50 -31.01
N GLY A 20 23.65 -26.48 -30.37
CA GLY A 20 23.31 -25.10 -30.68
C GLY A 20 22.37 -24.44 -29.70
N PHE A 21 21.97 -25.13 -28.64
CA PHE A 21 21.14 -24.52 -27.60
C PHE A 21 21.84 -23.31 -26.99
N SER A 22 23.13 -23.44 -26.71
CA SER A 22 23.97 -22.33 -26.25
C SER A 22 25.27 -22.35 -27.04
N LEU A 23 25.89 -21.17 -27.16
CA LEU A 23 27.17 -21.07 -27.84
C LEU A 23 27.90 -19.84 -27.34
N ASP A 24 29.20 -19.79 -27.65
CA ASP A 24 30.03 -18.65 -27.33
C ASP A 24 31.31 -18.77 -28.15
N PHE A 25 31.97 -17.63 -28.35
CA PHE A 25 33.32 -17.66 -28.88
C PHE A 25 34.30 -18.01 -27.77
N HIS A 26 35.43 -18.58 -28.15
CA HIS A 26 36.47 -18.99 -27.21
C HIS A 26 37.84 -18.76 -27.84
N LYS A 27 38.71 -18.06 -27.11
CA LYS A 27 40.09 -17.84 -27.53
C LYS A 27 41.01 -18.70 -26.68
N ASP A 28 41.92 -19.43 -27.33
CA ASP A 28 42.93 -20.17 -26.59
C ASP A 28 44.01 -19.19 -26.09
N SER A 29 45.00 -19.74 -25.38
CA SER A 29 46.07 -18.91 -24.82
C SER A 29 46.79 -18.11 -25.89
N HIS A 30 46.71 -18.52 -27.16
CA HIS A 30 47.40 -17.85 -28.24
C HIS A 30 46.48 -16.95 -29.06
N GLY A 31 45.26 -16.72 -28.58
CA GLY A 31 44.33 -15.82 -29.24
C GLY A 31 43.55 -16.42 -30.40
N ARG A 32 43.66 -17.71 -30.66
CA ARG A 32 42.94 -18.34 -31.76
C ARG A 32 41.50 -18.57 -31.37
N VAL A 33 40.57 -18.09 -32.19
CA VAL A 33 39.15 -18.11 -31.89
C VAL A 33 38.54 -19.44 -32.35
N ALA A 34 37.83 -20.10 -31.44
CA ALA A 34 37.01 -21.28 -31.72
C ALA A 34 35.58 -20.98 -31.27
N ILE A 35 34.70 -21.96 -31.43
CA ILE A 35 33.30 -21.84 -31.02
C ILE A 35 32.99 -22.97 -30.06
N VAL A 36 32.57 -22.61 -28.85
CA VAL A 36 32.11 -23.60 -27.88
C VAL A 36 30.60 -23.71 -27.99
N VAL A 37 30.12 -24.93 -28.16
CA VAL A 37 28.70 -25.19 -28.43
C VAL A 37 28.19 -26.16 -27.37
N GLY A 38 27.06 -25.81 -26.75
CA GLY A 38 26.40 -26.70 -25.82
C GLY A 38 25.32 -27.52 -26.53
N ALA A 39 25.17 -28.77 -26.10
CA ALA A 39 24.20 -29.70 -26.68
C ALA A 39 23.54 -30.46 -25.52
N PRO A 40 22.50 -29.88 -24.92
CA PRO A 40 22.04 -30.37 -23.61
C PRO A 40 21.32 -31.71 -23.64
N ARG A 41 21.07 -32.31 -24.80
CA ARG A 41 20.46 -33.64 -24.83
C ARG A 41 21.37 -34.68 -25.48
N THR A 42 22.67 -34.40 -25.56
CA THR A 42 23.63 -35.39 -26.02
C THR A 42 23.57 -36.63 -25.13
N LEU A 43 23.62 -37.80 -25.76
CA LEU A 43 23.60 -39.05 -25.01
C LEU A 43 24.89 -39.23 -24.22
N GLY A 44 24.76 -39.77 -23.01
CA GLY A 44 25.91 -40.09 -22.19
C GLY A 44 26.36 -41.53 -22.41
N PRO A 45 26.97 -42.12 -21.39
CA PRO A 45 27.43 -43.51 -21.52
C PRO A 45 26.30 -44.51 -21.42
N SER A 46 25.38 -44.28 -20.48
CA SER A 46 24.29 -45.22 -20.22
C SER A 46 23.16 -45.08 -21.23
N GLN A 47 23.49 -44.61 -22.44
CA GLN A 47 22.51 -44.38 -23.51
C GLN A 47 21.34 -43.52 -23.01
N GLU A 48 21.63 -42.63 -22.07
CA GLU A 48 20.65 -41.72 -21.53
C GLU A 48 21.14 -40.29 -21.74
N GLU A 49 20.18 -39.37 -21.90
CA GLU A 49 20.54 -37.98 -22.14
C GLU A 49 21.21 -37.40 -20.90
N THR A 50 22.37 -36.78 -21.11
CA THR A 50 23.04 -36.00 -20.09
C THR A 50 23.51 -34.64 -20.59
N GLY A 51 23.52 -34.41 -21.90
CA GLY A 51 24.10 -33.21 -22.46
C GLY A 51 25.58 -33.35 -22.73
N GLY A 52 26.10 -32.39 -23.48
CA GLY A 52 27.51 -32.40 -23.84
C GLY A 52 27.93 -31.05 -24.39
N VAL A 53 29.23 -30.88 -24.50
CA VAL A 53 29.84 -29.63 -24.96
C VAL A 53 30.78 -29.96 -26.11
N PHE A 54 30.82 -29.07 -27.10
CA PHE A 54 31.68 -29.24 -28.26
C PHE A 54 32.51 -27.99 -28.47
N LEU A 55 33.77 -28.19 -28.87
CA LEU A 55 34.71 -27.10 -29.12
C LEU A 55 35.09 -27.13 -30.60
N CYS A 56 34.46 -26.25 -31.37
CA CYS A 56 34.58 -26.28 -32.83
C CYS A 56 35.73 -25.40 -33.28
N PRO A 57 36.81 -25.96 -33.84
CA PRO A 57 37.83 -25.11 -34.48
C PRO A 57 37.25 -24.35 -35.65
N TRP A 58 37.74 -23.13 -35.86
CA TRP A 58 37.23 -22.32 -36.95
C TRP A 58 37.70 -22.89 -38.29
N ARG A 59 36.74 -23.24 -39.13
CA ARG A 59 36.98 -23.70 -40.50
C ARG A 59 35.86 -23.12 -41.36
N ALA A 60 36.22 -22.53 -42.50
CA ALA A 60 35.20 -21.97 -43.38
C ALA A 60 34.20 -23.02 -43.83
N GLU A 61 34.63 -24.28 -43.96
CA GLU A 61 33.74 -25.37 -44.36
C GLU A 61 32.86 -25.85 -43.21
N GLY A 62 33.25 -25.58 -41.97
CA GLY A 62 32.46 -26.05 -40.84
C GLY A 62 32.62 -27.56 -40.65
N GLY A 63 31.50 -28.24 -40.44
CA GLY A 63 31.52 -29.68 -40.26
C GLY A 63 31.29 -30.15 -38.84
N GLN A 64 32.04 -31.18 -38.44
CA GLN A 64 31.92 -31.80 -37.13
C GLN A 64 32.94 -31.20 -36.16
N CYS A 65 32.63 -31.29 -34.86
CA CYS A 65 33.50 -30.74 -33.85
C CYS A 65 33.90 -31.82 -32.85
N PRO A 66 35.10 -31.74 -32.28
CA PRO A 66 35.45 -32.64 -31.18
C PRO A 66 34.73 -32.23 -29.91
N SER A 67 34.47 -33.21 -29.05
CA SER A 67 33.78 -32.94 -27.81
C SER A 67 34.74 -32.44 -26.74
N LEU A 68 34.24 -31.58 -25.85
CA LEU A 68 34.95 -31.18 -24.65
C LEU A 68 34.45 -32.08 -23.53
N LEU A 69 35.29 -33.01 -23.10
CA LEU A 69 34.85 -34.13 -22.27
C LEU A 69 34.72 -33.74 -20.81
N PHE A 70 33.59 -34.09 -20.21
CA PHE A 70 33.33 -33.92 -18.79
C PHE A 70 32.88 -35.25 -18.21
N ASP A 71 32.96 -35.36 -16.88
CA ASP A 71 32.57 -36.57 -16.18
C ASP A 71 31.05 -36.67 -16.14
N LEU A 72 30.50 -37.73 -16.74
CA LEU A 72 29.08 -37.96 -16.78
C LEU A 72 28.61 -39.03 -15.79
N ARG A 73 29.48 -39.45 -14.88
CA ARG A 73 29.16 -40.52 -13.95
C ARG A 73 28.50 -39.95 -12.69
N ASP A 74 27.42 -40.60 -12.25
CA ASP A 74 26.81 -40.24 -10.99
C ASP A 74 27.77 -40.49 -9.84
N GLU A 75 27.67 -39.68 -8.79
CA GLU A 75 28.64 -39.70 -7.70
C GLU A 75 27.94 -39.99 -6.39
N THR A 76 28.67 -40.67 -5.50
CA THR A 76 28.16 -41.04 -4.19
C THR A 76 29.28 -40.96 -3.16
N ARG A 77 29.03 -40.23 -2.08
CA ARG A 77 30.01 -40.11 -1.00
C ARG A 77 29.32 -40.38 0.32
N ASN A 78 29.87 -41.31 1.10
CA ASN A 78 29.35 -41.66 2.41
C ASN A 78 30.26 -41.01 3.45
N VAL A 79 29.81 -39.87 3.99
CA VAL A 79 30.63 -39.06 4.88
C VAL A 79 29.73 -38.38 5.89
N GLY A 80 30.25 -38.19 7.10
CA GLY A 80 29.50 -37.51 8.14
C GLY A 80 28.20 -38.19 8.51
N SER A 81 28.17 -39.53 8.46
CA SER A 81 26.95 -40.32 8.67
C SER A 81 25.82 -39.87 7.73
N GLN A 82 26.19 -39.43 6.53
CA GLN A 82 25.25 -39.05 5.49
C GLN A 82 25.70 -39.63 4.18
N THR A 83 24.78 -39.69 3.22
CA THR A 83 25.10 -40.15 1.87
C THR A 83 24.81 -39.02 0.90
N LEU A 84 25.84 -38.59 0.18
CA LEU A 84 25.72 -37.55 -0.84
C LEU A 84 25.57 -38.20 -2.21
N GLN A 85 24.69 -37.64 -3.04
CA GLN A 85 24.38 -38.23 -4.33
C GLN A 85 24.24 -37.13 -5.38
N THR A 86 24.87 -37.31 -6.53
CA THR A 86 24.63 -36.48 -7.70
C THR A 86 23.96 -37.33 -8.79
N PHE A 87 23.03 -36.73 -9.51
CA PHE A 87 22.26 -37.42 -10.56
C PHE A 87 22.37 -36.61 -11.83
N LYS A 88 23.10 -37.14 -12.81
CA LYS A 88 23.40 -36.42 -14.04
C LYS A 88 22.47 -36.78 -15.20
N ALA A 89 21.58 -37.76 -15.00
CA ALA A 89 20.59 -38.07 -16.03
C ALA A 89 19.70 -36.88 -16.30
N ARG A 90 19.59 -36.52 -17.58
CA ARG A 90 18.76 -35.40 -18.03
CA ARG A 90 18.75 -35.41 -18.03
C ARG A 90 19.13 -34.09 -17.33
N GLN A 91 20.40 -33.93 -17.00
CA GLN A 91 20.86 -32.71 -16.35
C GLN A 91 20.95 -31.52 -17.31
N GLY A 92 21.05 -31.79 -18.61
CA GLY A 92 21.14 -30.73 -19.60
C GLY A 92 22.47 -30.04 -19.64
N LEU A 93 23.57 -30.78 -19.55
CA LEU A 93 24.89 -30.19 -19.65
C LEU A 93 25.06 -29.49 -20.99
N GLY A 94 25.42 -28.21 -20.95
CA GLY A 94 25.48 -27.40 -22.14
C GLY A 94 24.24 -26.58 -22.41
N ALA A 95 23.29 -26.52 -21.47
CA ALA A 95 22.16 -25.61 -21.59
C ALA A 95 22.60 -24.15 -21.49
N SER A 96 23.78 -23.90 -20.93
CA SER A 96 24.43 -22.61 -21.09
C SER A 96 25.93 -22.86 -21.15
N VAL A 97 26.62 -22.09 -21.98
CA VAL A 97 28.08 -22.13 -22.07
C VAL A 97 28.58 -20.71 -22.19
N VAL A 98 29.76 -20.45 -21.63
CA VAL A 98 30.39 -19.15 -21.67
C VAL A 98 31.89 -19.35 -21.60
N SER A 99 32.62 -18.45 -22.23
CA SER A 99 34.08 -18.51 -22.24
C SER A 99 34.66 -17.24 -21.64
N TRP A 100 35.69 -17.40 -20.83
CA TRP A 100 36.45 -16.27 -20.30
C TRP A 100 37.91 -16.67 -20.24
N SER A 101 38.78 -15.82 -20.77
CA SER A 101 40.22 -16.10 -20.87
C SER A 101 40.37 -17.40 -21.67
N ASP A 102 41.17 -18.36 -21.22
CA ASP A 102 41.26 -19.68 -21.84
C ASP A 102 40.45 -20.73 -21.08
N VAL A 103 39.33 -20.32 -20.49
CA VAL A 103 38.50 -21.19 -19.65
C VAL A 103 37.10 -21.22 -20.22
N ILE A 104 36.49 -22.41 -20.21
CA ILE A 104 35.12 -22.61 -20.66
C ILE A 104 34.28 -23.03 -19.46
N VAL A 105 33.11 -22.42 -19.30
CA VAL A 105 32.16 -22.76 -18.24
C VAL A 105 30.89 -23.30 -18.90
N ALA A 106 30.61 -24.57 -18.66
CA ALA A 106 29.42 -25.23 -19.20
C ALA A 106 28.60 -25.78 -18.06
N CYS A 107 27.30 -25.48 -18.07
CA CYS A 107 26.46 -25.72 -16.91
C CYS A 107 25.36 -26.72 -17.24
N ALA A 108 25.00 -27.52 -16.23
CA ALA A 108 23.90 -28.47 -16.27
C ALA A 108 22.84 -28.00 -15.29
N PRO A 109 21.87 -27.18 -15.72
CA PRO A 109 20.96 -26.58 -14.75
C PRO A 109 20.05 -27.58 -14.07
N TRP A 110 19.78 -28.72 -14.68
CA TRP A 110 18.85 -29.68 -14.10
C TRP A 110 19.56 -30.89 -13.52
N GLN A 111 20.84 -30.76 -13.18
CA GLN A 111 21.50 -31.81 -12.42
C GLN A 111 20.84 -31.91 -11.06
N HIS A 112 20.51 -33.13 -10.66
CA HIS A 112 19.80 -33.34 -9.41
C HIS A 112 20.76 -33.75 -8.30
N TRP A 113 20.28 -33.61 -7.07
CA TRP A 113 21.11 -33.77 -5.89
C TRP A 113 20.24 -34.24 -4.74
N ASN A 114 20.78 -35.13 -3.91
CA ASN A 114 20.06 -35.59 -2.73
C ASN A 114 21.06 -35.98 -1.66
N VAL A 115 20.60 -35.93 -0.42
CA VAL A 115 21.38 -36.34 0.74
C VAL A 115 20.51 -37.28 1.56
N LEU A 116 21.06 -38.43 1.93
CA LEU A 116 20.35 -39.42 2.71
C LEU A 116 20.95 -39.51 4.11
N GLU A 117 20.08 -39.63 5.11
CA GLU A 117 20.53 -39.79 6.49
C GLU A 117 19.51 -40.70 7.19
N LYS A 118 19.84 -41.99 7.30
CA LYS A 118 18.99 -43.00 7.91
C LYS A 118 17.69 -43.06 7.10
N THR A 119 16.54 -42.75 7.68
CA THR A 119 15.27 -42.78 6.95
C THR A 119 14.95 -41.45 6.26
N GLU A 120 15.64 -40.38 6.62
CA GLU A 120 15.32 -39.05 6.09
C GLU A 120 16.13 -38.76 4.83
N GLU A 121 15.86 -37.59 4.26
CA GLU A 121 16.53 -37.17 3.04
C GLU A 121 16.41 -35.66 2.90
N ALA A 122 17.28 -35.08 2.07
CA ALA A 122 17.15 -33.67 1.71
C ALA A 122 16.07 -33.43 0.66
N GLU A 123 15.73 -34.48 -0.12
CA GLU A 123 14.88 -34.53 -1.31
C GLU A 123 15.73 -34.40 -2.58
N LYS A 124 15.39 -35.19 -3.60
CA LYS A 124 16.11 -35.19 -4.88
C LYS A 124 15.64 -34.00 -5.71
N THR A 125 16.47 -32.98 -5.82
CA THR A 125 16.05 -31.71 -6.40
C THR A 125 17.09 -31.24 -7.40
N PRO A 126 16.69 -30.41 -8.37
CA PRO A 126 17.64 -29.86 -9.36
C PRO A 126 18.40 -28.63 -8.88
N VAL A 127 19.46 -28.85 -8.12
CA VAL A 127 20.29 -27.73 -7.68
C VAL A 127 21.03 -27.10 -8.86
N GLY A 128 21.33 -27.90 -9.89
CA GLY A 128 22.17 -27.44 -10.98
C GLY A 128 23.64 -27.60 -10.65
N SER A 129 24.47 -27.45 -11.68
CA SER A 129 25.92 -27.59 -11.53
C SER A 129 26.60 -27.05 -12.78
N CYS A 130 27.78 -26.45 -12.58
CA CYS A 130 28.59 -25.97 -13.70
C CYS A 130 29.92 -26.70 -13.74
N PHE A 131 30.38 -26.97 -14.95
CA PHE A 131 31.64 -27.66 -15.20
C PHE A 131 32.60 -26.66 -15.84
N LEU A 132 33.83 -26.64 -15.34
CA LEU A 132 34.84 -25.70 -15.84
C LEU A 132 36.00 -26.46 -16.44
N ALA A 133 36.47 -25.99 -17.60
CA ALA A 133 37.54 -26.67 -18.32
C ALA A 133 38.53 -25.65 -18.83
N GLN A 134 39.82 -25.95 -18.64
CA GLN A 134 40.91 -25.26 -19.31
C GLN A 134 41.38 -26.20 -20.41
N PRO A 135 40.86 -26.05 -21.64
CA PRO A 135 41.06 -27.11 -22.65
C PRO A 135 42.52 -27.42 -22.95
N GLU A 136 43.39 -26.41 -23.05
CA GLU A 136 44.77 -26.66 -23.44
C GLU A 136 45.52 -27.46 -22.38
N SER A 137 45.19 -27.27 -21.10
CA SER A 137 45.87 -27.95 -20.02
C SER A 137 45.17 -29.22 -19.56
N GLY A 138 43.88 -29.36 -19.82
CA GLY A 138 43.12 -30.49 -19.32
C GLY A 138 42.53 -30.31 -17.94
N ARG A 139 42.82 -29.18 -17.28
CA ARG A 139 42.28 -28.92 -15.94
C ARG A 139 40.75 -28.95 -15.96
N ARG A 140 40.18 -29.47 -14.88
CA ARG A 140 38.74 -29.55 -14.73
C ARG A 140 38.35 -29.11 -13.33
N ALA A 141 37.18 -28.48 -13.22
CA ALA A 141 36.67 -28.08 -11.93
C ALA A 141 35.15 -28.05 -12.01
N GLU A 142 34.51 -28.05 -10.85
CA GLU A 142 33.06 -27.97 -10.76
C GLU A 142 32.67 -26.87 -9.78
N TYR A 143 31.45 -26.40 -9.93
CA TYR A 143 30.91 -25.37 -9.04
C TYR A 143 29.42 -25.61 -8.91
N SER A 144 28.97 -25.90 -7.70
CA SER A 144 27.57 -26.24 -7.44
C SER A 144 27.15 -25.57 -6.14
N PRO A 145 26.93 -24.26 -6.17
CA PRO A 145 26.80 -23.49 -4.93
C PRO A 145 25.51 -23.74 -4.15
N CYS A 146 24.56 -24.49 -4.71
CA CYS A 146 23.27 -24.68 -4.04
C CYS A 146 23.14 -26.05 -3.39
N ARG A 147 24.11 -26.93 -3.57
CA ARG A 147 24.09 -28.20 -2.86
C ARG A 147 24.15 -27.96 -1.36
N GLY A 148 23.24 -28.59 -0.63
CA GLY A 148 23.26 -28.53 0.82
C GLY A 148 23.10 -29.92 1.41
N ASN A 149 23.34 -30.01 2.71
CA ASN A 149 23.16 -31.26 3.44
C ASN A 149 22.10 -31.14 4.53
N THR A 150 21.16 -30.21 4.37
CA THR A 150 20.05 -30.09 5.31
C THR A 150 18.93 -31.05 4.94
N LEU A 151 18.36 -31.71 5.94
CA LEU A 151 17.32 -32.69 5.71
C LEU A 151 15.97 -32.02 5.48
N SER A 152 15.06 -32.74 4.82
CA SER A 152 13.79 -32.16 4.38
C SER A 152 12.99 -31.59 5.53
N ARG A 153 13.00 -32.29 6.68
CA ARG A 153 12.19 -31.87 7.81
C ARG A 153 12.55 -30.47 8.31
N ILE A 154 13.82 -30.06 8.18
CA ILE A 154 14.23 -28.77 8.71
C ILE A 154 13.61 -27.63 7.92
N TYR A 155 13.61 -27.75 6.58
CA TYR A 155 13.00 -26.72 5.75
C TYR A 155 11.52 -26.54 6.10
N VAL A 156 10.83 -27.64 6.38
CA VAL A 156 9.43 -27.56 6.78
C VAL A 156 9.29 -26.82 8.10
N GLU A 157 10.15 -27.13 9.07
CA GLU A 157 10.07 -26.46 10.36
C GLU A 157 10.40 -24.98 10.26
N ASN A 158 11.30 -24.61 9.34
CA ASN A 158 11.71 -23.22 9.18
C ASN A 158 10.95 -22.50 8.07
N ASP A 159 9.85 -23.09 7.57
CA ASP A 159 8.98 -22.48 6.58
C ASP A 159 9.70 -22.19 5.25
N PHE A 160 10.61 -23.07 4.85
CA PHE A 160 11.21 -23.07 3.51
C PHE A 160 11.96 -21.77 3.21
N SER A 161 12.59 -21.20 4.24
CA SER A 161 13.44 -20.04 4.06
C SER A 161 14.85 -20.50 3.69
N TRP A 162 15.51 -19.72 2.83
CA TRP A 162 16.84 -20.04 2.35
C TRP A 162 16.91 -21.46 1.80
N ASP A 163 15.94 -21.77 0.95
CA ASP A 163 15.79 -23.11 0.36
C ASP A 163 16.39 -23.07 -1.04
N LYS A 164 17.64 -23.52 -1.16
CA LYS A 164 18.36 -23.50 -2.44
C LYS A 164 18.30 -24.84 -3.17
N ARG A 165 17.32 -25.69 -2.86
CA ARG A 165 17.32 -27.04 -3.41
C ARG A 165 16.96 -27.07 -4.90
N TYR A 166 16.24 -26.07 -5.39
CA TYR A 166 15.77 -26.05 -6.78
C TYR A 166 16.43 -24.95 -7.60
N CYS A 167 17.62 -24.53 -7.19
CA CYS A 167 18.32 -23.41 -7.82
C CYS A 167 18.31 -23.48 -9.34
N GLU A 168 18.73 -24.62 -9.88
CA GLU A 168 19.09 -24.75 -11.28
C GLU A 168 20.19 -23.75 -11.62
N ALA A 169 21.23 -23.75 -10.81
CA ALA A 169 22.40 -22.90 -11.05
C ALA A 169 23.00 -23.20 -12.41
N GLY A 170 23.38 -22.15 -13.13
CA GLY A 170 23.83 -22.28 -14.49
C GLY A 170 22.75 -22.16 -15.53
N PHE A 171 21.50 -21.96 -15.11
CA PHE A 171 20.43 -21.64 -16.06
C PHE A 171 20.85 -20.53 -17.00
N SER A 172 21.39 -19.45 -16.43
CA SER A 172 22.09 -18.42 -17.18
C SER A 172 23.45 -18.21 -16.54
N SER A 173 24.36 -17.58 -17.28
CA SER A 173 25.71 -17.40 -16.75
C SER A 173 26.38 -16.24 -17.47
N VAL A 174 27.40 -15.69 -16.81
CA VAL A 174 28.19 -14.59 -17.34
C VAL A 174 29.45 -14.49 -16.51
N VAL A 175 30.56 -14.04 -17.11
CA VAL A 175 31.82 -13.86 -16.41
C VAL A 175 32.25 -12.42 -16.58
N THR A 176 32.65 -11.78 -15.48
CA THR A 176 33.16 -10.42 -15.54
C THR A 176 34.55 -10.40 -16.20
N GLN A 177 34.96 -9.21 -16.65
CA GLN A 177 36.29 -9.06 -17.21
C GLN A 177 37.37 -9.47 -16.22
N ALA A 178 37.13 -9.24 -14.92
CA ALA A 178 38.08 -9.63 -13.89
C ALA A 178 38.06 -11.11 -13.58
N GLY A 179 37.13 -11.87 -14.15
CA GLY A 179 37.11 -13.31 -13.95
C GLY A 179 36.21 -13.81 -12.84
N GLU A 180 35.15 -13.08 -12.54
CA GLU A 180 34.14 -13.51 -11.56
C GLU A 180 33.00 -14.18 -12.31
N LEU A 181 32.77 -15.45 -12.02
CA LEU A 181 31.65 -16.17 -12.64
C LEU A 181 30.38 -15.85 -11.86
N VAL A 182 29.34 -15.44 -12.58
CA VAL A 182 28.04 -15.15 -12.00
C VAL A 182 27.03 -16.12 -12.62
N LEU A 183 26.38 -16.91 -11.79
CA LEU A 183 25.41 -17.91 -12.22
C LEU A 183 24.01 -17.44 -11.88
N GLY A 184 23.10 -17.49 -12.86
CA GLY A 184 21.70 -17.29 -12.56
C GLY A 184 21.06 -18.59 -12.10
N ALA A 185 20.22 -18.50 -11.08
CA ALA A 185 19.52 -19.66 -10.52
C ALA A 185 18.07 -19.30 -10.28
N PRO A 186 17.23 -19.43 -11.32
CA PRO A 186 15.84 -18.93 -11.23
C PRO A 186 14.98 -19.66 -10.21
N GLY A 187 15.36 -20.86 -9.80
CA GLY A 187 14.59 -21.61 -8.83
C GLY A 187 15.05 -21.46 -7.40
N GLY A 188 16.07 -20.64 -7.16
CA GLY A 188 16.58 -20.49 -5.80
C GLY A 188 15.57 -19.84 -4.87
N TYR A 189 15.67 -20.19 -3.60
CA TYR A 189 14.80 -19.64 -2.55
C TYR A 189 13.33 -19.89 -2.89
N TYR A 190 13.01 -21.17 -3.12
CA TYR A 190 11.65 -21.60 -3.47
C TYR A 190 11.10 -20.77 -4.64
N PHE A 191 11.86 -20.74 -5.72
CA PHE A 191 11.48 -20.17 -7.01
C PHE A 191 11.39 -18.64 -7.01
N LEU A 192 12.01 -17.98 -6.04
CA LEU A 192 12.22 -16.54 -6.18
C LEU A 192 13.36 -16.26 -7.15
N GLY A 193 14.45 -17.00 -7.02
CA GLY A 193 15.59 -16.85 -7.89
C GLY A 193 16.74 -16.21 -7.13
N LEU A 194 17.96 -16.66 -7.42
CA LEU A 194 19.15 -16.14 -6.77
C LEU A 194 20.29 -16.05 -7.76
N LEU A 195 21.33 -15.33 -7.36
CA LEU A 195 22.57 -15.22 -8.09
C LEU A 195 23.68 -15.84 -7.25
N ALA A 196 24.63 -16.50 -7.91
CA ALA A 196 25.80 -17.06 -7.23
C ALA A 196 27.04 -16.61 -7.97
N GLN A 197 27.99 -16.03 -7.25
CA GLN A 197 29.21 -15.48 -7.82
C GLN A 197 30.42 -16.05 -7.09
N ALA A 198 31.48 -16.31 -7.86
CA ALA A 198 32.75 -16.73 -7.30
C ALA A 198 33.84 -16.62 -8.36
N PRO A 199 35.03 -16.17 -7.99
CA PRO A 199 36.13 -16.09 -8.97
C PRO A 199 36.48 -17.45 -9.54
N VAL A 200 36.73 -17.47 -10.85
CA VAL A 200 37.09 -18.71 -11.54
C VAL A 200 38.33 -19.33 -10.90
N ALA A 201 39.31 -18.50 -10.55
CA ALA A 201 40.54 -19.02 -9.96
C ALA A 201 40.27 -19.71 -8.63
N ASP A 202 39.38 -19.14 -7.81
CA ASP A 202 39.08 -19.77 -6.53
C ASP A 202 38.25 -21.03 -6.70
N ILE A 203 37.47 -21.12 -7.79
CA ILE A 203 36.74 -22.35 -8.07
C ILE A 203 37.71 -23.49 -8.39
N PHE A 204 38.71 -23.20 -9.23
CA PHE A 204 39.69 -24.23 -9.57
C PHE A 204 40.53 -24.63 -8.37
N SER A 205 40.98 -23.65 -7.58
CA SER A 205 41.91 -23.94 -6.50
C SER A 205 41.23 -24.55 -5.27
N SER A 206 39.91 -24.46 -5.16
CA SER A 206 39.20 -25.06 -4.05
C SER A 206 38.46 -26.34 -4.43
N TYR A 207 38.53 -26.75 -5.70
CA TYR A 207 37.87 -27.97 -6.14
C TYR A 207 38.82 -29.15 -6.09
N ARG A 208 38.33 -30.26 -5.56
CA ARG A 208 38.96 -31.57 -5.65
C ARG A 208 37.89 -32.58 -6.00
N PRO A 209 38.23 -33.60 -6.79
CA PRO A 209 37.20 -34.57 -7.18
C PRO A 209 36.77 -35.43 -6.01
N GLY A 210 35.46 -35.71 -5.95
CA GLY A 210 34.91 -36.63 -4.98
C GLY A 210 34.50 -36.02 -3.65
N ILE A 211 34.63 -34.70 -3.49
CA ILE A 211 34.21 -34.05 -2.24
C ILE A 211 32.72 -33.73 -2.25
N LEU A 212 32.21 -33.26 -3.39
CA LEU A 212 30.80 -33.01 -3.65
C LEU A 212 30.26 -31.82 -2.85
N LEU A 213 30.57 -31.74 -1.56
CA LEU A 213 30.19 -30.60 -0.74
C LEU A 213 31.47 -29.93 -0.23
N TRP A 214 31.80 -28.77 -0.78
CA TRP A 214 33.01 -28.06 -0.39
C TRP A 214 32.75 -26.57 -0.38
N HIS A 215 33.52 -25.86 0.42
CA HIS A 215 33.44 -24.40 0.51
C HIS A 215 34.42 -23.77 -0.47
N VAL A 216 33.93 -22.80 -1.23
CA VAL A 216 34.78 -21.86 -1.94
C VAL A 216 34.59 -20.50 -1.27
N SER A 217 35.69 -19.92 -0.77
CA SER A 217 35.59 -18.86 0.22
C SER A 217 35.14 -17.53 -0.37
N SER A 218 35.64 -17.16 -1.56
CA SER A 218 35.26 -15.90 -2.18
C SER A 218 33.83 -15.90 -2.67
N GLN A 219 33.11 -17.00 -2.50
CA GLN A 219 31.76 -17.13 -3.05
C GLN A 219 30.82 -16.11 -2.41
N SER A 220 29.83 -15.66 -3.20
CA SER A 220 28.90 -14.63 -2.76
C SER A 220 27.54 -14.90 -3.40
N LEU A 221 26.53 -15.18 -2.57
CA LEU A 221 25.17 -15.44 -3.05
C LEU A 221 24.25 -14.29 -2.71
N SER A 222 23.15 -14.18 -3.45
CA SER A 222 22.14 -13.17 -3.17
C SER A 222 21.22 -13.68 -2.05
N PHE A 223 20.13 -12.96 -1.80
CA PHE A 223 19.40 -13.12 -0.55
C PHE A 223 17.94 -13.48 -0.79
N ASP A 224 17.40 -14.23 0.17
CA ASP A 224 15.98 -14.55 0.19
C ASP A 224 15.18 -13.29 0.51
N SER A 225 13.90 -13.32 0.19
CA SER A 225 13.04 -12.17 0.39
C SER A 225 11.66 -12.62 0.84
N SER A 226 11.03 -11.81 1.69
CA SER A 226 9.66 -12.05 2.10
C SER A 226 8.65 -11.27 1.27
N ASN A 227 9.12 -10.49 0.30
CA ASN A 227 8.23 -9.67 -0.50
C ASN A 227 7.53 -10.54 -1.55
N PRO A 228 6.20 -10.58 -1.58
CA PRO A 228 5.52 -11.44 -2.56
C PRO A 228 5.74 -11.02 -4.00
N GLU A 229 6.19 -9.79 -4.25
CA GLU A 229 6.49 -9.38 -5.63
C GLU A 229 7.56 -10.24 -6.27
N TYR A 230 8.41 -10.90 -5.47
CA TYR A 230 9.48 -11.75 -5.98
C TYR A 230 9.10 -13.22 -6.06
N PHE A 231 7.94 -13.61 -5.54
CA PHE A 231 7.55 -15.01 -5.53
C PHE A 231 7.30 -15.50 -6.95
N ASP A 232 7.93 -16.62 -7.31
CA ASP A 232 7.80 -17.22 -8.64
C ASP A 232 8.22 -16.25 -9.74
N GLY A 233 9.16 -15.36 -9.42
CA GLY A 233 9.64 -14.39 -10.37
C GLY A 233 10.82 -14.82 -11.21
N TYR A 234 11.44 -15.95 -10.88
CA TYR A 234 12.54 -16.54 -11.66
C TYR A 234 13.69 -15.54 -11.88
N TRP A 235 14.02 -14.82 -10.81
CA TRP A 235 15.13 -13.89 -10.75
C TRP A 235 16.42 -14.63 -11.08
N GLY A 236 17.04 -14.33 -12.22
CA GLY A 236 18.15 -15.09 -12.71
C GLY A 236 17.86 -15.93 -13.95
N TYR A 237 16.68 -15.77 -14.54
CA TYR A 237 16.39 -16.39 -15.83
C TYR A 237 17.40 -15.94 -16.88
N SER A 238 17.75 -14.66 -16.88
CA SER A 238 18.82 -14.13 -17.70
C SER A 238 19.73 -13.27 -16.85
N VAL A 239 20.96 -13.05 -17.31
CA VAL A 239 21.96 -12.35 -16.51
C VAL A 239 22.96 -11.67 -17.43
N ALA A 240 23.53 -10.57 -16.96
CA ALA A 240 24.53 -9.82 -17.72
C ALA A 240 25.26 -8.89 -16.75
N VAL A 241 26.36 -8.31 -17.22
CA VAL A 241 27.17 -7.41 -16.42
C VAL A 241 27.47 -6.16 -17.23
N GLY A 242 27.85 -5.09 -16.54
CA GLY A 242 28.13 -3.83 -17.21
C GLY A 242 28.50 -2.77 -16.20
N GLU A 243 28.72 -1.56 -16.71
CA GLU A 243 29.12 -0.41 -15.89
C GLU A 243 27.97 0.60 -15.87
N PHE A 244 27.28 0.70 -14.73
CA PHE A 244 26.07 1.51 -14.63
C PHE A 244 26.04 2.48 -13.46
N ASP A 245 27.07 2.50 -12.61
CA ASP A 245 27.06 3.38 -11.43
C ASP A 245 28.06 4.52 -11.51
N GLY A 246 28.90 4.56 -12.55
CA GLY A 246 29.91 5.58 -12.69
C GLY A 246 31.26 5.24 -12.09
N ASP A 247 31.31 4.28 -11.17
CA ASP A 247 32.56 3.87 -10.53
C ASP A 247 33.15 2.71 -11.31
N LEU A 248 34.30 2.96 -11.96
CA LEU A 248 34.88 1.93 -12.83
C LEU A 248 35.50 0.78 -12.04
N ASN A 249 35.75 0.95 -10.75
CA ASN A 249 36.26 -0.13 -9.93
C ASN A 249 35.19 -1.14 -9.54
N THR A 250 33.92 -0.83 -9.80
CA THR A 250 32.81 -1.72 -9.47
C THR A 250 32.18 -2.26 -10.74
N THR A 251 31.78 -3.53 -10.71
CA THR A 251 31.02 -4.13 -11.79
C THR A 251 29.57 -4.30 -11.34
N GLU A 252 28.63 -3.96 -12.22
CA GLU A 252 27.21 -4.00 -11.91
C GLU A 252 26.58 -5.20 -12.61
N TYR A 253 25.63 -5.84 -11.92
CA TYR A 253 24.96 -7.02 -12.45
C TYR A 253 23.58 -6.63 -12.97
N VAL A 254 23.20 -7.22 -14.10
CA VAL A 254 21.88 -7.04 -14.68
C VAL A 254 21.17 -8.39 -14.62
N VAL A 255 20.01 -8.41 -13.97
CA VAL A 255 19.28 -9.65 -13.70
C VAL A 255 17.91 -9.54 -14.33
N GLY A 256 17.53 -10.58 -15.08
CA GLY A 256 16.19 -10.68 -15.65
C GLY A 256 15.32 -11.54 -14.75
N ALA A 257 14.10 -11.05 -14.51
CA ALA A 257 13.10 -11.74 -13.70
C ALA A 257 11.77 -11.67 -14.45
N PRO A 258 11.59 -12.56 -15.42
CA PRO A 258 10.49 -12.37 -16.39
C PRO A 258 9.10 -12.68 -15.85
N THR A 259 8.98 -13.22 -14.64
CA THR A 259 7.67 -13.41 -14.03
C THR A 259 7.52 -12.63 -12.73
N TRP A 260 8.38 -11.63 -12.52
CA TRP A 260 8.35 -10.82 -11.31
C TRP A 260 7.01 -10.11 -11.15
N SER A 261 6.53 -10.03 -9.91
CA SER A 261 5.29 -9.36 -9.54
C SER A 261 4.11 -9.85 -10.37
N TRP A 262 3.76 -11.11 -10.14
CA TRP A 262 2.60 -11.75 -10.78
C TRP A 262 2.67 -11.64 -12.31
N THR A 263 3.81 -12.07 -12.85
CA THR A 263 4.08 -12.16 -14.29
C THR A 263 4.11 -10.80 -14.98
N LEU A 264 4.33 -9.72 -14.23
CA LEU A 264 4.59 -8.44 -14.88
C LEU A 264 5.97 -8.40 -15.48
N GLY A 265 6.93 -9.05 -14.87
CA GLY A 265 8.29 -9.07 -15.38
C GLY A 265 9.07 -7.86 -14.92
N ALA A 266 10.38 -8.03 -14.82
CA ALA A 266 11.25 -6.95 -14.37
C ALA A 266 12.70 -7.29 -14.69
N VAL A 267 13.52 -6.25 -14.69
CA VAL A 267 14.97 -6.36 -14.82
C VAL A 267 15.58 -5.40 -13.78
N GLU A 268 16.54 -5.91 -13.02
CA GLU A 268 17.17 -5.14 -11.96
C GLU A 268 18.65 -5.01 -12.22
N ILE A 269 19.18 -3.81 -11.94
CA ILE A 269 20.62 -3.56 -12.00
C ILE A 269 21.14 -3.46 -10.57
N LEU A 270 22.16 -4.24 -10.26
CA LEU A 270 22.67 -4.35 -8.89
C LEU A 270 24.15 -3.99 -8.83
N ASP A 271 24.64 -3.82 -7.61
CA ASP A 271 26.08 -3.80 -7.40
C ASP A 271 26.53 -5.22 -7.05
N SER A 272 27.85 -5.41 -6.93
CA SER A 272 28.38 -6.74 -6.67
C SER A 272 27.98 -7.28 -5.29
N TYR A 273 27.39 -6.45 -4.43
CA TYR A 273 26.82 -6.92 -3.19
C TYR A 273 25.32 -7.17 -3.28
N TYR A 274 24.79 -7.25 -4.50
CA TYR A 274 23.39 -7.53 -4.80
C TYR A 274 22.43 -6.47 -4.25
N GLN A 275 22.93 -5.26 -3.99
CA GLN A 275 22.04 -4.16 -3.61
C GLN A 275 21.46 -3.51 -4.86
N ARG A 276 20.16 -3.28 -4.86
CA ARG A 276 19.45 -2.88 -6.07
C ARG A 276 19.68 -1.40 -6.37
N LEU A 277 20.11 -1.12 -7.60
CA LEU A 277 20.31 0.26 -8.05
C LEU A 277 19.16 0.77 -8.90
N HIS A 278 18.62 -0.04 -9.80
CA HIS A 278 17.44 0.35 -10.55
CA HIS A 278 17.50 0.32 -10.64
C HIS A 278 16.58 -0.89 -10.79
N ARG A 279 15.33 -0.63 -11.18
CA ARG A 279 14.43 -1.70 -11.57
C ARG A 279 13.64 -1.23 -12.77
N LEU A 280 13.66 -2.04 -13.83
CA LEU A 280 12.86 -1.81 -15.02
C LEU A 280 11.67 -2.76 -14.97
N ARG A 281 10.48 -2.21 -14.78
CA ARG A 281 9.28 -3.02 -14.72
C ARG A 281 8.78 -3.37 -16.12
N GLY A 282 8.17 -4.54 -16.23
CA GLY A 282 7.58 -4.94 -17.48
C GLY A 282 6.38 -4.08 -17.85
N GLU A 283 6.10 -4.03 -19.15
CA GLU A 283 5.01 -3.24 -19.68
C GLU A 283 3.70 -4.02 -19.74
N GLN A 284 3.77 -5.32 -19.93
CA GLN A 284 2.57 -6.12 -20.16
C GLN A 284 2.75 -7.47 -19.50
N MET A 285 1.73 -7.89 -18.75
CA MET A 285 1.79 -9.17 -18.05
C MET A 285 1.87 -10.34 -19.04
N ALA A 286 2.60 -11.38 -18.63
CA ALA A 286 2.94 -12.58 -19.37
C ALA A 286 3.79 -12.33 -20.62
N SER A 287 4.23 -11.09 -20.88
CA SER A 287 5.08 -10.81 -22.04
C SER A 287 6.49 -11.33 -21.87
N TYR A 288 6.84 -11.77 -20.66
CA TYR A 288 8.17 -12.29 -20.34
C TYR A 288 9.24 -11.23 -20.52
N PHE A 289 8.95 -10.03 -20.01
CA PHE A 289 9.94 -8.96 -19.92
C PHE A 289 11.09 -9.42 -19.03
N GLY A 290 12.29 -9.45 -19.61
CA GLY A 290 13.46 -9.96 -18.91
C GLY A 290 13.91 -11.33 -19.36
N HIS A 291 13.21 -11.94 -20.34
CA HIS A 291 13.64 -13.22 -20.89
C HIS A 291 15.08 -13.15 -21.36
N SER A 292 15.48 -12.03 -21.97
CA SER A 292 16.85 -11.81 -22.40
C SER A 292 17.24 -10.37 -22.07
N VAL A 293 18.51 -10.17 -21.69
CA VAL A 293 19.05 -8.85 -21.41
C VAL A 293 20.39 -8.73 -22.13
N ALA A 294 20.67 -7.54 -22.66
CA ALA A 294 21.93 -7.29 -23.34
C ALA A 294 22.47 -5.94 -22.91
N VAL A 295 23.80 -5.85 -22.80
CA VAL A 295 24.47 -4.65 -22.33
C VAL A 295 25.50 -4.24 -23.37
N THR A 296 25.34 -3.05 -23.94
CA THR A 296 26.29 -2.52 -24.90
C THR A 296 26.02 -1.03 -25.05
N ASP A 297 27.09 -0.26 -25.25
CA ASP A 297 26.96 1.17 -25.54
C ASP A 297 26.67 1.31 -27.03
N VAL A 298 25.46 1.75 -27.37
CA VAL A 298 25.04 1.81 -28.76
C VAL A 298 25.13 3.21 -29.35
N ASN A 299 25.16 4.27 -28.54
CA ASN A 299 25.15 5.64 -29.03
C ASN A 299 26.51 6.32 -28.88
N GLY A 300 27.56 5.58 -28.55
CA GLY A 300 28.91 6.09 -28.63
C GLY A 300 29.28 7.17 -27.64
N ASP A 301 28.64 7.20 -26.48
CA ASP A 301 29.06 8.11 -25.42
C ASP A 301 29.90 7.43 -24.37
N GLY A 302 30.20 6.14 -24.54
CA GLY A 302 30.99 5.39 -23.58
C GLY A 302 30.23 4.84 -22.41
N ARG A 303 28.94 5.15 -22.29
CA ARG A 303 28.13 4.66 -21.18
C ARG A 303 27.30 3.47 -21.68
N HIS A 304 27.43 2.34 -21.01
CA HIS A 304 26.70 1.13 -21.37
C HIS A 304 25.20 1.40 -21.44
N ASP A 305 24.56 0.84 -22.45
CA ASP A 305 23.12 0.90 -22.58
C ASP A 305 22.53 -0.49 -22.36
N LEU A 306 21.23 -0.53 -22.08
CA LEU A 306 20.55 -1.76 -21.72
C LEU A 306 19.47 -2.08 -22.72
N LEU A 307 19.38 -3.36 -23.10
CA LEU A 307 18.32 -3.88 -23.94
C LEU A 307 17.63 -5.04 -23.23
N VAL A 308 16.31 -5.06 -23.29
CA VAL A 308 15.49 -6.07 -22.62
C VAL A 308 14.52 -6.65 -23.63
N GLY A 309 14.52 -7.98 -23.75
CA GLY A 309 13.57 -8.66 -24.61
C GLY A 309 12.31 -9.09 -23.86
N ALA A 310 11.16 -8.92 -24.52
CA ALA A 310 9.88 -9.41 -24.04
C ALA A 310 9.26 -10.21 -25.18
N PRO A 311 9.68 -11.48 -25.35
CA PRO A 311 9.34 -12.20 -26.59
C PRO A 311 7.86 -12.49 -26.76
N LEU A 312 7.04 -12.39 -25.70
CA LEU A 312 5.61 -12.66 -25.82
C LEU A 312 4.77 -11.39 -25.74
N TYR A 313 5.36 -10.22 -25.98
CA TYR A 313 4.59 -8.99 -25.95
C TYR A 313 3.53 -9.01 -27.04
N MET A 314 2.30 -8.65 -26.67
CA MET A 314 1.18 -8.64 -27.59
C MET A 314 0.90 -7.22 -28.03
N GLU A 315 1.10 -6.96 -29.32
CA GLU A 315 0.92 -5.63 -29.89
C GLU A 315 -0.55 -5.37 -30.14
N SER A 316 -0.98 -4.12 -29.92
CA SER A 316 -2.35 -3.73 -30.15
CA SER A 316 -2.35 -3.73 -30.15
C SER A 316 -2.61 -3.52 -31.63
N ARG A 317 -3.74 -4.02 -32.12
CA ARG A 317 -4.11 -3.91 -33.52
C ARG A 317 -5.58 -3.52 -33.63
N ALA A 318 -6.04 -3.39 -34.87
CA ALA A 318 -7.38 -2.86 -35.13
C ALA A 318 -8.45 -3.72 -34.49
N ASP A 319 -9.59 -3.08 -34.21
CA ASP A 319 -10.77 -3.75 -33.65
C ASP A 319 -10.47 -4.39 -32.29
N ARG A 320 -9.66 -3.71 -31.49
CA ARG A 320 -9.37 -4.10 -30.10
C ARG A 320 -8.70 -5.48 -30.00
N LYS A 321 -7.94 -5.87 -31.03
CA LYS A 321 -7.30 -7.18 -31.04
C LYS A 321 -5.81 -7.06 -30.73
N LEU A 322 -5.27 -8.12 -30.13
CA LEU A 322 -3.87 -8.21 -29.75
C LEU A 322 -3.19 -9.27 -30.61
N ALA A 323 -1.87 -9.12 -30.77
CA ALA A 323 -1.10 -10.04 -31.59
C ALA A 323 0.27 -10.24 -30.95
N GLU A 324 0.50 -11.44 -30.41
CA GLU A 324 1.79 -11.75 -29.80
C GLU A 324 2.87 -11.74 -30.88
N VAL A 325 3.86 -10.85 -30.72
CA VAL A 325 4.90 -10.68 -31.73
C VAL A 325 6.27 -10.51 -31.09
N GLY A 326 6.30 -10.06 -29.83
CA GLY A 326 7.54 -9.78 -29.15
C GLY A 326 7.96 -8.33 -29.27
N ARG A 327 8.74 -7.88 -28.29
CA ARG A 327 9.18 -6.48 -28.24
C ARG A 327 10.54 -6.39 -27.55
N VAL A 328 11.36 -5.45 -28.01
CA VAL A 328 12.66 -5.15 -27.44
C VAL A 328 12.68 -3.70 -26.97
N TYR A 329 13.20 -3.48 -25.76
CA TYR A 329 13.27 -2.16 -25.15
C TYR A 329 14.71 -1.72 -25.04
N LEU A 330 14.96 -0.45 -25.38
CA LEU A 330 16.29 0.14 -25.29
C LEU A 330 16.29 1.22 -24.22
N PHE A 331 17.23 1.11 -23.28
CA PHE A 331 17.42 2.09 -22.22
C PHE A 331 18.82 2.66 -22.37
N LEU A 332 18.91 3.96 -22.67
CA LEU A 332 20.19 4.64 -22.73
C LEU A 332 20.58 5.13 -21.33
N GLN A 333 21.85 4.96 -20.98
CA GLN A 333 22.31 5.38 -19.66
C GLN A 333 22.57 6.88 -19.65
N PRO A 334 21.98 7.62 -18.72
CA PRO A 334 22.17 9.08 -18.70
C PRO A 334 23.54 9.47 -18.17
N ARG A 335 23.84 10.75 -18.30
CA ARG A 335 25.13 11.27 -17.88
C ARG A 335 25.23 11.28 -16.36
N GLY A 336 26.36 10.81 -15.84
CA GLY A 336 26.61 10.83 -14.42
C GLY A 336 25.63 9.99 -13.62
N PRO A 337 25.47 10.33 -12.33
CA PRO A 337 24.61 9.51 -11.46
C PRO A 337 23.13 9.85 -11.58
N HIS A 338 22.41 9.11 -12.44
CA HIS A 338 20.99 9.35 -12.60
C HIS A 338 20.31 8.05 -12.99
N ALA A 339 19.02 7.96 -12.67
CA ALA A 339 18.26 6.75 -12.93
C ALA A 339 18.09 6.55 -14.43
N LEU A 340 18.07 5.29 -14.84
CA LEU A 340 17.59 4.98 -16.18
C LEU A 340 16.15 5.45 -16.28
N GLY A 341 15.80 6.04 -17.40
CA GLY A 341 14.50 6.65 -17.57
C GLY A 341 13.52 5.74 -18.26
N ALA A 342 12.63 6.36 -19.03
CA ALA A 342 11.77 5.61 -19.93
C ALA A 342 12.59 5.06 -21.09
N PRO A 343 12.10 4.05 -21.79
CA PRO A 343 12.84 3.53 -22.93
C PRO A 343 13.05 4.60 -23.99
N SER A 344 14.22 4.56 -24.64
CA SER A 344 14.49 5.46 -25.75
C SER A 344 13.87 4.98 -27.05
N LEU A 345 13.59 3.68 -27.14
CA LEU A 345 13.15 3.09 -28.39
C LEU A 345 12.44 1.78 -28.09
N LEU A 346 11.36 1.51 -28.80
CA LEU A 346 10.67 0.22 -28.76
C LEU A 346 10.75 -0.42 -30.13
N LEU A 347 11.28 -1.63 -30.19
CA LEU A 347 11.30 -2.43 -31.40
C LEU A 347 10.30 -3.55 -31.23
N THR A 348 9.36 -3.67 -32.17
CA THR A 348 8.26 -4.62 -32.06
C THR A 348 8.26 -5.57 -33.26
N GLY A 349 8.04 -6.84 -32.98
CA GLY A 349 7.98 -7.84 -34.01
C GLY A 349 6.80 -7.65 -34.94
N THR A 350 6.83 -8.40 -36.04
CA THR A 350 5.80 -8.35 -37.06
CA THR A 350 5.82 -8.36 -37.09
C THR A 350 5.08 -9.67 -37.25
N GLN A 351 5.80 -10.79 -37.17
CA GLN A 351 5.20 -12.10 -37.41
C GLN A 351 4.53 -12.64 -36.16
N LEU A 352 3.29 -13.12 -36.30
CA LEU A 352 2.56 -13.69 -35.18
C LEU A 352 3.32 -14.89 -34.62
N TYR A 353 3.47 -14.91 -33.29
CA TYR A 353 4.17 -15.98 -32.56
C TYR A 353 5.65 -16.06 -32.91
N GLY A 354 6.21 -15.00 -33.52
CA GLY A 354 7.61 -15.03 -33.92
C GLY A 354 8.60 -14.93 -32.78
N ARG A 355 8.17 -14.38 -31.63
CA ARG A 355 9.01 -14.25 -30.43
C ARG A 355 10.21 -13.34 -30.67
N PHE A 356 9.95 -12.21 -31.32
CA PHE A 356 10.95 -11.17 -31.48
C PHE A 356 11.44 -10.72 -30.10
N GLY A 357 12.76 -10.73 -29.91
CA GLY A 357 13.34 -10.39 -28.63
C GLY A 357 13.70 -11.59 -27.79
N SER A 358 13.56 -12.81 -28.31
CA SER A 358 13.92 -13.99 -27.55
C SER A 358 15.41 -14.01 -27.22
N ALA A 359 16.23 -13.40 -28.07
CA ALA A 359 17.66 -13.28 -27.82
C ALA A 359 18.13 -11.95 -28.39
N ILE A 360 19.12 -11.35 -27.74
CA ILE A 360 19.66 -10.06 -28.15
C ILE A 360 21.18 -10.13 -28.01
N ALA A 361 21.89 -10.00 -29.13
CA ALA A 361 23.34 -10.14 -29.15
C ALA A 361 24.01 -8.82 -29.52
N PRO A 362 24.85 -8.26 -28.67
CA PRO A 362 25.74 -7.17 -29.11
C PRO A 362 26.68 -7.66 -30.20
N LEU A 363 26.77 -6.89 -31.29
CA LEU A 363 27.61 -7.24 -32.42
C LEU A 363 28.94 -6.50 -32.44
N GLY A 364 29.18 -5.62 -31.48
CA GLY A 364 30.26 -4.68 -31.69
C GLY A 364 29.83 -3.70 -32.76
N ASP A 365 30.81 -3.09 -33.41
CA ASP A 365 30.55 -2.18 -34.52
C ASP A 365 30.66 -2.96 -35.82
N LEU A 366 29.51 -3.38 -36.35
CA LEU A 366 29.50 -4.24 -37.54
C LEU A 366 29.99 -3.49 -38.77
N ASP A 367 29.41 -2.33 -39.06
CA ASP A 367 29.73 -1.57 -40.26
C ASP A 367 30.90 -0.60 -40.06
N ARG A 368 31.54 -0.64 -38.88
CA ARG A 368 32.75 0.14 -38.61
C ARG A 368 32.51 1.64 -38.75
N ASP A 369 31.39 2.12 -38.22
CA ASP A 369 31.03 3.52 -38.32
C ASP A 369 31.22 4.30 -37.03
N GLY A 370 31.64 3.65 -35.95
CA GLY A 370 31.82 4.31 -34.68
C GLY A 370 30.74 4.08 -33.65
N TYR A 371 29.68 3.34 -34.00
CA TYR A 371 28.62 3.00 -33.06
C TYR A 371 28.43 1.49 -33.03
N ASN A 372 28.24 0.94 -31.83
CA ASN A 372 28.03 -0.48 -31.67
C ASN A 372 26.61 -0.87 -32.08
N ASP A 373 26.45 -2.12 -32.50
CA ASP A 373 25.22 -2.59 -33.12
C ASP A 373 24.74 -3.86 -32.41
N ILE A 374 23.52 -4.27 -32.71
CA ILE A 374 22.93 -5.44 -32.07
C ILE A 374 22.24 -6.31 -33.12
N ALA A 375 22.04 -7.57 -32.75
CA ALA A 375 21.20 -8.50 -33.51
C ALA A 375 20.08 -8.98 -32.60
N VAL A 376 18.87 -9.00 -33.11
CA VAL A 376 17.70 -9.47 -32.37
C VAL A 376 17.14 -10.69 -33.07
N ALA A 377 16.81 -11.71 -32.30
CA ALA A 377 16.30 -12.95 -32.85
C ALA A 377 14.78 -13.01 -32.74
N ALA A 378 14.15 -13.53 -33.80
CA ALA A 378 12.75 -13.93 -33.80
C ALA A 378 12.72 -15.39 -34.25
N PRO A 379 12.97 -16.32 -33.33
CA PRO A 379 13.24 -17.71 -33.72
C PRO A 379 12.09 -18.40 -34.42
N TYR A 380 10.90 -17.81 -34.42
CA TYR A 380 9.79 -18.32 -35.22
C TYR A 380 9.24 -17.25 -36.16
N GLY A 381 10.02 -16.20 -36.43
CA GLY A 381 9.61 -15.12 -37.29
C GLY A 381 9.85 -15.41 -38.76
N GLY A 382 9.78 -14.35 -39.55
CA GLY A 382 9.85 -14.48 -40.99
C GLY A 382 8.51 -14.89 -41.54
N PRO A 383 8.28 -14.63 -42.83
CA PRO A 383 6.97 -14.92 -43.42
C PRO A 383 6.62 -16.41 -43.42
N SER A 384 7.60 -17.28 -43.24
CA SER A 384 7.40 -18.73 -43.20
C SER A 384 7.48 -19.30 -41.79
N GLY A 385 7.75 -18.47 -40.78
CA GLY A 385 7.90 -18.96 -39.43
C GLY A 385 9.13 -19.79 -39.18
N ARG A 386 10.08 -19.81 -40.11
CA ARG A 386 11.29 -20.60 -39.93
C ARG A 386 12.31 -19.92 -39.04
N GLY A 387 12.17 -18.62 -38.79
CA GLY A 387 13.11 -17.90 -37.94
C GLY A 387 13.79 -16.76 -38.67
N GLN A 388 14.14 -15.70 -37.93
CA GLN A 388 14.78 -14.53 -38.50
C GLN A 388 15.68 -13.88 -37.45
N VAL A 389 16.79 -13.31 -37.92
CA VAL A 389 17.67 -12.49 -37.10
C VAL A 389 17.77 -11.12 -37.75
N LEU A 390 17.44 -10.08 -37.00
CA LEU A 390 17.39 -8.72 -37.51
C LEU A 390 18.51 -7.91 -36.89
N VAL A 391 19.25 -7.19 -37.72
CA VAL A 391 20.36 -6.35 -37.29
C VAL A 391 19.90 -4.92 -37.18
N PHE A 392 20.22 -4.26 -36.07
CA PHE A 392 19.93 -2.85 -35.88
C PHE A 392 21.24 -2.12 -35.59
N LEU A 393 21.46 -0.99 -36.28
CA LEU A 393 22.72 -0.28 -36.20
C LEU A 393 22.63 0.83 -35.16
N GLY A 394 23.69 0.98 -34.37
CA GLY A 394 23.78 2.08 -33.44
C GLY A 394 23.89 3.41 -34.15
N GLN A 395 23.50 4.46 -33.44
CA GLN A 395 23.57 5.83 -33.93
C GLN A 395 23.65 6.76 -32.74
N SER A 396 23.91 8.05 -33.04
CA SER A 396 24.16 9.02 -31.98
C SER A 396 23.00 9.10 -30.99
N GLU A 397 21.77 8.89 -31.46
CA GLU A 397 20.60 8.96 -30.59
C GLU A 397 20.13 7.59 -30.11
N GLY A 398 20.94 6.54 -30.28
CA GLY A 398 20.58 5.21 -29.83
C GLY A 398 20.67 4.15 -30.91
N LEU A 399 19.54 3.61 -31.32
CA LEU A 399 19.48 2.63 -32.39
C LEU A 399 18.57 3.11 -33.50
N ARG A 400 18.82 2.61 -34.71
CA ARG A 400 17.88 2.80 -35.80
C ARG A 400 16.60 2.03 -35.51
N SER A 401 15.46 2.60 -35.92
CA SER A 401 14.19 1.95 -35.66
C SER A 401 13.88 0.85 -36.67
N ARG A 402 14.56 0.85 -37.81
CA ARG A 402 14.38 -0.16 -38.84
C ARG A 402 15.68 -0.95 -39.01
N PRO A 403 15.58 -2.24 -39.31
CA PRO A 403 16.80 -3.06 -39.39
C PRO A 403 17.59 -2.77 -40.65
N SER A 404 18.91 -2.94 -40.55
CA SER A 404 19.80 -2.78 -41.69
C SER A 404 19.93 -4.04 -42.51
N GLN A 405 19.55 -5.18 -41.95
CA GLN A 405 19.74 -6.48 -42.57
C GLN A 405 18.91 -7.49 -41.81
N VAL A 406 18.35 -8.45 -42.55
CA VAL A 406 17.56 -9.54 -41.97
C VAL A 406 18.14 -10.84 -42.47
N LEU A 407 18.39 -11.77 -41.55
CA LEU A 407 18.93 -13.09 -41.86
C LEU A 407 17.79 -14.11 -41.75
N ASP A 408 17.32 -14.60 -42.89
CA ASP A 408 16.33 -15.67 -42.87
C ASP A 408 17.01 -17.00 -42.57
N SER A 409 16.33 -17.83 -41.80
CA SER A 409 16.89 -19.11 -41.38
C SER A 409 17.20 -19.98 -42.59
N PRO A 410 18.39 -20.57 -42.67
CA PRO A 410 18.68 -21.53 -43.73
C PRO A 410 18.23 -22.95 -43.41
N PHE A 411 17.66 -23.18 -42.24
CA PHE A 411 17.27 -24.49 -41.75
C PHE A 411 15.79 -24.73 -41.99
N PRO A 412 15.31 -25.96 -41.81
CA PRO A 412 13.89 -26.25 -41.98
C PRO A 412 13.07 -25.71 -40.82
N THR A 413 11.75 -25.94 -40.91
CA THR A 413 10.82 -25.53 -39.86
C THR A 413 11.20 -26.18 -38.54
N GLY A 414 11.08 -25.42 -37.45
CA GLY A 414 11.29 -25.95 -36.12
C GLY A 414 12.71 -25.90 -35.62
N SER A 415 13.64 -25.30 -36.38
CA SER A 415 15.03 -25.27 -35.95
C SER A 415 15.27 -24.31 -34.80
N ALA A 416 14.34 -23.40 -34.53
CA ALA A 416 14.51 -22.36 -33.51
C ALA A 416 15.74 -21.50 -33.79
N PHE A 417 16.03 -21.30 -35.08
CA PHE A 417 17.10 -20.43 -35.54
C PHE A 417 17.05 -19.09 -34.81
N GLY A 418 18.14 -18.77 -34.12
CA GLY A 418 18.24 -17.54 -33.37
C GLY A 418 17.96 -17.67 -31.89
N PHE A 419 17.53 -18.85 -31.42
CA PHE A 419 17.30 -19.03 -29.99
C PHE A 419 18.55 -18.73 -29.18
N SER A 420 19.73 -18.89 -29.78
CA SER A 420 20.97 -18.44 -29.18
C SER A 420 21.74 -17.61 -30.20
N LEU A 421 22.44 -16.59 -29.70
CA LEU A 421 23.19 -15.67 -30.54
C LEU A 421 24.49 -15.30 -29.84
N ARG A 422 25.47 -14.89 -30.65
CA ARG A 422 26.73 -14.40 -30.12
C ARG A 422 27.45 -13.64 -31.23
N GLY A 423 27.84 -12.40 -30.93
CA GLY A 423 28.54 -11.58 -31.90
C GLY A 423 29.74 -10.92 -31.27
N ALA A 424 30.23 -9.86 -31.91
CA ALA A 424 31.30 -8.97 -31.40
C ALA A 424 32.68 -9.61 -31.39
N VAL A 425 32.89 -10.70 -32.12
CA VAL A 425 34.19 -11.36 -32.19
C VAL A 425 34.51 -11.64 -33.66
N ASP A 426 35.75 -11.37 -34.06
CA ASP A 426 36.20 -11.56 -35.43
C ASP A 426 36.88 -12.93 -35.52
N ILE A 427 36.15 -13.91 -36.06
CA ILE A 427 36.66 -15.28 -36.03
C ILE A 427 37.61 -15.56 -37.19
N ASP A 428 37.48 -14.86 -38.31
CA ASP A 428 38.32 -15.07 -39.49
C ASP A 428 39.45 -14.06 -39.59
N ASP A 429 39.57 -13.16 -38.60
CA ASP A 429 40.67 -12.21 -38.53
C ASP A 429 40.71 -11.29 -39.74
N ASN A 430 39.54 -10.82 -40.17
CA ASN A 430 39.46 -9.91 -41.31
C ASN A 430 39.17 -8.47 -40.90
N GLY A 431 39.15 -8.18 -39.60
CA GLY A 431 38.89 -6.84 -39.12
C GLY A 431 37.43 -6.49 -38.93
N TYR A 432 36.51 -7.45 -39.11
CA TYR A 432 35.09 -7.20 -38.95
C TYR A 432 34.50 -8.24 -38.01
N PRO A 433 33.73 -7.82 -37.00
CA PRO A 433 33.19 -8.79 -36.03
C PRO A 433 32.03 -9.59 -36.63
N ASP A 434 31.96 -10.86 -36.25
CA ASP A 434 31.08 -11.82 -36.91
C ASP A 434 30.02 -12.34 -35.95
N LEU A 435 29.03 -13.04 -36.52
CA LEU A 435 27.85 -13.48 -35.77
C LEU A 435 27.68 -14.98 -35.91
N ILE A 436 27.46 -15.66 -34.79
CA ILE A 436 27.13 -17.08 -34.80
C ILE A 436 25.71 -17.25 -34.28
N VAL A 437 24.93 -18.11 -34.94
CA VAL A 437 23.52 -18.27 -34.67
C VAL A 437 23.25 -19.75 -34.41
N GLY A 438 22.66 -20.05 -33.26
CA GLY A 438 22.34 -21.43 -32.92
C GLY A 438 20.94 -21.80 -33.40
N ALA A 439 20.79 -23.05 -33.86
CA ALA A 439 19.49 -23.60 -34.27
C ALA A 439 19.37 -25.00 -33.68
N TYR A 440 19.12 -25.07 -32.37
CA TYR A 440 19.17 -26.34 -31.66
C TYR A 440 18.13 -27.32 -32.19
N GLY A 441 17.01 -26.82 -32.73
CA GLY A 441 16.03 -27.69 -33.36
C GLY A 441 16.56 -28.44 -34.55
N ALA A 442 17.56 -27.89 -35.25
CA ALA A 442 18.24 -28.58 -36.34
C ALA A 442 19.58 -29.16 -35.93
N ASN A 443 19.97 -28.99 -34.67
CA ASN A 443 21.24 -29.49 -34.15
C ASN A 443 22.43 -28.90 -34.91
N GLN A 444 22.35 -27.62 -35.24
CA GLN A 444 23.37 -26.98 -36.05
C GLN A 444 23.64 -25.56 -35.58
N VAL A 445 24.77 -25.02 -36.04
CA VAL A 445 25.17 -23.64 -35.81
C VAL A 445 25.58 -23.03 -37.14
N ALA A 446 25.11 -21.82 -37.40
CA ALA A 446 25.44 -21.09 -38.63
C ALA A 446 26.34 -19.90 -38.28
N VAL A 447 27.41 -19.73 -39.04
CA VAL A 447 28.36 -18.64 -38.85
C VAL A 447 28.17 -17.63 -39.96
N TYR A 448 27.97 -16.37 -39.59
CA TYR A 448 27.86 -15.27 -40.55
C TYR A 448 29.10 -14.41 -40.44
N ARG A 449 29.89 -14.35 -41.50
CA ARG A 449 31.09 -13.53 -41.52
C ARG A 449 30.75 -12.13 -41.99
N ALA A 450 31.22 -11.14 -41.24
CA ALA A 450 31.05 -9.76 -41.67
C ALA A 450 32.07 -9.42 -42.76
N GLN A 451 31.62 -8.71 -43.78
CA GLN A 451 32.43 -8.33 -44.92
C GLN A 451 32.46 -6.82 -45.05
N PRO A 452 33.39 -6.26 -45.83
CA PRO A 452 33.40 -4.80 -46.04
C PRO A 452 32.07 -4.31 -46.59
N VAL A 453 31.75 -3.06 -46.27
CA VAL A 453 30.48 -2.47 -46.67
C VAL A 453 30.47 -2.24 -48.18
N VAL A 454 29.36 -2.59 -48.82
CA VAL A 454 29.20 -2.39 -50.27
C VAL A 454 28.86 -0.92 -50.58
N GLY B 1 -28.34 23.05 -66.99
CA GLY B 1 -27.10 23.77 -67.23
C GLY B 1 -25.88 22.87 -67.13
N PRO B 2 -24.73 23.38 -67.57
CA PRO B 2 -23.49 22.62 -67.45
C PRO B 2 -23.23 22.16 -66.02
N ASN B 3 -22.74 20.92 -65.90
CA ASN B 3 -22.44 20.31 -64.62
C ASN B 3 -21.18 19.47 -64.79
N ILE B 4 -20.73 18.84 -63.69
CA ILE B 4 -19.54 18.00 -63.76
C ILE B 4 -19.73 16.86 -64.76
N CYS B 5 -20.96 16.38 -64.92
CA CYS B 5 -21.21 15.29 -65.87
C CYS B 5 -20.86 15.72 -67.29
N THR B 6 -21.14 16.99 -67.64
CA THR B 6 -20.80 17.54 -68.94
C THR B 6 -19.50 18.33 -68.95
N THR B 7 -19.18 19.03 -67.85
CA THR B 7 -17.98 19.86 -67.81
C THR B 7 -16.72 19.04 -68.03
N ARG B 8 -16.64 17.86 -67.42
CA ARG B 8 -15.43 17.06 -67.49
C ARG B 8 -15.10 16.65 -68.93
N GLY B 9 -16.12 16.53 -69.79
CA GLY B 9 -15.90 16.06 -71.14
C GLY B 9 -15.44 14.62 -71.18
N VAL B 10 -16.39 13.70 -71.06
CA VAL B 10 -16.07 12.27 -71.00
C VAL B 10 -15.99 11.72 -72.42
N SER B 11 -15.35 10.56 -72.55
CA SER B 11 -15.16 9.91 -73.84
C SER B 11 -16.08 8.72 -74.06
N SER B 12 -16.54 8.07 -72.99
CA SER B 12 -17.31 6.85 -73.12
C SER B 12 -18.41 6.82 -72.04
N CYS B 13 -19.31 5.84 -72.18
CA CYS B 13 -20.33 5.63 -71.17
C CYS B 13 -19.72 5.24 -69.84
N GLN B 14 -18.66 4.42 -69.88
CA GLN B 14 -17.98 4.01 -68.65
C GLN B 14 -17.39 5.21 -67.92
N GLN B 15 -16.65 6.07 -68.65
CA GLN B 15 -16.08 7.26 -68.04
C GLN B 15 -17.16 8.18 -67.49
N CYS B 16 -18.36 8.12 -68.07
CA CYS B 16 -19.44 9.01 -67.63
C CYS B 16 -19.95 8.62 -66.25
N LEU B 17 -20.36 7.36 -66.07
CA LEU B 17 -20.91 6.92 -64.79
C LEU B 17 -19.93 7.09 -63.65
N ALA B 18 -18.62 7.11 -63.94
CA ALA B 18 -17.60 7.22 -62.92
C ALA B 18 -17.27 8.67 -62.54
N VAL B 19 -17.89 9.65 -63.20
CA VAL B 19 -17.69 11.04 -62.80
C VAL B 19 -18.37 11.32 -61.48
N SER B 20 -19.64 10.92 -61.35
CA SER B 20 -20.43 11.14 -60.16
C SER B 20 -21.63 10.20 -60.20
N PRO B 21 -22.15 9.78 -59.05
CA PRO B 21 -23.31 8.87 -59.05
C PRO B 21 -24.58 9.48 -59.65
N MET B 22 -24.56 10.78 -59.98
CA MET B 22 -25.72 11.44 -60.56
C MET B 22 -25.71 11.47 -62.08
N CYS B 23 -24.62 11.06 -62.72
CA CYS B 23 -24.50 11.16 -64.17
C CYS B 23 -25.18 9.98 -64.85
N ALA B 24 -25.68 10.23 -66.05
CA ALA B 24 -26.29 9.22 -66.91
C ALA B 24 -25.72 9.36 -68.32
N TRP B 25 -26.01 8.37 -69.17
CA TRP B 25 -25.47 8.33 -70.51
C TRP B 25 -26.59 8.03 -71.51
N CYS B 26 -26.51 8.67 -72.67
CA CYS B 26 -27.48 8.48 -73.74
C CYS B 26 -26.81 7.74 -74.90
N SER B 27 -27.37 6.59 -75.28
CA SER B 27 -26.83 5.77 -76.36
C SER B 27 -27.68 5.84 -77.62
N ASP B 28 -28.46 6.90 -77.78
CA ASP B 28 -29.30 7.08 -78.95
C ASP B 28 -28.50 7.73 -80.08
N GLU B 29 -28.72 7.24 -81.30
CA GLU B 29 -28.04 7.81 -82.46
C GLU B 29 -28.41 9.27 -82.67
N ALA B 30 -29.70 9.55 -82.78
CA ALA B 30 -30.19 10.90 -83.04
C ALA B 30 -30.01 11.80 -81.84
N LEU B 31 -28.80 12.36 -81.71
CA LEU B 31 -28.47 13.33 -80.67
C LEU B 31 -27.61 14.40 -81.30
N PRO B 32 -27.88 15.68 -81.00
CA PRO B 32 -27.13 16.77 -81.65
C PRO B 32 -25.64 16.65 -81.40
N LEU B 33 -24.85 17.22 -82.31
CA LEU B 33 -23.40 17.16 -82.18
C LEU B 33 -22.93 17.91 -80.94
N GLY B 34 -23.36 19.16 -80.79
CA GLY B 34 -22.97 19.95 -79.64
C GLY B 34 -23.60 19.48 -78.33
N SER B 35 -24.69 18.72 -78.40
CA SER B 35 -25.35 18.27 -77.18
C SER B 35 -24.55 17.14 -76.53
N PRO B 36 -24.43 17.14 -75.21
CA PRO B 36 -23.67 16.09 -74.52
C PRO B 36 -24.51 14.86 -74.27
N ARG B 37 -23.83 13.71 -74.24
CA ARG B 37 -24.47 12.44 -73.92
C ARG B 37 -24.28 12.04 -72.46
N CYS B 38 -23.52 12.82 -71.68
CA CYS B 38 -23.24 12.51 -70.29
C CYS B 38 -23.76 13.66 -69.44
N ASP B 39 -25.03 13.59 -69.05
CA ASP B 39 -25.68 14.66 -68.30
C ASP B 39 -26.64 14.02 -67.29
N LEU B 40 -27.31 14.87 -66.51
CA LEU B 40 -28.36 14.38 -65.63
C LEU B 40 -29.45 13.70 -66.44
N LYS B 41 -30.00 12.62 -65.90
CA LYS B 41 -31.00 11.85 -66.64
C LYS B 41 -32.20 12.71 -67.01
N GLU B 42 -32.60 13.63 -66.13
CA GLU B 42 -33.69 14.55 -66.46
C GLU B 42 -33.35 15.41 -67.66
N ASN B 43 -32.12 15.93 -67.71
CA ASN B 43 -31.73 16.82 -68.80
C ASN B 43 -31.62 16.09 -70.12
N LEU B 44 -31.33 14.78 -70.09
CA LEU B 44 -31.24 14.01 -71.32
C LEU B 44 -32.61 13.80 -71.93
N LEU B 45 -33.61 13.44 -71.11
CA LEU B 45 -34.97 13.29 -71.62
C LEU B 45 -35.49 14.61 -72.17
N LYS B 46 -35.11 15.73 -71.55
CA LYS B 46 -35.45 17.03 -72.09
C LYS B 46 -34.89 17.20 -73.51
N ASP B 47 -33.70 16.64 -73.76
CA ASP B 47 -33.09 16.67 -75.08
C ASP B 47 -33.52 15.49 -75.94
N ASN B 48 -34.64 14.84 -75.62
CA ASN B 48 -35.28 13.84 -76.45
C ASN B 48 -34.44 12.57 -76.60
N CYS B 49 -33.74 12.19 -75.54
CA CYS B 49 -33.00 10.92 -75.56
C CYS B 49 -33.99 9.77 -75.38
N ALA B 50 -33.92 8.80 -76.28
CA ALA B 50 -34.77 7.63 -76.23
C ALA B 50 -34.65 6.96 -74.86
N PRO B 51 -35.73 6.84 -74.09
CA PRO B 51 -35.62 6.33 -72.71
C PRO B 51 -34.92 4.99 -72.60
N GLU B 52 -35.13 4.08 -73.56
CA GLU B 52 -34.44 2.80 -73.52
C GLU B 52 -32.94 2.94 -73.79
N SER B 53 -32.49 4.07 -74.34
CA SER B 53 -31.09 4.30 -74.63
C SER B 53 -30.36 5.03 -73.51
N ILE B 54 -30.93 5.04 -72.31
CA ILE B 54 -30.36 5.76 -71.17
C ILE B 54 -29.74 4.76 -70.21
N GLU B 55 -28.44 4.90 -69.98
CA GLU B 55 -27.72 4.08 -69.01
C GLU B 55 -27.59 4.87 -67.71
N PHE B 56 -28.32 4.44 -66.69
CA PHE B 56 -28.30 5.11 -65.39
C PHE B 56 -28.65 4.09 -64.31
N PRO B 57 -27.69 3.27 -63.90
CA PRO B 57 -27.94 2.34 -62.79
C PRO B 57 -28.03 3.07 -61.46
N VAL B 58 -28.87 2.54 -60.58
CA VAL B 58 -29.11 3.12 -59.27
C VAL B 58 -28.58 2.15 -58.21
N SER B 59 -27.88 2.69 -57.22
CA SER B 59 -27.43 1.87 -56.11
C SER B 59 -28.63 1.43 -55.28
N GLU B 60 -28.63 0.15 -54.90
CA GLU B 60 -29.78 -0.40 -54.19
C GLU B 60 -29.29 -1.45 -53.20
N ALA B 61 -30.25 -2.07 -52.52
CA ALA B 61 -30.02 -3.14 -51.57
C ALA B 61 -31.31 -3.91 -51.28
N ARG B 62 -31.45 -5.10 -51.83
CA ARG B 62 -32.66 -5.91 -51.64
C ARG B 62 -32.32 -7.17 -50.86
N VAL B 63 -33.19 -7.50 -49.89
CA VAL B 63 -32.94 -8.67 -49.07
C VAL B 63 -33.21 -9.93 -49.87
N LEU B 64 -32.44 -10.98 -49.59
CA LEU B 64 -32.61 -12.28 -50.21
C LEU B 64 -33.16 -13.32 -49.25
N GLU B 65 -32.51 -13.50 -48.11
CA GLU B 65 -33.03 -14.32 -47.02
C GLU B 65 -33.44 -13.40 -45.88
N ASP B 66 -34.62 -13.63 -45.33
CA ASP B 66 -35.16 -12.75 -44.30
C ASP B 66 -36.03 -13.55 -43.33
N ARG B 67 -35.50 -14.66 -42.83
CA ARG B 67 -36.16 -15.46 -41.80
C ARG B 67 -36.46 -14.56 -40.60
N PRO B 68 -37.57 -14.77 -39.91
CA PRO B 68 -37.87 -13.95 -38.74
C PRO B 68 -37.09 -14.45 -37.53
N LEU B 69 -36.68 -13.50 -36.70
CA LEU B 69 -35.98 -13.83 -35.46
C LEU B 69 -36.83 -14.77 -34.62
N SER B 70 -36.20 -15.85 -34.15
CA SER B 70 -36.92 -16.83 -33.35
C SER B 70 -37.29 -16.26 -31.99
N ASP B 71 -38.43 -16.71 -31.46
CA ASP B 71 -38.84 -16.33 -30.12
C ASP B 71 -38.23 -17.22 -29.05
N LYS B 72 -37.97 -18.48 -29.38
CA LYS B 72 -37.36 -19.43 -28.47
C LYS B 72 -36.23 -20.17 -29.18
N GLY B 73 -35.08 -20.29 -28.52
CA GLY B 73 -34.00 -21.13 -28.98
C GLY B 73 -34.19 -22.59 -28.68
N SER B 74 -35.25 -22.91 -27.93
CA SER B 74 -35.60 -24.28 -27.63
C SER B 74 -36.05 -25.00 -28.88
N GLY B 75 -36.09 -26.31 -28.78
CA GLY B 75 -36.44 -27.12 -29.93
C GLY B 75 -35.50 -26.89 -31.10
N ASP B 76 -35.92 -27.45 -32.25
CA ASP B 76 -35.20 -27.35 -33.52
C ASP B 76 -33.84 -28.02 -33.46
N SER B 77 -33.38 -28.53 -34.61
CA SER B 77 -31.98 -28.93 -34.76
C SER B 77 -31.13 -27.71 -35.10
N SER B 78 -31.37 -26.61 -34.36
CA SER B 78 -30.76 -25.30 -34.57
C SER B 78 -31.22 -24.67 -35.87
N GLN B 79 -32.53 -24.68 -36.09
CA GLN B 79 -33.10 -23.94 -37.20
C GLN B 79 -33.49 -22.61 -36.59
N VAL B 80 -32.70 -22.17 -35.62
CA VAL B 80 -32.97 -20.96 -34.85
C VAL B 80 -32.36 -19.79 -35.59
N THR B 81 -33.08 -18.65 -35.58
CA THR B 81 -32.63 -17.43 -36.24
C THR B 81 -32.46 -16.34 -35.21
N GLN B 82 -31.22 -15.87 -35.04
CA GLN B 82 -30.92 -14.77 -34.15
C GLN B 82 -30.37 -13.53 -34.87
N VAL B 83 -30.22 -13.59 -36.19
CA VAL B 83 -29.80 -12.46 -37.00
C VAL B 83 -30.78 -12.32 -38.15
N SER B 84 -31.20 -11.08 -38.43
CA SER B 84 -32.15 -10.86 -39.52
C SER B 84 -31.88 -9.49 -40.14
N PRO B 85 -31.75 -9.39 -41.47
CA PRO B 85 -31.85 -10.51 -42.40
C PRO B 85 -30.57 -11.35 -42.43
N GLN B 86 -30.63 -12.53 -43.06
CA GLN B 86 -29.48 -13.43 -43.11
C GLN B 86 -28.64 -13.25 -44.36
N ARG B 87 -29.19 -12.61 -45.39
CA ARG B 87 -28.47 -12.46 -46.67
C ARG B 87 -29.15 -11.39 -47.52
N ILE B 88 -28.36 -10.45 -48.04
CA ILE B 88 -28.87 -9.37 -48.87
C ILE B 88 -28.00 -9.23 -50.10
N ALA B 89 -28.53 -8.53 -51.09
CA ALA B 89 -27.83 -8.22 -52.33
C ALA B 89 -27.58 -6.72 -52.38
N LEU B 90 -26.31 -6.33 -52.49
CA LEU B 90 -25.90 -4.93 -52.51
C LEU B 90 -25.31 -4.59 -53.86
N ARG B 91 -25.71 -3.44 -54.40
CA ARG B 91 -25.30 -3.02 -55.73
C ARG B 91 -24.89 -1.55 -55.66
N LEU B 92 -23.64 -1.25 -55.99
CA LEU B 92 -23.08 0.09 -55.87
C LEU B 92 -22.44 0.50 -57.19
N ARG B 93 -22.71 1.73 -57.61
CA ARG B 93 -21.98 2.35 -58.71
C ARG B 93 -20.79 3.11 -58.15
N PRO B 94 -19.80 3.46 -58.98
CA PRO B 94 -18.54 4.00 -58.43
C PRO B 94 -18.74 5.21 -57.53
N ASP B 95 -18.00 5.23 -56.43
CA ASP B 95 -17.97 6.34 -55.48
C ASP B 95 -19.36 6.66 -54.93
N ASP B 96 -20.19 5.63 -54.74
CA ASP B 96 -21.53 5.78 -54.20
C ASP B 96 -21.69 4.92 -52.97
N SER B 97 -22.74 5.19 -52.20
CA SER B 97 -22.99 4.47 -50.96
C SER B 97 -24.47 4.14 -50.86
N LYS B 98 -24.75 3.03 -50.16
CA LYS B 98 -26.11 2.59 -49.90
C LYS B 98 -26.17 2.06 -48.48
N ASN B 99 -27.31 2.25 -47.84
CA ASN B 99 -27.48 1.86 -46.44
C ASN B 99 -28.41 0.67 -46.31
N PHE B 100 -28.16 -0.13 -45.27
CA PHE B 100 -28.99 -1.28 -44.96
C PHE B 100 -28.98 -1.50 -43.45
N SER B 101 -29.80 -2.44 -42.99
CA SER B 101 -29.97 -2.67 -41.56
C SER B 101 -29.85 -4.16 -41.24
N ILE B 102 -29.54 -4.42 -39.97
CA ILE B 102 -29.44 -5.78 -39.45
C ILE B 102 -30.04 -5.79 -38.05
N GLN B 103 -30.76 -6.86 -37.72
CA GLN B 103 -31.33 -7.06 -36.41
C GLN B 103 -30.65 -8.24 -35.72
N VAL B 104 -30.39 -8.09 -34.42
CA VAL B 104 -29.75 -9.14 -33.61
C VAL B 104 -30.58 -9.34 -32.35
N ARG B 105 -30.79 -10.61 -31.98
CA ARG B 105 -31.57 -10.95 -30.80
C ARG B 105 -30.80 -11.94 -29.94
N GLN B 106 -30.75 -11.65 -28.63
CA GLN B 106 -30.25 -12.60 -27.65
C GLN B 106 -31.37 -13.58 -27.33
N VAL B 107 -31.39 -14.69 -28.07
CA VAL B 107 -32.58 -15.55 -28.11
C VAL B 107 -32.82 -16.20 -26.76
N GLU B 108 -34.10 -16.33 -26.41
CA GLU B 108 -34.49 -16.97 -25.15
C GLU B 108 -34.43 -18.49 -25.28
N ASP B 109 -34.00 -19.14 -24.20
CA ASP B 109 -33.95 -20.60 -24.11
C ASP B 109 -32.99 -21.20 -25.14
N TYR B 110 -31.76 -20.69 -25.15
CA TYR B 110 -30.71 -21.22 -26.01
C TYR B 110 -29.93 -22.30 -25.26
N PRO B 111 -29.51 -23.37 -25.94
CA PRO B 111 -28.76 -24.44 -25.26
C PRO B 111 -27.45 -23.93 -24.70
N VAL B 112 -26.98 -24.61 -23.64
CA VAL B 112 -25.80 -24.20 -22.89
C VAL B 112 -24.94 -25.41 -22.58
N ASP B 113 -23.63 -25.29 -22.82
CA ASP B 113 -22.64 -26.26 -22.37
C ASP B 113 -21.81 -25.62 -21.26
N ILE B 114 -21.63 -26.35 -20.16
CA ILE B 114 -20.82 -25.88 -19.05
C ILE B 114 -19.82 -26.98 -18.70
N TYR B 115 -18.55 -26.78 -19.04
CA TYR B 115 -17.49 -27.69 -18.69
C TYR B 115 -16.75 -27.15 -17.47
N TYR B 116 -16.75 -27.91 -16.38
CA TYR B 116 -16.15 -27.48 -15.12
C TYR B 116 -14.70 -27.96 -15.08
N LEU B 117 -13.76 -27.01 -15.16
CA LEU B 117 -12.34 -27.29 -15.18
C LEU B 117 -11.77 -26.90 -13.82
N MET B 118 -11.34 -27.89 -13.03
CA MET B 118 -11.11 -27.68 -11.61
C MET B 118 -9.65 -27.91 -11.24
N ASP B 119 -9.08 -26.94 -10.52
CA ASP B 119 -7.81 -27.14 -9.85
C ASP B 119 -7.97 -28.20 -8.76
N LEU B 120 -7.25 -29.31 -8.88
CA LEU B 120 -7.28 -30.35 -7.87
C LEU B 120 -5.92 -30.53 -7.21
N SER B 121 -5.15 -29.45 -7.09
CA SER B 121 -3.97 -29.46 -6.26
C SER B 121 -4.38 -29.51 -4.78
N TYR B 122 -3.39 -29.70 -3.91
CA TYR B 122 -3.68 -29.94 -2.49
C TYR B 122 -4.39 -28.76 -1.84
N SER B 123 -4.27 -27.55 -2.40
CA SER B 123 -4.92 -26.37 -1.83
C SER B 123 -6.44 -26.43 -1.94
N MET B 124 -6.97 -27.30 -2.80
CA MET B 124 -8.39 -27.32 -3.12
C MET B 124 -9.12 -28.50 -2.50
N LYS B 125 -8.54 -29.13 -1.47
CA LYS B 125 -9.17 -30.32 -0.90
C LYS B 125 -10.53 -30.00 -0.30
N ASP B 126 -10.65 -28.84 0.33
N ASP B 126 -10.67 -28.83 0.33
CA ASP B 126 -11.92 -28.40 0.90
CA ASP B 126 -11.96 -28.47 0.89
C ASP B 126 -12.96 -28.06 -0.16
C ASP B 126 -12.98 -28.06 -0.18
N ASP B 127 -12.53 -27.69 -1.37
CA ASP B 127 -13.46 -27.28 -2.41
C ASP B 127 -14.20 -28.46 -3.02
N LEU B 128 -13.58 -29.64 -3.05
CA LEU B 128 -14.23 -30.82 -3.61
C LEU B 128 -15.51 -31.16 -2.85
N TRP B 129 -15.49 -30.98 -1.52
CA TRP B 129 -16.63 -31.42 -0.72
C TRP B 129 -17.85 -30.55 -0.93
N SER B 130 -17.66 -29.27 -1.26
CA SER B 130 -18.77 -28.34 -1.35
C SER B 130 -19.40 -28.31 -2.74
N ILE B 131 -19.01 -29.21 -3.64
CA ILE B 131 -19.59 -29.22 -4.98
C ILE B 131 -20.05 -30.63 -5.33
N GLN B 132 -20.23 -31.48 -4.32
CA GLN B 132 -20.67 -32.84 -4.59
C GLN B 132 -22.12 -32.89 -5.05
N ASN B 133 -22.88 -31.82 -4.83
CA ASN B 133 -24.25 -31.71 -5.34
CA ASN B 133 -24.25 -31.70 -5.33
C ASN B 133 -24.39 -30.59 -6.36
N LEU B 134 -23.28 -30.04 -6.85
CA LEU B 134 -23.36 -28.92 -7.78
C LEU B 134 -24.12 -29.29 -9.04
N GLY B 135 -23.93 -30.52 -9.54
CA GLY B 135 -24.57 -30.90 -10.79
C GLY B 135 -26.08 -30.73 -10.75
N THR B 136 -26.72 -31.29 -9.72
CA THR B 136 -28.16 -31.15 -9.60
C THR B 136 -28.55 -29.72 -9.22
N LYS B 137 -27.83 -29.12 -8.27
CA LYS B 137 -28.16 -27.75 -7.86
C LYS B 137 -28.08 -26.79 -9.03
N LEU B 138 -26.98 -26.88 -9.81
CA LEU B 138 -26.84 -26.04 -11.00
C LEU B 138 -27.88 -26.36 -12.05
N ALA B 139 -28.27 -27.63 -12.18
CA ALA B 139 -29.34 -28.00 -13.11
C ALA B 139 -30.65 -27.35 -12.70
N THR B 140 -30.90 -27.23 -11.40
CA THR B 140 -32.14 -26.61 -10.94
C THR B 140 -32.19 -25.13 -11.28
N GLN B 141 -31.06 -24.43 -11.18
CA GLN B 141 -31.04 -22.99 -11.43
C GLN B 141 -30.99 -22.68 -12.92
N MET B 142 -30.19 -23.41 -13.70
CA MET B 142 -30.11 -23.17 -15.12
C MET B 142 -31.39 -23.60 -15.85
N ARG B 143 -32.17 -24.50 -15.26
CA ARG B 143 -33.46 -24.88 -15.84
C ARG B 143 -34.38 -23.68 -16.04
N LYS B 144 -34.22 -22.61 -15.26
CA LYS B 144 -34.99 -21.40 -15.44
C LYS B 144 -34.56 -20.58 -16.66
N LEU B 145 -33.46 -20.96 -17.32
CA LEU B 145 -32.92 -20.14 -18.38
C LEU B 145 -32.77 -20.91 -19.69
N THR B 146 -32.58 -22.23 -19.58
CA THR B 146 -32.43 -23.06 -20.77
C THR B 146 -33.03 -24.43 -20.50
N SER B 147 -33.62 -25.02 -21.53
CA SER B 147 -34.14 -26.38 -21.45
C SER B 147 -33.20 -27.39 -22.10
N ASN B 148 -31.98 -26.97 -22.45
CA ASN B 148 -30.95 -27.84 -23.00
C ASN B 148 -29.63 -27.53 -22.29
N LEU B 149 -29.41 -28.17 -21.15
CA LEU B 149 -28.17 -28.01 -20.39
C LEU B 149 -27.35 -29.28 -20.50
N ARG B 150 -26.05 -29.13 -20.76
CA ARG B 150 -25.11 -30.24 -20.69
C ARG B 150 -23.93 -29.78 -19.86
N ILE B 151 -23.48 -30.64 -18.93
CA ILE B 151 -22.37 -30.27 -18.06
C ILE B 151 -21.32 -31.36 -18.11
N GLY B 152 -20.05 -30.96 -17.88
CA GLY B 152 -18.94 -31.87 -17.87
C GLY B 152 -17.90 -31.42 -16.86
N PHE B 153 -16.90 -32.26 -16.64
CA PHE B 153 -15.92 -32.03 -15.60
C PHE B 153 -14.52 -32.40 -16.07
N GLY B 154 -13.54 -31.59 -15.69
CA GLY B 154 -12.14 -31.91 -15.90
C GLY B 154 -11.32 -31.39 -14.73
N ALA B 155 -10.11 -31.91 -14.60
CA ALA B 155 -9.27 -31.57 -13.47
C ALA B 155 -7.82 -31.41 -13.91
N PHE B 156 -7.10 -30.54 -13.22
CA PHE B 156 -5.69 -30.28 -13.52
C PHE B 156 -4.93 -30.06 -12.22
N VAL B 157 -3.62 -30.30 -12.28
CA VAL B 157 -2.70 -29.91 -11.22
C VAL B 157 -1.57 -29.13 -11.85
N ASP B 158 -0.52 -29.83 -12.29
CA ASP B 158 0.63 -29.19 -12.90
C ASP B 158 1.36 -30.24 -13.73
N LYS B 159 2.45 -29.85 -14.36
CA LYS B 159 3.23 -30.78 -15.15
C LYS B 159 3.88 -31.82 -14.25
N PRO B 160 3.55 -33.10 -14.38
CA PRO B 160 4.15 -34.10 -13.48
C PRO B 160 5.63 -34.36 -13.78
N VAL B 161 6.49 -33.39 -13.50
CA VAL B 161 7.92 -33.53 -13.74
C VAL B 161 8.65 -32.63 -12.74
N SER B 162 9.80 -33.08 -12.26
CA SER B 162 10.63 -32.27 -11.39
C SER B 162 10.96 -30.96 -12.10
N PRO B 163 10.94 -29.81 -11.40
CA PRO B 163 10.79 -29.65 -9.95
C PRO B 163 9.36 -29.44 -9.45
N TYR B 164 8.37 -29.40 -10.34
CA TYR B 164 6.99 -29.28 -9.88
C TYR B 164 6.55 -30.52 -9.11
N MET B 165 7.11 -31.68 -9.43
CA MET B 165 6.71 -32.95 -8.87
C MET B 165 7.77 -33.45 -7.90
N TYR B 166 7.33 -33.91 -6.72
CA TYR B 166 8.25 -34.59 -5.82
C TYR B 166 8.65 -35.94 -6.41
N ILE B 167 9.95 -36.21 -6.45
CA ILE B 167 10.46 -37.39 -7.15
C ILE B 167 11.26 -38.29 -6.22
N SER B 168 11.17 -38.08 -4.90
CA SER B 168 11.93 -38.90 -3.95
C SER B 168 11.15 -38.90 -2.63
N PRO B 169 11.11 -40.03 -1.91
CA PRO B 169 11.53 -41.39 -2.28
C PRO B 169 10.58 -42.00 -3.33
N PRO B 170 10.86 -43.21 -3.83
CA PRO B 170 10.00 -43.76 -4.89
C PRO B 170 8.54 -43.81 -4.50
N GLU B 171 8.26 -44.05 -3.23
CA GLU B 171 6.87 -44.10 -2.78
C GLU B 171 6.20 -42.74 -2.91
N ALA B 172 6.97 -41.65 -2.83
CA ALA B 172 6.40 -40.33 -2.97
C ALA B 172 5.82 -40.08 -4.36
N LEU B 173 6.20 -40.89 -5.35
CA LEU B 173 5.59 -40.78 -6.68
C LEU B 173 4.19 -41.38 -6.69
N GLU B 174 3.98 -42.48 -5.97
CA GLU B 174 2.65 -43.06 -5.87
C GLU B 174 1.76 -42.27 -4.91
N ASN B 175 2.36 -41.56 -3.95
CA ASN B 175 1.60 -40.80 -2.95
C ASN B 175 2.42 -39.56 -2.61
N PRO B 176 2.15 -38.43 -3.27
CA PRO B 176 2.86 -37.19 -2.93
C PRO B 176 2.64 -36.72 -1.50
N CYS B 177 1.56 -37.16 -0.86
CA CYS B 177 1.28 -36.85 0.54
C CYS B 177 1.97 -37.83 1.48
N TYR B 178 3.01 -38.52 1.00
CA TYR B 178 3.67 -39.59 1.75
C TYR B 178 4.27 -39.05 3.05
N ASP B 179 5.01 -37.95 2.98
CA ASP B 179 5.69 -37.44 4.17
C ASP B 179 4.77 -36.69 5.12
N MET B 180 3.48 -36.62 4.82
CA MET B 180 2.48 -36.25 5.81
C MET B 180 1.83 -37.53 6.33
N LYS B 181 0.63 -37.43 6.87
CA LYS B 181 -0.07 -38.60 7.40
C LYS B 181 -1.18 -39.09 6.48
N THR B 182 -1.32 -38.51 5.30
CA THR B 182 -2.45 -38.79 4.44
C THR B 182 -1.98 -39.39 3.11
N THR B 183 -2.96 -39.68 2.25
CA THR B 183 -2.73 -40.17 0.90
C THR B 183 -3.36 -39.19 -0.09
N CYS B 184 -2.68 -38.96 -1.21
CA CYS B 184 -3.30 -38.28 -2.33
C CYS B 184 -2.93 -38.99 -3.63
N LEU B 185 -3.59 -38.58 -4.71
CA LEU B 185 -3.36 -39.16 -6.02
C LEU B 185 -1.94 -38.85 -6.49
N PRO B 186 -1.37 -39.73 -7.32
CA PRO B 186 -0.14 -39.35 -8.04
C PRO B 186 -0.42 -38.13 -8.92
N MET B 187 0.60 -37.30 -9.09
CA MET B 187 0.42 -36.07 -9.85
C MET B 187 -0.08 -36.37 -11.26
N PHE B 188 -0.94 -35.48 -11.75
CA PHE B 188 -1.41 -35.54 -13.13
C PHE B 188 -1.47 -34.11 -13.68
N GLY B 189 -1.23 -33.99 -14.98
CA GLY B 189 -1.28 -32.68 -15.62
C GLY B 189 -2.70 -32.20 -15.82
N TYR B 190 -3.39 -32.81 -16.78
CA TYR B 190 -4.81 -32.55 -17.02
C TYR B 190 -5.48 -33.86 -17.38
N LYS B 191 -6.58 -34.18 -16.70
CA LYS B 191 -7.36 -35.35 -17.05
C LYS B 191 -8.81 -34.94 -17.32
N HIS B 192 -9.32 -35.37 -18.46
CA HIS B 192 -10.74 -35.24 -18.77
C HIS B 192 -11.49 -36.31 -18.00
N VAL B 193 -12.56 -35.93 -17.31
CA VAL B 193 -13.33 -36.84 -16.47
C VAL B 193 -14.68 -37.16 -17.07
N LEU B 194 -15.47 -36.14 -17.39
CA LEU B 194 -16.85 -36.33 -17.81
C LEU B 194 -17.15 -35.48 -19.04
N THR B 195 -17.47 -36.14 -20.15
CA THR B 195 -17.94 -35.48 -21.36
C THR B 195 -19.27 -34.76 -21.08
N LEU B 196 -19.49 -33.66 -21.80
CA LEU B 196 -20.70 -32.88 -21.65
C LEU B 196 -21.94 -33.74 -21.87
N THR B 197 -22.80 -33.80 -20.84
CA THR B 197 -23.99 -34.64 -20.87
C THR B 197 -25.11 -33.91 -20.14
N ASP B 198 -26.35 -34.22 -20.54
CA ASP B 198 -27.51 -33.67 -19.85
C ASP B 198 -27.89 -34.47 -18.61
N GLN B 199 -27.20 -35.57 -18.32
CA GLN B 199 -27.45 -36.39 -17.14
C GLN B 199 -26.61 -35.82 -16.01
N VAL B 200 -27.21 -34.95 -15.21
CA VAL B 200 -26.45 -34.17 -14.24
C VAL B 200 -26.00 -35.00 -13.04
N THR B 201 -26.68 -36.09 -12.72
CA THR B 201 -26.21 -36.94 -11.62
C THR B 201 -24.92 -37.65 -11.98
N ARG B 202 -24.61 -37.80 -13.26
CA ARG B 202 -23.29 -38.28 -13.66
C ARG B 202 -22.21 -37.32 -13.20
N PHE B 203 -22.50 -36.02 -13.19
CA PHE B 203 -21.57 -35.03 -12.67
C PHE B 203 -21.35 -35.24 -11.17
N ASN B 204 -22.44 -35.35 -10.40
CA ASN B 204 -22.32 -35.52 -8.96
C ASN B 204 -21.53 -36.77 -8.62
N GLU B 205 -21.83 -37.88 -9.29
CA GLU B 205 -21.18 -39.14 -8.94
C GLU B 205 -19.73 -39.18 -9.39
N GLU B 206 -19.40 -38.54 -10.51
CA GLU B 206 -18.00 -38.44 -10.91
C GLU B 206 -17.21 -37.59 -9.92
N VAL B 207 -17.81 -36.49 -9.45
CA VAL B 207 -17.14 -35.61 -8.51
C VAL B 207 -16.86 -36.33 -7.19
N LYS B 208 -17.84 -37.07 -6.68
CA LYS B 208 -17.69 -37.76 -5.41
C LYS B 208 -16.54 -38.77 -5.43
N LYS B 209 -16.08 -39.20 -6.60
CA LYS B 209 -14.94 -40.10 -6.69
C LYS B 209 -13.62 -39.39 -6.93
N GLN B 210 -13.64 -38.08 -7.16
CA GLN B 210 -12.42 -37.32 -7.38
C GLN B 210 -11.70 -37.04 -6.06
N SER B 211 -10.38 -36.92 -6.14
CA SER B 211 -9.57 -36.53 -5.00
C SER B 211 -8.42 -35.67 -5.50
N VAL B 212 -7.72 -35.04 -4.56
CA VAL B 212 -6.68 -34.07 -4.91
C VAL B 212 -5.31 -34.74 -4.99
N SER B 213 -4.34 -34.04 -5.58
CA SER B 213 -2.95 -34.46 -5.54
C SER B 213 -2.14 -33.38 -4.86
N ARG B 214 -0.82 -33.36 -5.07
CA ARG B 214 0.03 -32.40 -4.39
C ARG B 214 1.28 -32.19 -5.21
N ASN B 215 1.67 -30.94 -5.41
CA ASN B 215 2.90 -30.60 -6.11
C ASN B 215 3.65 -29.55 -5.30
N ARG B 216 4.84 -29.19 -5.78
CA ARG B 216 5.79 -28.42 -4.98
C ARG B 216 5.60 -26.92 -5.09
N ASP B 217 5.29 -26.40 -6.28
CA ASP B 217 5.28 -24.96 -6.48
C ASP B 217 3.85 -24.44 -6.64
N ALA B 218 3.61 -23.25 -6.07
CA ALA B 218 2.26 -22.71 -5.96
C ALA B 218 1.58 -22.49 -7.31
N PRO B 219 2.20 -21.88 -8.32
CA PRO B 219 1.50 -21.75 -9.60
C PRO B 219 1.23 -23.12 -10.18
N GLU B 220 0.06 -23.27 -10.81
CA GLU B 220 -0.36 -24.56 -11.33
C GLU B 220 -0.51 -24.52 -12.85
N GLY B 221 -0.80 -25.68 -13.42
CA GLY B 221 -0.78 -25.83 -14.87
C GLY B 221 -2.14 -25.79 -15.51
N GLY B 222 -2.98 -24.83 -15.09
CA GLY B 222 -4.34 -24.78 -15.61
C GLY B 222 -4.43 -24.32 -17.05
N PHE B 223 -3.47 -23.52 -17.51
CA PHE B 223 -3.51 -23.06 -18.89
C PHE B 223 -3.33 -24.22 -19.86
N ASP B 224 -2.53 -25.22 -19.50
CA ASP B 224 -2.48 -26.45 -20.28
C ASP B 224 -3.87 -27.06 -20.41
N ALA B 225 -4.63 -27.07 -19.31
CA ALA B 225 -5.97 -27.65 -19.30
C ALA B 225 -6.96 -26.80 -20.08
N ILE B 226 -6.87 -25.48 -19.99
CA ILE B 226 -7.75 -24.62 -20.76
C ILE B 226 -7.56 -24.89 -22.25
N MET B 227 -6.32 -25.03 -22.69
CA MET B 227 -6.04 -25.29 -24.10
C MET B 227 -6.64 -26.61 -24.54
N GLN B 228 -6.42 -27.68 -23.77
CA GLN B 228 -6.90 -29.00 -24.16
C GLN B 228 -8.42 -29.08 -24.12
N ALA B 229 -9.04 -28.47 -23.10
CA ALA B 229 -10.49 -28.45 -23.04
C ALA B 229 -11.10 -27.67 -24.21
N THR B 230 -10.34 -26.75 -24.82
CA THR B 230 -10.83 -25.95 -25.93
C THR B 230 -10.69 -26.66 -27.28
N VAL B 231 -9.56 -27.30 -27.54
CA VAL B 231 -9.28 -27.85 -28.86
C VAL B 231 -9.65 -29.32 -29.00
N CYS B 232 -9.89 -30.03 -27.89
CA CYS B 232 -10.36 -31.42 -27.94
C CYS B 232 -11.89 -31.44 -27.93
N ASP B 233 -12.48 -30.86 -28.98
CA ASP B 233 -13.93 -30.64 -28.96
C ASP B 233 -14.72 -31.94 -29.05
N GLU B 234 -14.13 -33.00 -29.60
CA GLU B 234 -14.87 -34.27 -29.66
C GLU B 234 -14.86 -34.96 -28.31
N LYS B 235 -13.79 -34.81 -27.53
CA LYS B 235 -13.72 -35.49 -26.26
C LYS B 235 -14.47 -34.73 -25.17
N ILE B 236 -14.39 -33.40 -25.16
CA ILE B 236 -15.15 -32.63 -24.19
C ILE B 236 -16.64 -32.70 -24.53
N GLY B 237 -16.97 -32.62 -25.80
CA GLY B 237 -18.33 -32.77 -26.26
C GLY B 237 -19.09 -31.49 -26.50
N TRP B 238 -18.42 -30.39 -26.85
CA TRP B 238 -19.11 -29.15 -27.16
C TRP B 238 -20.10 -29.37 -28.30
N ARG B 239 -21.20 -28.63 -28.25
CA ARG B 239 -22.25 -28.72 -29.26
C ARG B 239 -22.12 -27.57 -30.25
N ASN B 240 -22.54 -27.83 -31.49
CA ASN B 240 -22.39 -26.82 -32.54
C ASN B 240 -23.23 -25.59 -32.26
N ASP B 241 -24.43 -25.79 -31.72
CA ASP B 241 -25.37 -24.69 -31.54
C ASP B 241 -25.75 -24.63 -30.06
N ALA B 242 -24.82 -24.13 -29.25
CA ALA B 242 -25.00 -23.95 -27.83
C ALA B 242 -23.96 -22.96 -27.34
N SER B 243 -24.27 -22.26 -26.25
CA SER B 243 -23.27 -21.44 -25.60
C SER B 243 -22.27 -22.33 -24.88
N HIS B 244 -21.00 -22.04 -25.07
CA HIS B 244 -19.91 -22.83 -24.49
C HIS B 244 -19.32 -22.07 -23.33
N LEU B 245 -19.58 -22.54 -22.11
CA LEU B 245 -19.02 -21.95 -20.91
C LEU B 245 -17.95 -22.88 -20.36
N LEU B 246 -16.72 -22.37 -20.28
CA LEU B 246 -15.59 -23.10 -19.71
C LEU B 246 -15.27 -22.47 -18.36
N VAL B 247 -15.66 -23.14 -17.28
CA VAL B 247 -15.49 -22.62 -15.93
C VAL B 247 -14.17 -23.10 -15.37
N PHE B 248 -13.31 -22.16 -15.00
CA PHE B 248 -11.94 -22.43 -14.57
C PHE B 248 -11.80 -21.95 -13.13
N THR B 249 -11.67 -22.88 -12.19
CA THR B 249 -11.57 -22.54 -10.77
C THR B 249 -10.17 -22.85 -10.25
N THR B 250 -9.60 -21.90 -9.50
CA THR B 250 -8.31 -22.10 -8.84
C THR B 250 -8.17 -21.08 -7.74
N ASP B 251 -7.24 -21.36 -6.82
CA ASP B 251 -6.95 -20.48 -5.69
C ASP B 251 -5.51 -19.98 -5.72
N ALA B 252 -4.83 -20.10 -6.86
CA ALA B 252 -3.40 -19.85 -6.95
C ALA B 252 -3.09 -19.14 -8.26
N LYS B 253 -1.83 -18.71 -8.38
CA LYS B 253 -1.29 -18.20 -9.63
C LYS B 253 -1.30 -19.29 -10.68
N THR B 254 -0.82 -18.98 -11.88
CA THR B 254 -0.77 -19.99 -12.93
C THR B 254 0.55 -19.88 -13.67
N HIS B 255 0.97 -21.00 -14.25
CA HIS B 255 2.13 -20.98 -15.11
C HIS B 255 1.74 -20.46 -16.49
N ILE B 256 2.68 -19.77 -17.12
CA ILE B 256 2.46 -19.17 -18.42
C ILE B 256 3.51 -19.72 -19.38
N ALA B 257 3.34 -19.39 -20.66
CA ALA B 257 4.32 -19.77 -21.67
C ALA B 257 5.71 -19.26 -21.31
N LEU B 258 6.70 -20.14 -21.46
CA LEU B 258 8.15 -20.00 -21.20
C LEU B 258 8.50 -20.35 -19.76
N ASP B 259 7.52 -20.73 -18.92
CA ASP B 259 7.85 -21.25 -17.60
C ASP B 259 8.39 -22.66 -17.65
N GLY B 260 8.01 -23.43 -18.67
CA GLY B 260 8.37 -24.84 -18.78
C GLY B 260 9.86 -25.10 -18.81
N ARG B 261 10.68 -24.09 -19.11
CA ARG B 261 12.12 -24.27 -19.15
C ARG B 261 12.70 -24.63 -17.79
N LEU B 262 12.00 -24.33 -16.71
CA LEU B 262 12.46 -24.82 -15.40
C LEU B 262 12.30 -26.33 -15.26
N ALA B 263 11.56 -26.98 -16.16
CA ALA B 263 11.47 -28.43 -16.18
C ALA B 263 12.23 -29.02 -17.37
N GLY B 264 13.02 -28.23 -18.06
CA GLY B 264 13.71 -28.68 -19.27
C GLY B 264 12.85 -28.64 -20.51
N ILE B 265 11.66 -28.06 -20.45
CA ILE B 265 10.71 -28.07 -21.55
C ILE B 265 10.85 -26.76 -22.33
N VAL B 266 11.25 -26.87 -23.58
CA VAL B 266 11.37 -25.68 -24.44
C VAL B 266 10.46 -25.73 -25.65
N GLN B 267 9.89 -26.88 -26.00
CA GLN B 267 9.06 -26.98 -27.19
C GLN B 267 7.81 -26.11 -27.03
N PRO B 268 7.54 -25.20 -27.96
CA PRO B 268 6.33 -24.37 -27.83
C PRO B 268 5.07 -25.21 -27.93
N ASN B 269 4.00 -24.68 -27.33
CA ASN B 269 2.69 -25.29 -27.43
C ASN B 269 2.19 -25.22 -28.87
N ASP B 270 1.64 -26.33 -29.36
CA ASP B 270 1.18 -26.41 -30.74
C ASP B 270 -0.31 -26.17 -30.90
N GLY B 271 -1.03 -25.93 -29.80
CA GLY B 271 -2.46 -25.70 -29.87
C GLY B 271 -3.27 -26.86 -30.43
N GLN B 272 -2.74 -28.07 -30.38
CA GLN B 272 -3.41 -29.26 -30.89
C GLN B 272 -3.85 -30.16 -29.74
N CYS B 273 -4.82 -31.03 -30.03
CA CYS B 273 -5.32 -31.92 -29.00
C CYS B 273 -4.33 -33.05 -28.73
N HIS B 274 -4.12 -33.35 -27.44
CA HIS B 274 -3.24 -34.44 -27.04
C HIS B 274 -3.83 -35.23 -25.89
N VAL B 275 -5.15 -35.34 -25.84
CA VAL B 275 -5.85 -36.15 -24.86
C VAL B 275 -6.43 -37.34 -25.61
N GLY B 276 -5.86 -38.52 -25.40
CA GLY B 276 -6.27 -39.73 -26.09
C GLY B 276 -7.27 -40.55 -25.30
N SER B 277 -7.21 -41.87 -25.47
CA SER B 277 -8.22 -42.74 -24.88
C SER B 277 -8.08 -42.82 -23.36
N ASP B 278 -6.87 -42.62 -22.83
CA ASP B 278 -6.68 -42.66 -21.39
C ASP B 278 -7.14 -41.39 -20.69
N ASN B 279 -7.59 -40.39 -21.45
CA ASN B 279 -8.17 -39.14 -20.94
C ASN B 279 -7.20 -38.26 -20.17
N HIS B 280 -5.88 -38.48 -20.33
CA HIS B 280 -4.87 -37.59 -19.78
C HIS B 280 -4.17 -36.84 -20.91
N TYR B 281 -3.61 -35.68 -20.55
CA TYR B 281 -2.86 -34.85 -21.49
C TYR B 281 -1.45 -35.40 -21.63
N SER B 282 -1.15 -36.03 -22.77
CA SER B 282 0.10 -36.75 -22.95
C SER B 282 1.29 -35.85 -23.26
N ALA B 283 1.08 -34.59 -23.63
CA ALA B 283 2.20 -33.68 -23.90
C ALA B 283 2.59 -32.84 -22.70
N SER B 284 2.07 -33.17 -21.51
CA SER B 284 2.29 -32.34 -20.33
C SER B 284 3.77 -32.22 -19.99
N THR B 285 4.51 -33.31 -20.12
CA THR B 285 5.91 -33.33 -19.75
C THR B 285 6.84 -33.01 -20.91
N THR B 286 6.30 -32.77 -22.12
CA THR B 286 7.14 -32.54 -23.28
C THR B 286 6.84 -31.24 -24.02
N MET B 287 5.78 -30.54 -23.67
CA MET B 287 5.35 -29.34 -24.37
C MET B 287 5.10 -28.22 -23.38
N ASP B 288 5.47 -27.00 -23.75
CA ASP B 288 5.42 -25.86 -22.85
C ASP B 288 3.98 -25.37 -22.67
N TYR B 289 3.77 -24.62 -21.59
CA TYR B 289 2.48 -24.00 -21.33
C TYR B 289 2.10 -23.08 -22.49
N PRO B 290 0.81 -22.94 -22.77
CA PRO B 290 0.39 -22.09 -23.88
C PRO B 290 0.47 -20.62 -23.52
N SER B 291 0.58 -19.79 -24.57
CA SER B 291 0.64 -18.35 -24.41
C SER B 291 -0.76 -17.75 -24.47
N LEU B 292 -0.87 -16.52 -23.96
CA LEU B 292 -2.16 -15.85 -23.94
C LEU B 292 -2.72 -15.68 -25.35
N GLY B 293 -1.86 -15.35 -26.31
CA GLY B 293 -2.32 -15.19 -27.68
C GLY B 293 -2.79 -16.50 -28.29
N LEU B 294 -2.10 -17.59 -28.01
CA LEU B 294 -2.54 -18.88 -28.54
C LEU B 294 -3.85 -19.32 -27.90
N MET B 295 -3.98 -19.12 -26.58
CA MET B 295 -5.24 -19.40 -25.91
C MET B 295 -6.38 -18.60 -26.52
N THR B 296 -6.15 -17.30 -26.72
CA THR B 296 -7.17 -16.44 -27.33
C THR B 296 -7.59 -16.96 -28.70
N GLU B 297 -6.61 -17.38 -29.51
CA GLU B 297 -6.92 -17.86 -30.86
C GLU B 297 -7.85 -19.06 -30.82
N LYS B 298 -7.56 -20.04 -29.96
CA LYS B 298 -8.37 -21.25 -29.93
C LYS B 298 -9.72 -21.01 -29.26
N LEU B 299 -9.74 -20.22 -28.18
CA LEU B 299 -11.00 -19.88 -27.53
C LEU B 299 -11.95 -19.19 -28.50
N SER B 300 -11.41 -18.29 -29.33
CA SER B 300 -12.23 -17.60 -30.31
C SER B 300 -12.65 -18.54 -31.43
N GLN B 301 -11.78 -19.47 -31.82
CA GLN B 301 -12.06 -20.36 -32.94
C GLN B 301 -13.12 -21.40 -32.58
N LYS B 302 -13.20 -21.79 -31.32
CA LYS B 302 -14.20 -22.76 -30.87
C LYS B 302 -15.38 -22.11 -30.16
N ASN B 303 -15.44 -20.78 -30.10
CA ASN B 303 -16.54 -20.05 -29.46
C ASN B 303 -16.69 -20.44 -27.99
N ILE B 304 -15.56 -20.48 -27.29
CA ILE B 304 -15.56 -20.82 -25.87
C ILE B 304 -15.54 -19.53 -25.07
N ASN B 305 -16.48 -19.39 -24.14
CA ASN B 305 -16.48 -18.29 -23.18
C ASN B 305 -15.79 -18.77 -21.93
N LEU B 306 -14.58 -18.29 -21.69
CA LEU B 306 -13.79 -18.72 -20.54
C LEU B 306 -14.14 -17.88 -19.32
N ILE B 307 -14.41 -18.56 -18.21
CA ILE B 307 -14.78 -17.91 -16.95
C ILE B 307 -13.69 -18.19 -15.93
N PHE B 308 -13.06 -17.13 -15.44
CA PHE B 308 -12.09 -17.22 -14.35
C PHE B 308 -12.85 -17.13 -13.03
N ALA B 309 -13.10 -18.28 -12.40
CA ALA B 309 -13.76 -18.33 -11.10
C ALA B 309 -12.68 -18.58 -10.06
N VAL B 310 -12.07 -17.50 -9.57
CA VAL B 310 -10.88 -17.59 -8.73
C VAL B 310 -11.15 -16.91 -7.38
N THR B 311 -10.29 -17.21 -6.42
CA THR B 311 -10.47 -16.74 -5.05
C THR B 311 -9.97 -15.29 -4.91
N GLU B 312 -10.32 -14.69 -3.78
CA GLU B 312 -10.11 -13.26 -3.58
C GLU B 312 -8.64 -12.88 -3.65
N ASN B 313 -7.75 -13.80 -3.27
CA ASN B 313 -6.32 -13.48 -3.25
C ASN B 313 -5.71 -13.36 -4.65
N VAL B 314 -6.39 -13.82 -5.70
CA VAL B 314 -5.82 -13.78 -7.04
C VAL B 314 -6.79 -13.19 -8.05
N VAL B 315 -7.84 -12.51 -7.56
N VAL B 315 -7.84 -12.53 -7.55
CA VAL B 315 -8.83 -11.94 -8.47
CA VAL B 315 -8.84 -11.92 -8.44
C VAL B 315 -8.22 -10.85 -9.34
C VAL B 315 -8.18 -10.88 -9.34
N ASN B 316 -7.34 -10.02 -8.76
CA ASN B 316 -6.71 -8.96 -9.55
C ASN B 316 -5.83 -9.53 -10.65
N LEU B 317 -5.09 -10.60 -10.35
CA LEU B 317 -4.26 -11.25 -11.35
C LEU B 317 -5.09 -11.71 -12.54
N TYR B 318 -6.14 -12.48 -12.28
CA TYR B 318 -6.96 -13.01 -13.37
C TYR B 318 -7.85 -11.95 -14.01
N GLN B 319 -8.22 -10.89 -13.28
CA GLN B 319 -8.87 -9.76 -13.92
C GLN B 319 -7.93 -9.09 -14.92
N ASN B 320 -6.64 -9.08 -14.64
CA ASN B 320 -5.67 -8.49 -15.55
C ASN B 320 -5.41 -9.39 -16.75
N TYR B 321 -5.38 -10.72 -16.55
CA TYR B 321 -5.35 -11.63 -17.69
C TYR B 321 -6.61 -11.50 -18.53
N SER B 322 -7.77 -11.34 -17.86
CA SER B 322 -9.03 -11.21 -18.58
C SER B 322 -9.01 -10.05 -19.56
N GLU B 323 -8.32 -8.96 -19.20
CA GLU B 323 -8.21 -7.82 -20.10
C GLU B 323 -7.35 -8.12 -21.32
N LEU B 324 -6.49 -9.13 -21.25
CA LEU B 324 -5.67 -9.54 -22.39
C LEU B 324 -6.28 -10.68 -23.19
N ILE B 325 -7.38 -11.26 -22.71
CA ILE B 325 -8.12 -12.29 -23.43
C ILE B 325 -9.57 -11.80 -23.58
N PRO B 326 -9.86 -10.96 -24.56
CA PRO B 326 -11.20 -10.37 -24.65
C PRO B 326 -12.30 -11.42 -24.68
N GLY B 327 -13.43 -11.09 -24.04
CA GLY B 327 -14.53 -12.01 -23.90
C GLY B 327 -14.50 -12.85 -22.64
N THR B 328 -13.43 -12.79 -21.87
CA THR B 328 -13.30 -13.56 -20.64
C THR B 328 -14.06 -12.86 -19.50
N THR B 329 -14.60 -13.67 -18.58
CA THR B 329 -15.33 -13.18 -17.42
C THR B 329 -14.63 -13.65 -16.16
N VAL B 330 -14.67 -12.82 -15.12
CA VAL B 330 -14.07 -13.14 -13.83
C VAL B 330 -15.17 -13.12 -12.76
N GLY B 331 -15.12 -14.09 -11.86
CA GLY B 331 -15.97 -14.09 -10.68
C GLY B 331 -15.15 -14.47 -9.47
N VAL B 332 -15.59 -13.97 -8.31
CA VAL B 332 -14.87 -14.19 -7.06
C VAL B 332 -15.36 -15.49 -6.43
N LEU B 333 -14.42 -16.41 -6.21
CA LEU B 333 -14.72 -17.73 -5.67
C LEU B 333 -14.40 -17.77 -4.18
N SER B 334 -15.29 -18.38 -3.40
CA SER B 334 -15.02 -18.56 -1.98
C SER B 334 -13.92 -19.61 -1.77
N MET B 335 -13.27 -19.52 -0.60
CA MET B 335 -12.15 -20.40 -0.30
C MET B 335 -12.52 -21.88 -0.30
N ASP B 336 -13.82 -22.21 -0.30
CA ASP B 336 -14.27 -23.59 -0.39
C ASP B 336 -15.11 -23.84 -1.64
N SER B 337 -15.21 -22.87 -2.54
CA SER B 337 -16.06 -22.94 -3.73
C SER B 337 -17.54 -23.07 -3.39
N SER B 338 -17.96 -22.54 -2.24
CA SER B 338 -19.36 -22.64 -1.83
C SER B 338 -20.28 -21.79 -2.68
N ASN B 339 -19.75 -20.78 -3.39
CA ASN B 339 -20.56 -19.84 -4.14
C ASN B 339 -20.46 -20.05 -5.65
N VAL B 340 -19.91 -21.20 -6.10
CA VAL B 340 -19.62 -21.35 -7.52
C VAL B 340 -20.91 -21.44 -8.34
N LEU B 341 -22.02 -21.87 -7.75
CA LEU B 341 -23.27 -21.97 -8.50
C LEU B 341 -23.75 -20.58 -8.93
N GLN B 342 -23.92 -19.68 -7.96
CA GLN B 342 -24.36 -18.32 -8.29
C GLN B 342 -23.33 -17.61 -9.16
N LEU B 343 -22.05 -17.95 -9.00
CA LEU B 343 -21.02 -17.34 -9.84
C LEU B 343 -21.23 -17.70 -11.30
N ILE B 344 -21.58 -18.95 -11.59
CA ILE B 344 -21.78 -19.39 -12.96
C ILE B 344 -23.03 -18.75 -13.55
N VAL B 345 -24.09 -18.62 -12.75
CA VAL B 345 -25.33 -18.02 -13.24
C VAL B 345 -25.12 -16.55 -13.57
N ASP B 346 -24.32 -15.84 -12.76
CA ASP B 346 -24.05 -14.44 -13.05
C ASP B 346 -23.18 -14.27 -14.28
N ALA B 347 -22.19 -15.16 -14.46
CA ALA B 347 -21.33 -15.10 -15.64
C ALA B 347 -22.15 -15.34 -16.91
N TYR B 348 -23.08 -16.29 -16.88
CA TYR B 348 -23.90 -16.54 -18.06
C TYR B 348 -24.73 -15.33 -18.43
N GLY B 349 -25.24 -14.59 -17.43
CA GLY B 349 -25.97 -13.38 -17.72
C GLY B 349 -25.08 -12.28 -18.28
N LYS B 350 -23.89 -12.13 -17.70
CA LYS B 350 -22.94 -11.15 -18.21
C LYS B 350 -22.49 -11.50 -19.62
N ILE B 351 -22.39 -12.79 -19.94
CA ILE B 351 -21.94 -13.22 -21.26
C ILE B 351 -22.97 -12.86 -22.31
N ARG B 352 -24.25 -13.07 -22.02
CA ARG B 352 -25.31 -12.79 -22.97
C ARG B 352 -25.91 -11.40 -22.79
N SER B 353 -25.16 -10.48 -22.19
CA SER B 353 -25.59 -9.10 -22.02
C SER B 353 -24.96 -8.17 -23.04
N LYS B 354 -24.32 -8.70 -24.08
CA LYS B 354 -23.63 -7.87 -25.06
C LYS B 354 -23.85 -8.42 -26.46
N VAL B 355 -23.88 -7.51 -27.43
CA VAL B 355 -23.95 -7.84 -28.85
C VAL B 355 -22.94 -6.95 -29.55
N GLU B 356 -21.86 -7.55 -30.05
CA GLU B 356 -20.79 -6.81 -30.70
C GLU B 356 -20.64 -7.32 -32.13
N LEU B 357 -20.80 -6.42 -33.09
CA LEU B 357 -20.71 -6.79 -34.50
C LEU B 357 -19.26 -6.97 -34.93
N GLU B 358 -19.06 -7.83 -35.92
CA GLU B 358 -17.75 -8.13 -36.47
C GLU B 358 -17.89 -8.23 -37.99
N VAL B 359 -16.84 -7.81 -38.70
CA VAL B 359 -16.86 -7.77 -40.16
C VAL B 359 -15.74 -8.65 -40.67
N ARG B 360 -16.09 -9.66 -41.48
CA ARG B 360 -15.14 -10.58 -42.08
C ARG B 360 -15.15 -10.43 -43.60
N ASP B 361 -13.96 -10.44 -44.19
CA ASP B 361 -13.76 -10.47 -45.64
C ASP B 361 -14.24 -9.18 -46.32
N LEU B 362 -14.15 -8.06 -45.64
CA LEU B 362 -14.54 -6.79 -46.24
C LEU B 362 -13.51 -6.39 -47.29
N PRO B 363 -13.92 -6.12 -48.53
CA PRO B 363 -12.97 -5.63 -49.53
C PRO B 363 -12.31 -4.33 -49.09
N GLU B 364 -11.07 -4.14 -49.55
CA GLU B 364 -10.31 -2.95 -49.17
C GLU B 364 -11.01 -1.68 -49.62
N GLU B 365 -11.61 -1.69 -50.82
CA GLU B 365 -12.25 -0.51 -51.38
C GLU B 365 -13.62 -0.22 -50.78
N LEU B 366 -14.08 -1.02 -49.82
CA LEU B 366 -15.34 -0.79 -49.15
C LEU B 366 -15.09 -0.32 -47.72
N SER B 367 -15.82 0.70 -47.30
CA SER B 367 -15.77 1.21 -45.93
C SER B 367 -17.17 1.18 -45.34
N LEU B 368 -17.26 0.85 -44.06
CA LEU B 368 -18.53 0.70 -43.38
C LEU B 368 -18.65 1.69 -42.22
N SER B 369 -19.89 2.00 -41.86
CA SER B 369 -20.18 2.86 -40.72
C SER B 369 -21.47 2.37 -40.08
N PHE B 370 -21.57 2.52 -38.77
CA PHE B 370 -22.63 1.89 -37.98
C PHE B 370 -23.33 2.89 -37.08
N ASN B 371 -24.65 2.77 -37.00
CA ASN B 371 -25.46 3.45 -35.99
C ASN B 371 -26.19 2.38 -35.19
N ALA B 372 -25.99 2.38 -33.87
CA ALA B 372 -26.53 1.35 -33.01
C ALA B 372 -27.82 1.83 -32.33
N THR B 373 -28.76 0.91 -32.16
CA THR B 373 -30.01 1.16 -31.44
C THR B 373 -30.08 0.15 -30.30
N CYS B 374 -29.63 0.58 -29.12
CA CYS B 374 -29.66 -0.25 -27.93
C CYS B 374 -30.70 0.30 -26.96
N LEU B 375 -30.98 -0.52 -25.94
CA LEU B 375 -31.97 -0.18 -24.91
C LEU B 375 -33.32 0.15 -25.53
N ASN B 376 -33.71 1.41 -25.51
CA ASN B 376 -35.03 1.84 -26.00
C ASN B 376 -34.88 2.80 -27.17
N ASN B 377 -34.80 2.24 -28.38
CA ASN B 377 -34.95 2.99 -29.64
C ASN B 377 -34.10 4.26 -29.68
N GLU B 378 -32.97 4.24 -28.97
CA GLU B 378 -32.07 5.38 -28.89
C GLU B 378 -30.90 5.14 -29.83
N VAL B 379 -30.73 6.05 -30.80
CA VAL B 379 -29.66 5.93 -31.78
C VAL B 379 -28.34 6.36 -31.15
N ILE B 380 -27.29 5.59 -31.39
CA ILE B 380 -25.94 5.93 -30.97
C ILE B 380 -25.04 5.90 -32.19
N PRO B 381 -24.70 7.05 -32.77
CA PRO B 381 -23.91 7.05 -34.01
C PRO B 381 -22.51 6.49 -33.80
N GLY B 382 -21.96 5.94 -34.88
CA GLY B 382 -20.60 5.42 -34.85
C GLY B 382 -20.39 4.28 -33.89
N LEU B 383 -21.42 3.50 -33.60
CA LEU B 383 -21.34 2.42 -32.62
C LEU B 383 -21.83 1.12 -33.25
N LYS B 384 -21.14 0.02 -32.91
CA LYS B 384 -21.46 -1.29 -33.45
C LYS B 384 -21.50 -2.35 -32.36
N SER B 385 -21.80 -1.96 -31.12
CA SER B 385 -21.79 -2.89 -30.00
C SER B 385 -22.74 -2.38 -28.92
N CYS B 386 -23.73 -3.19 -28.56
CA CYS B 386 -24.65 -2.89 -27.48
C CYS B 386 -24.23 -3.62 -26.21
N MET B 387 -24.54 -3.02 -25.07
CA MET B 387 -24.23 -3.62 -23.77
C MET B 387 -25.42 -3.44 -22.84
N GLY B 388 -25.39 -4.17 -21.74
CA GLY B 388 -26.45 -4.08 -20.75
C GLY B 388 -27.75 -4.74 -21.16
N LEU B 389 -27.69 -5.84 -21.90
CA LEU B 389 -28.87 -6.49 -22.43
C LEU B 389 -29.35 -7.60 -21.49
N LYS B 390 -30.54 -8.11 -21.79
CA LYS B 390 -31.10 -9.26 -21.10
C LYS B 390 -31.55 -10.27 -22.15
N ILE B 391 -31.65 -11.53 -21.73
CA ILE B 391 -32.15 -12.58 -22.61
C ILE B 391 -33.51 -12.17 -23.15
N GLY B 392 -33.67 -12.27 -24.47
CA GLY B 392 -34.87 -11.88 -25.15
C GLY B 392 -34.83 -10.50 -25.76
N ASP B 393 -33.90 -9.65 -25.32
CA ASP B 393 -33.76 -8.32 -25.89
C ASP B 393 -33.36 -8.40 -27.36
N THR B 394 -33.69 -7.36 -28.10
CA THR B 394 -33.36 -7.26 -29.51
C THR B 394 -32.81 -5.87 -29.82
N VAL B 395 -31.72 -5.83 -30.56
CA VAL B 395 -31.14 -4.55 -31.00
C VAL B 395 -31.09 -4.55 -32.52
N SER B 396 -30.68 -3.42 -33.10
CA SER B 396 -30.54 -3.31 -34.54
C SER B 396 -29.48 -2.27 -34.85
N PHE B 397 -28.80 -2.46 -35.97
CA PHE B 397 -27.74 -1.57 -36.41
C PHE B 397 -28.03 -1.12 -37.83
N SER B 398 -27.87 0.18 -38.08
CA SER B 398 -27.98 0.73 -39.43
C SER B 398 -26.59 0.86 -40.01
N ILE B 399 -26.39 0.34 -41.22
CA ILE B 399 -25.07 0.22 -41.84
C ILE B 399 -25.08 0.95 -43.16
N GLU B 400 -23.98 1.66 -43.45
CA GLU B 400 -23.79 2.34 -44.73
C GLU B 400 -22.45 1.93 -45.31
N ALA B 401 -22.46 1.48 -46.56
CA ALA B 401 -21.27 0.99 -47.25
C ALA B 401 -20.89 1.96 -48.36
N LYS B 402 -19.71 2.55 -48.25
CA LYS B 402 -19.20 3.48 -49.25
C LYS B 402 -18.04 2.83 -49.99
N VAL B 403 -18.12 2.84 -51.33
CA VAL B 403 -17.08 2.26 -52.18
C VAL B 403 -16.25 3.38 -52.78
N ARG B 404 -14.94 3.18 -52.82
CA ARG B 404 -14.00 4.14 -53.38
C ARG B 404 -13.66 3.72 -54.81
N GLY B 405 -14.02 4.57 -55.78
CA GLY B 405 -13.76 4.24 -57.17
C GLY B 405 -14.48 2.98 -57.61
N CYS B 406 -13.91 2.31 -58.59
CA CYS B 406 -14.45 1.05 -59.08
C CYS B 406 -13.34 0.00 -59.08
N PRO B 407 -13.53 -1.15 -58.45
CA PRO B 407 -12.50 -2.18 -58.42
C PRO B 407 -12.51 -3.06 -59.67
N GLN B 408 -11.40 -3.78 -59.85
CA GLN B 408 -11.28 -4.70 -60.98
C GLN B 408 -12.33 -5.80 -60.90
N GLU B 409 -12.39 -6.50 -59.78
CA GLU B 409 -13.41 -7.54 -59.59
C GLU B 409 -14.76 -6.89 -59.30
N LYS B 410 -15.80 -7.41 -59.96
CA LYS B 410 -17.11 -6.80 -59.92
C LYS B 410 -18.08 -7.48 -58.97
N GLU B 411 -17.70 -8.59 -58.34
CA GLU B 411 -18.57 -9.27 -57.39
C GLU B 411 -17.74 -9.81 -56.23
N LYS B 412 -18.13 -9.43 -55.01
CA LYS B 412 -17.51 -9.90 -53.78
C LYS B 412 -18.59 -10.07 -52.73
N SER B 413 -18.24 -10.75 -51.64
CA SER B 413 -19.19 -10.95 -50.55
C SER B 413 -18.45 -10.97 -49.22
N PHE B 414 -18.93 -10.18 -48.26
CA PHE B 414 -18.37 -10.15 -46.91
C PHE B 414 -19.46 -10.56 -45.93
N THR B 415 -19.16 -10.46 -44.63
CA THR B 415 -20.02 -10.99 -43.59
C THR B 415 -20.09 -10.03 -42.41
N ILE B 416 -21.30 -9.86 -41.89
CA ILE B 416 -21.53 -9.20 -40.61
C ILE B 416 -21.98 -10.27 -39.63
N LYS B 417 -21.22 -10.45 -38.55
CA LYS B 417 -21.54 -11.48 -37.57
C LYS B 417 -21.34 -10.95 -36.17
N PRO B 418 -22.33 -11.09 -35.28
CA PRO B 418 -22.11 -10.77 -33.87
C PRO B 418 -21.12 -11.75 -33.25
N VAL B 419 -20.29 -11.24 -32.34
CA VAL B 419 -19.25 -12.06 -31.73
C VAL B 419 -19.91 -13.20 -30.94
N GLY B 420 -19.48 -14.43 -31.24
CA GLY B 420 -19.97 -15.60 -30.53
C GLY B 420 -21.26 -16.18 -31.06
N PHE B 421 -21.92 -15.52 -32.00
CA PHE B 421 -23.19 -16.00 -32.54
C PHE B 421 -22.95 -16.98 -33.68
N LYS B 422 -23.92 -17.88 -33.88
CA LYS B 422 -23.85 -18.81 -35.00
C LYS B 422 -24.29 -18.14 -36.29
N ASP B 423 -25.45 -17.48 -36.27
CA ASP B 423 -25.99 -16.86 -37.45
C ASP B 423 -25.23 -15.60 -37.82
N SER B 424 -25.49 -15.10 -39.03
CA SER B 424 -24.75 -13.96 -39.57
C SER B 424 -25.52 -13.38 -40.74
N LEU B 425 -25.08 -12.21 -41.18
CA LEU B 425 -25.60 -11.54 -42.37
C LEU B 425 -24.53 -11.59 -43.45
N ILE B 426 -24.88 -12.19 -44.59
CA ILE B 426 -23.98 -12.28 -45.73
C ILE B 426 -24.40 -11.21 -46.73
N VAL B 427 -23.49 -10.31 -47.05
CA VAL B 427 -23.74 -9.22 -47.99
C VAL B 427 -23.04 -9.56 -49.30
N GLN B 428 -23.82 -9.74 -50.36
CA GLN B 428 -23.30 -10.01 -51.70
C GLN B 428 -23.26 -8.71 -52.47
N VAL B 429 -22.06 -8.19 -52.69
CA VAL B 429 -21.87 -6.88 -53.33
C VAL B 429 -21.65 -7.07 -54.82
N THR B 430 -22.21 -6.16 -55.61
CA THR B 430 -21.98 -6.10 -57.05
C THR B 430 -21.66 -4.67 -57.43
N PHE B 431 -20.54 -4.48 -58.11
CA PHE B 431 -20.07 -3.15 -58.50
C PHE B 431 -20.54 -2.88 -59.94
N ASP B 432 -21.64 -2.16 -60.06
CA ASP B 432 -22.22 -1.81 -61.35
C ASP B 432 -21.48 -0.60 -61.90
N CYS B 433 -20.36 -0.86 -62.59
CA CYS B 433 -19.58 0.20 -63.21
C CYS B 433 -19.74 0.26 -64.73
N ASP B 434 -20.16 -0.83 -65.36
CA ASP B 434 -20.23 -0.92 -66.81
C ASP B 434 -21.64 -0.60 -67.30
N CYS B 435 -21.72 -0.18 -68.56
CA CYS B 435 -22.99 0.07 -69.23
C CYS B 435 -23.40 -1.15 -70.02
N ALA B 436 -24.71 -1.39 -70.08
CA ALA B 436 -25.23 -2.53 -70.82
C ALA B 436 -24.96 -2.40 -72.32
N CYS B 437 -24.79 -1.18 -72.83
CA CYS B 437 -24.46 -0.99 -74.23
C CYS B 437 -23.02 -1.39 -74.56
N GLN B 438 -22.21 -1.72 -73.57
CA GLN B 438 -20.87 -2.20 -73.83
C GLN B 438 -20.87 -3.67 -74.24
N ALA B 439 -21.88 -4.43 -73.80
CA ALA B 439 -22.02 -5.84 -74.17
C ALA B 439 -22.50 -6.03 -75.60
N GLN B 440 -22.58 -4.95 -76.37
CA GLN B 440 -23.02 -5.00 -77.76
C GLN B 440 -22.22 -3.98 -78.57
N ALA B 441 -20.90 -3.97 -78.37
CA ALA B 441 -20.02 -3.06 -79.09
C ALA B 441 -19.71 -3.62 -80.48
N GLU B 442 -19.14 -2.75 -81.32
CA GLU B 442 -18.77 -3.12 -82.68
C GLU B 442 -17.27 -2.99 -82.86
N PRO B 443 -16.52 -4.08 -82.72
CA PRO B 443 -15.08 -4.02 -82.99
C PRO B 443 -14.81 -3.77 -84.47
N ASN B 444 -13.90 -2.84 -84.74
CA ASN B 444 -13.51 -2.45 -86.10
C ASN B 444 -14.72 -1.96 -86.89
N SER B 445 -15.28 -0.84 -86.42
CA SER B 445 -16.45 -0.23 -87.05
C SER B 445 -16.02 0.64 -88.22
N HIS B 446 -16.71 0.49 -89.36
CA HIS B 446 -16.46 1.37 -90.50
C HIS B 446 -16.73 2.83 -90.16
N ARG B 447 -17.58 3.08 -89.16
CA ARG B 447 -17.86 4.45 -88.73
C ARG B 447 -16.66 5.11 -88.07
N CYS B 448 -15.72 4.33 -87.54
CA CYS B 448 -14.69 4.83 -86.64
C CYS B 448 -13.34 4.85 -87.36
N ASN B 449 -13.10 5.94 -88.11
CA ASN B 449 -11.77 6.26 -88.65
C ASN B 449 -11.22 5.11 -89.50
N ASN B 450 -12.03 4.68 -90.47
CA ASN B 450 -11.66 3.58 -91.37
C ASN B 450 -11.35 2.29 -90.60
N GLY B 451 -12.24 1.93 -89.68
CA GLY B 451 -12.10 0.72 -88.90
C GLY B 451 -11.05 0.77 -87.80
N ASN B 452 -10.28 1.85 -87.69
CA ASN B 452 -9.26 1.95 -86.66
C ASN B 452 -9.82 1.99 -85.25
N GLY B 453 -11.14 2.13 -85.10
CA GLY B 453 -11.75 2.23 -83.79
C GLY B 453 -12.96 1.32 -83.65
N THR B 454 -13.48 1.27 -82.43
CA THR B 454 -14.62 0.45 -82.06
C THR B 454 -15.80 1.35 -81.72
N PHE B 455 -17.00 0.88 -82.06
CA PHE B 455 -18.24 1.63 -81.85
C PHE B 455 -19.03 0.99 -80.72
N GLU B 456 -19.24 1.74 -79.64
CA GLU B 456 -20.05 1.28 -78.53
C GLU B 456 -20.78 2.46 -77.92
N CYS B 457 -22.02 2.21 -77.48
CA CYS B 457 -22.83 3.20 -76.76
C CYS B 457 -22.98 4.50 -77.54
N GLY B 458 -22.93 4.41 -78.87
CA GLY B 458 -23.15 5.55 -79.73
C GLY B 458 -21.93 6.39 -80.05
N VAL B 459 -20.73 5.97 -79.65
CA VAL B 459 -19.52 6.73 -79.89
C VAL B 459 -18.43 5.79 -80.39
N CYS B 460 -17.33 6.39 -80.86
CA CYS B 460 -16.19 5.67 -81.42
C CYS B 460 -15.02 5.77 -80.46
N ARG B 461 -14.50 4.61 -80.05
CA ARG B 461 -13.33 4.51 -79.18
C ARG B 461 -12.15 3.97 -79.95
N CYS B 462 -10.95 4.45 -79.64
CA CYS B 462 -9.75 3.93 -80.26
C CYS B 462 -9.55 2.46 -79.86
N GLY B 463 -9.43 1.58 -80.86
CA GLY B 463 -9.38 0.17 -80.62
C GLY B 463 -8.16 -0.29 -79.86
N PRO B 464 -8.10 -1.58 -79.55
CA PRO B 464 -6.96 -2.13 -78.81
C PRO B 464 -5.66 -1.93 -79.59
N GLY B 465 -4.60 -1.59 -78.86
CA GLY B 465 -3.30 -1.38 -79.45
C GLY B 465 -2.98 0.04 -79.83
N TRP B 466 -3.90 0.99 -79.60
CA TRP B 466 -3.65 2.39 -79.92
C TRP B 466 -3.28 3.17 -78.67
N LEU C 1 -11.47 37.84 45.07
CA LEU C 1 -11.45 39.25 45.49
C LEU C 1 -11.96 40.17 44.37
N ASN C 2 -11.59 39.87 43.11
CA ASN C 2 -12.26 40.53 41.99
C ASN C 2 -13.63 39.94 41.76
N LEU C 3 -13.71 38.62 41.60
CA LEU C 3 -14.97 37.91 41.44
C LEU C 3 -15.34 37.25 42.76
N ASP C 4 -16.61 37.37 43.13
CA ASP C 4 -17.05 36.85 44.43
C ASP C 4 -17.18 35.34 44.38
N PRO C 5 -16.35 34.59 45.10
CA PRO C 5 -16.48 33.14 45.14
C PRO C 5 -17.32 32.61 46.29
N VAL C 6 -17.93 33.49 47.07
CA VAL C 6 -18.65 33.11 48.27
C VAL C 6 -20.14 33.01 48.01
N GLN C 7 -20.71 33.99 47.33
N GLN C 7 -20.71 33.99 47.33
CA GLN C 7 -22.15 34.05 47.04
CA GLN C 7 -22.15 34.05 47.04
C GLN C 7 -22.33 33.90 45.52
C GLN C 7 -22.34 33.89 45.53
N LEU C 8 -22.40 32.65 45.07
CA LEU C 8 -22.64 32.35 43.67
C LEU C 8 -24.13 32.25 43.40
N THR C 9 -24.47 32.21 42.11
CA THR C 9 -25.82 31.95 41.65
C THR C 9 -25.79 30.69 40.82
N PHE C 10 -26.73 29.79 41.04
CA PHE C 10 -26.76 28.49 40.38
C PHE C 10 -28.06 28.34 39.59
N TYR C 11 -27.93 27.98 38.32
CA TYR C 11 -29.04 27.57 37.49
C TYR C 11 -28.89 26.10 37.15
N ALA C 12 -29.99 25.35 37.15
CA ALA C 12 -29.95 23.91 36.95
C ALA C 12 -30.90 23.50 35.84
N GLY C 13 -30.53 22.43 35.15
CA GLY C 13 -31.37 21.85 34.12
C GLY C 13 -31.71 20.40 34.44
N PRO C 14 -32.41 19.73 33.54
CA PRO C 14 -32.80 18.35 33.79
C PRO C 14 -31.59 17.43 33.89
N ASN C 15 -31.81 16.31 34.58
CA ASN C 15 -30.79 15.28 34.73
C ASN C 15 -30.40 14.73 33.37
N GLY C 16 -29.08 14.61 33.15
CA GLY C 16 -28.57 14.05 31.92
C GLY C 16 -28.78 14.89 30.68
N SER C 17 -29.25 16.13 30.82
CA SER C 17 -29.48 16.97 29.66
C SER C 17 -28.21 17.66 29.17
N GLN C 18 -27.12 17.61 29.95
CA GLN C 18 -25.90 18.37 29.68
C GLN C 18 -26.20 19.87 29.62
N PHE C 19 -27.18 20.30 30.41
CA PHE C 19 -27.44 21.70 30.67
C PHE C 19 -26.16 22.40 31.09
N GLY C 20 -25.75 23.41 30.33
CA GLY C 20 -24.50 24.10 30.57
C GLY C 20 -23.37 23.73 29.63
N PHE C 21 -23.63 22.88 28.63
CA PHE C 21 -22.62 22.57 27.61
C PHE C 21 -22.21 23.82 26.86
N SER C 22 -23.16 24.71 26.58
CA SER C 22 -22.90 26.00 25.98
C SER C 22 -23.76 27.04 26.69
N LEU C 23 -23.33 28.30 26.59
CA LEU C 23 -24.08 29.40 27.20
C LEU C 23 -23.63 30.72 26.61
N ASP C 24 -24.43 31.75 26.84
CA ASP C 24 -24.10 33.10 26.41
C ASP C 24 -25.05 34.06 27.10
N PHE C 25 -24.67 35.34 27.13
CA PHE C 25 -25.56 36.40 27.59
C PHE C 25 -26.50 36.80 26.47
N HIS C 26 -27.71 37.22 26.84
CA HIS C 26 -28.72 37.63 25.86
C HIS C 26 -29.41 38.89 26.36
N LYS C 27 -29.28 39.98 25.60
CA LYS C 27 -30.02 41.20 25.86
C LYS C 27 -31.30 41.18 25.05
N ASP C 28 -32.44 41.45 25.69
CA ASP C 28 -33.68 41.62 24.93
C ASP C 28 -33.71 43.02 24.34
N SER C 29 -34.84 43.35 23.68
CA SER C 29 -34.96 44.65 23.03
C SER C 29 -34.89 45.82 24.02
N HIS C 30 -35.19 45.58 25.29
CA HIS C 30 -35.17 46.62 26.31
C HIS C 30 -33.86 46.66 27.10
N GLY C 31 -32.91 45.79 26.78
CA GLY C 31 -31.61 45.80 27.41
C GLY C 31 -31.43 44.82 28.55
N ARG C 32 -32.50 44.23 29.05
CA ARG C 32 -32.40 43.30 30.17
C ARG C 32 -31.58 42.08 29.79
N VAL C 33 -30.56 41.78 30.60
CA VAL C 33 -29.66 40.67 30.33
C VAL C 33 -30.24 39.40 30.93
N ALA C 34 -30.25 38.33 30.14
CA ALA C 34 -30.58 36.98 30.58
C ALA C 34 -29.46 36.03 30.15
N ILE C 35 -29.60 34.76 30.48
CA ILE C 35 -28.62 33.75 30.13
C ILE C 35 -29.29 32.67 29.29
N VAL C 36 -28.78 32.45 28.09
CA VAL C 36 -29.23 31.35 27.25
C VAL C 36 -28.29 30.18 27.49
N VAL C 37 -28.86 28.99 27.70
CA VAL C 37 -28.09 27.80 28.06
C VAL C 37 -28.47 26.67 27.11
N GLY C 38 -27.47 26.00 26.56
CA GLY C 38 -27.70 24.83 25.74
C GLY C 38 -27.65 23.55 26.56
N ALA C 39 -28.50 22.59 26.20
CA ALA C 39 -28.55 21.29 26.85
C ALA C 39 -28.70 20.23 25.77
N PRO C 40 -27.58 19.85 25.14
CA PRO C 40 -27.66 19.06 23.90
C PRO C 40 -28.15 17.62 24.06
N ARG C 41 -28.50 17.18 25.27
CA ARG C 41 -29.06 15.84 25.46
C ARG C 41 -30.42 15.88 26.14
N THR C 42 -31.09 17.02 26.10
CA THR C 42 -32.46 17.11 26.61
C THR C 42 -33.37 16.18 25.83
N LEU C 43 -34.23 15.46 26.55
CA LEU C 43 -35.17 14.56 25.91
C LEU C 43 -36.16 15.34 25.05
N GLY C 44 -36.48 14.78 23.89
CA GLY C 44 -37.47 15.37 23.02
C GLY C 44 -38.84 14.77 23.23
N PRO C 45 -39.79 15.10 22.35
CA PRO C 45 -41.14 14.55 22.49
C PRO C 45 -41.20 13.06 22.19
N SER C 46 -40.33 12.57 21.31
CA SER C 46 -40.23 11.15 20.99
C SER C 46 -39.62 10.33 22.12
N GLN C 47 -39.39 10.93 23.30
CA GLN C 47 -38.70 10.28 24.41
C GLN C 47 -37.27 9.88 24.04
N GLU C 48 -36.67 10.65 23.13
CA GLU C 48 -35.31 10.41 22.67
C GLU C 48 -34.55 11.72 22.66
N GLU C 49 -33.24 11.63 22.89
CA GLU C 49 -32.41 12.83 23.03
C GLU C 49 -32.42 13.64 21.73
N THR C 50 -32.67 14.93 21.86
CA THR C 50 -32.61 15.85 20.72
C THR C 50 -31.79 17.09 21.10
N GLY C 51 -31.76 17.42 22.39
CA GLY C 51 -31.15 18.64 22.85
C GLY C 51 -32.18 19.74 23.04
N GLY C 52 -31.77 20.78 23.75
CA GLY C 52 -32.71 21.84 24.06
C GLY C 52 -31.99 23.11 24.44
N VAL C 53 -32.75 24.19 24.45
CA VAL C 53 -32.25 25.51 24.77
C VAL C 53 -33.10 26.10 25.88
N PHE C 54 -32.46 26.78 26.83
CA PHE C 54 -33.14 27.43 27.94
C PHE C 54 -32.74 28.89 27.99
N LEU C 55 -33.71 29.74 28.31
CA LEU C 55 -33.50 31.18 28.46
C LEU C 55 -33.71 31.53 29.92
N CYS C 56 -32.60 31.72 30.65
CA CYS C 56 -32.64 31.91 32.10
C CYS C 56 -32.72 33.38 32.42
N PRO C 57 -33.84 33.89 32.96
CA PRO C 57 -33.87 35.27 33.44
C PRO C 57 -32.96 35.45 34.65
N TRP C 58 -32.42 36.65 34.78
CA TRP C 58 -31.46 36.90 35.85
C TRP C 58 -32.17 36.99 37.19
N ARG C 59 -31.82 36.09 38.10
CA ARG C 59 -32.31 36.09 39.47
C ARG C 59 -31.15 35.73 40.37
N ALA C 60 -30.87 36.58 41.36
CA ALA C 60 -29.69 36.36 42.22
C ALA C 60 -29.76 35.01 42.91
N GLU C 61 -30.95 34.48 43.14
CA GLU C 61 -31.11 33.15 43.74
C GLU C 61 -31.09 32.02 42.71
N GLY C 62 -31.08 32.34 41.41
CA GLY C 62 -30.99 31.35 40.36
C GLY C 62 -32.20 30.43 40.28
N GLY C 63 -31.94 29.16 39.96
CA GLY C 63 -32.96 28.14 39.95
C GLY C 63 -33.19 27.58 38.54
N GLN C 64 -34.47 27.34 38.22
CA GLN C 64 -34.86 26.73 36.96
C GLN C 64 -35.10 27.78 35.90
N CYS C 65 -35.20 27.34 34.64
CA CYS C 65 -35.33 28.24 33.52
C CYS C 65 -36.39 27.73 32.55
N PRO C 66 -37.12 28.63 31.89
CA PRO C 66 -38.08 28.20 30.88
C PRO C 66 -37.37 27.71 29.62
N SER C 67 -38.08 26.89 28.86
CA SER C 67 -37.55 26.37 27.60
C SER C 67 -37.73 27.39 26.48
N LEU C 68 -36.71 27.51 25.64
CA LEU C 68 -36.82 28.21 24.36
C LEU C 68 -37.14 27.16 23.32
N LEU C 69 -38.42 27.06 22.95
CA LEU C 69 -38.90 25.90 22.19
C LEU C 69 -38.55 26.01 20.72
N PHE C 70 -38.23 24.87 20.12
CA PHE C 70 -37.99 24.73 18.69
C PHE C 70 -38.73 23.51 18.18
N ASP C 71 -38.86 23.43 16.85
CA ASP C 71 -39.53 22.31 16.20
C ASP C 71 -38.59 21.10 16.19
N LEU C 72 -39.05 19.99 16.78
CA LEU C 72 -38.24 18.78 16.90
C LEU C 72 -38.80 17.63 16.08
N ARG C 73 -39.51 17.93 14.99
CA ARG C 73 -40.10 16.90 14.16
C ARG C 73 -39.16 16.53 13.01
N ASP C 74 -39.07 15.23 12.73
CA ASP C 74 -38.35 14.78 11.54
C ASP C 74 -39.19 15.07 10.31
N GLU C 75 -38.65 15.84 9.37
CA GLU C 75 -39.40 16.36 8.24
C GLU C 75 -39.09 15.58 6.97
N THR C 76 -40.12 15.39 6.13
CA THR C 76 -39.99 14.71 4.85
C THR C 76 -40.68 15.53 3.78
N ARG C 77 -40.00 15.75 2.65
CA ARG C 77 -40.56 16.47 1.52
C ARG C 77 -40.30 15.67 0.24
N ASN C 78 -41.37 15.30 -0.45
CA ASN C 78 -41.26 14.64 -1.75
C ASN C 78 -41.37 15.71 -2.82
N VAL C 79 -40.24 16.03 -3.46
CA VAL C 79 -40.18 17.11 -4.43
C VAL C 79 -39.08 16.81 -5.43
N GLY C 80 -39.29 17.23 -6.68
CA GLY C 80 -38.32 16.99 -7.73
C GLY C 80 -38.03 15.54 -7.96
N SER C 81 -39.01 14.66 -7.76
CA SER C 81 -38.85 13.21 -7.82
C SER C 81 -37.79 12.70 -6.84
N GLN C 82 -37.50 13.49 -5.81
CA GLN C 82 -36.60 13.11 -4.73
C GLN C 82 -37.36 13.18 -3.41
N THR C 83 -36.82 12.50 -2.40
CA THR C 83 -37.40 12.49 -1.07
C THR C 83 -36.39 13.10 -0.10
N LEU C 84 -36.74 14.25 0.47
CA LEU C 84 -35.88 14.93 1.44
C LEU C 84 -36.23 14.48 2.85
N GLN C 85 -35.22 14.33 3.69
CA GLN C 85 -35.41 13.82 5.04
C GLN C 85 -34.48 14.54 6.01
N THR C 86 -35.04 15.00 7.14
CA THR C 86 -34.26 15.47 8.27
C THR C 86 -34.44 14.51 9.44
N PHE C 87 -33.39 14.38 10.25
CA PHE C 87 -33.39 13.48 11.39
C PHE C 87 -32.83 14.25 12.59
N LYS C 88 -33.65 14.43 13.61
CA LYS C 88 -33.28 15.22 14.77
C LYS C 88 -33.00 14.40 16.01
N ALA C 89 -33.08 13.07 15.92
CA ALA C 89 -32.68 12.22 17.03
C ALA C 89 -31.18 12.37 17.27
N ARG C 90 -30.82 12.72 18.50
CA ARG C 90 -29.42 12.88 18.93
C ARG C 90 -28.71 13.97 18.13
N GLN C 91 -29.44 15.00 17.71
CA GLN C 91 -28.83 16.07 16.94
C GLN C 91 -27.99 16.99 17.79
N GLY C 92 -28.13 16.94 19.11
CA GLY C 92 -27.36 17.80 19.99
C GLY C 92 -27.72 19.27 19.89
N LEU C 93 -29.01 19.59 19.83
CA LEU C 93 -29.43 20.98 19.81
C LEU C 93 -29.01 21.68 21.10
N GLY C 94 -28.25 22.75 20.96
CA GLY C 94 -27.67 23.42 22.11
C GLY C 94 -26.23 23.07 22.39
N ALA C 95 -25.58 22.29 21.52
CA ALA C 95 -24.14 22.11 21.63
C ALA C 95 -23.37 23.38 21.31
N SER C 96 -24.05 24.40 20.81
CA SER C 96 -23.47 25.74 20.71
C SER C 96 -24.62 26.74 20.67
N VAL C 97 -24.54 27.80 21.47
CA VAL C 97 -25.53 28.86 21.44
C VAL C 97 -24.82 30.20 21.42
N VAL C 98 -25.42 31.16 20.74
CA VAL C 98 -24.86 32.50 20.64
C VAL C 98 -26.02 33.49 20.49
N SER C 99 -25.80 34.70 20.98
CA SER C 99 -26.82 35.74 20.99
C SER C 99 -26.30 36.99 20.28
N TRP C 100 -27.15 37.60 19.47
CA TRP C 100 -26.81 38.86 18.80
C TRP C 100 -28.08 39.67 18.69
N SER C 101 -28.01 40.94 19.10
CA SER C 101 -29.19 41.83 19.19
C SER C 101 -30.24 41.11 20.04
N ASP C 102 -31.46 40.90 19.56
CA ASP C 102 -32.46 40.14 20.27
C ASP C 102 -32.70 38.77 19.64
N VAL C 103 -31.66 38.20 19.04
CA VAL C 103 -31.74 36.94 18.31
C VAL C 103 -30.84 35.92 18.99
N ILE C 104 -31.29 34.67 19.02
CA ILE C 104 -30.53 33.56 19.58
C ILE C 104 -30.32 32.52 18.48
N VAL C 105 -29.07 32.07 18.33
CA VAL C 105 -28.72 31.05 17.35
C VAL C 105 -28.29 29.79 18.11
N ALA C 106 -29.13 28.77 18.09
CA ALA C 106 -28.84 27.49 18.71
C ALA C 106 -28.67 26.44 17.62
N CYS C 107 -27.54 25.74 17.66
CA CYS C 107 -27.17 24.82 16.58
C CYS C 107 -27.19 23.38 17.06
N ALA C 108 -27.59 22.48 16.16
CA ALA C 108 -27.56 21.04 16.39
C ALA C 108 -26.55 20.44 15.40
N PRO C 109 -25.28 20.31 15.80
CA PRO C 109 -24.25 19.94 14.82
C PRO C 109 -24.35 18.51 14.33
N TRP C 110 -25.12 17.64 14.99
CA TRP C 110 -25.21 16.25 14.57
C TRP C 110 -26.59 15.90 14.03
N GLN C 111 -27.36 16.89 13.62
CA GLN C 111 -28.60 16.63 12.91
C GLN C 111 -28.30 15.97 11.58
N HIS C 112 -28.99 14.89 11.26
CA HIS C 112 -28.71 14.11 10.08
C HIS C 112 -29.67 14.46 8.94
N TRP C 113 -29.27 14.08 7.73
CA TRP C 113 -29.93 14.48 6.51
C TRP C 113 -29.73 13.40 5.45
N ASN C 114 -30.73 13.23 4.59
CA ASN C 114 -30.63 12.25 3.52
C ASN C 114 -31.59 12.63 2.41
N VAL C 115 -31.26 12.23 1.19
CA VAL C 115 -32.13 12.41 0.04
C VAL C 115 -32.24 11.08 -0.69
N LEU C 116 -33.46 10.65 -0.97
CA LEU C 116 -33.71 9.37 -1.64
C LEU C 116 -34.16 9.61 -3.07
N GLU C 117 -33.68 8.77 -3.98
CA GLU C 117 -34.13 8.80 -5.37
C GLU C 117 -34.19 7.34 -5.83
N LYS C 118 -35.41 6.80 -5.86
CA LYS C 118 -35.64 5.40 -6.23
C LYS C 118 -34.83 4.47 -5.34
N THR C 119 -33.71 3.97 -5.84
CA THR C 119 -32.82 3.10 -5.08
C THR C 119 -31.54 3.79 -4.63
N GLU C 120 -31.23 4.96 -5.18
CA GLU C 120 -30.03 5.69 -4.82
C GLU C 120 -30.31 6.67 -3.68
N GLU C 121 -29.24 7.22 -3.10
CA GLU C 121 -29.39 8.16 -2.00
C GLU C 121 -28.14 9.03 -1.91
N ALA C 122 -28.26 10.09 -1.11
CA ALA C 122 -27.12 10.96 -0.83
C ALA C 122 -26.26 10.42 0.31
N GLU C 123 -26.82 9.51 1.11
CA GLU C 123 -26.32 8.95 2.37
C GLU C 123 -26.79 9.77 3.56
N LYS C 124 -27.19 9.10 4.63
CA LYS C 124 -27.67 9.73 5.86
C LYS C 124 -26.48 10.23 6.66
N THR C 125 -26.25 11.55 6.66
CA THR C 125 -25.01 12.10 7.18
C THR C 125 -25.31 13.31 8.06
N PRO C 126 -24.41 13.64 9.00
CA PRO C 126 -24.62 14.80 9.86
C PRO C 126 -24.22 16.13 9.22
N VAL C 127 -25.13 16.76 8.49
CA VAL C 127 -24.82 18.07 7.92
C VAL C 127 -24.93 19.18 8.95
N GLY C 128 -25.60 18.94 10.08
CA GLY C 128 -25.83 19.96 11.07
C GLY C 128 -26.95 20.92 10.66
N SER C 129 -27.37 21.73 11.63
CA SER C 129 -28.37 22.76 11.39
C SER C 129 -28.37 23.70 12.58
N CYS C 130 -28.66 24.97 12.31
CA CYS C 130 -28.79 25.96 13.37
C CYS C 130 -30.22 26.48 13.39
N PHE C 131 -30.75 26.64 14.61
CA PHE C 131 -32.07 27.20 14.82
C PHE C 131 -31.92 28.63 15.29
N LEU C 132 -32.67 29.55 14.70
CA LEU C 132 -32.65 30.95 15.08
C LEU C 132 -34.00 31.36 15.66
N ALA C 133 -33.94 32.19 16.70
CA ALA C 133 -35.15 32.61 17.40
C ALA C 133 -35.05 34.07 17.81
N GLN C 134 -36.17 34.78 17.69
CA GLN C 134 -36.35 36.09 18.31
C GLN C 134 -37.36 35.91 19.42
N PRO C 135 -36.93 35.69 20.66
CA PRO C 135 -37.85 35.18 21.69
C PRO C 135 -39.04 36.08 21.98
N GLU C 136 -38.87 37.40 21.89
CA GLU C 136 -39.98 38.30 22.18
C GLU C 136 -41.07 38.19 21.11
N SER C 137 -40.68 38.11 19.84
CA SER C 137 -41.65 38.08 18.75
C SER C 137 -42.20 36.68 18.49
N GLY C 138 -41.49 35.64 18.92
CA GLY C 138 -41.87 34.27 18.63
C GLY C 138 -41.39 33.76 17.29
N ARG C 139 -40.73 34.61 16.49
CA ARG C 139 -40.30 34.20 15.16
C ARG C 139 -39.18 33.18 15.25
N ARG C 140 -39.12 32.30 14.25
CA ARG C 140 -38.14 31.23 14.18
C ARG C 140 -37.60 31.13 12.75
N ALA C 141 -36.39 30.59 12.64
CA ALA C 141 -35.79 30.32 11.35
C ALA C 141 -34.72 29.26 11.52
N GLU C 142 -34.39 28.58 10.42
CA GLU C 142 -33.37 27.54 10.40
C GLU C 142 -32.34 27.88 9.34
N TYR C 143 -31.15 27.33 9.50
CA TYR C 143 -30.06 27.57 8.57
C TYR C 143 -29.18 26.32 8.51
N SER C 144 -29.18 25.67 7.34
CA SER C 144 -28.48 24.40 7.16
C SER C 144 -27.71 24.45 5.84
N PRO C 145 -26.57 25.16 5.83
CA PRO C 145 -25.90 25.46 4.55
C PRO C 145 -25.20 24.27 3.91
N CYS C 146 -25.21 23.10 4.52
CA CYS C 146 -24.52 21.94 3.97
C CYS C 146 -25.47 20.85 3.47
N ARG C 147 -26.77 21.09 3.49
CA ARG C 147 -27.69 20.16 2.87
C ARG C 147 -27.51 20.16 1.36
N GLY C 148 -27.61 18.98 0.75
CA GLY C 148 -27.47 18.87 -0.68
C GLY C 148 -28.47 17.88 -1.26
N ASN C 149 -28.52 17.83 -2.58
CA ASN C 149 -29.39 16.90 -3.31
C ASN C 149 -28.61 16.17 -4.38
N THR C 150 -27.36 15.81 -4.08
CA THR C 150 -26.54 14.99 -4.96
C THR C 150 -26.47 13.57 -4.42
N LEU C 151 -26.45 12.60 -5.33
CA LEU C 151 -26.47 11.19 -4.94
C LEU C 151 -25.06 10.68 -4.66
N SER C 152 -25.00 9.59 -3.87
CA SER C 152 -23.73 8.99 -3.46
C SER C 152 -22.82 8.69 -4.65
N ARG C 153 -23.39 8.13 -5.72
CA ARG C 153 -22.60 7.76 -6.90
C ARG C 153 -21.77 8.93 -7.43
N ILE C 154 -22.34 10.14 -7.44
CA ILE C 154 -21.66 11.29 -8.04
C ILE C 154 -20.39 11.63 -7.26
N TYR C 155 -20.50 11.63 -5.92
CA TYR C 155 -19.33 11.96 -5.10
C TYR C 155 -18.17 11.00 -5.35
N VAL C 156 -18.47 9.74 -5.65
CA VAL C 156 -17.41 8.79 -5.93
C VAL C 156 -16.72 9.12 -7.25
N GLU C 157 -17.50 9.44 -8.28
CA GLU C 157 -16.93 9.77 -9.59
C GLU C 157 -16.02 10.99 -9.54
N ASN C 158 -16.27 11.90 -8.60
CA ASN C 158 -15.52 13.15 -8.51
C ASN C 158 -14.51 13.16 -7.38
N ASP C 159 -14.09 11.97 -6.92
CA ASP C 159 -13.08 11.83 -5.86
C ASP C 159 -13.47 12.59 -4.60
N PHE C 160 -14.78 12.67 -4.33
CA PHE C 160 -15.32 13.25 -3.11
C PHE C 160 -14.93 14.72 -2.93
N SER C 161 -14.73 15.43 -4.03
CA SER C 161 -14.50 16.87 -3.95
C SER C 161 -15.79 17.59 -3.56
N TRP C 162 -15.64 18.65 -2.77
CA TRP C 162 -16.78 19.48 -2.35
C TRP C 162 -17.87 18.65 -1.68
N ASP C 163 -17.45 17.76 -0.78
CA ASP C 163 -18.37 16.85 -0.09
C ASP C 163 -18.77 17.49 1.23
N LYS C 164 -19.92 18.17 1.25
CA LYS C 164 -20.40 18.86 2.44
C LYS C 164 -21.42 18.03 3.22
N ARG C 165 -21.36 16.71 3.10
CA ARG C 165 -22.39 15.88 3.72
C ARG C 165 -22.16 15.69 5.22
N TYR C 166 -20.91 15.82 5.68
CA TYR C 166 -20.57 15.60 7.08
C TYR C 166 -20.13 16.89 7.77
N CYS C 167 -20.67 18.03 7.33
CA CYS C 167 -20.27 19.33 7.84
C CYS C 167 -20.29 19.40 9.35
N GLU C 168 -21.44 19.08 9.95
CA GLU C 168 -21.74 19.38 11.34
C GLU C 168 -21.66 20.88 11.59
N ALA C 169 -22.33 21.64 10.71
CA ALA C 169 -22.38 23.08 10.84
C ALA C 169 -23.02 23.46 12.17
N GLY C 170 -22.51 24.53 12.77
CA GLY C 170 -22.89 24.89 14.12
C GLY C 170 -22.07 24.25 15.21
N PHE C 171 -21.15 23.35 14.88
CA PHE C 171 -20.18 22.86 15.85
C PHE C 171 -19.55 24.01 16.62
N SER C 172 -19.19 25.10 15.93
CA SER C 172 -18.82 26.35 16.58
C SER C 172 -19.54 27.48 15.85
N SER C 173 -19.72 28.61 16.54
CA SER C 173 -20.48 29.71 15.97
C SER C 173 -19.98 31.03 16.52
N VAL C 174 -20.38 32.11 15.86
CA VAL C 174 -19.97 33.48 16.18
C VAL C 174 -20.77 34.41 15.28
N VAL C 175 -20.98 35.65 15.72
CA VAL C 175 -21.72 36.65 14.94
C VAL C 175 -20.93 37.95 14.98
N THR C 176 -20.67 38.53 13.81
CA THR C 176 -20.02 39.83 13.76
C THR C 176 -20.94 40.92 14.33
N GLN C 177 -20.35 42.07 14.66
N GLN C 177 -20.36 42.07 14.64
CA GLN C 177 -21.15 43.21 15.12
CA GLN C 177 -21.17 43.19 15.13
C GLN C 177 -22.20 43.60 14.10
C GLN C 177 -22.20 43.62 14.10
N ALA C 178 -21.88 43.48 12.81
CA ALA C 178 -22.84 43.80 11.76
C ALA C 178 -23.98 42.78 11.67
N GLY C 179 -23.80 41.58 12.23
CA GLY C 179 -24.89 40.63 12.25
C GLY C 179 -24.76 39.53 11.23
N GLU C 180 -23.53 39.09 10.99
CA GLU C 180 -23.24 38.03 10.04
C GLU C 180 -22.92 36.76 10.82
N LEU C 181 -23.80 35.76 10.70
CA LEU C 181 -23.58 34.47 11.36
C LEU C 181 -22.49 33.70 10.63
N VAL C 182 -21.47 33.27 11.39
CA VAL C 182 -20.36 32.49 10.87
C VAL C 182 -20.36 31.15 11.60
N LEU C 183 -20.54 30.07 10.87
CA LEU C 183 -20.55 28.73 11.43
C LEU C 183 -19.23 28.02 11.15
N GLY C 184 -18.81 27.19 12.11
CA GLY C 184 -17.70 26.29 11.91
C GLY C 184 -18.22 24.89 11.66
N ALA C 185 -17.74 24.27 10.58
CA ALA C 185 -18.15 22.93 10.18
C ALA C 185 -16.91 22.07 10.04
N PRO C 186 -16.45 21.46 11.13
CA PRO C 186 -15.17 20.72 11.09
C PRO C 186 -15.18 19.51 10.17
N GLY C 187 -16.34 18.93 9.90
CA GLY C 187 -16.39 17.80 8.99
C GLY C 187 -16.60 18.16 7.54
N GLY C 188 -16.52 19.45 7.19
CA GLY C 188 -16.78 19.85 5.82
C GLY C 188 -15.70 19.40 4.86
N TYR C 189 -16.11 19.16 3.61
CA TYR C 189 -15.23 18.70 2.54
C TYR C 189 -14.48 17.44 2.97
N TYR C 190 -15.24 16.46 3.45
CA TYR C 190 -14.70 15.19 3.92
C TYR C 190 -13.66 15.40 5.01
N PHE C 191 -14.07 16.09 6.07
CA PHE C 191 -13.32 16.25 7.32
C PHE C 191 -12.12 17.18 7.18
N LEU C 192 -12.06 17.97 6.12
CA LEU C 192 -11.13 19.10 6.11
C LEU C 192 -11.66 20.26 6.94
N GLY C 193 -12.96 20.46 6.94
CA GLY C 193 -13.61 21.56 7.65
C GLY C 193 -13.83 22.76 6.76
N LEU C 194 -14.92 23.48 7.06
CA LEU C 194 -15.26 24.67 6.29
C LEU C 194 -15.93 25.68 7.21
N LEU C 195 -16.21 26.86 6.66
CA LEU C 195 -16.94 27.93 7.33
C LEU C 195 -18.11 28.34 6.46
N ALA C 196 -19.22 28.70 7.11
CA ALA C 196 -20.43 29.14 6.42
C ALA C 196 -20.87 30.47 6.99
N GLN C 197 -20.88 31.51 6.16
CA GLN C 197 -21.26 32.86 6.56
C GLN C 197 -22.57 33.26 5.89
N ALA C 198 -23.46 33.91 6.67
CA ALA C 198 -24.72 34.39 6.14
C ALA C 198 -25.31 35.41 7.11
N PRO C 199 -25.90 36.49 6.60
CA PRO C 199 -26.52 37.46 7.51
C PRO C 199 -27.75 36.91 8.21
N VAL C 200 -27.95 37.33 9.45
CA VAL C 200 -29.12 36.90 10.21
C VAL C 200 -30.41 37.38 9.56
N ALA C 201 -30.44 38.63 9.10
CA ALA C 201 -31.64 39.18 8.49
C ALA C 201 -32.03 38.38 7.26
N ASP C 202 -31.05 37.94 6.47
CA ASP C 202 -31.35 37.19 5.25
C ASP C 202 -31.75 35.75 5.55
N ILE C 203 -31.21 35.16 6.62
CA ILE C 203 -31.66 33.83 7.01
C ILE C 203 -33.14 33.87 7.38
N PHE C 204 -33.56 34.91 8.10
CA PHE C 204 -34.96 35.02 8.51
C PHE C 204 -35.87 35.30 7.31
N SER C 205 -35.45 36.19 6.42
CA SER C 205 -36.31 36.58 5.29
C SER C 205 -36.41 35.48 4.24
N SER C 206 -35.32 34.75 4.00
CA SER C 206 -35.30 33.73 2.96
C SER C 206 -35.71 32.35 3.47
N TYR C 207 -36.19 32.24 4.70
CA TYR C 207 -36.63 30.97 5.25
C TYR C 207 -38.14 30.86 5.24
N ARG C 208 -38.64 29.69 4.85
CA ARG C 208 -40.03 29.31 4.97
C ARG C 208 -40.07 27.88 5.49
N PRO C 209 -41.04 27.56 6.35
CA PRO C 209 -41.12 26.19 6.87
C PRO C 209 -41.54 25.21 5.79
N GLY C 210 -40.87 24.06 5.76
CA GLY C 210 -41.21 22.98 4.87
C GLY C 210 -40.42 22.89 3.58
N ILE C 211 -39.52 23.84 3.32
CA ILE C 211 -38.78 23.81 2.07
C ILE C 211 -37.55 22.90 2.18
N LEU C 212 -36.89 22.92 3.34
CA LEU C 212 -35.74 22.09 3.66
C LEU C 212 -34.50 22.43 2.83
N LEU C 213 -34.66 22.65 1.53
CA LEU C 213 -33.55 23.04 0.65
C LEU C 213 -33.91 24.36 -0.01
N TRP C 214 -33.19 25.42 0.34
CA TRP C 214 -33.46 26.73 -0.23
C TRP C 214 -32.16 27.52 -0.33
N HIS C 215 -32.17 28.55 -1.18
CA HIS C 215 -30.99 29.35 -1.48
C HIS C 215 -30.96 30.62 -0.64
N VAL C 216 -29.77 30.95 -0.15
CA VAL C 216 -29.46 32.28 0.38
C VAL C 216 -28.35 32.86 -0.49
N SER C 217 -28.65 33.93 -1.22
CA SER C 217 -27.68 34.50 -2.15
C SER C 217 -26.54 35.20 -1.40
N SER C 218 -26.84 35.80 -0.25
CA SER C 218 -25.82 36.46 0.56
C SER C 218 -24.89 35.46 1.24
N GLN C 219 -25.27 34.19 1.27
CA GLN C 219 -24.44 33.14 1.86
C GLN C 219 -23.07 33.08 1.21
N SER C 220 -22.07 32.65 1.97
CA SER C 220 -20.69 32.57 1.47
C SER C 220 -19.95 31.50 2.25
N LEU C 221 -19.41 30.50 1.55
CA LEU C 221 -18.73 29.38 2.18
C LEU C 221 -17.25 29.36 1.80
N SER C 222 -16.45 28.70 2.65
CA SER C 222 -15.04 28.51 2.38
C SER C 222 -14.85 27.40 1.34
N PHE C 223 -13.59 27.06 1.07
CA PHE C 223 -13.27 26.28 -0.10
C PHE C 223 -12.56 24.98 0.25
N ASP C 224 -12.72 23.98 -0.62
CA ASP C 224 -11.99 22.73 -0.53
C ASP C 224 -10.52 22.96 -0.86
N SER C 225 -9.72 21.92 -0.69
CA SER C 225 -8.28 22.03 -0.89
C SER C 225 -7.68 20.65 -1.12
N SER C 226 -6.77 20.55 -2.09
CA SER C 226 -6.06 19.31 -2.35
C SER C 226 -4.76 19.21 -1.56
N ASN C 227 -4.53 20.14 -0.65
CA ASN C 227 -3.31 20.13 0.16
C ASN C 227 -3.46 19.11 1.28
N PRO C 228 -2.62 18.07 1.32
CA PRO C 228 -2.77 17.05 2.37
C PRO C 228 -2.55 17.59 3.76
N GLU C 229 -1.93 18.75 3.91
CA GLU C 229 -1.81 19.37 5.23
C GLU C 229 -3.17 19.56 5.89
N TYR C 230 -4.20 19.83 5.09
CA TYR C 230 -5.52 20.13 5.62
C TYR C 230 -6.38 18.89 5.83
N PHE C 231 -5.92 17.70 5.47
CA PHE C 231 -6.77 16.52 5.56
C PHE C 231 -6.98 16.15 7.03
N ASP C 232 -8.24 15.95 7.41
CA ASP C 232 -8.63 15.54 8.77
C ASP C 232 -8.19 16.56 9.80
N GLY C 233 -8.24 17.84 9.44
CA GLY C 233 -7.74 18.90 10.30
C GLY C 233 -8.80 19.59 11.15
N TYR C 234 -10.08 19.32 10.85
CA TYR C 234 -11.22 19.85 11.61
C TYR C 234 -11.21 21.37 11.65
N TRP C 235 -10.88 21.98 10.50
CA TRP C 235 -10.95 23.41 10.31
C TRP C 235 -12.36 23.90 10.62
N GLY C 236 -12.48 24.75 11.63
CA GLY C 236 -13.79 25.17 12.11
C GLY C 236 -14.22 24.52 13.39
N TYR C 237 -13.33 23.74 14.04
CA TYR C 237 -13.60 23.22 15.37
C TYR C 237 -13.91 24.35 16.36
N SER C 238 -13.26 25.50 16.18
CA SER C 238 -13.58 26.71 16.93
C SER C 238 -13.53 27.89 15.96
N VAL C 239 -14.12 29.01 16.37
CA VAL C 239 -14.21 30.18 15.49
C VAL C 239 -14.37 31.42 16.35
N ALA C 240 -13.86 32.55 15.85
CA ALA C 240 -14.01 33.85 16.48
C ALA C 240 -13.90 34.92 15.41
N VAL C 241 -14.03 36.18 15.83
CA VAL C 241 -13.93 37.34 14.94
C VAL C 241 -13.09 38.40 15.61
N GLY C 242 -12.64 39.37 14.82
CA GLY C 242 -11.82 40.46 15.33
C GLY C 242 -11.36 41.35 14.20
N GLU C 243 -10.54 42.34 14.57
CA GLU C 243 -9.95 43.26 13.62
C GLU C 243 -8.44 43.05 13.62
N PHE C 244 -7.91 42.55 12.51
CA PHE C 244 -6.49 42.19 12.41
C PHE C 244 -5.81 42.72 11.15
N ASP C 245 -6.54 43.22 10.16
CA ASP C 245 -5.92 43.69 8.92
C ASP C 245 -5.52 45.17 8.99
N GLY C 246 -6.34 45.99 9.63
CA GLY C 246 -6.10 47.42 9.66
C GLY C 246 -7.31 48.20 9.16
N ASP C 247 -7.98 47.65 8.14
CA ASP C 247 -9.19 48.25 7.60
C ASP C 247 -10.34 47.95 8.55
N LEU C 248 -10.96 48.99 9.09
CA LEU C 248 -12.04 48.81 10.04
C LEU C 248 -13.38 48.52 9.38
N ASN C 249 -13.45 48.58 8.05
CA ASN C 249 -14.65 48.15 7.34
C ASN C 249 -14.72 46.63 7.22
N THR C 250 -13.57 45.97 7.13
CA THR C 250 -13.51 44.53 7.00
C THR C 250 -13.46 43.87 8.37
N THR C 251 -14.19 42.77 8.50
CA THR C 251 -14.17 41.95 9.71
C THR C 251 -13.42 40.67 9.40
N GLU C 252 -12.38 40.37 10.19
CA GLU C 252 -11.54 39.21 9.96
C GLU C 252 -11.99 38.04 10.82
N TYR C 253 -11.80 36.83 10.31
CA TYR C 253 -12.26 35.61 10.97
C TYR C 253 -11.08 34.84 11.55
N VAL C 254 -11.31 34.22 12.71
CA VAL C 254 -10.33 33.38 13.36
C VAL C 254 -10.88 31.96 13.40
N VAL C 255 -10.12 31.00 12.87
CA VAL C 255 -10.56 29.62 12.75
C VAL C 255 -9.51 28.71 13.38
N GLY C 256 -9.96 27.79 14.22
CA GLY C 256 -9.09 26.78 14.80
C GLY C 256 -9.21 25.46 14.06
N ALA C 257 -8.07 24.84 13.81
CA ALA C 257 -7.98 23.54 13.14
C ALA C 257 -7.05 22.67 13.99
N PRO C 258 -7.58 22.04 15.03
CA PRO C 258 -6.71 21.44 16.06
C PRO C 258 -5.97 20.18 15.61
N THR C 259 -6.30 19.60 14.46
CA THR C 259 -5.57 18.45 13.96
C THR C 259 -4.91 18.72 12.61
N TRP C 260 -4.75 19.99 12.27
CA TRP C 260 -4.14 20.38 11.00
C TRP C 260 -2.72 19.82 10.89
N SER C 261 -2.36 19.40 9.68
CA SER C 261 -1.04 18.87 9.35
C SER C 261 -0.64 17.74 10.28
N TRP C 262 -1.37 16.63 10.15
CA TRP C 262 -1.11 15.42 10.92
C TRP C 262 -1.08 15.70 12.42
N THR C 263 -2.18 16.27 12.92
CA THR C 263 -2.43 16.57 14.33
C THR C 263 -1.44 17.59 14.92
N LEU C 264 -0.72 18.34 14.10
CA LEU C 264 0.08 19.43 14.65
C LEU C 264 -0.80 20.55 15.17
N GLY C 265 -1.95 20.78 14.54
CA GLY C 265 -2.87 21.83 14.95
C GLY C 265 -2.47 23.19 14.40
N ALA C 266 -3.43 24.07 14.18
CA ALA C 266 -3.12 25.40 13.67
C ALA C 266 -4.31 26.31 13.91
N VAL C 267 -4.04 27.61 13.84
CA VAL C 267 -5.06 28.65 13.86
C VAL C 267 -4.75 29.61 12.73
N GLU C 268 -5.77 30.01 11.99
CA GLU C 268 -5.59 30.90 10.84
C GLU C 268 -6.47 32.13 11.00
N ILE C 269 -5.98 33.26 10.48
CA ILE C 269 -6.74 34.49 10.41
C ILE C 269 -7.12 34.72 8.95
N LEU C 270 -8.38 35.07 8.70
CA LEU C 270 -8.88 35.21 7.35
C LEU C 270 -9.57 36.55 7.18
N ASP C 271 -9.63 37.01 5.93
CA ASP C 271 -10.52 38.11 5.61
C ASP C 271 -11.92 37.54 5.38
N SER C 272 -12.90 38.43 5.16
CA SER C 272 -14.29 37.98 5.01
C SER C 272 -14.48 37.04 3.82
N TYR C 273 -13.57 37.06 2.84
CA TYR C 273 -13.63 36.20 1.68
C TYR C 273 -12.81 34.92 1.84
N TYR C 274 -12.45 34.57 3.07
CA TYR C 274 -11.79 33.31 3.43
C TYR C 274 -10.36 33.21 2.91
N GLN C 275 -9.76 34.33 2.51
CA GLN C 275 -8.36 34.31 2.11
C GLN C 275 -7.47 34.36 3.35
N ARG C 276 -6.46 33.50 3.40
CA ARG C 276 -5.61 33.39 4.57
C ARG C 276 -4.71 34.61 4.69
N LEU C 277 -4.75 35.26 5.86
CA LEU C 277 -3.85 36.36 6.18
C LEU C 277 -2.65 35.92 6.99
N HIS C 278 -2.86 35.06 7.99
CA HIS C 278 -1.77 34.52 8.79
C HIS C 278 -2.17 33.15 9.29
N ARG C 279 -1.15 32.35 9.61
CA ARG C 279 -1.36 31.02 10.17
C ARG C 279 -0.42 30.83 11.35
N LEU C 280 -0.97 30.36 12.47
CA LEU C 280 -0.19 30.04 13.66
C LEU C 280 -0.18 28.52 13.81
N ARG C 281 1.01 27.94 13.75
CA ARG C 281 1.17 26.50 13.80
C ARG C 281 1.24 26.01 15.24
N GLY C 282 0.71 24.81 15.46
CA GLY C 282 0.83 24.18 16.76
C GLY C 282 2.27 23.89 17.12
N GLU C 283 2.47 23.58 18.40
CA GLU C 283 3.80 23.35 18.95
C GLU C 283 4.09 21.88 19.18
N GLN C 284 3.05 21.08 19.45
CA GLN C 284 3.24 19.70 19.83
C GLN C 284 2.07 18.88 19.29
N MET C 285 2.39 17.80 18.59
CA MET C 285 1.35 16.98 17.99
C MET C 285 0.43 16.40 19.06
N ALA C 286 -0.86 16.42 18.76
CA ALA C 286 -1.98 15.93 19.57
C ALA C 286 -2.29 16.81 20.78
N SER C 287 -1.68 17.98 20.90
CA SER C 287 -2.04 18.91 21.97
C SER C 287 -3.37 19.62 21.73
N TYR C 288 -3.99 19.39 20.56
CA TYR C 288 -5.23 20.05 20.17
C TYR C 288 -5.10 21.57 20.16
N PHE C 289 -3.97 22.05 19.65
CA PHE C 289 -3.74 23.48 19.42
C PHE C 289 -4.82 24.02 18.50
N GLY C 290 -5.66 24.91 19.01
CA GLY C 290 -6.80 25.40 18.27
C GLY C 290 -8.13 24.86 18.75
N HIS C 291 -8.14 24.13 19.86
CA HIS C 291 -9.40 23.68 20.46
C HIS C 291 -10.29 24.87 20.79
N SER C 292 -9.70 25.95 21.30
CA SER C 292 -10.44 27.16 21.60
C SER C 292 -9.61 28.36 21.20
N VAL C 293 -10.29 29.43 20.78
CA VAL C 293 -9.65 30.67 20.38
C VAL C 293 -10.40 31.82 21.03
N ALA C 294 -9.68 32.91 21.27
CA ALA C 294 -10.27 34.08 21.91
C ALA C 294 -9.63 35.34 21.37
N VAL C 295 -10.43 36.40 21.22
CA VAL C 295 -9.97 37.67 20.66
C VAL C 295 -10.35 38.77 21.62
N THR C 296 -9.34 39.54 22.08
CA THR C 296 -9.57 40.69 22.94
C THR C 296 -8.27 41.48 23.05
N ASP C 297 -8.40 42.80 23.18
CA ASP C 297 -7.24 43.65 23.40
C ASP C 297 -6.88 43.59 24.88
N VAL C 298 -5.77 42.94 25.19
CA VAL C 298 -5.39 42.74 26.58
C VAL C 298 -4.43 43.83 27.09
N ASN C 299 -3.64 44.44 26.20
CA ASN C 299 -2.62 45.38 26.64
C ASN C 299 -3.00 46.84 26.35
N GLY C 300 -4.29 47.13 26.25
CA GLY C 300 -4.77 48.50 26.11
C GLY C 300 -4.17 49.31 24.98
N ASP C 301 -3.71 48.63 23.93
CA ASP C 301 -3.15 49.31 22.76
C ASP C 301 -4.20 49.59 21.69
N GLY C 302 -5.45 49.21 21.92
CA GLY C 302 -6.50 49.36 20.95
C GLY C 302 -6.52 48.32 19.85
N ARG C 303 -5.56 47.39 19.83
CA ARG C 303 -5.50 46.35 18.82
C ARG C 303 -5.84 45.02 19.44
N HIS C 304 -6.70 44.25 18.75
CA HIS C 304 -7.10 42.94 19.24
C HIS C 304 -5.90 42.01 19.33
N ASP C 305 -5.90 41.17 20.37
CA ASP C 305 -4.88 40.17 20.56
C ASP C 305 -5.51 38.78 20.51
N LEU C 306 -4.70 37.77 20.21
CA LEU C 306 -5.19 36.43 19.98
C LEU C 306 -4.73 35.48 21.08
N LEU C 307 -5.66 34.68 21.59
CA LEU C 307 -5.38 33.65 22.57
C LEU C 307 -5.75 32.29 21.99
N VAL C 308 -4.85 31.32 22.09
CA VAL C 308 -5.07 29.99 21.55
C VAL C 308 -4.87 28.97 22.66
N GLY C 309 -5.78 28.02 22.77
CA GLY C 309 -5.70 26.97 23.77
C GLY C 309 -5.29 25.64 23.15
N ALA C 310 -4.39 24.93 23.84
CA ALA C 310 -3.99 23.58 23.48
C ALA C 310 -4.15 22.72 24.72
N PRO C 311 -5.37 22.24 24.99
CA PRO C 311 -5.66 21.63 26.29
C PRO C 311 -4.96 20.31 26.55
N LEU C 312 -4.32 19.71 25.55
CA LEU C 312 -3.63 18.43 25.74
C LEU C 312 -2.12 18.56 25.61
N TYR C 313 -1.57 19.77 25.74
CA TYR C 313 -0.13 19.94 25.65
C TYR C 313 0.55 19.24 26.81
N MET C 314 1.56 18.44 26.50
CA MET C 314 2.34 17.76 27.52
C MET C 314 3.60 18.55 27.83
N GLU C 315 3.83 18.80 29.11
CA GLU C 315 4.94 19.64 29.55
C GLU C 315 6.14 18.78 29.92
N SER C 316 7.33 19.31 29.63
CA SER C 316 8.56 18.59 29.97
C SER C 316 8.76 18.57 31.47
N ARG C 317 9.16 17.40 31.99
CA ARG C 317 9.46 17.25 33.40
C ARG C 317 10.75 16.46 33.54
N ALA C 318 11.28 16.43 34.76
CA ALA C 318 12.60 15.85 35.00
C ALA C 318 12.65 14.40 34.55
N ASP C 319 13.86 13.93 34.24
CA ASP C 319 14.10 12.56 33.78
C ASP C 319 13.40 12.29 32.45
N ARG C 320 13.39 13.30 31.57
CA ARG C 320 12.82 13.19 30.24
C ARG C 320 11.37 12.69 30.29
N LYS C 321 10.60 13.23 31.22
CA LYS C 321 9.20 12.89 31.38
C LYS C 321 8.30 13.96 30.77
N LEU C 322 7.06 13.58 30.50
CA LEU C 322 6.06 14.47 29.96
C LEU C 322 4.80 14.37 30.81
N ALA C 323 4.07 15.48 30.92
CA ALA C 323 2.86 15.55 31.74
C ALA C 323 1.82 16.37 31.01
N GLU C 324 0.68 15.74 30.68
CA GLU C 324 -0.40 16.45 30.01
C GLU C 324 -1.05 17.43 30.98
N VAL C 325 -1.00 18.72 30.64
CA VAL C 325 -1.53 19.76 31.53
C VAL C 325 -2.32 20.79 30.73
N GLY C 326 -1.95 20.98 29.47
CA GLY C 326 -2.54 22.00 28.65
C GLY C 326 -1.76 23.30 28.70
N ARG C 327 -1.94 24.11 27.66
CA ARG C 327 -1.21 25.37 27.54
C ARG C 327 -2.04 26.38 26.76
N VAL C 328 -1.89 27.65 27.12
CA VAL C 328 -2.52 28.76 26.43
C VAL C 328 -1.41 29.64 25.85
N TYR C 329 -1.63 30.11 24.62
CA TYR C 329 -0.68 30.96 23.91
C TYR C 329 -1.29 32.34 23.71
N LEU C 330 -0.47 33.38 23.90
CA LEU C 330 -0.90 34.76 23.72
C LEU C 330 -0.10 35.40 22.60
N PHE C 331 -0.81 35.91 21.58
CA PHE C 331 -0.20 36.62 20.47
C PHE C 331 -0.71 38.06 20.48
N LEU C 332 0.21 39.01 20.58
CA LEU C 332 -0.13 40.43 20.53
C LEU C 332 -0.03 40.94 19.10
N GLN C 333 -1.03 41.73 18.69
CA GLN C 333 -1.02 42.31 17.35
C GLN C 333 -0.01 43.46 17.29
N PRO C 334 0.99 43.38 16.43
CA PRO C 334 1.98 44.45 16.35
C PRO C 334 1.43 45.70 15.66
N ARG C 335 2.23 46.75 15.68
CA ARG C 335 1.87 47.99 15.00
C ARG C 335 1.85 47.78 13.49
N GLY C 336 0.74 48.13 12.86
CA GLY C 336 0.63 48.12 11.42
C GLY C 336 0.28 46.76 10.84
N PRO C 337 0.69 46.53 9.60
CA PRO C 337 0.29 45.31 8.88
C PRO C 337 1.16 44.08 9.13
N HIS C 338 2.01 44.10 10.16
CA HIS C 338 2.98 43.04 10.33
C HIS C 338 2.31 41.74 10.76
N ALA C 339 2.94 40.63 10.40
CA ALA C 339 2.43 39.31 10.78
C ALA C 339 2.58 39.10 12.28
N LEU C 340 1.70 38.28 12.83
CA LEU C 340 1.74 37.99 14.26
C LEU C 340 2.93 37.06 14.54
N GLY C 341 3.86 37.53 15.36
CA GLY C 341 5.11 36.82 15.58
C GLY C 341 5.00 35.67 16.56
N ALA C 342 6.10 35.43 17.27
CA ALA C 342 6.13 34.42 18.31
C ALA C 342 5.17 34.80 19.44
N PRO C 343 4.72 33.82 20.23
CA PRO C 343 3.81 34.15 21.33
C PRO C 343 4.46 35.11 22.31
N SER C 344 3.67 36.08 22.78
CA SER C 344 4.18 37.02 23.77
C SER C 344 4.28 36.38 25.15
N LEU C 345 3.46 35.37 25.42
CA LEU C 345 3.39 34.74 26.74
C LEU C 345 2.86 33.32 26.57
N LEU C 346 3.34 32.41 27.43
CA LEU C 346 2.88 31.03 27.46
C LEU C 346 2.36 30.72 28.86
N LEU C 347 1.07 30.44 28.96
CA LEU C 347 0.46 29.97 30.20
C LEU C 347 0.29 28.46 30.12
N THR C 348 0.73 27.76 31.17
CA THR C 348 0.75 26.30 31.20
C THR C 348 0.07 25.80 32.46
N GLY C 349 -0.75 24.75 32.30
CA GLY C 349 -1.40 24.13 33.43
C GLY C 349 -0.43 23.41 34.34
N THR C 350 -0.96 22.99 35.50
CA THR C 350 -0.11 22.35 36.50
C THR C 350 -0.69 20.99 36.90
N GLN C 351 -2.01 20.86 36.80
CA GLN C 351 -2.68 19.63 37.21
C GLN C 351 -2.71 18.64 36.05
N LEU C 352 -2.31 17.40 36.33
CA LEU C 352 -2.30 16.36 35.32
C LEU C 352 -3.72 16.12 34.79
N TYR C 353 -3.83 15.99 33.47
CA TYR C 353 -5.09 15.78 32.76
C TYR C 353 -6.09 16.91 32.99
N GLY C 354 -5.65 18.05 33.53
CA GLY C 354 -6.57 19.11 33.87
C GLY C 354 -7.18 19.80 32.66
N ARG C 355 -6.53 19.69 31.51
CA ARG C 355 -6.98 20.29 30.26
C ARG C 355 -7.06 21.81 30.37
N PHE C 356 -6.01 22.40 30.92
CA PHE C 356 -5.86 23.85 30.93
C PHE C 356 -5.89 24.39 29.51
N GLY C 357 -6.81 25.30 29.26
CA GLY C 357 -6.98 25.88 27.94
C GLY C 357 -8.16 25.34 27.15
N SER C 358 -8.99 24.50 27.77
CA SER C 358 -10.16 23.98 27.07
CA SER C 358 -10.16 23.98 27.07
C SER C 358 -11.11 25.12 26.67
N ALA C 359 -11.13 26.20 27.43
CA ALA C 359 -11.95 27.36 27.11
C ALA C 359 -11.20 28.60 27.54
N ILE C 360 -11.41 29.70 26.80
CA ILE C 360 -10.76 30.97 27.08
C ILE C 360 -11.80 32.07 26.88
N ALA C 361 -12.11 32.81 27.95
CA ALA C 361 -13.20 33.78 27.92
C ALA C 361 -12.67 35.19 28.13
N PRO C 362 -12.92 36.12 27.22
CA PRO C 362 -12.68 37.53 27.52
C PRO C 362 -13.65 38.02 28.58
N LEU C 363 -13.13 38.75 29.57
CA LEU C 363 -13.93 39.25 30.67
C LEU C 363 -14.23 40.73 30.59
N GLY C 364 -13.71 41.43 29.58
CA GLY C 364 -13.69 42.87 29.68
C GLY C 364 -12.70 43.28 30.75
N ASP C 365 -12.78 44.53 31.18
CA ASP C 365 -11.91 45.03 32.24
C ASP C 365 -12.57 44.70 33.58
N LEU C 366 -12.01 43.71 34.28
CA LEU C 366 -12.64 43.20 35.50
C LEU C 366 -12.46 44.16 36.67
N ASP C 367 -11.26 44.71 36.83
CA ASP C 367 -10.96 45.61 37.93
C ASP C 367 -11.03 47.08 37.53
N ARG C 368 -11.36 47.38 36.28
CA ARG C 368 -11.45 48.74 35.76
C ARG C 368 -10.14 49.50 36.02
N ASP C 369 -9.05 48.92 35.51
CA ASP C 369 -7.73 49.54 35.60
C ASP C 369 -7.21 49.99 34.24
N GLY C 370 -7.96 49.74 33.16
CA GLY C 370 -7.58 50.16 31.83
C GLY C 370 -7.23 49.02 30.89
N TYR C 371 -7.13 47.79 31.38
CA TYR C 371 -6.72 46.65 30.57
C TYR C 371 -7.74 45.53 30.68
N ASN C 372 -8.17 45.01 29.53
CA ASN C 372 -9.10 43.90 29.52
C ASN C 372 -8.44 42.63 30.05
N ASP C 373 -9.27 41.73 30.57
CA ASP C 373 -8.81 40.55 31.30
C ASP C 373 -9.48 39.31 30.72
N ILE C 374 -8.97 38.14 31.09
CA ILE C 374 -9.43 36.87 30.53
C ILE C 374 -9.60 35.85 31.66
N ALA C 375 -10.27 34.76 31.31
CA ALA C 375 -10.43 33.59 32.18
C ALA C 375 -10.11 32.35 31.36
N VAL C 376 -9.27 31.48 31.92
CA VAL C 376 -8.91 30.22 31.30
C VAL C 376 -9.46 29.09 32.15
N ALA C 377 -10.02 28.08 31.49
CA ALA C 377 -10.63 26.96 32.18
C ALA C 377 -9.74 25.72 32.12
N ALA C 378 -9.71 24.97 33.22
CA ALA C 378 -9.12 23.63 33.29
C ALA C 378 -10.21 22.72 33.84
N PRO C 379 -11.07 22.18 32.96
CA PRO C 379 -12.29 21.50 33.45
C PRO C 379 -12.02 20.29 34.33
N TYR C 380 -10.80 19.79 34.39
CA TYR C 380 -10.47 18.71 35.31
C TYR C 380 -9.25 19.06 36.15
N GLY C 381 -8.98 20.36 36.33
CA GLY C 381 -7.86 20.83 37.10
C GLY C 381 -8.23 21.14 38.54
N GLY C 382 -7.39 21.94 39.18
CA GLY C 382 -7.47 22.14 40.60
C GLY C 382 -6.76 21.01 41.30
N PRO C 383 -6.40 21.21 42.57
CA PRO C 383 -5.73 20.13 43.31
C PRO C 383 -6.59 18.90 43.49
N SER C 384 -7.92 19.03 43.33
CA SER C 384 -8.85 17.92 43.47
C SER C 384 -9.29 17.33 42.13
N GLY C 385 -8.88 17.93 41.01
CA GLY C 385 -9.36 17.48 39.72
C GLY C 385 -10.81 17.75 39.43
N ARG C 386 -11.49 18.55 40.26
CA ARG C 386 -12.91 18.81 40.04
C ARG C 386 -13.16 19.93 39.04
N GLY C 387 -12.13 20.67 38.62
CA GLY C 387 -12.34 21.78 37.71
C GLY C 387 -11.96 23.11 38.30
N GLN C 388 -11.37 24.00 37.49
CA GLN C 388 -10.82 25.24 38.02
C GLN C 388 -10.79 26.28 36.91
N VAL C 389 -11.25 27.48 37.22
CA VAL C 389 -11.16 28.63 36.33
C VAL C 389 -10.14 29.59 36.89
N LEU C 390 -9.26 30.10 36.03
CA LEU C 390 -8.16 30.97 36.45
C LEU C 390 -8.29 32.30 35.73
N VAL C 391 -8.27 33.39 36.51
CA VAL C 391 -8.41 34.73 35.96
C VAL C 391 -7.03 35.33 35.75
N PHE C 392 -6.81 35.93 34.58
CA PHE C 392 -5.56 36.60 34.26
C PHE C 392 -5.87 38.04 33.87
N LEU C 393 -5.35 38.99 34.63
CA LEU C 393 -5.59 40.41 34.37
C LEU C 393 -4.63 40.92 33.31
N GLY C 394 -5.12 41.86 32.50
CA GLY C 394 -4.30 42.44 31.46
C GLY C 394 -3.30 43.45 32.01
N GLN C 395 -2.27 43.72 31.20
CA GLN C 395 -1.24 44.68 31.55
C GLN C 395 -0.67 45.26 30.26
N SER C 396 0.14 46.32 30.41
CA SER C 396 0.69 46.98 29.23
C SER C 396 1.61 46.05 28.43
N GLU C 397 2.23 45.09 29.09
CA GLU C 397 3.12 44.15 28.42
C GLU C 397 2.43 42.87 27.99
N GLY C 398 1.11 42.78 28.17
CA GLY C 398 0.38 41.59 27.78
C GLY C 398 -0.56 41.09 28.86
N LEU C 399 -0.20 39.99 29.51
CA LEU C 399 -0.95 39.46 30.63
C LEU C 399 0.01 39.13 31.76
N ARG C 400 -0.54 39.03 32.96
CA ARG C 400 0.23 38.56 34.10
C ARG C 400 0.54 37.08 33.91
N SER C 401 1.77 36.70 34.29
CA SER C 401 2.17 35.30 34.16
C SER C 401 1.41 34.43 35.15
N ARG C 402 0.94 35.01 36.25
CA ARG C 402 0.28 34.28 37.30
C ARG C 402 -1.17 34.77 37.46
N PRO C 403 -2.08 33.89 37.85
CA PRO C 403 -3.49 34.29 37.95
C PRO C 403 -3.77 35.10 39.19
N SER C 404 -4.59 36.14 39.03
CA SER C 404 -4.98 36.97 40.16
C SER C 404 -6.00 36.27 41.04
N GLN C 405 -6.84 35.42 40.45
CA GLN C 405 -7.89 34.73 41.16
C GLN C 405 -8.02 33.32 40.60
N VAL C 406 -8.54 32.43 41.43
CA VAL C 406 -8.80 31.05 41.04
C VAL C 406 -10.20 30.68 41.51
N LEU C 407 -10.98 30.06 40.63
CA LEU C 407 -12.35 29.66 40.91
C LEU C 407 -12.42 28.14 40.86
N ASP C 408 -12.39 27.52 42.03
CA ASP C 408 -12.51 26.07 42.10
C ASP C 408 -13.97 25.66 41.95
N SER C 409 -14.18 24.55 41.26
CA SER C 409 -15.54 24.06 41.00
C SER C 409 -16.30 23.87 42.32
N PRO C 410 -17.48 24.44 42.46
CA PRO C 410 -18.35 24.13 43.60
C PRO C 410 -19.15 22.84 43.45
N PHE C 411 -18.89 22.08 42.39
CA PHE C 411 -19.68 20.92 42.02
C PHE C 411 -18.92 19.64 42.34
N PRO C 412 -19.57 18.47 42.24
CA PRO C 412 -18.86 17.21 42.48
C PRO C 412 -17.94 16.85 41.31
N THR C 413 -17.14 15.82 41.53
CA THR C 413 -16.19 15.36 40.52
C THR C 413 -16.96 14.92 39.27
N GLY C 414 -16.44 15.30 38.10
CA GLY C 414 -17.03 14.95 36.84
C GLY C 414 -17.92 16.02 36.22
N SER C 415 -18.04 17.19 36.85
CA SER C 415 -18.94 18.21 36.34
C SER C 415 -18.41 18.85 35.05
N ALA C 416 -17.12 18.73 34.78
CA ALA C 416 -16.48 19.45 33.67
C ALA C 416 -16.67 20.95 33.80
N PHE C 417 -16.69 21.42 35.04
CA PHE C 417 -16.77 22.84 35.36
C PHE C 417 -15.74 23.63 34.57
N GLY C 418 -16.21 24.62 33.80
CA GLY C 418 -15.33 25.41 32.98
C GLY C 418 -15.31 25.04 31.51
N PHE C 419 -15.88 23.89 31.14
CA PHE C 419 -15.90 23.49 29.74
C PHE C 419 -16.46 24.60 28.85
N SER C 420 -17.42 25.36 29.35
CA SER C 420 -17.96 26.54 28.67
C SER C 420 -17.83 27.74 29.58
N LEU C 421 -17.50 28.89 28.98
CA LEU C 421 -17.27 30.13 29.71
C LEU C 421 -17.84 31.29 28.92
N ARG C 422 -18.20 32.37 29.62
CA ARG C 422 -18.65 33.59 28.97
C ARG C 422 -18.64 34.71 29.99
N GLY C 423 -17.98 35.81 29.64
CA GLY C 423 -17.93 36.98 30.51
C GLY C 423 -18.14 38.27 29.75
N ALA C 424 -17.60 39.35 30.29
CA ALA C 424 -17.59 40.69 29.70
C ALA C 424 -18.98 41.33 29.64
N VAL C 425 -19.92 40.89 30.46
CA VAL C 425 -21.28 41.44 30.48
C VAL C 425 -21.71 41.61 31.93
N ASP C 426 -22.12 42.84 32.28
CA ASP C 426 -22.61 43.15 33.62
C ASP C 426 -24.07 42.75 33.70
N ILE C 427 -24.33 41.58 34.30
CA ILE C 427 -25.69 41.05 34.36
C ILE C 427 -26.49 41.62 35.53
N ASP C 428 -25.83 42.11 36.57
CA ASP C 428 -26.52 42.65 37.74
C ASP C 428 -26.62 44.17 37.72
N ASP C 429 -26.12 44.81 36.67
CA ASP C 429 -26.16 46.27 36.51
C ASP C 429 -25.39 46.98 37.61
N ASN C 430 -24.37 46.33 38.18
CA ASN C 430 -23.51 46.98 39.17
C ASN C 430 -22.32 47.69 38.53
N GLY C 431 -22.29 47.78 37.20
CA GLY C 431 -21.22 48.46 36.50
C GLY C 431 -19.95 47.66 36.35
N TYR C 432 -19.97 46.36 36.67
CA TYR C 432 -18.80 45.50 36.61
C TYR C 432 -19.12 44.23 35.82
N PRO C 433 -18.23 43.83 34.91
CA PRO C 433 -18.52 42.66 34.06
C PRO C 433 -18.43 41.35 34.83
N ASP C 434 -19.38 40.47 34.57
CA ASP C 434 -19.56 39.23 35.32
C ASP C 434 -19.20 38.03 34.46
N LEU C 435 -19.18 36.86 35.09
CA LEU C 435 -18.72 35.64 34.46
C LEU C 435 -19.70 34.51 34.73
N ILE C 436 -20.13 33.82 33.67
CA ILE C 436 -20.94 32.61 33.79
C ILE C 436 -20.08 31.42 33.40
N VAL C 437 -20.23 30.32 34.15
CA VAL C 437 -19.44 29.11 33.96
C VAL C 437 -20.40 27.93 33.82
N GLY C 438 -20.17 27.09 32.80
CA GLY C 438 -20.97 25.91 32.60
C GLY C 438 -20.34 24.68 33.23
N ALA C 439 -21.21 23.72 33.60
CA ALA C 439 -20.76 22.44 34.16
C ALA C 439 -21.78 21.39 33.69
N TYR C 440 -21.66 21.00 32.42
CA TYR C 440 -22.67 20.13 31.82
C TYR C 440 -22.72 18.78 32.52
N GLY C 441 -21.61 18.36 33.13
CA GLY C 441 -21.60 17.11 33.87
C GLY C 441 -22.56 17.11 35.04
N ALA C 442 -22.76 18.26 35.67
CA ALA C 442 -23.73 18.39 36.74
C ALA C 442 -25.03 19.01 36.28
N ASN C 443 -25.15 19.35 34.99
CA ASN C 443 -26.34 19.98 34.43
C ASN C 443 -26.65 21.28 35.18
N GLN C 444 -25.62 22.09 35.40
CA GLN C 444 -25.77 23.34 36.13
C GLN C 444 -24.90 24.42 35.55
N VAL C 445 -25.26 25.67 35.86
CA VAL C 445 -24.50 26.85 35.48
C VAL C 445 -24.31 27.70 36.72
N ALA C 446 -23.06 28.05 37.01
CA ALA C 446 -22.73 28.97 38.10
C ALA C 446 -22.44 30.35 37.53
N VAL C 447 -22.89 31.38 38.24
CA VAL C 447 -22.66 32.77 37.86
C VAL C 447 -21.79 33.43 38.92
N TYR C 448 -20.78 34.17 38.48
CA TYR C 448 -19.89 34.90 39.36
C TYR C 448 -20.06 36.39 39.11
N ARG C 449 -20.28 37.15 40.19
CA ARG C 449 -20.51 38.58 40.09
C ARG C 449 -19.25 39.34 40.47
N ALA C 450 -18.81 40.24 39.58
CA ALA C 450 -17.67 41.08 39.88
C ALA C 450 -18.04 42.10 40.95
N GLN C 451 -17.23 42.18 41.99
CA GLN C 451 -17.49 43.09 43.09
C GLN C 451 -16.75 44.40 42.88
N PRO C 452 -17.29 45.50 43.42
CA PRO C 452 -16.65 46.80 43.26
C PRO C 452 -15.24 46.82 43.83
N VAL C 453 -14.43 47.72 43.29
CA VAL C 453 -13.05 47.89 43.73
C VAL C 453 -12.91 49.22 44.47
N GLY D 1 47.60 20.92 63.18
CA GLY D 1 47.20 21.60 64.40
C GLY D 1 45.81 22.22 64.33
N PRO D 2 45.67 23.30 63.59
CA PRO D 2 44.34 23.94 63.45
C PRO D 2 43.60 23.46 62.20
N ASN D 3 42.28 23.57 62.25
CA ASN D 3 41.39 23.19 61.16
C ASN D 3 39.97 23.64 61.48
N ILE D 4 39.04 23.37 60.55
CA ILE D 4 37.65 23.76 60.76
C ILE D 4 37.04 23.03 61.95
N CYS D 5 37.53 21.82 62.25
CA CYS D 5 36.96 21.05 63.36
C CYS D 5 37.15 21.78 64.69
N THR D 6 38.32 22.38 64.90
CA THR D 6 38.57 23.11 66.14
C THR D 6 38.03 24.53 66.07
N THR D 7 38.34 25.25 65.00
CA THR D 7 38.04 26.67 64.92
C THR D 7 36.54 26.97 64.90
N ARG D 8 35.71 25.98 64.59
CA ARG D 8 34.26 26.22 64.60
C ARG D 8 33.76 26.55 66.00
N GLY D 9 34.35 25.94 67.02
CA GLY D 9 33.88 26.11 68.38
C GLY D 9 32.59 25.36 68.63
N VAL D 10 32.63 24.04 68.47
CA VAL D 10 31.42 23.23 68.55
C VAL D 10 31.01 23.06 70.01
N SER D 11 29.70 22.93 70.23
CA SER D 11 29.15 22.78 71.57
C SER D 11 28.84 21.33 71.93
N SER D 12 28.69 20.45 70.94
CA SER D 12 28.27 19.08 71.19
C SER D 12 28.97 18.15 70.22
N CYS D 13 28.99 16.86 70.58
CA CYS D 13 29.51 15.84 69.68
C CYS D 13 28.69 15.79 68.39
N GLN D 14 27.37 15.93 68.50
CA GLN D 14 26.52 16.00 67.32
C GLN D 14 26.91 17.18 66.45
N GLN D 15 27.25 18.31 67.06
CA GLN D 15 27.66 19.48 66.29
C GLN D 15 29.02 19.27 65.64
N CYS D 16 29.90 18.50 66.27
CA CYS D 16 31.24 18.30 65.75
C CYS D 16 31.22 17.51 64.44
N LEU D 17 30.48 16.39 64.42
CA LEU D 17 30.38 15.61 63.19
C LEU D 17 29.73 16.40 62.07
N ALA D 18 28.82 17.32 62.41
CA ALA D 18 28.13 18.12 61.41
C ALA D 18 29.02 19.18 60.77
N VAL D 19 30.23 19.38 61.29
CA VAL D 19 31.15 20.33 60.67
C VAL D 19 31.69 19.77 59.36
N SER D 20 32.11 18.51 59.37
CA SER D 20 32.67 17.85 58.20
C SER D 20 32.82 16.36 58.49
N PRO D 21 32.77 15.50 57.48
CA PRO D 21 33.09 14.08 57.71
C PRO D 21 34.52 13.87 58.19
N MET D 22 35.36 14.90 58.07
CA MET D 22 36.75 14.88 58.51
C MET D 22 36.91 14.91 60.02
N CYS D 23 35.92 15.44 60.75
CA CYS D 23 36.06 15.71 62.18
C CYS D 23 35.70 14.50 63.02
N ALA D 24 36.38 14.38 64.17
CA ALA D 24 36.10 13.36 65.18
C ALA D 24 35.91 14.05 66.52
N TRP D 25 35.43 13.29 67.50
CA TRP D 25 35.12 13.83 68.81
C TRP D 25 35.74 12.97 69.90
N CYS D 26 36.22 13.64 70.95
CA CYS D 26 36.76 12.99 72.13
C CYS D 26 35.79 13.20 73.28
N SER D 27 35.17 12.11 73.75
CA SER D 27 34.25 12.16 74.88
C SER D 27 34.94 11.96 76.22
N ASP D 28 36.26 11.75 76.22
CA ASP D 28 36.97 11.40 77.43
C ASP D 28 36.85 12.49 78.49
N GLU D 29 36.42 12.10 79.69
CA GLU D 29 36.30 13.06 80.79
C GLU D 29 37.67 13.56 81.24
N ALA D 30 38.66 12.67 81.31
CA ALA D 30 40.02 13.00 81.72
C ALA D 30 40.82 13.61 80.57
N LEU D 31 40.27 14.64 79.93
CA LEU D 31 40.97 15.36 78.87
C LEU D 31 41.52 16.67 79.41
N PRO D 32 42.75 17.04 79.03
CA PRO D 32 43.27 18.36 79.42
C PRO D 32 42.33 19.47 78.98
N LEU D 33 42.15 20.47 79.85
CA LEU D 33 41.28 21.58 79.53
C LEU D 33 41.78 22.33 78.30
N GLY D 34 43.08 22.67 78.28
CA GLY D 34 43.68 23.28 77.12
C GLY D 34 43.75 22.33 75.95
N SER D 35 42.59 21.93 75.42
CA SER D 35 42.53 20.94 74.37
C SER D 35 41.15 20.97 73.72
N PRO D 36 41.07 20.90 72.40
CA PRO D 36 39.75 20.83 71.73
C PRO D 36 39.23 19.41 71.67
N ARG D 37 37.93 19.27 71.87
CA ARG D 37 37.27 17.98 71.79
C ARG D 37 36.86 17.62 70.37
N CYS D 38 37.03 18.54 69.42
CA CYS D 38 36.62 18.33 68.04
C CYS D 38 37.81 18.66 67.13
N ASP D 39 38.51 17.61 66.68
CA ASP D 39 39.64 17.77 65.79
C ASP D 39 39.68 16.55 64.87
N LEU D 40 40.81 16.31 64.22
CA LEU D 40 41.01 15.10 63.45
C LEU D 40 41.38 13.95 64.38
N LYS D 41 41.08 12.73 63.95
CA LYS D 41 41.23 11.57 64.82
C LYS D 41 42.64 11.45 65.37
N GLU D 42 43.65 11.71 64.54
CA GLU D 42 45.03 11.63 65.00
C GLU D 42 45.31 12.68 66.06
N ASN D 43 44.90 13.93 65.81
CA ASN D 43 45.12 15.00 66.77
C ASN D 43 44.48 14.68 68.12
N LEU D 44 43.38 13.92 68.11
CA LEU D 44 42.80 13.46 69.37
C LEU D 44 43.68 12.39 70.00
N LEU D 45 44.05 11.37 69.22
CA LEU D 45 44.92 10.32 69.73
C LEU D 45 46.27 10.87 70.17
N LYS D 46 46.69 12.03 69.65
CA LYS D 46 47.88 12.69 70.14
C LYS D 46 47.74 13.00 71.62
N ASP D 47 46.72 13.78 71.98
CA ASP D 47 46.47 14.18 73.36
C ASP D 47 45.88 13.07 74.23
N ASN D 48 46.39 11.84 74.08
CA ASN D 48 46.06 10.71 74.97
C ASN D 48 44.56 10.43 75.04
N CYS D 49 43.78 10.96 74.09
CA CYS D 49 42.35 10.69 74.10
C CYS D 49 42.11 9.20 74.00
N ALA D 50 41.48 8.64 75.05
CA ALA D 50 41.20 7.22 75.17
C ALA D 50 40.61 6.70 73.86
N PRO D 51 41.32 5.81 73.16
CA PRO D 51 40.85 5.36 71.84
C PRO D 51 39.41 4.89 71.83
N GLU D 52 38.96 4.22 72.89
CA GLU D 52 37.56 3.78 72.94
C GLU D 52 36.61 4.96 73.13
N SER D 53 37.09 6.05 73.74
CA SER D 53 36.30 7.25 73.97
C SER D 53 36.32 8.21 72.79
N ILE D 54 36.62 7.72 71.59
CA ILE D 54 36.64 8.54 70.38
C ILE D 54 35.44 8.16 69.52
N GLU D 55 34.69 9.17 69.08
CA GLU D 55 33.55 8.96 68.21
C GLU D 55 33.91 9.46 66.81
N PHE D 56 33.92 8.56 65.85
CA PHE D 56 34.22 8.93 64.47
C PHE D 56 33.54 7.98 63.50
N PRO D 57 32.29 8.22 63.14
CA PRO D 57 31.61 7.32 62.20
C PRO D 57 32.16 7.45 60.79
N VAL D 58 32.15 6.33 60.06
CA VAL D 58 32.67 6.26 58.70
C VAL D 58 31.53 5.90 57.77
N SER D 59 31.31 6.73 56.76
CA SER D 59 30.32 6.42 55.75
C SER D 59 30.71 5.14 55.00
N GLU D 60 29.81 4.17 54.96
CA GLU D 60 30.13 2.87 54.42
C GLU D 60 28.97 2.32 53.62
N ALA D 61 29.28 1.39 52.72
CA ALA D 61 28.29 0.63 51.97
C ALA D 61 28.48 -0.86 52.29
N ARG D 62 27.36 -1.58 52.36
CA ARG D 62 27.42 -2.98 52.76
C ARG D 62 26.34 -3.75 52.02
N VAL D 63 26.71 -4.94 51.52
CA VAL D 63 25.80 -5.78 50.75
C VAL D 63 25.07 -6.74 51.68
N LEU D 64 23.75 -6.87 51.48
CA LEU D 64 22.93 -7.80 52.24
C LEU D 64 22.48 -8.98 51.39
N GLU D 65 21.87 -8.71 50.24
CA GLU D 65 21.46 -9.74 49.30
C GLU D 65 22.30 -9.60 48.05
N ASP D 66 22.87 -10.72 47.59
CA ASP D 66 23.80 -10.69 46.46
C ASP D 66 23.69 -12.00 45.68
N ARG D 67 22.48 -12.30 45.19
CA ARG D 67 22.29 -13.49 44.38
C ARG D 67 23.07 -13.33 43.06
N PRO D 68 23.56 -14.43 42.50
CA PRO D 68 24.28 -14.35 41.22
C PRO D 68 23.32 -14.02 40.08
N LEU D 69 23.84 -13.29 39.10
CA LEU D 69 23.08 -13.01 37.89
C LEU D 69 22.78 -14.30 37.16
N SER D 70 21.50 -14.56 36.91
CA SER D 70 21.10 -15.81 36.28
C SER D 70 21.66 -15.91 34.86
N ASP D 71 21.80 -17.16 34.40
CA ASP D 71 22.28 -17.44 33.06
C ASP D 71 21.16 -17.68 32.05
N LYS D 72 20.12 -18.41 32.46
CA LYS D 72 18.96 -18.68 31.61
C LYS D 72 17.72 -18.11 32.29
N GLY D 73 16.83 -17.54 31.50
CA GLY D 73 15.58 -17.04 32.01
C GLY D 73 14.45 -18.04 32.03
N SER D 74 14.74 -19.30 31.70
CA SER D 74 13.74 -20.37 31.67
C SER D 74 13.48 -20.89 33.08
N GLY D 75 12.67 -21.94 33.18
CA GLY D 75 12.39 -22.56 34.46
C GLY D 75 11.39 -21.80 35.32
N ASP D 76 11.82 -21.39 36.51
CA ASP D 76 10.96 -20.69 37.45
C ASP D 76 11.25 -19.19 37.41
N SER D 77 10.19 -18.40 37.41
CA SER D 77 10.33 -16.94 37.34
C SER D 77 10.90 -16.36 38.63
N SER D 78 10.57 -16.96 39.78
CA SER D 78 11.10 -16.48 41.05
C SER D 78 12.61 -16.64 41.15
N GLN D 79 13.19 -17.57 40.40
CA GLN D 79 14.62 -17.84 40.43
C GLN D 79 15.43 -16.93 39.51
N VAL D 80 14.79 -16.10 38.71
CA VAL D 80 15.49 -15.27 37.74
C VAL D 80 16.03 -14.02 38.42
N THR D 81 17.32 -13.77 38.25
CA THR D 81 18.00 -12.61 38.81
C THR D 81 18.60 -11.81 37.66
N GLN D 82 18.14 -10.57 37.52
CA GLN D 82 18.64 -9.67 36.48
C GLN D 82 19.46 -8.50 37.03
N VAL D 83 19.39 -8.26 38.33
CA VAL D 83 20.07 -7.14 38.98
C VAL D 83 20.94 -7.67 40.10
N SER D 84 22.15 -7.11 40.24
CA SER D 84 23.06 -7.52 41.30
C SER D 84 23.87 -6.33 41.75
N PRO D 85 23.97 -6.06 43.07
CA PRO D 85 23.25 -6.81 44.10
C PRO D 85 21.78 -6.37 44.20
N GLN D 86 21.02 -6.98 45.10
CA GLN D 86 19.60 -6.66 45.25
C GLN D 86 19.28 -5.83 46.47
N ARG D 87 20.15 -5.84 47.48
CA ARG D 87 19.88 -5.09 48.72
C ARG D 87 21.21 -4.72 49.34
N ILE D 88 21.44 -3.43 49.54
CA ILE D 88 22.65 -2.95 50.18
C ILE D 88 22.27 -2.04 51.34
N ALA D 89 23.16 -1.94 52.31
CA ALA D 89 23.00 -1.05 53.46
C ALA D 89 23.97 0.11 53.29
N LEU D 90 23.44 1.32 53.17
CA LEU D 90 24.24 2.52 52.98
C LEU D 90 24.20 3.35 54.26
N ARG D 91 25.36 3.78 54.72
CA ARG D 91 25.49 4.62 55.91
C ARG D 91 26.20 5.92 55.53
N LEU D 92 25.59 7.05 55.86
CA LEU D 92 26.14 8.35 55.53
C LEU D 92 26.08 9.25 56.75
N ARG D 93 27.20 9.85 57.10
CA ARG D 93 27.21 10.95 58.06
C ARG D 93 27.04 12.27 57.32
N PRO D 94 26.68 13.36 58.01
CA PRO D 94 26.28 14.59 57.31
C PRO D 94 27.29 15.04 56.27
N ASP D 95 26.78 15.42 55.10
CA ASP D 95 27.52 16.03 54.00
C ASP D 95 28.61 15.11 53.45
N ASP D 96 28.60 13.82 53.79
CA ASP D 96 29.53 12.86 53.23
C ASP D 96 28.86 12.11 52.08
N SER D 97 29.68 11.38 51.34
CA SER D 97 29.18 10.60 50.21
C SER D 97 29.93 9.28 50.14
N LYS D 98 29.17 8.20 50.02
CA LYS D 98 29.73 6.88 49.72
C LYS D 98 29.24 6.45 48.35
N ASN D 99 29.94 5.49 47.75
CA ASN D 99 29.60 5.03 46.42
C ASN D 99 29.48 3.51 46.40
N PHE D 100 28.68 3.02 45.45
CA PHE D 100 28.41 1.60 45.31
C PHE D 100 28.18 1.31 43.82
N SER D 101 27.91 0.04 43.51
CA SER D 101 27.80 -0.40 42.13
C SER D 101 26.57 -1.28 41.96
N ILE D 102 26.11 -1.36 40.71
CA ILE D 102 24.99 -2.23 40.35
C ILE D 102 25.30 -2.88 39.01
N GLN D 103 25.01 -4.17 38.91
CA GLN D 103 25.16 -4.93 37.68
C GLN D 103 23.79 -5.29 37.14
N VAL D 104 23.56 -5.06 35.85
CA VAL D 104 22.31 -5.37 35.17
C VAL D 104 22.62 -6.25 33.97
N ARG D 105 21.75 -7.23 33.71
CA ARG D 105 21.93 -8.16 32.62
C ARG D 105 20.62 -8.35 31.88
N GLN D 106 20.70 -8.39 30.55
CA GLN D 106 19.57 -8.81 29.72
C GLN D 106 19.63 -10.33 29.65
N VAL D 107 18.94 -10.98 30.58
CA VAL D 107 19.05 -12.43 30.74
C VAL D 107 18.54 -13.14 29.49
N GLU D 108 19.27 -14.17 29.09
CA GLU D 108 18.91 -14.98 27.94
C GLU D 108 17.75 -15.92 28.26
N ASP D 109 16.89 -16.13 27.26
CA ASP D 109 15.80 -17.11 27.31
C ASP D 109 14.72 -16.70 28.32
N TYR D 110 14.30 -15.43 28.24
CA TYR D 110 13.27 -14.86 29.10
C TYR D 110 11.90 -14.96 28.44
N PRO D 111 10.86 -15.35 29.17
CA PRO D 111 9.54 -15.53 28.55
C PRO D 111 9.06 -14.26 27.85
N VAL D 112 8.30 -14.45 26.76
CA VAL D 112 7.84 -13.35 25.93
C VAL D 112 6.36 -13.51 25.64
N ASP D 113 5.62 -12.41 25.76
CA ASP D 113 4.22 -12.32 25.36
C ASP D 113 4.11 -11.35 24.19
N ILE D 114 3.42 -11.77 23.13
CA ILE D 114 3.24 -10.95 21.93
C ILE D 114 1.76 -10.93 21.59
N TYR D 115 1.13 -9.77 21.75
CA TYR D 115 -0.27 -9.57 21.38
C TYR D 115 -0.33 -8.80 20.06
N TYR D 116 -0.99 -9.38 19.07
CA TYR D 116 -1.05 -8.83 17.72
C TYR D 116 -2.34 -8.03 17.56
N LEU D 117 -2.20 -6.70 17.57
CA LEU D 117 -3.34 -5.78 17.46
C LEU D 117 -3.38 -5.24 16.03
N MET D 118 -4.38 -5.65 15.27
CA MET D 118 -4.39 -5.48 13.82
C MET D 118 -5.52 -4.57 13.37
N ASP D 119 -5.17 -3.53 12.61
CA ASP D 119 -6.15 -2.75 11.87
C ASP D 119 -6.88 -3.66 10.91
N LEU D 120 -8.20 -3.73 11.04
CA LEU D 120 -9.02 -4.50 10.12
C LEU D 120 -10.03 -3.61 9.40
N SER D 121 -9.67 -2.36 9.12
CA SER D 121 -10.41 -1.56 8.17
C SER D 121 -10.16 -2.10 6.76
N TYR D 122 -10.70 -1.42 5.75
CA TYR D 122 -10.78 -2.01 4.42
C TYR D 122 -9.41 -2.19 3.77
N SER D 123 -8.44 -1.32 4.10
CA SER D 123 -7.14 -1.34 3.42
C SER D 123 -6.27 -2.55 3.79
N MET D 124 -6.69 -3.35 4.77
CA MET D 124 -5.89 -4.44 5.31
C MET D 124 -6.38 -5.81 4.85
N LYS D 125 -7.20 -5.85 3.79
CA LYS D 125 -7.69 -7.12 3.26
C LYS D 125 -6.54 -7.98 2.74
N ASP D 126 -5.62 -7.38 1.98
CA ASP D 126 -4.46 -8.12 1.50
C ASP D 126 -3.50 -8.44 2.63
N ASP D 127 -3.47 -7.62 3.68
CA ASP D 127 -2.63 -7.94 4.83
C ASP D 127 -3.05 -9.26 5.48
N LEU D 128 -4.36 -9.54 5.50
CA LEU D 128 -4.86 -10.76 6.12
C LEU D 128 -4.37 -12.01 5.42
N TRP D 129 -4.16 -11.95 4.09
CA TRP D 129 -3.66 -13.12 3.38
C TRP D 129 -2.21 -13.42 3.76
N SER D 130 -1.43 -12.39 4.06
CA SER D 130 0.00 -12.60 4.32
C SER D 130 0.29 -13.20 5.69
N ILE D 131 -0.70 -13.25 6.58
CA ILE D 131 -0.46 -13.70 7.95
C ILE D 131 -1.31 -14.91 8.30
N GLN D 132 -1.77 -15.67 7.30
CA GLN D 132 -2.64 -16.82 7.56
C GLN D 132 -1.96 -17.85 8.45
N ASN D 133 -0.65 -18.00 8.34
CA ASN D 133 0.12 -18.90 9.19
C ASN D 133 1.23 -18.14 9.92
N LEU D 134 0.94 -16.91 10.35
CA LEU D 134 1.94 -16.13 11.05
C LEU D 134 2.27 -16.74 12.41
N GLY D 135 1.27 -17.27 13.11
CA GLY D 135 1.50 -17.81 14.44
C GLY D 135 2.50 -18.95 14.44
N THR D 136 2.36 -19.87 13.50
CA THR D 136 3.31 -20.98 13.42
C THR D 136 4.70 -20.48 13.04
N LYS D 137 4.79 -19.57 12.08
CA LYS D 137 6.10 -19.10 11.62
C LYS D 137 6.75 -18.20 12.66
N LEU D 138 5.97 -17.32 13.30
CA LEU D 138 6.50 -16.47 14.35
C LEU D 138 7.03 -17.30 15.52
N ALA D 139 6.30 -18.34 15.91
CA ALA D 139 6.77 -19.22 16.97
C ALA D 139 8.09 -19.88 16.59
N THR D 140 8.27 -20.19 15.30
CA THR D 140 9.51 -20.85 14.87
C THR D 140 10.72 -19.94 15.09
N GLN D 141 10.60 -18.66 14.75
CA GLN D 141 11.72 -17.75 14.92
C GLN D 141 11.91 -17.32 16.36
N MET D 142 10.83 -17.23 17.14
CA MET D 142 10.95 -16.85 18.54
C MET D 142 11.40 -18.00 19.43
N ARG D 143 11.18 -19.26 19.00
CA ARG D 143 11.73 -20.39 19.75
C ARG D 143 13.26 -20.33 19.80
N LYS D 144 13.88 -19.75 18.78
CA LYS D 144 15.31 -19.47 18.82
C LYS D 144 15.67 -18.66 20.06
N LEU D 145 14.89 -17.61 20.32
CA LEU D 145 15.26 -16.68 21.38
C LEU D 145 14.75 -17.15 22.74
N THR D 146 13.55 -17.73 22.80
CA THR D 146 12.90 -18.03 24.07
C THR D 146 12.22 -19.39 24.01
N SER D 147 12.08 -20.01 25.19
CA SER D 147 11.36 -21.27 25.33
C SER D 147 9.96 -21.09 25.90
N ASN D 148 9.62 -19.90 26.40
CA ASN D 148 8.29 -19.60 26.94
C ASN D 148 7.67 -18.48 26.12
N LEU D 149 6.99 -18.84 25.03
CA LEU D 149 6.34 -17.87 24.16
C LEU D 149 4.83 -18.03 24.23
N ARG D 150 4.13 -16.90 24.30
CA ARG D 150 2.68 -16.84 24.23
C ARG D 150 2.27 -15.75 23.26
N ILE D 151 1.24 -16.03 22.44
CA ILE D 151 0.77 -15.08 21.45
C ILE D 151 -0.76 -15.01 21.49
N GLY D 152 -1.28 -13.84 21.09
CA GLY D 152 -2.71 -13.59 21.04
C GLY D 152 -3.02 -12.62 19.92
N PHE D 153 -4.31 -12.36 19.74
CA PHE D 153 -4.76 -11.55 18.60
C PHE D 153 -5.92 -10.66 18.99
N GLY D 154 -5.91 -9.45 18.44
CA GLY D 154 -7.03 -8.54 18.55
C GLY D 154 -7.12 -7.68 17.30
N ALA D 155 -8.29 -7.08 17.09
CA ALA D 155 -8.50 -6.29 15.88
C ALA D 155 -9.39 -5.10 16.18
N PHE D 156 -9.20 -4.03 15.38
CA PHE D 156 -9.92 -2.80 15.54
C PHE D 156 -10.26 -2.20 14.18
N VAL D 157 -11.24 -1.30 14.18
CA VAL D 157 -11.51 -0.47 13.02
C VAL D 157 -11.61 0.98 13.47
N ASP D 158 -12.76 1.37 14.00
CA ASP D 158 -13.03 2.73 14.47
C ASP D 158 -14.31 2.68 15.29
N LYS D 159 -14.71 3.83 15.82
CA LYS D 159 -15.89 3.89 16.69
C LYS D 159 -17.15 3.62 15.87
N PRO D 160 -17.93 2.58 16.17
CA PRO D 160 -19.09 2.26 15.32
C PRO D 160 -20.25 3.23 15.51
N VAL D 161 -20.11 4.46 15.02
CA VAL D 161 -21.13 5.49 15.19
C VAL D 161 -20.92 6.51 14.09
N SER D 162 -22.03 7.08 13.61
CA SER D 162 -21.93 8.16 12.63
C SER D 162 -21.12 9.31 13.22
N PRO D 163 -20.26 9.98 12.42
CA PRO D 163 -20.06 9.81 10.98
C PRO D 163 -18.98 8.80 10.57
N TYR D 164 -18.28 8.20 11.53
CA TYR D 164 -17.29 7.20 11.16
C TYR D 164 -17.93 6.01 10.48
N MET D 165 -19.15 5.68 10.85
CA MET D 165 -19.84 4.51 10.33
C MET D 165 -20.87 4.92 9.30
N TYR D 166 -20.99 4.12 8.25
CA TYR D 166 -22.11 4.27 7.31
C TYR D 166 -23.39 3.79 7.98
N ILE D 167 -24.42 4.64 7.99
CA ILE D 167 -25.65 4.34 8.71
C ILE D 167 -26.87 4.30 7.77
N SER D 168 -26.64 4.24 6.47
CA SER D 168 -27.72 4.10 5.49
C SER D 168 -27.15 3.51 4.22
N PRO D 169 -27.92 2.68 3.49
CA PRO D 169 -29.25 2.15 3.82
C PRO D 169 -29.20 1.16 4.98
N PRO D 170 -30.35 0.63 5.43
CA PRO D 170 -30.31 -0.38 6.49
C PRO D 170 -29.37 -1.53 6.19
N GLU D 171 -29.21 -1.88 4.92
CA GLU D 171 -28.28 -2.95 4.54
C GLU D 171 -26.84 -2.60 4.87
N ALA D 172 -26.49 -1.31 4.81
CA ALA D 172 -25.11 -0.91 5.06
C ALA D 172 -24.68 -1.16 6.50
N LEU D 173 -25.63 -1.34 7.42
CA LEU D 173 -25.28 -1.65 8.80
C LEU D 173 -24.79 -3.08 8.96
N GLU D 174 -25.40 -4.02 8.24
CA GLU D 174 -24.97 -5.41 8.26
C GLU D 174 -23.84 -5.69 7.26
N ASN D 175 -23.70 -4.86 6.24
CA ASN D 175 -22.64 -5.03 5.24
C ASN D 175 -22.22 -3.65 4.76
N PRO D 176 -21.21 -3.05 5.39
CA PRO D 176 -20.73 -1.74 4.94
C PRO D 176 -20.23 -1.73 3.50
N CYS D 177 -19.91 -2.89 2.94
CA CYS D 177 -19.53 -3.03 1.55
C CYS D 177 -20.72 -3.29 0.64
N TYR D 178 -21.93 -2.91 1.09
CA TYR D 178 -23.12 -3.08 0.26
C TYR D 178 -23.20 -2.02 -0.84
N ASP D 179 -22.69 -0.81 -0.55
CA ASP D 179 -22.59 0.22 -1.57
C ASP D 179 -21.79 -0.26 -2.77
N MET D 180 -20.56 -0.70 -2.52
CA MET D 180 -19.85 -1.49 -3.52
C MET D 180 -20.54 -2.84 -3.67
N LYS D 181 -20.12 -3.61 -4.66
CA LYS D 181 -20.74 -4.92 -4.89
C LYS D 181 -19.83 -5.99 -4.30
N THR D 182 -19.95 -6.16 -2.98
CA THR D 182 -19.22 -7.19 -2.23
C THR D 182 -19.70 -7.22 -0.77
N THR D 183 -19.00 -7.96 0.08
CA THR D 183 -19.42 -8.16 1.46
C THR D 183 -18.24 -8.02 2.40
N CYS D 184 -18.43 -7.27 3.50
CA CYS D 184 -17.48 -7.22 4.59
C CYS D 184 -18.23 -7.27 5.91
N LEU D 185 -17.48 -7.27 7.01
CA LEU D 185 -18.08 -7.41 8.33
C LEU D 185 -18.79 -6.14 8.76
N PRO D 186 -19.79 -6.26 9.63
CA PRO D 186 -20.32 -5.06 10.29
C PRO D 186 -19.22 -4.35 11.08
N MET D 187 -19.38 -3.04 11.22
N MET D 187 -19.40 -3.05 11.24
CA MET D 187 -18.33 -2.25 11.85
CA MET D 187 -18.43 -2.21 11.93
C MET D 187 -18.24 -2.56 13.34
C MET D 187 -18.24 -2.67 13.37
N PHE D 188 -17.01 -2.57 13.85
CA PHE D 188 -16.72 -2.87 15.25
C PHE D 188 -15.59 -1.98 15.73
N GLY D 189 -15.68 -1.54 16.99
CA GLY D 189 -14.65 -0.70 17.56
C GLY D 189 -13.36 -1.44 17.85
N TYR D 190 -13.39 -2.31 18.85
CA TYR D 190 -12.27 -3.18 19.16
C TYR D 190 -12.80 -4.48 19.74
N LYS D 191 -12.30 -5.60 19.23
CA LYS D 191 -12.70 -6.91 19.73
C LYS D 191 -11.45 -7.73 20.04
N HIS D 192 -11.44 -8.34 21.23
CA HIS D 192 -10.41 -9.29 21.60
C HIS D 192 -10.75 -10.63 20.97
N VAL D 193 -9.75 -11.28 20.36
CA VAL D 193 -9.97 -12.50 19.60
C VAL D 193 -9.36 -13.71 20.30
N LEU D 194 -8.06 -13.67 20.56
CA LEU D 194 -7.34 -14.79 21.15
C LEU D 194 -6.55 -14.31 22.35
N THR D 195 -6.86 -14.85 23.53
CA THR D 195 -6.02 -14.64 24.71
C THR D 195 -4.65 -15.26 24.48
N LEU D 196 -3.63 -14.59 25.03
CA LEU D 196 -2.25 -15.08 24.95
C LEU D 196 -2.17 -16.54 25.37
N THR D 197 -1.64 -17.37 24.48
CA THR D 197 -1.55 -18.79 24.71
C THR D 197 -0.27 -19.32 24.10
N ASP D 198 0.19 -20.46 24.60
CA ASP D 198 1.32 -21.16 23.98
C ASP D 198 0.89 -22.15 22.91
N GLN D 199 -0.42 -22.34 22.73
CA GLN D 199 -0.96 -23.16 21.65
C GLN D 199 -1.03 -22.30 20.39
N VAL D 200 0.11 -22.21 19.70
CA VAL D 200 0.26 -21.24 18.63
C VAL D 200 -0.58 -21.58 17.40
N THR D 201 -1.03 -22.83 17.26
CA THR D 201 -1.87 -23.17 16.13
C THR D 201 -3.22 -22.48 16.20
N ARG D 202 -3.70 -22.19 17.42
CA ARG D 202 -4.96 -21.48 17.57
C ARG D 202 -4.87 -20.05 17.02
N PHE D 203 -3.66 -19.49 17.00
CA PHE D 203 -3.47 -18.21 16.32
C PHE D 203 -3.82 -18.32 14.84
N ASN D 204 -3.26 -19.31 14.16
CA ASN D 204 -3.58 -19.52 12.75
C ASN D 204 -5.06 -19.81 12.56
N GLU D 205 -5.67 -20.56 13.48
CA GLU D 205 -7.09 -20.87 13.38
C GLU D 205 -7.93 -19.59 13.42
N GLU D 206 -7.70 -18.75 14.43
CA GLU D 206 -8.53 -17.56 14.60
C GLU D 206 -8.27 -16.54 13.48
N VAL D 207 -7.02 -16.41 13.04
CA VAL D 207 -6.72 -15.46 11.97
C VAL D 207 -7.45 -15.83 10.68
N LYS D 208 -7.55 -17.13 10.40
CA LYS D 208 -8.24 -17.58 9.19
C LYS D 208 -9.73 -17.22 9.21
N LYS D 209 -10.31 -17.01 10.38
CA LYS D 209 -11.71 -16.62 10.49
C LYS D 209 -11.92 -15.11 10.40
N GLN D 210 -10.84 -14.34 10.28
CA GLN D 210 -10.94 -12.88 10.31
C GLN D 210 -11.25 -12.32 8.94
N SER D 211 -12.06 -11.27 8.91
CA SER D 211 -12.32 -10.49 7.69
C SER D 211 -12.36 -9.02 8.07
N VAL D 212 -12.23 -8.16 7.06
CA VAL D 212 -12.15 -6.72 7.30
C VAL D 212 -13.54 -6.12 7.36
N SER D 213 -13.63 -4.88 7.81
CA SER D 213 -14.84 -4.09 7.68
C SER D 213 -14.52 -2.83 6.87
N ARG D 214 -15.36 -1.81 6.97
CA ARG D 214 -15.17 -0.60 6.19
C ARG D 214 -15.82 0.57 6.91
N ASN D 215 -15.10 1.69 7.00
CA ASN D 215 -15.62 2.90 7.62
C ASN D 215 -15.32 4.08 6.71
N ARG D 216 -15.87 5.24 7.08
CA ARG D 216 -15.91 6.38 6.17
C ARG D 216 -14.61 7.19 6.20
N ASP D 217 -14.07 7.45 7.38
CA ASP D 217 -12.96 8.40 7.51
C ASP D 217 -11.62 7.69 7.71
N ALA D 218 -10.59 8.26 7.08
CA ALA D 218 -9.27 7.63 7.04
C ALA D 218 -8.66 7.38 8.41
N PRO D 219 -8.60 8.35 9.34
CA PRO D 219 -8.02 8.02 10.66
C PRO D 219 -8.87 6.99 11.37
N GLU D 220 -8.22 6.09 12.09
CA GLU D 220 -8.92 4.96 12.69
C GLU D 220 -8.83 5.02 14.21
N GLY D 221 -9.51 4.08 14.86
CA GLY D 221 -9.58 4.07 16.31
C GLY D 221 -8.67 3.07 16.98
N GLY D 222 -7.43 2.97 16.51
CA GLY D 222 -6.49 2.02 17.08
C GLY D 222 -6.05 2.37 18.49
N PHE D 223 -6.08 3.65 18.85
CA PHE D 223 -5.65 4.02 20.19
C PHE D 223 -6.64 3.55 21.24
N ASP D 224 -7.94 3.48 20.89
CA ASP D 224 -8.91 2.82 21.75
C ASP D 224 -8.50 1.38 22.04
N ALA D 225 -8.04 0.67 21.01
CA ALA D 225 -7.66 -0.73 21.18
C ALA D 225 -6.37 -0.86 21.98
N ILE D 226 -5.40 0.02 21.73
CA ILE D 226 -4.15 -0.01 22.49
C ILE D 226 -4.42 0.13 23.98
N MET D 227 -5.31 1.05 24.35
CA MET D 227 -5.65 1.22 25.75
C MET D 227 -6.28 -0.04 26.33
N GLN D 228 -7.27 -0.60 25.63
CA GLN D 228 -7.95 -1.79 26.15
C GLN D 228 -7.01 -2.99 26.20
N ALA D 229 -6.19 -3.18 25.17
CA ALA D 229 -5.21 -4.26 25.22
C ALA D 229 -4.22 -4.07 26.36
N THR D 230 -4.03 -2.82 26.81
CA THR D 230 -3.11 -2.56 27.91
C THR D 230 -3.75 -2.86 29.25
N VAL D 231 -4.96 -2.35 29.49
CA VAL D 231 -5.54 -2.37 30.83
C VAL D 231 -6.38 -3.61 31.13
N CYS D 232 -6.83 -4.35 30.10
CA CYS D 232 -7.62 -5.56 30.32
C CYS D 232 -6.67 -6.73 30.59
N ASP D 233 -6.23 -6.83 31.84
CA ASP D 233 -5.17 -7.78 32.20
C ASP D 233 -5.62 -9.22 31.99
N GLU D 234 -6.76 -9.60 32.58
CA GLU D 234 -7.17 -11.00 32.54
C GLU D 234 -7.56 -11.43 31.14
N LYS D 235 -8.24 -10.55 30.38
CA LYS D 235 -8.72 -10.94 29.06
C LYS D 235 -7.57 -11.11 28.08
N ILE D 236 -6.66 -10.13 28.04
CA ILE D 236 -5.50 -10.26 27.16
C ILE D 236 -4.57 -11.37 27.67
N GLY D 237 -4.38 -11.45 28.98
CA GLY D 237 -3.62 -12.53 29.56
C GLY D 237 -2.14 -12.30 29.69
N TRP D 238 -1.71 -11.06 29.86
CA TRP D 238 -0.29 -10.79 30.06
C TRP D 238 0.23 -11.55 31.27
N ARG D 239 1.51 -11.93 31.22
CA ARG D 239 2.15 -12.67 32.29
C ARG D 239 2.98 -11.76 33.17
N ASN D 240 3.11 -12.14 34.44
CA ASN D 240 3.82 -11.31 35.40
C ASN D 240 5.30 -11.17 35.03
N ASP D 241 5.98 -12.29 34.86
CA ASP D 241 7.43 -12.29 34.66
C ASP D 241 7.74 -12.64 33.21
N ALA D 242 7.43 -11.70 32.32
CA ALA D 242 7.68 -11.91 30.90
C ALA D 242 7.73 -10.56 30.20
N SER D 243 8.36 -10.55 29.03
CA SER D 243 8.31 -9.36 28.18
C SER D 243 6.93 -9.23 27.57
N HIS D 244 6.48 -8.00 27.41
CA HIS D 244 5.13 -7.71 26.91
C HIS D 244 5.27 -6.86 25.64
N LEU D 245 5.11 -7.49 24.48
CA LEU D 245 5.15 -6.79 23.20
C LEU D 245 3.72 -6.62 22.70
N LEU D 246 3.37 -5.37 22.38
CA LEU D 246 2.08 -5.06 21.76
C LEU D 246 2.36 -4.59 20.34
N VAL D 247 2.01 -5.42 19.37
CA VAL D 247 2.29 -5.14 17.96
C VAL D 247 1.09 -4.43 17.38
N PHE D 248 1.26 -3.16 17.04
CA PHE D 248 0.19 -2.31 16.51
C PHE D 248 0.46 -2.09 15.03
N THR D 249 -0.45 -2.60 14.18
CA THR D 249 -0.27 -2.53 12.73
C THR D 249 -1.39 -1.72 12.12
N THR D 250 -1.02 -0.68 11.36
CA THR D 250 -1.99 0.14 10.65
C THR D 250 -1.30 0.72 9.42
N ASP D 251 -2.10 1.38 8.57
CA ASP D 251 -1.60 2.04 7.37
C ASP D 251 -2.15 3.46 7.25
N ALA D 252 -2.71 4.00 8.33
CA ALA D 252 -3.45 5.25 8.26
C ALA D 252 -3.10 6.13 9.46
N LYS D 253 -3.61 7.36 9.42
CA LYS D 253 -3.62 8.21 10.59
C LYS D 253 -4.39 7.54 11.73
N THR D 254 -4.27 8.11 12.92
CA THR D 254 -4.99 7.60 14.08
C THR D 254 -5.83 8.70 14.69
N HIS D 255 -6.94 8.30 15.30
CA HIS D 255 -7.75 9.23 16.07
C HIS D 255 -7.13 9.45 17.44
N ILE D 256 -7.19 10.69 17.92
CA ILE D 256 -6.59 11.08 19.17
C ILE D 256 -7.67 11.66 20.08
N ALA D 257 -7.32 11.85 21.35
CA ALA D 257 -8.26 12.43 22.30
C ALA D 257 -8.77 13.77 21.80
N LEU D 258 -10.08 13.99 21.98
CA LEU D 258 -10.88 15.15 21.59
C LEU D 258 -11.40 15.07 20.16
N ASP D 259 -10.98 14.06 19.38
CA ASP D 259 -11.57 13.82 18.07
C ASP D 259 -13.00 13.32 18.19
N GLY D 260 -13.31 12.59 19.26
CA GLY D 260 -14.62 11.97 19.43
C GLY D 260 -15.77 12.93 19.49
N ARG D 261 -15.51 14.23 19.61
CA ARG D 261 -16.59 15.21 19.66
C ARG D 261 -17.34 15.26 18.33
N LEU D 262 -16.68 14.87 17.24
CA LEU D 262 -17.38 14.81 15.97
C LEU D 262 -18.43 13.70 15.92
N ALA D 263 -18.42 12.79 16.89
CA ALA D 263 -19.48 11.80 17.03
C ALA D 263 -20.37 12.08 18.24
N GLY D 264 -20.28 13.28 18.80
CA GLY D 264 -21.02 13.64 20.00
C GLY D 264 -20.43 13.12 21.28
N ILE D 265 -19.23 12.54 21.24
CA ILE D 265 -18.62 11.91 22.40
C ILE D 265 -17.71 12.93 23.08
N VAL D 266 -18.05 13.30 24.31
CA VAL D 266 -17.26 14.26 25.08
C VAL D 266 -16.67 13.68 26.35
N GLN D 267 -17.14 12.53 26.80
CA GLN D 267 -16.63 11.94 28.04
C GLN D 267 -15.17 11.55 27.87
N PRO D 268 -14.28 12.01 28.74
CA PRO D 268 -12.87 11.65 28.62
C PRO D 268 -12.65 10.16 28.87
N ASN D 269 -11.57 9.65 28.28
CA ASN D 269 -11.20 8.25 28.48
C ASN D 269 -10.81 8.02 29.93
N ASP D 270 -11.41 6.99 30.55
CA ASP D 270 -11.16 6.71 31.96
C ASP D 270 -10.02 5.74 32.20
N GLY D 271 -9.40 5.21 31.15
CA GLY D 271 -8.29 4.28 31.29
C GLY D 271 -8.61 2.96 31.99
N GLN D 272 -9.88 2.59 32.08
CA GLN D 272 -10.27 1.32 32.69
C GLN D 272 -10.70 0.33 31.62
N CYS D 273 -10.71 -0.95 31.99
CA CYS D 273 -11.12 -1.99 31.05
C CYS D 273 -12.63 -1.99 30.89
N HIS D 274 -13.09 -2.09 29.64
CA HIS D 274 -14.50 -2.15 29.31
C HIS D 274 -14.77 -3.20 28.25
N VAL D 275 -14.08 -4.33 28.34
CA VAL D 275 -14.28 -5.47 27.46
C VAL D 275 -14.94 -6.57 28.27
N GLY D 276 -16.23 -6.80 28.03
CA GLY D 276 -17.01 -7.78 28.76
C GLY D 276 -16.91 -9.16 28.18
N SER D 277 -18.00 -9.91 28.29
CA SER D 277 -18.00 -11.30 27.80
C SER D 277 -18.06 -11.37 26.29
N ASP D 278 -18.72 -10.40 25.64
CA ASP D 278 -18.81 -10.40 24.19
C ASP D 278 -17.48 -10.07 23.51
N ASN D 279 -16.42 -9.79 24.28
CA ASN D 279 -15.07 -9.50 23.80
C ASN D 279 -14.96 -8.24 22.98
N HIS D 280 -16.02 -7.44 22.88
CA HIS D 280 -15.94 -6.14 22.23
C HIS D 280 -15.76 -5.03 23.25
N TYR D 281 -15.23 -3.91 22.78
CA TYR D 281 -15.06 -2.72 23.60
C TYR D 281 -16.40 -2.02 23.72
N SER D 282 -17.03 -2.12 24.90
CA SER D 282 -18.40 -1.65 25.06
C SER D 282 -18.51 -0.14 25.21
N ALA D 283 -17.43 0.55 25.62
CA ALA D 283 -17.45 2.00 25.74
C ALA D 283 -17.02 2.71 24.46
N SER D 284 -17.04 2.00 23.33
CA SER D 284 -16.52 2.58 22.08
C SER D 284 -17.32 3.80 21.65
N THR D 285 -18.64 3.75 21.82
CA THR D 285 -19.53 4.80 21.36
C THR D 285 -19.86 5.84 22.43
N THR D 286 -19.35 5.69 23.65
CA THR D 286 -19.67 6.60 24.73
C THR D 286 -18.46 7.21 25.41
N MET D 287 -17.25 6.88 24.96
CA MET D 287 -16.04 7.36 25.61
C MET D 287 -15.05 7.83 24.55
N ASP D 288 -14.40 8.96 24.82
CA ASP D 288 -13.50 9.56 23.83
C ASP D 288 -12.22 8.75 23.70
N TYR D 289 -11.51 8.98 22.60
CA TYR D 289 -10.23 8.34 22.39
C TYR D 289 -9.25 8.74 23.51
N PRO D 290 -8.35 7.85 23.89
CA PRO D 290 -7.38 8.19 24.94
C PRO D 290 -6.36 9.20 24.43
N SER D 291 -5.68 9.82 25.39
CA SER D 291 -4.64 10.80 25.08
C SER D 291 -3.27 10.16 25.18
N LEU D 292 -2.28 10.80 24.57
CA LEU D 292 -0.93 10.26 24.58
C LEU D 292 -0.43 10.08 26.01
N GLY D 293 -0.73 11.04 26.89
CA GLY D 293 -0.32 10.91 28.27
C GLY D 293 -0.95 9.72 28.98
N LEU D 294 -2.27 9.54 28.81
CA LEU D 294 -2.94 8.42 29.47
C LEU D 294 -2.45 7.08 28.94
N MET D 295 -2.20 6.99 27.63
CA MET D 295 -1.62 5.77 27.08
C MET D 295 -0.23 5.52 27.66
N THR D 296 0.58 6.56 27.75
CA THR D 296 1.90 6.43 28.36
C THR D 296 1.80 5.91 29.79
N GLU D 297 0.84 6.43 30.55
CA GLU D 297 0.66 6.01 31.93
C GLU D 297 0.32 4.53 32.02
N LYS D 298 -0.65 4.08 31.20
CA LYS D 298 -1.10 2.69 31.31
C LYS D 298 -0.08 1.71 30.74
N LEU D 299 0.60 2.10 29.66
CA LEU D 299 1.66 1.24 29.12
C LEU D 299 2.79 1.07 30.12
N SER D 300 3.13 2.13 30.86
CA SER D 300 4.16 2.03 31.87
C SER D 300 3.68 1.23 33.06
N GLN D 301 2.47 1.50 33.54
CA GLN D 301 1.93 0.81 34.71
C GLN D 301 1.80 -0.69 34.45
N LYS D 302 1.38 -1.06 33.25
CA LYS D 302 1.21 -2.47 32.88
C LYS D 302 2.46 -3.07 32.27
N ASN D 303 3.51 -2.27 32.06
CA ASN D 303 4.80 -2.74 31.55
C ASN D 303 4.63 -3.36 30.16
N ILE D 304 4.15 -2.53 29.23
CA ILE D 304 3.88 -2.95 27.86
C ILE D 304 4.83 -2.22 26.93
N ASN D 305 5.44 -2.96 26.00
CA ASN D 305 6.28 -2.38 24.96
C ASN D 305 5.42 -2.24 23.71
N LEU D 306 4.95 -1.02 23.46
CA LEU D 306 4.13 -0.74 22.28
C LEU D 306 5.01 -0.62 21.04
N ILE D 307 4.66 -1.37 20.00
CA ILE D 307 5.40 -1.38 18.74
C ILE D 307 4.49 -0.82 17.67
N PHE D 308 4.88 0.33 17.10
CA PHE D 308 4.16 0.90 15.96
C PHE D 308 4.69 0.26 14.69
N ALA D 309 3.94 -0.69 14.14
CA ALA D 309 4.28 -1.34 12.87
C ALA D 309 3.41 -0.70 11.79
N VAL D 310 3.90 0.39 11.21
CA VAL D 310 3.10 1.20 10.32
C VAL D 310 3.75 1.26 8.94
N THR D 311 2.94 1.59 7.94
CA THR D 311 3.39 1.62 6.57
C THR D 311 4.17 2.91 6.27
N GLU D 312 4.89 2.89 5.15
CA GLU D 312 5.84 3.95 4.82
C GLU D 312 5.20 5.34 4.85
N ASN D 313 3.94 5.45 4.46
CA ASN D 313 3.29 6.74 4.31
C ASN D 313 2.90 7.40 5.64
N VAL D 314 3.15 6.75 6.78
CA VAL D 314 2.76 7.30 8.07
C VAL D 314 3.85 7.05 9.10
N VAL D 315 5.03 6.62 8.66
CA VAL D 315 6.11 6.35 9.61
C VAL D 315 6.52 7.63 10.33
N ASN D 316 6.70 8.72 9.59
CA ASN D 316 7.06 9.98 10.21
C ASN D 316 6.04 10.41 11.26
N LEU D 317 4.76 10.14 11.00
CA LEU D 317 3.72 10.41 11.98
C LEU D 317 3.94 9.59 13.25
N TYR D 318 3.99 8.27 13.11
CA TYR D 318 4.15 7.41 14.27
C TYR D 318 5.56 7.47 14.84
N GLN D 319 6.56 7.85 14.02
CA GLN D 319 7.87 8.14 14.59
C GLN D 319 7.81 9.36 15.50
N ASN D 320 6.94 10.32 15.15
CA ASN D 320 6.80 11.53 15.97
C ASN D 320 5.96 11.25 17.22
N TYR D 321 4.91 10.44 17.11
CA TYR D 321 4.17 10.00 18.30
C TYR D 321 5.06 9.21 19.25
N SER D 322 5.99 8.42 18.72
CA SER D 322 6.87 7.61 19.55
C SER D 322 7.78 8.47 20.40
N GLU D 323 8.17 9.65 19.91
CA GLU D 323 9.01 10.54 20.70
C GLU D 323 8.23 11.18 21.85
N LEU D 324 6.89 11.16 21.79
CA LEU D 324 6.06 11.64 22.89
C LEU D 324 5.62 10.52 23.82
N ILE D 325 5.81 9.27 23.43
CA ILE D 325 5.57 8.12 24.32
C ILE D 325 6.89 7.38 24.48
N PRO D 326 7.79 7.81 25.37
CA PRO D 326 9.09 7.16 25.49
C PRO D 326 8.96 5.66 25.73
N GLY D 327 9.83 4.89 25.08
CA GLY D 327 9.84 3.45 25.20
C GLY D 327 9.22 2.70 24.04
N THR D 328 8.44 3.38 23.20
CA THR D 328 7.80 2.73 22.06
C THR D 328 8.74 2.72 20.86
N THR D 329 8.67 1.65 20.07
CA THR D 329 9.48 1.50 18.88
C THR D 329 8.63 1.57 17.63
N VAL D 330 9.26 1.94 16.52
CA VAL D 330 8.57 2.08 15.23
C VAL D 330 9.28 1.18 14.22
N GLY D 331 8.50 0.42 13.46
CA GLY D 331 9.03 -0.35 12.35
C GLY D 331 8.18 -0.14 11.11
N VAL D 332 8.85 -0.16 9.96
CA VAL D 332 8.18 0.11 8.69
C VAL D 332 7.48 -1.15 8.21
N LEU D 333 6.16 -1.08 8.08
CA LEU D 333 5.36 -2.21 7.64
C LEU D 333 5.09 -2.13 6.14
N SER D 334 5.10 -3.27 5.48
CA SER D 334 4.75 -3.30 4.07
C SER D 334 3.24 -3.05 3.90
N MET D 335 2.85 -2.70 2.67
CA MET D 335 1.44 -2.50 2.37
C MET D 335 0.62 -3.78 2.43
N ASP D 336 1.26 -4.92 2.70
CA ASP D 336 0.56 -6.20 2.83
C ASP D 336 1.00 -6.98 4.06
N SER D 337 1.79 -6.38 4.95
CA SER D 337 2.31 -7.01 6.16
C SER D 337 3.18 -8.23 5.86
N SER D 338 3.76 -8.31 4.65
CA SER D 338 4.57 -9.46 4.30
C SER D 338 5.87 -9.51 5.09
N ASN D 339 6.26 -8.40 5.73
CA ASN D 339 7.51 -8.31 6.47
C ASN D 339 7.29 -8.26 7.97
N VAL D 340 6.09 -8.57 8.45
CA VAL D 340 5.75 -8.27 9.84
C VAL D 340 6.56 -9.13 10.80
N LEU D 341 6.85 -10.38 10.44
CA LEU D 341 7.58 -11.28 11.32
C LEU D 341 8.98 -10.73 11.60
N GLN D 342 9.68 -10.34 10.54
CA GLN D 342 11.00 -9.74 10.72
C GLN D 342 10.92 -8.38 11.40
N LEU D 343 9.75 -7.73 11.36
CA LEU D 343 9.60 -6.47 12.08
C LEU D 343 9.46 -6.72 13.58
N ILE D 344 8.78 -7.81 13.94
CA ILE D 344 8.63 -8.15 15.36
C ILE D 344 9.96 -8.60 15.95
N VAL D 345 10.66 -9.47 15.23
CA VAL D 345 11.95 -9.96 15.71
C VAL D 345 12.94 -8.82 15.89
N ASP D 346 12.98 -7.89 14.91
CA ASP D 346 13.90 -6.75 15.02
C ASP D 346 13.52 -5.83 16.17
N ALA D 347 12.22 -5.64 16.39
CA ALA D 347 11.79 -4.74 17.48
C ALA D 347 12.10 -5.34 18.84
N TYR D 348 11.92 -6.66 18.99
CA TYR D 348 12.23 -7.32 20.26
C TYR D 348 13.69 -7.17 20.61
N GLY D 349 14.58 -7.29 19.62
CA GLY D 349 16.00 -7.09 19.87
C GLY D 349 16.32 -5.64 20.19
N LYS D 350 15.63 -4.70 19.53
CA LYS D 350 15.84 -3.28 19.83
C LYS D 350 15.27 -2.93 21.20
N ILE D 351 14.17 -3.56 21.60
CA ILE D 351 13.60 -3.34 22.92
C ILE D 351 14.58 -3.79 24.01
N ARG D 352 15.26 -4.90 23.79
CA ARG D 352 16.20 -5.43 24.76
C ARG D 352 17.64 -5.01 24.48
N SER D 353 17.84 -4.01 23.62
CA SER D 353 19.16 -3.44 23.39
C SER D 353 19.50 -2.33 24.38
N LYS D 354 18.60 -2.00 25.30
CA LYS D 354 18.77 -0.87 26.19
C LYS D 354 18.60 -1.30 27.64
N VAL D 355 19.32 -0.61 28.51
CA VAL D 355 19.15 -0.69 29.96
C VAL D 355 19.19 0.73 30.48
N GLU D 356 18.08 1.19 31.06
CA GLU D 356 17.95 2.54 31.55
C GLU D 356 17.51 2.49 33.00
N LEU D 357 18.26 3.15 33.88
CA LEU D 357 17.99 3.11 35.30
C LEU D 357 17.07 4.26 35.71
N GLU D 358 16.07 3.95 36.51
CA GLU D 358 15.24 4.96 37.16
C GLU D 358 15.29 4.72 38.66
N VAL D 359 15.22 5.82 39.42
CA VAL D 359 15.23 5.79 40.87
C VAL D 359 13.83 6.08 41.37
N ARG D 360 13.43 5.39 42.43
CA ARG D 360 12.11 5.56 43.03
C ARG D 360 12.27 5.77 44.53
N ASP D 361 11.56 6.76 45.06
CA ASP D 361 11.53 7.07 46.49
C ASP D 361 12.87 7.61 46.99
N LEU D 362 13.53 8.41 46.17
CA LEU D 362 14.78 9.04 46.60
C LEU D 362 14.46 10.19 47.54
N PRO D 363 14.95 10.16 48.78
CA PRO D 363 14.64 11.24 49.72
C PRO D 363 15.21 12.57 49.25
N GLU D 364 14.50 13.65 49.59
CA GLU D 364 14.80 15.01 49.17
C GLU D 364 16.28 15.35 49.32
N GLU D 365 16.88 14.93 50.43
CA GLU D 365 18.24 15.34 50.78
C GLU D 365 19.32 14.55 50.05
N LEU D 366 18.97 13.44 49.41
CA LEU D 366 19.96 12.64 48.69
C LEU D 366 20.04 13.05 47.22
N SER D 367 21.24 12.94 46.66
CA SER D 367 21.46 13.20 45.25
C SER D 367 22.38 12.12 44.71
N LEU D 368 22.03 11.56 43.55
CA LEU D 368 22.76 10.45 42.96
C LEU D 368 23.48 10.89 41.69
N SER D 369 24.66 10.31 41.47
CA SER D 369 25.44 10.50 40.25
C SER D 369 25.87 9.13 39.74
N PHE D 370 25.85 8.95 38.42
CA PHE D 370 26.03 7.65 37.79
C PHE D 370 27.19 7.68 36.82
N ASN D 371 27.91 6.55 36.75
CA ASN D 371 28.89 6.31 35.70
C ASN D 371 28.59 4.97 35.07
N ALA D 372 28.38 4.97 33.76
CA ALA D 372 28.01 3.78 33.03
C ALA D 372 29.23 3.09 32.45
N THR D 373 29.28 1.77 32.59
CA THR D 373 30.21 0.90 31.86
C THR D 373 29.36 0.05 30.92
N CYS D 374 29.24 0.49 29.68
CA CYS D 374 28.32 -0.10 28.70
C CYS D 374 29.11 -1.07 27.83
N LEU D 375 29.07 -0.96 26.50
CA LEU D 375 29.79 -1.85 25.60
C LEU D 375 31.27 -1.92 25.96
N ASN D 376 31.78 -3.15 26.05
CA ASN D 376 33.17 -3.41 26.48
C ASN D 376 33.32 -2.84 27.89
N ASN D 377 34.45 -2.23 28.21
CA ASN D 377 34.64 -1.56 29.50
C ASN D 377 34.84 -0.06 29.29
N GLU D 378 34.12 0.51 28.33
CA GLU D 378 34.19 1.94 28.06
C GLU D 378 33.33 2.68 29.09
N VAL D 379 33.97 3.41 29.97
CA VAL D 379 33.28 4.12 31.04
C VAL D 379 32.77 5.45 30.51
N ILE D 380 31.49 5.73 30.75
CA ILE D 380 30.83 6.93 30.28
C ILE D 380 30.37 7.71 31.52
N PRO D 381 30.84 8.94 31.73
CA PRO D 381 30.49 9.66 32.96
C PRO D 381 29.15 10.35 32.87
N GLY D 382 28.49 10.44 34.02
CA GLY D 382 27.21 11.13 34.11
C GLY D 382 26.10 10.50 33.29
N LEU D 383 26.11 9.18 33.15
CA LEU D 383 25.13 8.47 32.33
C LEU D 383 24.58 7.30 33.11
N LYS D 384 23.25 7.14 33.10
CA LYS D 384 22.57 6.07 33.81
C LYS D 384 21.83 5.14 32.85
N SER D 385 22.30 5.05 31.61
CA SER D 385 21.66 4.20 30.61
C SER D 385 22.70 3.71 29.62
N CYS D 386 22.48 2.50 29.11
CA CYS D 386 23.34 1.90 28.10
C CYS D 386 22.51 1.52 26.88
N MET D 387 23.07 1.74 25.70
CA MET D 387 22.42 1.43 24.43
C MET D 387 23.27 0.45 23.64
N GLY D 388 22.64 -0.16 22.64
CA GLY D 388 23.34 -1.04 21.72
C GLY D 388 23.72 -2.40 22.29
N LEU D 389 22.92 -2.94 23.19
CA LEU D 389 23.24 -4.19 23.86
C LEU D 389 22.62 -5.37 23.12
N LYS D 390 23.29 -6.51 23.20
CA LYS D 390 22.74 -7.77 22.72
C LYS D 390 22.23 -8.57 23.92
N ILE D 391 21.30 -9.49 23.64
CA ILE D 391 20.77 -10.34 24.68
C ILE D 391 21.88 -11.23 25.22
N GLY D 392 22.07 -11.20 26.54
CA GLY D 392 23.18 -11.88 27.20
C GLY D 392 24.26 -10.95 27.69
N ASP D 393 24.26 -9.68 27.25
CA ASP D 393 25.25 -8.72 27.70
C ASP D 393 24.96 -8.30 29.15
N THR D 394 26.00 -7.79 29.80
CA THR D 394 25.92 -7.34 31.18
C THR D 394 26.62 -6.01 31.31
N VAL D 395 25.87 -4.96 31.67
CA VAL D 395 26.45 -3.65 31.91
C VAL D 395 26.54 -3.42 33.41
N SER D 396 27.07 -2.27 33.81
CA SER D 396 27.24 -1.96 35.22
C SER D 396 27.30 -0.44 35.38
N PHE D 397 26.97 0.01 36.60
CA PHE D 397 26.95 1.43 36.90
C PHE D 397 27.62 1.66 38.25
N SER D 398 28.39 2.74 38.33
CA SER D 398 28.94 3.22 39.60
C SER D 398 28.07 4.39 40.07
N ILE D 399 27.57 4.28 41.29
CA ILE D 399 26.62 5.25 41.84
C ILE D 399 27.22 5.87 43.09
N GLU D 400 27.05 7.17 43.24
CA GLU D 400 27.53 7.91 44.41
C GLU D 400 26.35 8.63 45.04
N ALA D 401 26.11 8.36 46.32
CA ALA D 401 25.03 8.99 47.06
C ALA D 401 25.59 10.10 47.94
N LYS D 402 25.07 11.31 47.77
CA LYS D 402 25.54 12.47 48.51
C LYS D 402 24.35 13.12 49.22
N VAL D 403 24.43 13.19 50.55
CA VAL D 403 23.36 13.79 51.36
C VAL D 403 23.78 15.20 51.74
N ARG D 404 22.83 16.13 51.68
CA ARG D 404 23.04 17.49 52.16
C ARG D 404 22.53 17.58 53.60
N GLY D 405 23.42 17.87 54.53
CA GLY D 405 23.03 17.97 55.92
C GLY D 405 22.61 16.62 56.49
N CYS D 406 21.76 16.67 57.50
CA CYS D 406 21.23 15.47 58.16
C CYS D 406 19.72 15.56 58.18
N PRO D 407 19.01 14.58 57.63
CA PRO D 407 17.54 14.65 57.62
C PRO D 407 16.96 14.32 58.99
N GLN D 408 15.66 14.62 59.13
CA GLN D 408 14.97 14.36 60.38
C GLN D 408 14.82 12.87 60.64
N GLU D 409 14.47 12.09 59.62
CA GLU D 409 14.36 10.64 59.76
C GLU D 409 15.73 10.01 59.53
N LYS D 410 16.12 9.12 60.43
CA LYS D 410 17.44 8.50 60.40
C LYS D 410 17.52 7.29 59.47
N GLU D 411 16.39 6.72 59.06
CA GLU D 411 16.39 5.50 58.23
C GLU D 411 15.34 5.64 57.14
N LYS D 412 15.79 5.66 55.89
CA LYS D 412 14.92 5.62 54.73
C LYS D 412 15.48 4.56 53.77
N SER D 413 14.75 4.34 52.67
CA SER D 413 15.22 3.42 51.64
C SER D 413 14.60 3.81 50.31
N PHE D 414 15.35 3.58 49.24
CA PHE D 414 14.88 3.86 47.89
C PHE D 414 15.25 2.69 46.99
N THR D 415 14.75 2.75 45.75
CA THR D 415 14.87 1.65 44.81
C THR D 415 15.52 2.15 43.52
N ILE D 416 16.44 1.34 42.99
CA ILE D 416 17.02 1.58 41.67
C ILE D 416 16.64 0.39 40.81
N LYS D 417 15.72 0.61 39.88
CA LYS D 417 15.19 -0.43 39.01
C LYS D 417 15.44 -0.07 37.55
N PRO D 418 15.93 -1.01 36.74
CA PRO D 418 16.03 -0.75 35.30
C PRO D 418 14.64 -0.67 34.70
N VAL D 419 14.49 0.20 33.69
CA VAL D 419 13.19 0.41 33.08
C VAL D 419 12.73 -0.89 32.43
N GLY D 420 11.53 -1.34 32.83
CA GLY D 420 10.94 -2.55 32.28
C GLY D 420 11.30 -3.83 33.01
N PHE D 421 12.23 -3.79 33.96
CA PHE D 421 12.69 -4.99 34.64
C PHE D 421 11.84 -5.28 35.88
N LYS D 422 11.92 -6.53 36.32
CA LYS D 422 11.24 -6.96 37.54
C LYS D 422 12.12 -6.78 38.77
N ASP D 423 13.38 -7.21 38.69
CA ASP D 423 14.31 -7.10 39.80
C ASP D 423 14.81 -5.67 39.93
N SER D 424 15.29 -5.35 41.14
CA SER D 424 15.74 -4.00 41.45
C SER D 424 16.78 -4.07 42.55
N LEU D 425 17.43 -2.93 42.79
CA LEU D 425 18.34 -2.76 43.91
C LEU D 425 17.68 -1.87 44.95
N ILE D 426 17.37 -2.45 46.10
CA ILE D 426 16.81 -1.70 47.22
C ILE D 426 17.98 -1.21 48.08
N VAL D 427 18.05 0.10 48.28
CA VAL D 427 19.13 0.73 49.03
C VAL D 427 18.55 1.22 50.35
N GLN D 428 18.94 0.58 51.44
CA GLN D 428 18.51 0.99 52.78
C GLN D 428 19.52 2.00 53.33
N VAL D 429 19.09 3.24 53.48
CA VAL D 429 19.97 4.32 53.93
C VAL D 429 19.83 4.48 55.44
N THR D 430 20.96 4.69 56.10
CA THR D 430 21.00 5.02 57.52
C THR D 430 21.90 6.23 57.70
N PHE D 431 21.41 7.25 58.40
CA PHE D 431 22.13 8.50 58.56
C PHE D 431 22.81 8.52 59.92
N ASP D 432 24.14 8.63 59.91
CA ASP D 432 24.94 8.67 61.12
C ASP D 432 25.15 10.13 61.53
N CYS D 433 24.14 10.69 62.19
CA CYS D 433 24.21 12.06 62.69
C CYS D 433 24.50 12.13 64.18
N ASP D 434 24.21 11.07 64.92
CA ASP D 434 24.39 11.05 66.36
C ASP D 434 25.65 10.29 66.73
N CYS D 435 26.23 10.66 67.87
CA CYS D 435 27.35 9.93 68.45
C CYS D 435 26.83 8.81 69.35
N ALA D 436 27.64 7.77 69.50
CA ALA D 436 27.23 6.65 70.33
C ALA D 436 27.11 7.05 71.80
N CYS D 437 27.96 7.98 72.27
CA CYS D 437 27.95 8.38 73.67
C CYS D 437 26.69 9.16 74.05
N GLN D 438 25.81 9.47 73.10
CA GLN D 438 24.58 10.18 73.43
C GLN D 438 23.57 9.27 74.13
N ALA D 439 23.70 7.96 73.98
CA ALA D 439 22.83 7.06 74.73
C ALA D 439 23.15 7.08 76.22
N GLN D 440 24.43 7.26 76.58
CA GLN D 440 24.85 7.40 77.96
C GLN D 440 24.59 8.79 78.52
N ALA D 441 23.85 9.63 77.80
CA ALA D 441 23.57 10.98 78.28
C ALA D 441 22.90 10.93 79.64
N GLU D 442 23.34 11.82 80.53
CA GLU D 442 22.84 11.86 81.91
C GLU D 442 21.97 13.09 82.09
N PRO D 443 20.65 12.95 82.01
CA PRO D 443 19.78 14.12 82.20
C PRO D 443 19.81 14.61 83.64
N ASN D 444 19.69 15.93 83.79
CA ASN D 444 19.66 16.59 85.10
C ASN D 444 20.88 16.20 85.94
N SER D 445 22.01 16.04 85.27
CA SER D 445 23.21 15.54 85.94
C SER D 445 23.68 16.51 87.02
N HIS D 446 24.23 15.94 88.10
CA HIS D 446 24.80 16.74 89.17
C HIS D 446 25.94 17.62 88.66
N ARG D 447 26.60 17.19 87.59
CA ARG D 447 27.84 17.81 87.13
C ARG D 447 27.62 19.10 86.36
N CYS D 448 26.40 19.38 85.91
CA CYS D 448 26.12 20.51 85.03
C CYS D 448 25.20 21.49 85.76
N ASN D 449 25.76 22.63 86.16
CA ASN D 449 25.00 23.69 86.83
C ASN D 449 24.24 23.15 88.03
N ASN D 450 24.93 22.33 88.83
CA ASN D 450 24.37 21.64 89.99
C ASN D 450 23.35 20.57 89.59
N GLY D 451 22.43 20.90 88.68
CA GLY D 451 21.48 19.92 88.18
C GLY D 451 20.59 20.41 87.06
N ASN D 452 21.01 21.48 86.39
CA ASN D 452 20.18 22.14 85.38
C ASN D 452 20.51 21.72 83.95
N GLY D 453 21.46 20.83 83.74
CA GLY D 453 21.92 20.48 82.41
C GLY D 453 22.00 18.98 82.19
N THR D 454 22.35 18.63 80.95
CA THR D 454 22.54 17.24 80.54
C THR D 454 24.02 16.99 80.30
N PHE D 455 24.52 15.89 80.84
CA PHE D 455 25.92 15.48 80.65
C PHE D 455 25.94 14.39 79.59
N GLU D 456 26.35 14.74 78.38
CA GLU D 456 26.49 13.78 77.30
C GLU D 456 27.84 13.98 76.62
N CYS D 457 28.53 12.88 76.36
CA CYS D 457 29.79 12.87 75.61
C CYS D 457 30.83 13.80 76.22
N GLY D 458 30.80 13.95 77.54
CA GLY D 458 31.84 14.65 78.26
C GLY D 458 31.69 16.16 78.37
N VAL D 459 30.51 16.71 78.05
CA VAL D 459 30.26 18.13 78.16
C VAL D 459 28.88 18.37 78.75
N CYS D 460 28.59 19.63 79.05
CA CYS D 460 27.34 20.03 79.69
C CYS D 460 26.48 20.79 78.69
N ARG D 461 25.40 20.16 78.24
CA ARG D 461 24.48 20.76 77.29
C ARG D 461 23.25 21.25 78.03
N CYS D 462 22.80 22.47 77.72
CA CYS D 462 21.63 23.02 78.38
C CYS D 462 20.40 22.21 78.02
N GLY D 463 19.62 21.84 79.04
CA GLY D 463 18.54 20.89 78.88
C GLY D 463 17.33 21.48 78.21
N PRO D 464 16.31 20.64 78.03
CA PRO D 464 15.11 21.08 77.30
C PRO D 464 14.32 22.10 78.11
N GLY D 465 13.76 23.08 77.39
CA GLY D 465 13.02 24.16 78.00
C GLY D 465 13.84 25.42 78.24
N TRP D 466 15.16 25.33 78.16
CA TRP D 466 16.07 26.44 78.37
C TRP D 466 16.43 27.09 77.05
N LEU D 467 16.67 28.40 77.10
CA LEU D 467 17.04 29.17 75.92
C LEU D 467 18.44 29.75 76.10
N GLY D 468 19.22 29.72 75.03
CA GLY D 468 20.60 30.15 75.07
C GLY D 468 21.55 28.98 75.23
N SER D 469 22.63 28.97 74.44
CA SER D 469 23.63 27.92 74.54
C SER D 469 24.33 27.90 75.89
N GLN D 470 24.22 28.98 76.67
CA GLN D 470 24.78 29.03 78.00
C GLN D 470 23.73 29.29 79.08
N CYS D 471 22.47 29.46 78.69
CA CYS D 471 21.36 29.61 79.62
C CYS D 471 21.51 30.86 80.50
N GLU E 1 -29.89 43.07 -8.20
CA GLU E 1 -31.16 42.57 -8.70
C GLU E 1 -30.94 41.33 -9.56
N VAL E 2 -31.97 40.47 -9.62
CA VAL E 2 -31.94 39.25 -10.42
C VAL E 2 -32.66 39.51 -11.72
N GLN E 3 -32.03 39.15 -12.84
CA GLN E 3 -32.63 39.35 -14.16
C GLN E 3 -31.97 38.40 -15.14
N LEU E 4 -32.80 37.71 -15.92
CA LEU E 4 -32.32 36.79 -16.96
C LEU E 4 -32.47 37.45 -18.33
N GLN E 5 -31.38 37.51 -19.07
CA GLN E 5 -31.36 38.13 -20.39
C GLN E 5 -31.01 37.05 -21.41
N GLN E 6 -31.89 36.87 -22.40
CA GLN E 6 -31.74 35.86 -23.43
C GLN E 6 -31.43 36.51 -24.77
N SER E 7 -31.04 35.68 -25.74
CA SER E 7 -30.70 36.17 -27.06
C SER E 7 -31.96 36.63 -27.81
N GLY E 8 -31.75 37.24 -28.96
CA GLY E 8 -32.84 37.79 -29.74
C GLY E 8 -33.59 36.75 -30.54
N ALA E 9 -34.66 37.21 -31.19
CA ALA E 9 -35.51 36.33 -31.98
C ALA E 9 -34.70 35.63 -33.06
N GLU E 10 -35.14 34.43 -33.44
CA GLU E 10 -34.42 33.59 -34.38
C GLU E 10 -35.36 33.12 -35.48
N LEU E 11 -34.90 33.19 -36.73
CA LEU E 11 -35.61 32.64 -37.86
C LEU E 11 -34.64 31.75 -38.64
N VAL E 12 -34.99 30.47 -38.78
CA VAL E 12 -34.16 29.50 -39.47
C VAL E 12 -35.06 28.56 -40.24
N LYS E 13 -34.49 27.91 -41.24
CA LYS E 13 -35.24 27.01 -42.10
C LYS E 13 -35.29 25.61 -41.49
N PRO E 14 -36.29 24.79 -41.88
CA PRO E 14 -36.42 23.44 -41.29
C PRO E 14 -35.16 22.59 -41.41
N GLY E 15 -35.02 21.62 -40.52
CA GLY E 15 -33.84 20.77 -40.52
C GLY E 15 -32.58 21.41 -39.99
N ALA E 16 -32.60 22.70 -39.69
CA ALA E 16 -31.42 23.40 -39.19
C ALA E 16 -31.25 23.12 -37.70
N SER E 17 -30.40 23.91 -37.04
CA SER E 17 -30.13 23.73 -35.61
C SER E 17 -29.71 25.08 -35.04
N VAL E 18 -30.57 25.66 -34.20
CA VAL E 18 -30.30 26.94 -33.55
C VAL E 18 -29.89 26.65 -32.10
N LYS E 19 -29.12 27.56 -31.53
CA LYS E 19 -28.61 27.43 -30.16
C LYS E 19 -28.94 28.72 -29.42
N LEU E 20 -29.93 28.68 -28.54
CA LEU E 20 -30.34 29.86 -27.79
C LEU E 20 -29.44 30.07 -26.59
N SER E 21 -29.53 31.26 -26.00
CA SER E 21 -28.64 31.68 -24.94
C SER E 21 -29.43 32.35 -23.83
N CYS E 22 -28.94 32.20 -22.59
CA CYS E 22 -29.58 32.79 -21.41
C CYS E 22 -28.48 33.24 -20.45
N THR E 23 -28.19 34.54 -20.44
CA THR E 23 -27.11 35.11 -19.66
C THR E 23 -27.63 35.66 -18.34
N ALA E 24 -27.00 35.26 -17.24
CA ALA E 24 -27.38 35.77 -15.93
C ALA E 24 -26.86 37.18 -15.72
N SER E 25 -27.66 38.00 -15.05
CA SER E 25 -27.34 39.40 -14.80
C SER E 25 -27.64 39.72 -13.35
N GLY E 26 -26.62 40.10 -12.60
CA GLY E 26 -26.77 40.44 -11.20
C GLY E 26 -26.55 39.30 -10.23
N PHE E 27 -26.07 38.16 -10.71
CA PHE E 27 -25.83 36.98 -9.88
C PHE E 27 -25.07 35.96 -10.70
N ASN E 28 -24.25 35.15 -10.03
CA ASN E 28 -23.51 34.10 -10.71
C ASN E 28 -24.46 32.96 -11.10
N ILE E 29 -24.43 32.59 -12.38
CA ILE E 29 -25.32 31.56 -12.88
C ILE E 29 -25.06 30.21 -12.24
N LYS E 30 -23.88 30.03 -11.64
CA LYS E 30 -23.54 28.81 -10.93
C LYS E 30 -24.42 28.56 -9.71
N ASP E 31 -25.21 29.55 -9.28
CA ASP E 31 -25.93 29.47 -8.02
C ASP E 31 -27.00 28.37 -8.04
N THR E 32 -27.98 28.48 -8.93
CA THR E 32 -29.18 27.66 -8.87
C THR E 32 -29.34 26.82 -10.13
N TYR E 33 -30.34 25.94 -10.10
CA TYR E 33 -30.81 25.26 -11.29
C TYR E 33 -31.24 26.26 -12.34
N VAL E 34 -31.14 25.87 -13.62
CA VAL E 34 -31.66 26.64 -14.73
C VAL E 34 -32.50 25.71 -15.59
N HIS E 35 -33.75 26.09 -15.84
CA HIS E 35 -34.68 25.32 -16.64
C HIS E 35 -34.96 26.03 -17.96
N TRP E 36 -35.45 25.26 -18.93
CA TRP E 36 -35.91 25.78 -20.21
C TRP E 36 -37.36 25.38 -20.43
N VAL E 37 -38.19 26.32 -20.85
CA VAL E 37 -39.62 26.08 -21.05
C VAL E 37 -40.01 26.53 -22.45
N LYS E 38 -40.85 25.75 -23.09
CA LYS E 38 -41.39 26.04 -24.43
C LYS E 38 -42.84 26.49 -24.29
N GLN E 39 -43.24 27.48 -25.09
CA GLN E 39 -44.59 28.02 -25.03
C GLN E 39 -45.17 28.14 -26.43
N ARG E 40 -46.30 27.48 -26.66
CA ARG E 40 -47.09 27.62 -27.88
C ARG E 40 -48.49 28.10 -27.54
N PRO E 41 -49.17 28.78 -28.45
CA PRO E 41 -50.52 29.28 -28.13
C PRO E 41 -51.53 28.17 -27.95
N GLU E 42 -51.51 27.15 -28.82
CA GLU E 42 -52.49 26.07 -28.74
C GLU E 42 -52.15 25.10 -27.62
N GLN E 43 -51.01 24.40 -27.76
CA GLN E 43 -50.62 23.38 -26.79
C GLN E 43 -50.42 23.98 -25.41
N GLY E 44 -49.61 25.03 -25.32
CA GLY E 44 -49.37 25.72 -24.06
C GLY E 44 -47.91 25.63 -23.64
N LEU E 45 -47.69 25.57 -22.34
CA LEU E 45 -46.35 25.53 -21.76
C LEU E 45 -45.87 24.09 -21.63
N GLU E 46 -44.61 23.88 -22.01
CA GLU E 46 -43.99 22.55 -21.93
C GLU E 46 -42.61 22.69 -21.32
N TRP E 47 -42.38 21.98 -20.21
CA TRP E 47 -41.06 21.97 -19.60
C TRP E 47 -40.13 21.09 -20.43
N ILE E 48 -38.98 21.65 -20.78
CA ILE E 48 -38.01 20.93 -21.61
C ILE E 48 -37.05 20.15 -20.73
N GLY E 49 -36.32 20.87 -19.89
CA GLY E 49 -35.35 20.26 -19.03
C GLY E 49 -34.69 21.28 -18.14
N ARG E 50 -33.60 20.87 -17.49
CA ARG E 50 -32.87 21.74 -16.59
C ARG E 50 -31.39 21.38 -16.61
N ILE E 51 -30.59 22.24 -15.99
CA ILE E 51 -29.16 22.03 -15.86
C ILE E 51 -28.71 22.61 -14.52
N ASP E 52 -27.68 21.99 -13.94
CA ASP E 52 -27.00 22.54 -12.78
C ASP E 52 -25.69 23.13 -13.25
N PRO E 53 -25.61 24.43 -13.49
CA PRO E 53 -24.38 25.01 -14.06
C PRO E 53 -23.15 24.78 -13.20
N ALA E 54 -23.32 24.47 -11.92
CA ALA E 54 -22.16 24.20 -11.06
C ALA E 54 -21.37 22.99 -11.54
N ASN E 55 -22.04 22.03 -12.18
CA ASN E 55 -21.38 20.81 -12.63
C ASN E 55 -21.82 20.34 -14.00
N GLY E 56 -22.79 20.99 -14.64
CA GLY E 56 -23.22 20.64 -15.97
C GLY E 56 -24.16 19.46 -16.08
N TYR E 57 -24.60 18.89 -14.95
CA TYR E 57 -25.54 17.77 -15.00
C TYR E 57 -26.90 18.24 -15.48
N THR E 58 -27.57 17.39 -16.26
CA THR E 58 -28.79 17.77 -16.95
C THR E 58 -29.91 16.77 -16.66
N LYS E 59 -31.14 17.23 -16.89
CA LYS E 59 -32.34 16.40 -16.83
C LYS E 59 -33.28 16.90 -17.91
N TYR E 60 -33.84 15.98 -18.71
CA TYR E 60 -34.71 16.36 -19.81
C TYR E 60 -36.06 15.65 -19.72
N ASP E 61 -37.08 16.30 -20.25
CA ASP E 61 -38.35 15.62 -20.53
C ASP E 61 -38.11 14.66 -21.70
N PRO E 62 -38.44 13.37 -21.57
CA PRO E 62 -38.12 12.39 -22.64
C PRO E 62 -38.70 12.74 -24.00
N LYS E 63 -39.71 13.62 -24.02
CA LYS E 63 -40.24 14.11 -25.27
C LYS E 63 -39.18 14.83 -26.08
N PHE E 64 -38.41 15.70 -25.43
CA PHE E 64 -37.40 16.52 -26.09
C PHE E 64 -36.04 15.83 -26.16
N GLN E 65 -36.01 14.50 -26.17
CA GLN E 65 -34.75 13.79 -26.30
C GLN E 65 -34.21 13.90 -27.72
N GLY E 66 -32.88 13.97 -27.82
CA GLY E 66 -32.24 14.15 -29.10
C GLY E 66 -32.36 15.56 -29.63
N LYS E 67 -33.59 16.07 -29.68
CA LYS E 67 -33.86 17.42 -30.14
C LYS E 67 -33.17 18.45 -29.25
N ALA E 68 -33.64 18.61 -28.02
CA ALA E 68 -33.14 19.65 -27.14
C ALA E 68 -31.87 19.18 -26.42
N THR E 69 -30.92 20.10 -26.28
CA THR E 69 -29.68 19.85 -25.56
C THR E 69 -29.31 21.11 -24.79
N ILE E 70 -29.07 20.96 -23.49
CA ILE E 70 -28.83 22.09 -22.60
C ILE E 70 -27.39 22.05 -22.15
N THR E 71 -26.72 23.21 -22.22
CA THR E 71 -25.35 23.35 -21.76
C THR E 71 -25.21 24.68 -21.03
N ALA E 72 -24.03 24.90 -20.44
CA ALA E 72 -23.72 26.14 -19.75
C ALA E 72 -22.22 26.32 -19.51
N ASP E 73 -21.68 27.49 -19.82
CA ASP E 73 -20.29 27.83 -19.56
C ASP E 73 -20.26 28.82 -18.40
N THR E 74 -19.62 28.42 -17.30
CA THR E 74 -19.59 29.28 -16.12
C THR E 74 -18.86 30.59 -16.41
N SER E 75 -17.79 30.52 -17.20
CA SER E 75 -17.01 31.71 -17.51
C SER E 75 -17.86 32.77 -18.19
N SER E 76 -18.57 32.38 -19.25
CA SER E 76 -19.51 33.29 -19.91
C SER E 76 -20.70 33.63 -19.01
N ASN E 77 -20.89 32.91 -17.91
CA ASN E 77 -22.03 33.10 -17.01
C ASN E 77 -23.34 33.02 -17.78
N THR E 78 -23.49 31.94 -18.53
CA THR E 78 -24.59 31.82 -19.48
C THR E 78 -24.91 30.35 -19.73
N ALA E 79 -26.21 30.04 -19.76
CA ALA E 79 -26.70 28.71 -20.09
C ALA E 79 -27.36 28.74 -21.47
N TYR E 80 -27.15 27.68 -22.24
CA TYR E 80 -27.63 27.61 -23.61
C TYR E 80 -28.62 26.47 -23.79
N LEU E 81 -29.47 26.61 -24.80
CA LEU E 81 -30.35 25.53 -25.26
C LEU E 81 -30.09 25.32 -26.74
N GLN E 82 -29.59 24.14 -27.10
CA GLN E 82 -29.29 23.80 -28.49
C GLN E 82 -30.41 22.91 -29.02
N LEU E 83 -31.20 23.46 -29.94
CA LEU E 83 -32.19 22.69 -30.67
C LEU E 83 -31.58 22.24 -31.99
N SER E 84 -31.99 21.04 -32.44
CA SER E 84 -31.42 20.44 -33.63
C SER E 84 -32.50 19.75 -34.44
N SER E 85 -32.37 19.81 -35.76
CA SER E 85 -33.33 19.23 -36.70
C SER E 85 -34.74 19.77 -36.44
N LEU E 86 -34.91 21.03 -36.78
CA LEU E 86 -36.12 21.76 -36.42
C LEU E 86 -37.27 21.43 -37.38
N THR E 87 -38.49 21.60 -36.87
CA THR E 87 -39.71 21.46 -37.66
C THR E 87 -40.58 22.69 -37.42
N SER E 88 -41.72 22.74 -38.11
CA SER E 88 -42.71 23.77 -37.81
C SER E 88 -43.32 23.58 -36.43
N GLU E 89 -43.26 22.36 -35.89
CA GLU E 89 -43.77 22.13 -34.54
C GLU E 89 -42.88 22.79 -33.49
N ASP E 90 -41.60 22.98 -33.79
CA ASP E 90 -40.67 23.64 -32.89
C ASP E 90 -40.78 25.16 -32.94
N THR E 91 -41.69 25.70 -33.75
CA THR E 91 -41.87 27.15 -33.84
C THR E 91 -42.62 27.64 -32.60
N ALA E 92 -41.89 28.23 -31.66
CA ALA E 92 -42.47 28.63 -30.38
C ALA E 92 -41.53 29.61 -29.68
N VAL E 93 -41.96 30.09 -28.52
CA VAL E 93 -41.17 30.96 -27.65
C VAL E 93 -40.56 30.09 -26.56
N TYR E 94 -39.33 30.42 -26.18
CA TYR E 94 -38.58 29.65 -25.19
C TYR E 94 -38.06 30.56 -24.10
N TYR E 95 -38.19 30.11 -22.84
CA TYR E 95 -37.79 30.87 -21.67
C TYR E 95 -36.83 30.05 -20.83
N CYS E 96 -35.88 30.74 -20.20
CA CYS E 96 -35.08 30.14 -19.14
C CYS E 96 -35.61 30.58 -17.78
N VAL E 97 -35.64 29.63 -16.84
CA VAL E 97 -36.26 29.83 -15.54
C VAL E 97 -35.25 29.47 -14.45
N ARG E 98 -35.38 30.13 -13.31
CA ARG E 98 -34.61 29.82 -12.11
C ARG E 98 -35.48 30.11 -10.91
N PRO E 99 -35.23 29.46 -9.78
CA PRO E 99 -36.02 29.72 -8.58
C PRO E 99 -35.49 30.93 -7.82
N LEU E 100 -36.27 31.35 -6.83
CA LEU E 100 -35.85 32.42 -5.91
C LEU E 100 -35.22 31.81 -4.66
N TYR E 101 -36.04 31.11 -3.86
CA TYR E 101 -35.56 30.46 -2.65
C TYR E 101 -35.62 28.94 -2.80
N ASP E 102 -36.83 28.37 -2.85
CA ASP E 102 -37.03 26.93 -3.00
C ASP E 102 -36.20 26.40 -4.16
N TYR E 103 -35.36 25.39 -3.87
CA TYR E 103 -34.48 24.83 -4.88
C TYR E 103 -35.22 24.48 -6.16
N TYR E 104 -36.43 23.95 -6.04
CA TYR E 104 -37.16 23.34 -7.14
C TYR E 104 -38.22 24.25 -7.74
N ALA E 105 -38.32 25.49 -7.27
CA ALA E 105 -39.36 26.39 -7.73
C ALA E 105 -39.05 26.93 -9.13
N MET E 106 -40.04 27.64 -9.70
CA MET E 106 -39.97 28.24 -11.04
C MET E 106 -40.52 29.66 -10.93
N ASP E 107 -39.67 30.59 -10.48
CA ASP E 107 -40.12 31.91 -10.09
C ASP E 107 -39.61 33.04 -10.97
N TYR E 108 -38.33 33.02 -11.35
CA TYR E 108 -37.75 34.06 -12.19
C TYR E 108 -37.67 33.57 -13.64
N TRP E 109 -38.12 34.40 -14.57
CA TRP E 109 -38.19 34.04 -15.98
C TRP E 109 -37.50 35.08 -16.84
N GLY E 110 -36.77 34.62 -17.86
CA GLY E 110 -36.25 35.52 -18.86
C GLY E 110 -37.36 36.08 -19.73
N GLN E 111 -37.00 37.10 -20.53
CA GLN E 111 -38.00 37.78 -21.34
C GLN E 111 -38.50 36.93 -22.50
N GLY E 112 -37.84 35.82 -22.82
CA GLY E 112 -38.32 34.95 -23.88
C GLY E 112 -37.68 35.18 -25.23
N THR E 113 -37.39 34.10 -25.94
CA THR E 113 -36.85 34.16 -27.29
C THR E 113 -37.80 33.41 -28.22
N SER E 114 -38.27 34.10 -29.26
CA SER E 114 -39.14 33.50 -30.26
C SER E 114 -38.29 32.83 -31.33
N VAL E 115 -38.64 31.60 -31.69
CA VAL E 115 -37.93 30.82 -32.70
C VAL E 115 -38.93 30.43 -33.78
N THR E 116 -38.65 30.85 -35.02
CA THR E 116 -39.51 30.58 -36.16
C THR E 116 -38.79 29.65 -37.12
N VAL E 117 -39.50 28.63 -37.59
CA VAL E 117 -38.96 27.64 -38.51
C VAL E 117 -39.79 27.66 -39.78
N SER E 118 -39.21 28.14 -40.87
CA SER E 118 -39.90 28.20 -42.15
C SER E 118 -38.88 28.37 -43.26
N SER E 119 -39.22 27.83 -44.43
CA SER E 119 -38.31 27.83 -45.57
C SER E 119 -38.42 29.08 -46.44
N ALA E 120 -39.56 29.78 -46.39
CA ALA E 120 -39.79 30.91 -47.28
C ALA E 120 -38.74 31.99 -47.07
N LYS E 121 -38.24 32.54 -48.17
CA LYS E 121 -37.26 33.61 -48.12
C LYS E 121 -37.96 34.96 -47.95
N THR E 122 -37.17 36.03 -47.94
CA THR E 122 -37.73 37.37 -47.77
C THR E 122 -38.74 37.66 -48.88
N THR E 123 -39.89 38.19 -48.49
CA THR E 123 -40.99 38.38 -49.43
C THR E 123 -41.75 39.64 -49.06
N ALA E 124 -41.92 40.55 -50.03
CA ALA E 124 -42.71 41.76 -49.83
C ALA E 124 -44.19 41.46 -49.98
N PRO E 125 -45.04 42.18 -49.27
CA PRO E 125 -46.47 41.87 -49.27
C PRO E 125 -47.18 42.49 -50.47
N SER E 126 -48.48 42.22 -50.55
CA SER E 126 -49.41 42.85 -51.48
C SER E 126 -50.41 43.69 -50.69
N VAL E 127 -51.12 44.58 -51.38
CA VAL E 127 -52.10 45.46 -50.77
C VAL E 127 -53.33 45.53 -51.66
N TYR E 128 -54.50 45.24 -51.09
CA TYR E 128 -55.76 45.20 -51.82
C TYR E 128 -56.78 46.07 -51.10
N PRO E 129 -57.39 47.04 -51.78
CA PRO E 129 -58.44 47.85 -51.14
C PRO E 129 -59.76 47.11 -51.06
N LEU E 130 -60.56 47.49 -50.07
CA LEU E 130 -61.84 46.84 -49.80
C LEU E 130 -62.91 47.91 -49.51
N ALA E 131 -63.72 48.21 -50.52
CA ALA E 131 -64.83 49.13 -50.43
C ALA E 131 -66.15 48.36 -50.39
N PRO E 132 -67.20 48.94 -49.80
CA PRO E 132 -68.47 48.21 -49.69
C PRO E 132 -69.07 47.86 -51.05
N VAL E 133 -70.10 47.03 -51.01
CA VAL E 133 -70.76 46.56 -52.23
C VAL E 133 -71.72 47.64 -52.74
N CYS E 134 -71.90 47.68 -54.05
CA CYS E 134 -72.81 48.63 -54.68
C CYS E 134 -74.25 48.49 -54.19
N SER E 140 -75.06 56.14 -42.20
CA SER E 140 -74.59 57.04 -41.15
C SER E 140 -73.11 56.80 -40.84
N SER E 141 -72.68 55.55 -41.02
CA SER E 141 -71.30 55.16 -40.75
C SER E 141 -70.87 54.11 -41.78
N VAL E 142 -69.57 54.07 -42.05
CA VAL E 142 -69.01 53.20 -43.08
C VAL E 142 -67.72 52.58 -42.56
N THR E 143 -67.48 51.33 -42.95
CA THR E 143 -66.26 50.61 -42.62
C THR E 143 -65.51 50.29 -43.90
N LEU E 144 -64.20 50.47 -43.88
CA LEU E 144 -63.34 50.17 -45.01
C LEU E 144 -62.46 48.95 -44.69
N GLY E 145 -61.55 48.63 -45.60
CA GLY E 145 -60.68 47.49 -45.44
C GLY E 145 -59.44 47.61 -46.29
N CYS E 146 -58.33 47.03 -45.79
CA CYS E 146 -57.05 47.10 -46.47
C CYS E 146 -56.32 45.78 -46.22
N LEU E 147 -56.44 44.86 -47.16
CA LEU E 147 -55.88 43.52 -47.01
C LEU E 147 -54.41 43.50 -47.44
N VAL E 148 -53.59 42.85 -46.63
CA VAL E 148 -52.17 42.65 -46.90
C VAL E 148 -51.90 41.15 -46.86
N LYS E 149 -51.12 40.66 -47.83
CA LYS E 149 -50.92 39.23 -47.95
C LYS E 149 -49.58 38.94 -48.59
N GLY E 150 -49.06 37.75 -48.32
CA GLY E 150 -47.87 37.22 -48.98
C GLY E 150 -46.60 37.94 -48.63
N TYR E 151 -46.14 37.82 -47.40
CA TYR E 151 -44.91 38.46 -46.98
C TYR E 151 -44.20 37.60 -45.94
N PHE E 152 -42.91 37.87 -45.78
CA PHE E 152 -42.05 37.15 -44.86
C PHE E 152 -40.74 37.91 -44.70
N PRO E 153 -40.20 38.01 -43.47
CA PRO E 153 -40.83 37.51 -42.24
C PRO E 153 -41.65 38.57 -41.51
N GLU E 154 -42.08 38.24 -40.29
CA GLU E 154 -42.71 39.22 -39.42
C GLU E 154 -41.68 40.25 -38.97
N PRO E 155 -42.11 41.47 -38.60
CA PRO E 155 -43.49 41.97 -38.64
C PRO E 155 -43.72 42.99 -39.75
N VAL E 156 -44.82 43.73 -39.68
CA VAL E 156 -45.15 44.78 -40.62
C VAL E 156 -45.71 45.97 -39.84
N THR E 157 -46.04 47.04 -40.57
CA THR E 157 -46.45 48.31 -39.97
C THR E 157 -47.56 48.91 -40.84
N LEU E 158 -48.79 48.84 -40.36
CA LEU E 158 -49.96 49.33 -41.10
C LEU E 158 -50.47 50.61 -40.46
N THR E 159 -50.64 51.65 -41.28
CA THR E 159 -51.28 52.88 -40.87
C THR E 159 -52.29 53.29 -41.93
N TRP E 160 -53.18 54.20 -41.55
CA TRP E 160 -54.14 54.79 -42.47
C TRP E 160 -53.78 56.26 -42.66
N ASN E 161 -53.44 56.63 -43.90
CA ASN E 161 -53.02 57.99 -44.26
C ASN E 161 -51.75 58.40 -43.53
N SER E 162 -50.74 57.52 -43.61
CA SER E 162 -49.38 57.80 -43.12
C SER E 162 -49.37 58.06 -41.61
N GLY E 163 -50.08 57.24 -40.85
CA GLY E 163 -50.12 57.40 -39.42
C GLY E 163 -50.99 58.54 -38.95
N SER E 164 -52.11 58.79 -39.61
CA SER E 164 -52.99 59.90 -39.25
C SER E 164 -53.97 59.47 -38.17
N LEU E 165 -55.23 59.27 -38.54
CA LEU E 165 -56.25 58.87 -37.58
C LEU E 165 -56.00 57.45 -37.11
N SER E 166 -56.08 57.25 -35.79
CA SER E 166 -55.94 55.93 -35.19
C SER E 166 -57.16 55.52 -34.37
N SER E 167 -58.01 56.46 -33.97
CA SER E 167 -59.16 56.14 -33.13
C SER E 167 -60.23 55.38 -33.92
N GLY E 168 -60.12 54.06 -33.95
CA GLY E 168 -61.05 53.23 -34.70
C GLY E 168 -60.38 52.38 -35.74
N VAL E 169 -59.19 51.87 -35.42
CA VAL E 169 -58.39 51.07 -36.34
C VAL E 169 -58.22 49.69 -35.70
N HIS E 170 -59.04 48.73 -36.13
CA HIS E 170 -58.95 47.36 -35.64
C HIS E 170 -57.99 46.59 -36.56
N THR E 171 -56.70 46.77 -36.30
CA THR E 171 -55.68 46.05 -37.04
C THR E 171 -55.51 44.65 -36.43
N PHE E 172 -55.77 43.63 -37.23
CA PHE E 172 -55.81 42.26 -36.71
C PHE E 172 -54.44 41.61 -36.76
N PRO E 173 -54.20 40.65 -35.87
CA PRO E 173 -52.91 39.94 -35.88
C PRO E 173 -52.69 39.19 -37.18
N ALA E 174 -51.43 39.13 -37.59
CA ALA E 174 -51.05 38.36 -38.77
C ALA E 174 -51.31 36.88 -38.54
N VAL E 175 -51.44 36.14 -39.64
CA VAL E 175 -51.70 34.70 -39.60
C VAL E 175 -50.80 34.02 -40.61
N LEU E 176 -50.29 32.84 -40.25
CA LEU E 176 -49.50 32.05 -41.19
C LEU E 176 -50.38 31.47 -42.29
N GLN E 177 -49.84 31.43 -43.51
CA GLN E 177 -50.54 30.86 -44.67
C GLN E 177 -49.50 30.13 -45.52
N SER E 178 -49.23 28.88 -45.15
CA SER E 178 -48.26 28.01 -45.83
C SER E 178 -46.94 28.73 -46.06
N ASP E 179 -46.29 29.07 -44.94
CA ASP E 179 -44.99 29.72 -44.88
C ASP E 179 -45.02 31.18 -45.33
N LEU E 180 -46.20 31.80 -45.37
CA LEU E 180 -46.30 33.23 -45.65
C LEU E 180 -47.45 33.80 -44.81
N TYR E 181 -47.43 35.11 -44.61
CA TYR E 181 -48.34 35.76 -43.68
C TYR E 181 -49.42 36.55 -44.40
N THR E 182 -50.50 36.80 -43.68
CA THR E 182 -51.67 37.53 -44.20
C THR E 182 -52.26 38.37 -43.07
N LEU E 183 -52.08 39.68 -43.15
CA LEU E 183 -52.60 40.60 -42.14
C LEU E 183 -53.75 41.41 -42.71
N SER E 184 -54.72 41.74 -41.85
CA SER E 184 -55.89 42.50 -42.26
C SER E 184 -56.23 43.53 -41.19
N SER E 185 -56.63 44.72 -41.64
CA SER E 185 -57.02 45.79 -40.74
C SER E 185 -58.26 46.47 -41.29
N SER E 186 -58.90 47.26 -40.43
CA SER E 186 -60.13 47.95 -40.79
C SER E 186 -60.15 49.32 -40.12
N VAL E 187 -61.11 50.15 -40.54
CA VAL E 187 -61.29 51.49 -39.97
C VAL E 187 -62.71 51.93 -40.27
N THR E 188 -63.31 52.65 -39.32
CA THR E 188 -64.70 53.07 -39.41
C THR E 188 -64.80 54.57 -39.17
N VAL E 189 -65.60 55.24 -40.00
CA VAL E 189 -65.89 56.66 -39.87
C VAL E 189 -67.34 56.91 -40.26
N THR E 190 -67.74 58.18 -40.27
CA THR E 190 -69.09 58.55 -40.66
C THR E 190 -69.18 58.68 -42.18
N SER E 191 -70.41 58.80 -42.68
CA SER E 191 -70.63 59.02 -44.10
C SER E 191 -70.12 60.38 -44.56
N SER E 192 -70.00 61.34 -43.64
CA SER E 192 -69.50 62.67 -43.94
C SER E 192 -67.97 62.72 -43.98
N THR E 193 -67.31 61.58 -44.00
CA THR E 193 -65.85 61.51 -44.07
C THR E 193 -65.34 60.83 -45.33
N TRP E 194 -66.11 59.90 -45.90
CA TRP E 194 -65.72 59.16 -47.08
C TRP E 194 -66.97 58.87 -47.89
N PRO E 195 -66.96 59.09 -49.22
CA PRO E 195 -65.82 59.56 -50.01
C PRO E 195 -65.71 61.09 -50.08
N SER E 196 -65.99 61.78 -48.98
CA SER E 196 -65.84 63.22 -48.93
C SER E 196 -64.38 63.64 -48.71
N GLN E 197 -63.54 62.73 -48.23
CA GLN E 197 -62.13 63.02 -47.97
C GLN E 197 -61.28 61.86 -48.46
N SER E 198 -60.11 62.19 -49.00
CA SER E 198 -59.21 61.17 -49.52
C SER E 198 -58.67 60.31 -48.38
N ILE E 199 -58.64 59.00 -48.59
CA ILE E 199 -58.21 58.03 -47.59
C ILE E 199 -57.39 56.95 -48.27
N THR E 200 -56.12 56.82 -47.87
CA THR E 200 -55.22 55.80 -48.39
C THR E 200 -54.69 54.97 -47.23
N CYS E 201 -54.59 53.66 -47.45
CA CYS E 201 -54.05 52.73 -46.46
C CYS E 201 -52.54 52.60 -46.67
N ASN E 202 -51.76 52.92 -45.62
CA ASN E 202 -50.31 52.89 -45.69
C ASN E 202 -49.76 51.63 -45.03
N VAL E 203 -48.73 51.05 -45.66
CA VAL E 203 -48.14 49.78 -45.22
C VAL E 203 -46.62 49.90 -45.34
N ALA E 204 -45.91 49.14 -44.50
CA ALA E 204 -44.46 49.10 -44.57
C ALA E 204 -43.99 47.72 -44.15
N HIS E 205 -42.92 47.24 -44.80
CA HIS E 205 -42.30 45.96 -44.48
C HIS E 205 -40.80 46.16 -44.30
N PRO E 206 -40.33 46.32 -43.06
CA PRO E 206 -38.90 46.58 -42.86
C PRO E 206 -37.97 45.50 -43.38
N ALA E 207 -38.45 44.25 -43.50
CA ALA E 207 -37.59 43.17 -43.97
C ALA E 207 -37.13 43.41 -45.40
N SER E 208 -38.07 43.67 -46.31
CA SER E 208 -37.75 43.95 -47.70
C SER E 208 -37.58 45.44 -47.98
N SER E 209 -37.66 46.29 -46.96
CA SER E 209 -37.38 47.73 -47.07
C SER E 209 -38.29 48.39 -48.10
N THR E 210 -39.60 48.18 -47.94
CA THR E 210 -40.60 48.73 -48.86
C THR E 210 -41.68 49.46 -48.07
N LYS E 211 -42.31 50.46 -48.72
CA LYS E 211 -43.33 51.30 -48.11
C LYS E 211 -44.35 51.70 -49.19
N VAL E 212 -45.22 50.76 -49.55
CA VAL E 212 -46.24 50.97 -50.57
C VAL E 212 -47.59 51.17 -49.89
N ASP E 213 -48.46 51.92 -50.54
CA ASP E 213 -49.79 52.21 -50.02
C ASP E 213 -50.79 52.22 -51.18
N LYS E 214 -52.04 51.91 -50.85
CA LYS E 214 -53.12 51.85 -51.84
C LYS E 214 -54.27 52.73 -51.42
N LYS E 215 -54.74 53.58 -52.34
CA LYS E 215 -55.84 54.49 -52.08
C LYS E 215 -57.17 53.77 -52.27
N ILE E 216 -58.03 53.82 -51.25
CA ILE E 216 -59.34 53.18 -51.33
C ILE E 216 -60.21 53.93 -52.33
N GLU E 217 -60.89 53.16 -53.20
CA GLU E 217 -61.76 53.72 -54.20
C GLU E 217 -63.18 53.17 -54.04
N PRO E 218 -64.21 54.00 -54.23
CA PRO E 218 -65.58 53.50 -54.13
C PRO E 218 -65.91 52.56 -55.28
N ARG E 219 -66.83 51.63 -55.01
CA ARG E 219 -67.27 50.68 -56.01
C ARG E 219 -68.53 51.17 -56.71
N ASP F 1 -46.56 11.26 -16.43
CA ASP F 1 -46.47 12.65 -16.04
C ASP F 1 -47.73 13.09 -15.30
N ILE F 2 -47.59 14.10 -14.45
CA ILE F 2 -48.71 14.61 -13.67
C ILE F 2 -49.48 15.61 -14.52
N LEU F 3 -50.81 15.44 -14.58
CA LEU F 3 -51.67 16.34 -15.33
C LEU F 3 -52.20 17.43 -14.42
N MET F 4 -51.99 18.69 -14.82
CA MET F 4 -52.52 19.83 -14.09
C MET F 4 -53.76 20.35 -14.82
N THR F 5 -54.90 20.31 -14.14
CA THR F 5 -56.18 20.72 -14.70
C THR F 5 -56.56 22.07 -14.11
N GLN F 6 -56.37 23.12 -14.89
CA GLN F 6 -56.61 24.49 -14.44
C GLN F 6 -57.97 24.96 -14.95
N SER F 7 -58.76 25.50 -14.03
CA SER F 7 -60.11 25.98 -14.34
C SER F 7 -60.35 27.31 -13.65
N PRO F 8 -61.14 28.20 -14.26
CA PRO F 8 -61.75 28.02 -15.59
C PRO F 8 -60.81 28.42 -16.71
N SER F 9 -61.18 28.08 -17.95
CA SER F 9 -60.34 28.45 -19.10
C SER F 9 -60.23 29.96 -19.22
N SER F 10 -61.29 30.69 -18.87
CA SER F 10 -61.28 32.15 -18.84
C SER F 10 -62.48 32.60 -18.03
N MET F 11 -62.48 33.88 -17.68
CA MET F 11 -63.59 34.48 -16.96
C MET F 11 -63.61 35.97 -17.22
N SER F 12 -64.81 36.55 -17.23
CA SER F 12 -65.00 37.98 -17.39
C SER F 12 -65.41 38.56 -16.05
N VAL F 13 -64.58 39.47 -15.53
CA VAL F 13 -64.77 40.05 -14.20
C VAL F 13 -64.45 41.54 -14.26
N SER F 14 -64.78 42.24 -13.18
CA SER F 14 -64.62 43.68 -13.09
C SER F 14 -63.54 44.05 -12.07
N LEU F 15 -63.28 45.35 -11.97
CA LEU F 15 -62.33 45.85 -10.99
C LEU F 15 -62.88 45.74 -9.58
N GLY F 16 -61.99 45.71 -8.59
CA GLY F 16 -62.42 45.52 -7.22
C GLY F 16 -63.06 44.19 -6.92
N ASP F 17 -63.09 43.25 -7.88
CA ASP F 17 -63.65 41.93 -7.63
C ASP F 17 -62.66 41.03 -6.89
N THR F 18 -63.20 40.04 -6.19
CA THR F 18 -62.40 39.02 -5.51
C THR F 18 -62.62 37.70 -6.25
N VAL F 19 -61.58 37.22 -6.92
CA VAL F 19 -61.68 36.05 -7.78
C VAL F 19 -60.76 34.95 -7.25
N SER F 20 -60.98 33.75 -7.75
CA SER F 20 -60.19 32.58 -7.35
C SER F 20 -60.06 31.62 -8.52
N ILE F 21 -58.82 31.27 -8.86
CA ILE F 21 -58.51 30.28 -9.89
C ILE F 21 -58.14 28.99 -9.19
N THR F 22 -58.49 27.86 -9.79
CA THR F 22 -58.21 26.55 -9.22
C THR F 22 -57.25 25.77 -10.11
N CYS F 23 -56.65 24.75 -9.51
CA CYS F 23 -55.72 23.86 -10.20
C CYS F 23 -55.86 22.47 -9.59
N HIS F 24 -56.10 21.47 -10.42
CA HIS F 24 -56.27 20.10 -9.98
C HIS F 24 -55.21 19.21 -10.60
N ALA F 25 -54.53 18.42 -9.78
CA ALA F 25 -53.49 17.50 -10.22
C ALA F 25 -54.00 16.06 -10.16
N SER F 26 -53.43 15.22 -11.03
CA SER F 26 -53.89 13.85 -11.23
C SER F 26 -53.49 13.02 -10.01
N GLN F 27 -52.83 13.66 -9.06
CA GLN F 27 -52.46 13.01 -7.82
C GLN F 27 -52.07 14.09 -6.82
N GLY F 28 -51.84 13.66 -5.58
CA GLY F 28 -51.32 14.57 -4.58
C GLY F 28 -49.95 15.11 -4.97
N ILE F 29 -49.76 16.40 -4.69
CA ILE F 29 -48.47 17.06 -4.91
C ILE F 29 -47.95 17.77 -3.68
N SER F 30 -48.63 17.71 -2.53
CA SER F 30 -48.10 18.17 -1.26
C SER F 30 -47.57 19.61 -1.32
N SER F 31 -48.37 20.49 -1.89
CA SER F 31 -48.13 21.92 -2.03
C SER F 31 -46.89 22.26 -2.84
N ASN F 32 -46.35 21.30 -3.61
CA ASN F 32 -45.23 21.57 -4.50
C ASN F 32 -45.76 22.16 -5.81
N ILE F 33 -46.33 23.36 -5.69
CA ILE F 33 -47.00 24.03 -6.79
C ILE F 33 -46.59 25.50 -6.79
N GLY F 34 -46.45 26.06 -7.98
CA GLY F 34 -46.23 27.49 -8.11
C GLY F 34 -47.31 28.14 -8.96
N TRP F 35 -47.42 29.46 -8.88
CA TRP F 35 -48.37 30.22 -9.68
C TRP F 35 -47.64 31.31 -10.46
N LEU F 36 -48.09 31.54 -11.69
CA LEU F 36 -47.39 32.41 -12.62
C LEU F 36 -48.36 33.42 -13.23
N GLN F 37 -47.81 34.54 -13.67
CA GLN F 37 -48.57 35.59 -14.34
C GLN F 37 -47.82 36.02 -15.60
N GLN F 38 -48.56 36.16 -16.70
CA GLN F 38 -48.02 36.68 -17.94
C GLN F 38 -48.89 37.84 -18.40
N LYS F 39 -48.38 39.06 -18.25
CA LYS F 39 -49.12 40.23 -18.69
C LYS F 39 -49.10 40.33 -20.22
N PRO F 40 -50.14 40.95 -20.82
CA PRO F 40 -50.24 41.01 -22.29
C PRO F 40 -48.97 41.44 -23.00
N GLY F 41 -48.42 40.54 -23.83
CA GLY F 41 -47.21 40.81 -24.59
C GLY F 41 -45.91 40.70 -23.82
N LYS F 42 -45.96 40.63 -22.49
CA LYS F 42 -44.76 40.61 -21.67
C LYS F 42 -44.39 39.17 -21.32
N SER F 43 -43.40 39.02 -20.45
CA SER F 43 -42.94 37.69 -20.07
C SER F 43 -43.65 37.25 -18.79
N PHE F 44 -43.09 36.28 -18.08
CA PHE F 44 -43.70 35.73 -16.88
C PHE F 44 -43.15 36.38 -15.63
N MET F 45 -43.98 36.42 -14.59
CA MET F 45 -43.59 36.83 -13.25
C MET F 45 -44.06 35.80 -12.24
N GLY F 46 -43.21 35.49 -11.27
CA GLY F 46 -43.58 34.52 -10.24
C GLY F 46 -44.49 35.15 -9.20
N LEU F 47 -45.54 34.42 -8.83
CA LEU F 47 -46.49 34.85 -7.82
C LEU F 47 -46.40 34.03 -6.54
N ILE F 48 -46.40 32.71 -6.65
CA ILE F 48 -46.46 31.81 -5.51
C ILE F 48 -45.42 30.71 -5.70
N TYR F 49 -44.81 30.28 -4.60
CA TYR F 49 -44.01 29.07 -4.58
C TYR F 49 -44.37 28.26 -3.32
N TYR F 50 -44.35 26.94 -3.47
CA TYR F 50 -44.73 26.00 -2.42
C TYR F 50 -46.14 26.29 -1.89
N GLY F 51 -47.05 26.55 -2.81
CA GLY F 51 -48.48 26.72 -2.55
C GLY F 51 -49.02 28.00 -1.93
N THR F 52 -48.30 28.57 -0.96
CA THR F 52 -48.83 29.71 -0.22
C THR F 52 -47.86 30.88 -0.08
N ASN F 53 -46.61 30.74 -0.51
CA ASN F 53 -45.60 31.77 -0.23
C ASN F 53 -45.51 32.75 -1.39
N LEU F 54 -45.79 34.03 -1.10
CA LEU F 54 -45.65 35.07 -2.11
C LEU F 54 -44.18 35.24 -2.47
N VAL F 55 -43.92 35.45 -3.76
CA VAL F 55 -42.58 35.84 -4.20
C VAL F 55 -42.31 37.27 -3.73
N ASP F 56 -41.04 37.57 -3.46
CA ASP F 56 -40.67 38.92 -3.09
C ASP F 56 -41.11 39.91 -4.15
N GLY F 57 -41.88 40.92 -3.73
CA GLY F 57 -42.38 41.94 -4.63
C GLY F 57 -43.84 41.79 -5.03
N VAL F 58 -44.41 40.59 -4.87
CA VAL F 58 -45.80 40.37 -5.23
C VAL F 58 -46.70 41.14 -4.26
N PRO F 59 -47.67 41.93 -4.75
CA PRO F 59 -48.54 42.68 -3.86
C PRO F 59 -49.36 41.76 -2.95
N SER F 60 -49.86 42.35 -1.86
CA SER F 60 -50.52 41.60 -0.81
C SER F 60 -51.89 41.08 -1.20
N ARG F 61 -52.47 41.56 -2.30
CA ARG F 61 -53.82 41.12 -2.69
C ARG F 61 -53.83 39.71 -3.27
N PHE F 62 -52.67 39.18 -3.64
CA PHE F 62 -52.60 37.79 -4.09
C PHE F 62 -52.44 36.85 -2.90
N SER F 63 -52.91 35.63 -3.07
CA SER F 63 -52.81 34.63 -2.01
C SER F 63 -53.02 33.24 -2.61
N GLY F 64 -52.24 32.29 -2.12
CA GLY F 64 -52.40 30.91 -2.53
C GLY F 64 -52.94 30.03 -1.41
N SER F 65 -53.56 28.91 -1.78
CA SER F 65 -54.13 28.01 -0.79
C SER F 65 -54.40 26.66 -1.46
N GLY F 66 -54.58 25.65 -0.63
CA GLY F 66 -54.90 24.31 -1.10
C GLY F 66 -54.05 23.26 -0.42
N SER F 67 -54.34 22.01 -0.76
CA SER F 67 -53.62 20.87 -0.21
C SER F 67 -53.92 19.66 -1.09
N GLY F 68 -53.12 18.62 -0.90
CA GLY F 68 -53.28 17.38 -1.65
C GLY F 68 -53.18 17.55 -3.16
N ALA F 69 -54.34 17.63 -3.82
CA ALA F 69 -54.38 17.71 -5.27
C ALA F 69 -55.33 18.79 -5.78
N ASP F 70 -55.74 19.72 -4.92
CA ASP F 70 -56.62 20.81 -5.31
C ASP F 70 -56.15 22.09 -4.63
N TYR F 71 -55.75 23.07 -5.43
CA TYR F 71 -55.17 24.30 -4.94
C TYR F 71 -55.82 25.50 -5.62
N SER F 72 -55.66 26.67 -5.03
CA SER F 72 -56.35 27.86 -5.49
C SER F 72 -55.45 29.08 -5.39
N LEU F 73 -55.50 29.94 -6.41
CA LEU F 73 -54.91 31.26 -6.38
C LEU F 73 -56.03 32.30 -6.33
N THR F 74 -55.86 33.31 -5.48
CA THR F 74 -56.92 34.27 -5.20
C THR F 74 -56.38 35.69 -5.25
N ILE F 75 -57.03 36.53 -6.06
CA ILE F 75 -56.75 37.95 -6.12
C ILE F 75 -57.90 38.68 -5.44
N SER F 76 -57.57 39.54 -4.48
CA SER F 76 -58.56 40.34 -3.76
C SER F 76 -58.55 41.76 -4.27
N SER F 77 -59.72 42.27 -4.64
CA SER F 77 -59.87 43.59 -5.24
C SER F 77 -58.99 43.71 -6.47
N LEU F 78 -59.49 43.26 -7.62
CA LEU F 78 -58.68 43.23 -8.83
C LEU F 78 -58.25 44.63 -9.24
N ASP F 79 -56.98 44.74 -9.65
CA ASP F 79 -56.40 45.96 -10.19
C ASP F 79 -56.32 45.85 -11.72
N SER F 80 -56.27 47.01 -12.38
CA SER F 80 -56.17 47.04 -13.83
C SER F 80 -54.95 46.27 -14.32
N GLU F 81 -53.87 46.25 -13.55
CA GLU F 81 -52.68 45.49 -13.94
C GLU F 81 -52.95 43.98 -13.95
N ASP F 82 -53.86 43.51 -13.09
CA ASP F 82 -54.02 42.08 -12.89
C ASP F 82 -54.66 41.38 -14.08
N PHE F 83 -55.34 42.11 -14.97
CA PHE F 83 -55.95 41.49 -16.13
C PHE F 83 -54.89 40.91 -17.05
N ALA F 84 -54.56 39.64 -16.86
CA ALA F 84 -53.50 38.98 -17.61
C ALA F 84 -53.78 37.48 -17.61
N ASP F 85 -52.77 36.70 -17.98
CA ASP F 85 -52.87 35.25 -17.98
C ASP F 85 -52.19 34.68 -16.74
N TYR F 86 -52.74 33.57 -16.23
CA TYR F 86 -52.24 32.92 -15.03
C TYR F 86 -52.14 31.42 -15.27
N TYR F 87 -51.06 30.82 -14.76
CA TYR F 87 -50.81 29.40 -14.92
C TYR F 87 -50.36 28.81 -13.59
N CYS F 88 -50.72 27.56 -13.37
CA CYS F 88 -50.17 26.79 -12.27
C CYS F 88 -49.12 25.81 -12.80
N VAL F 89 -48.18 25.46 -11.95
CA VAL F 89 -47.11 24.53 -12.31
C VAL F 89 -46.77 23.70 -11.08
N GLN F 90 -46.57 22.40 -11.28
CA GLN F 90 -46.17 21.51 -10.21
C GLN F 90 -44.72 21.11 -10.40
N TYR F 91 -43.98 21.02 -9.29
CA TYR F 91 -42.62 20.50 -9.31
C TYR F 91 -42.47 19.40 -8.26
N ALA F 92 -43.52 18.61 -8.08
CA ALA F 92 -43.42 17.46 -7.18
C ALA F 92 -42.72 16.28 -7.85
N GLN F 93 -42.85 16.16 -9.18
CA GLN F 93 -42.16 15.12 -9.94
C GLN F 93 -41.57 15.73 -11.20
N LEU F 94 -40.67 14.98 -11.82
CA LEU F 94 -40.17 15.29 -13.15
C LEU F 94 -40.90 14.44 -14.18
N PRO F 95 -41.33 15.02 -15.32
CA PRO F 95 -41.13 16.40 -15.73
C PRO F 95 -42.07 17.39 -15.04
N TYR F 96 -41.63 18.63 -14.87
CA TYR F 96 -42.53 19.68 -14.43
C TYR F 96 -43.64 19.85 -15.46
N THR F 97 -44.87 20.07 -14.97
CA THR F 97 -46.01 20.21 -15.85
C THR F 97 -46.81 21.45 -15.46
N PHE F 98 -47.40 22.09 -16.47
CA PHE F 98 -48.13 23.34 -16.30
C PHE F 98 -49.63 23.11 -16.49
N GLY F 99 -50.42 24.03 -15.93
CA GLY F 99 -51.85 24.03 -16.16
C GLY F 99 -52.20 24.61 -17.52
N GLY F 100 -53.48 24.48 -17.87
CA GLY F 100 -53.94 24.96 -19.16
C GLY F 100 -53.94 26.46 -19.31
N GLY F 101 -53.94 27.19 -18.21
CA GLY F 101 -53.95 28.64 -18.25
C GLY F 101 -55.33 29.21 -17.96
N THR F 102 -55.34 30.49 -17.60
CA THR F 102 -56.57 31.22 -17.32
C THR F 102 -56.42 32.64 -17.83
N LYS F 103 -57.46 33.17 -18.45
CA LYS F 103 -57.47 34.53 -18.99
C LYS F 103 -58.52 35.33 -18.25
N LEU F 104 -58.09 36.36 -17.53
CA LEU F 104 -58.99 37.26 -16.82
C LEU F 104 -59.37 38.41 -17.74
N GLU F 105 -60.66 38.51 -18.06
CA GLU F 105 -61.18 39.50 -18.99
C GLU F 105 -62.10 40.48 -18.27
N ILE F 106 -62.35 41.61 -18.93
CA ILE F 106 -63.15 42.69 -18.36
C ILE F 106 -64.62 42.43 -18.65
N LYS F 107 -65.45 42.46 -17.61
CA LYS F 107 -66.88 42.36 -17.79
C LYS F 107 -67.42 43.67 -18.35
N ARG F 108 -68.42 43.56 -19.24
CA ARG F 108 -69.04 44.72 -19.85
C ARG F 108 -70.35 44.28 -20.48
N ALA F 109 -71.11 45.27 -20.97
CA ALA F 109 -72.39 44.99 -21.60
C ALA F 109 -72.19 44.21 -22.90
N ASP F 110 -73.11 43.29 -23.17
CA ASP F 110 -73.06 42.56 -24.43
C ASP F 110 -73.30 43.50 -25.60
N ALA F 111 -72.56 43.29 -26.68
CA ALA F 111 -72.65 44.15 -27.85
C ALA F 111 -72.62 43.31 -29.12
N ALA F 112 -73.54 43.58 -30.03
CA ALA F 112 -73.61 42.84 -31.28
C ALA F 112 -72.47 43.26 -32.22
N PRO F 113 -72.01 42.36 -33.08
CA PRO F 113 -70.89 42.70 -33.96
C PRO F 113 -71.28 43.59 -35.12
N THR F 114 -70.33 44.40 -35.57
CA THR F 114 -70.48 45.28 -36.72
C THR F 114 -69.93 44.56 -37.94
N VAL F 115 -70.82 43.94 -38.71
CA VAL F 115 -70.41 43.11 -39.84
C VAL F 115 -70.24 43.98 -41.07
N SER F 116 -69.22 43.67 -41.87
CA SER F 116 -68.95 44.41 -43.10
C SER F 116 -68.23 43.48 -44.06
N ILE F 117 -68.87 43.16 -45.18
CA ILE F 117 -68.29 42.27 -46.19
C ILE F 117 -67.66 43.14 -47.28
N PHE F 118 -66.63 42.61 -47.92
CA PHE F 118 -65.90 43.35 -48.95
C PHE F 118 -65.43 42.41 -50.06
N PRO F 119 -65.86 42.63 -51.30
CA PRO F 119 -65.45 41.75 -52.40
C PRO F 119 -64.02 42.00 -52.80
N PRO F 120 -63.43 41.13 -53.62
CA PRO F 120 -62.01 41.30 -54.00
C PRO F 120 -61.77 42.61 -54.75
N SER F 121 -60.59 43.16 -54.56
CA SER F 121 -60.20 44.38 -55.25
C SER F 121 -59.82 44.07 -56.70
N SER F 122 -59.69 45.13 -57.50
CA SER F 122 -59.26 44.96 -58.88
C SER F 122 -57.79 44.57 -58.96
N GLU F 123 -56.95 45.20 -58.14
CA GLU F 123 -55.54 44.83 -58.08
C GLU F 123 -55.36 43.40 -57.58
N GLN F 124 -56.37 42.84 -56.93
CA GLN F 124 -56.30 41.46 -56.45
C GLN F 124 -56.67 40.47 -57.56
N LEU F 125 -57.81 40.71 -58.22
CA LEU F 125 -58.25 39.83 -59.30
C LEU F 125 -57.28 39.82 -60.47
N THR F 126 -56.41 40.84 -60.57
CA THR F 126 -55.45 40.87 -61.67
C THR F 126 -54.33 39.86 -61.49
N SER F 127 -53.92 39.59 -60.25
CA SER F 127 -52.83 38.67 -59.96
C SER F 127 -53.28 37.21 -59.92
N GLY F 128 -54.41 36.87 -60.53
CA GLY F 128 -54.89 35.50 -60.55
C GLY F 128 -55.29 34.98 -59.19
N GLY F 129 -56.11 35.75 -58.48
CA GLY F 129 -56.55 35.36 -57.15
C GLY F 129 -57.67 36.24 -56.68
N ALA F 130 -58.22 35.89 -55.52
CA ALA F 130 -59.32 36.64 -54.94
C ALA F 130 -59.48 36.25 -53.47
N SER F 131 -59.87 37.23 -52.66
CA SER F 131 -60.17 37.01 -51.24
C SER F 131 -61.34 37.90 -50.84
N VAL F 132 -62.31 37.30 -50.15
CA VAL F 132 -63.47 38.00 -49.64
C VAL F 132 -63.31 38.12 -48.12
N VAL F 133 -63.31 39.35 -47.63
CA VAL F 133 -63.09 39.64 -46.22
C VAL F 133 -64.42 40.01 -45.58
N CYS F 134 -64.53 39.73 -44.28
CA CYS F 134 -65.75 40.02 -43.52
C CYS F 134 -65.31 40.42 -42.11
N PHE F 135 -65.37 41.72 -41.81
CA PHE F 135 -64.95 42.24 -40.52
C PHE F 135 -66.12 42.20 -39.52
N LEU F 136 -65.81 41.81 -38.29
CA LEU F 136 -66.78 41.74 -37.19
C LEU F 136 -66.16 42.49 -36.02
N ASN F 137 -66.39 43.80 -35.96
CA ASN F 137 -65.71 44.68 -35.02
C ASN F 137 -66.58 45.00 -33.82
N ASN F 138 -65.93 45.14 -32.66
CA ASN F 138 -66.55 45.65 -31.44
C ASN F 138 -67.77 44.84 -31.01
N PHE F 139 -67.54 43.66 -30.43
CA PHE F 139 -68.62 42.81 -29.93
C PHE F 139 -68.19 42.21 -28.60
N TYR F 140 -69.18 41.70 -27.85
CA TYR F 140 -68.91 41.11 -26.55
C TYR F 140 -70.05 40.15 -26.22
N PRO F 141 -69.77 38.96 -25.68
CA PRO F 141 -68.43 38.44 -25.36
C PRO F 141 -67.61 38.04 -26.58
N LYS F 142 -66.38 37.58 -26.35
CA LYS F 142 -65.47 37.20 -27.44
C LYS F 142 -66.01 36.04 -28.26
N ASP F 143 -66.92 35.25 -27.71
CA ASP F 143 -67.41 34.05 -28.39
C ASP F 143 -68.24 34.43 -29.61
N ILE F 144 -67.91 33.84 -30.75
CA ILE F 144 -68.58 34.17 -32.01
C ILE F 144 -68.25 33.08 -33.03
N ASN F 145 -69.14 32.87 -33.99
CA ASN F 145 -68.97 31.84 -35.02
C ASN F 145 -69.31 32.43 -36.38
N VAL F 146 -68.35 32.36 -37.30
CA VAL F 146 -68.55 32.82 -38.67
C VAL F 146 -68.80 31.61 -39.56
N LYS F 147 -69.58 31.82 -40.62
CA LYS F 147 -69.90 30.75 -41.56
C LYS F 147 -69.99 31.34 -42.96
N TRP F 148 -69.33 30.68 -43.91
CA TRP F 148 -69.33 31.11 -45.31
C TRP F 148 -70.20 30.19 -46.14
N LYS F 149 -71.04 30.78 -46.99
CA LYS F 149 -71.94 30.04 -47.87
C LYS F 149 -71.79 30.55 -49.30
N ILE F 150 -71.16 29.75 -50.15
CA ILE F 150 -71.10 30.06 -51.58
C ILE F 150 -72.43 29.62 -52.19
N ASP F 151 -73.35 30.56 -52.36
CA ASP F 151 -74.71 30.30 -52.87
C ASP F 151 -75.46 29.32 -51.96
N GLY F 152 -75.55 29.68 -50.68
CA GLY F 152 -76.27 28.87 -49.72
C GLY F 152 -75.50 27.65 -49.25
N SER F 153 -74.70 27.05 -50.12
CA SER F 153 -73.93 25.87 -49.76
C SER F 153 -72.76 26.27 -48.86
N GLU F 154 -72.67 25.61 -47.71
CA GLU F 154 -71.65 25.95 -46.72
C GLU F 154 -70.24 25.75 -47.28
N ARG F 155 -69.31 26.57 -46.79
CA ARG F 155 -67.90 26.48 -47.16
C ARG F 155 -67.07 26.36 -45.90
N GLN F 156 -66.03 25.51 -45.96
CA GLN F 156 -65.13 25.31 -44.83
C GLN F 156 -63.68 25.17 -45.27
N ASN F 157 -63.33 25.63 -46.47
CA ASN F 157 -62.01 25.42 -47.05
C ASN F 157 -61.33 26.76 -47.29
N GLY F 158 -60.07 26.86 -46.90
CA GLY F 158 -59.26 28.03 -47.23
C GLY F 158 -59.65 29.31 -46.50
N VAL F 159 -60.20 29.20 -45.31
CA VAL F 159 -60.59 30.37 -44.53
C VAL F 159 -59.44 30.78 -43.63
N LEU F 160 -59.32 32.09 -43.39
CA LEU F 160 -58.27 32.67 -42.55
C LEU F 160 -58.91 33.67 -41.60
N ASN F 161 -59.02 33.30 -40.33
CA ASN F 161 -59.64 34.13 -39.32
C ASN F 161 -58.62 34.60 -38.30
N SER F 162 -58.75 35.87 -37.88
CA SER F 162 -57.87 36.46 -36.89
C SER F 162 -58.69 37.22 -35.87
N TRP F 163 -58.22 37.22 -34.62
CA TRP F 163 -58.91 37.86 -33.51
C TRP F 163 -58.00 38.88 -32.85
N THR F 164 -58.54 40.08 -32.61
CA THR F 164 -57.86 41.03 -31.75
C THR F 164 -58.19 40.72 -30.29
N ASP F 165 -57.25 41.05 -29.40
CA ASP F 165 -57.50 40.91 -27.97
C ASP F 165 -58.56 41.91 -27.53
N GLN F 166 -58.95 41.84 -26.26
CA GLN F 166 -59.93 42.77 -25.74
C GLN F 166 -59.42 44.20 -25.88
N ASP F 167 -60.24 45.06 -26.50
CA ASP F 167 -59.81 46.41 -26.86
C ASP F 167 -59.54 47.22 -25.60
N SER F 168 -58.34 47.79 -25.51
CA SER F 168 -58.03 48.68 -24.39
C SER F 168 -58.89 49.94 -24.40
N LYS F 169 -59.57 50.20 -25.51
CA LYS F 169 -60.42 51.39 -25.61
C LYS F 169 -61.77 51.15 -24.94
N ASP F 170 -62.55 50.20 -25.44
CA ASP F 170 -63.90 49.96 -24.96
C ASP F 170 -64.14 48.53 -24.49
N SER F 171 -63.08 47.74 -24.31
CA SER F 171 -63.18 46.36 -23.82
C SER F 171 -64.00 45.48 -24.77
N THR F 172 -63.81 45.69 -26.07
CA THR F 172 -64.54 44.94 -27.08
C THR F 172 -63.59 44.08 -27.91
N TYR F 173 -64.11 43.00 -28.45
CA TYR F 173 -63.35 42.12 -29.32
C TYR F 173 -63.73 42.36 -30.78
N SER F 174 -62.83 41.99 -31.69
CA SER F 174 -63.06 42.13 -33.12
C SER F 174 -62.50 40.91 -33.82
N MET F 175 -63.10 40.58 -34.97
CA MET F 175 -62.76 39.37 -35.71
C MET F 175 -62.58 39.69 -37.19
N SER F 176 -61.59 39.05 -37.80
CA SER F 176 -61.37 39.08 -39.24
C SER F 176 -61.59 37.69 -39.82
N SER F 177 -61.89 37.65 -41.11
CA SER F 177 -62.16 36.38 -41.79
C SER F 177 -61.91 36.57 -43.28
N THR F 178 -60.93 35.84 -43.81
CA THR F 178 -60.51 35.98 -45.21
C THR F 178 -60.70 34.65 -45.93
N LEU F 179 -61.72 34.57 -46.78
CA LEU F 179 -61.94 33.40 -47.62
C LEU F 179 -61.24 33.64 -48.96
N THR F 180 -60.22 32.83 -49.24
CA THR F 180 -59.34 33.04 -50.39
C THR F 180 -59.45 31.86 -51.36
N LEU F 181 -59.38 32.17 -52.65
CA LEU F 181 -59.32 31.16 -53.71
C LEU F 181 -58.80 31.84 -54.98
N THR F 182 -58.89 31.13 -56.10
CA THR F 182 -58.36 31.62 -57.37
C THR F 182 -59.41 32.44 -58.12
N LYS F 183 -58.91 33.34 -58.98
CA LYS F 183 -59.80 34.11 -59.83
C LYS F 183 -60.66 33.22 -60.71
N ASP F 184 -60.07 32.12 -61.20
CA ASP F 184 -60.80 31.18 -62.05
C ASP F 184 -61.99 30.58 -61.30
N GLU F 185 -61.77 30.14 -60.06
CA GLU F 185 -62.88 29.58 -59.28
C GLU F 185 -63.84 30.66 -58.81
N TYR F 186 -63.34 31.86 -58.49
CA TYR F 186 -64.22 32.94 -58.05
C TYR F 186 -65.25 33.29 -59.12
N GLU F 187 -64.81 33.45 -60.37
CA GLU F 187 -65.70 33.75 -61.49
C GLU F 187 -66.56 32.55 -61.92
N ARG F 188 -67.04 31.75 -60.95
CA ARG F 188 -67.97 30.65 -61.22
C ARG F 188 -69.29 30.78 -60.47
N HIS F 189 -69.39 31.72 -59.53
CA HIS F 189 -70.59 31.91 -58.72
C HIS F 189 -70.95 33.38 -58.71
N ASN F 190 -71.99 33.72 -57.95
CA ASN F 190 -72.45 35.10 -57.84
C ASN F 190 -72.73 35.48 -56.40
N SER F 191 -73.61 34.73 -55.72
CA SER F 191 -74.00 35.06 -54.36
C SER F 191 -72.98 34.49 -53.38
N TYR F 192 -72.34 35.37 -52.61
CA TYR F 192 -71.37 34.99 -51.59
C TYR F 192 -71.87 35.52 -50.25
N THR F 193 -72.02 34.61 -49.28
CA THR F 193 -72.63 34.90 -47.99
C THR F 193 -71.57 34.93 -46.88
N CYS F 194 -71.88 35.67 -45.81
CA CYS F 194 -71.03 35.76 -44.62
C CYS F 194 -71.95 35.82 -43.39
N GLU F 195 -72.22 34.65 -42.81
CA GLU F 195 -73.06 34.57 -41.62
C GLU F 195 -72.23 34.85 -40.36
N ALA F 196 -72.93 34.95 -39.23
CA ALA F 196 -72.30 35.19 -37.94
C ALA F 196 -73.25 34.88 -36.79
N THR F 197 -72.81 34.05 -35.85
CA THR F 197 -73.61 33.68 -34.68
C THR F 197 -73.07 34.38 -33.44
N HIS F 198 -73.97 34.89 -32.61
CA HIS F 198 -73.59 35.60 -31.41
C HIS F 198 -74.72 35.53 -30.40
N LYS F 199 -74.38 35.62 -29.11
CA LYS F 199 -75.40 35.49 -28.08
C LYS F 199 -76.34 36.71 -28.06
N THR F 200 -75.87 37.87 -28.52
CA THR F 200 -76.72 39.05 -28.57
C THR F 200 -77.88 38.90 -29.53
N SER F 201 -77.76 38.03 -30.53
CA SER F 201 -78.77 37.86 -31.58
C SER F 201 -79.20 36.40 -31.65
N THR F 202 -80.50 36.14 -31.51
CA THR F 202 -81.03 34.81 -31.73
C THR F 202 -80.92 34.41 -33.19
N SER F 203 -80.89 35.38 -34.10
CA SER F 203 -80.79 35.18 -35.55
C SER F 203 -79.39 35.49 -36.03
N PRO F 204 -78.85 34.69 -36.95
CA PRO F 204 -77.53 34.99 -37.51
C PRO F 204 -77.59 36.16 -38.48
N ILE F 205 -76.72 37.15 -38.24
CA ILE F 205 -76.64 38.32 -39.12
C ILE F 205 -75.85 37.94 -40.37
N VAL F 206 -76.19 38.58 -41.49
CA VAL F 206 -75.73 38.15 -42.81
C VAL F 206 -75.34 39.36 -43.65
N LYS F 207 -74.32 39.16 -44.49
CA LYS F 207 -73.97 40.09 -45.56
C LYS F 207 -73.73 39.29 -46.84
N SER F 208 -74.09 39.88 -47.98
CA SER F 208 -73.96 39.17 -49.25
C SER F 208 -73.79 40.17 -50.39
N PHE F 209 -73.43 39.65 -51.56
CA PHE F 209 -73.24 40.46 -52.76
C PHE F 209 -73.29 39.53 -53.98
N ASN F 210 -73.47 40.14 -55.15
CA ASN F 210 -73.43 39.44 -56.42
C ASN F 210 -72.12 39.74 -57.13
N ARG F 211 -71.52 38.69 -57.71
CA ARG F 211 -70.18 38.80 -58.27
C ARG F 211 -70.15 39.81 -59.42
N ASN F 212 -69.26 40.79 -59.30
CA ASN F 212 -69.05 41.84 -60.30
C ASN F 212 -70.38 42.50 -60.67
N GLU F 213 -70.90 43.26 -59.72
CA GLU F 213 -72.22 43.86 -59.86
C GLU F 213 -72.16 45.14 -60.69
N CYS F 214 -71.53 46.18 -60.15
CA CYS F 214 -71.42 47.47 -60.85
C CYS F 214 -70.68 47.33 -62.18
N GLU G 1 43.30 -13.81 5.87
CA GLU G 1 43.72 -15.07 6.46
C GLU G 1 42.62 -15.64 7.37
N VAL G 2 42.71 -16.92 7.67
CA VAL G 2 41.78 -17.60 8.57
C VAL G 2 42.49 -17.79 9.91
N GLN G 3 41.90 -17.24 10.97
CA GLN G 3 42.43 -17.41 12.32
C GLN G 3 41.28 -17.63 13.29
N LEU G 4 41.56 -18.39 14.34
CA LEU G 4 40.59 -18.70 15.39
C LEU G 4 41.26 -18.32 16.71
N GLN G 5 40.87 -17.18 17.27
CA GLN G 5 41.40 -16.72 18.55
C GLN G 5 40.49 -17.21 19.66
N GLN G 6 40.97 -18.13 20.46
CA GLN G 6 40.21 -18.68 21.59
C GLN G 6 40.44 -17.84 22.84
N SER G 7 39.58 -18.04 23.82
CA SER G 7 39.63 -17.27 25.05
C SER G 7 40.83 -17.70 25.89
N GLY G 8 41.15 -16.88 26.88
CA GLY G 8 42.29 -17.15 27.73
C GLY G 8 42.06 -18.36 28.62
N ALA G 9 43.15 -18.84 29.22
CA ALA G 9 43.09 -20.00 30.09
C ALA G 9 42.16 -19.74 31.26
N GLU G 10 41.49 -20.80 31.70
CA GLU G 10 40.49 -20.72 32.76
C GLU G 10 40.93 -21.55 33.96
N LEU G 11 40.56 -21.08 35.15
CA LEU G 11 40.86 -21.77 36.40
C LEU G 11 39.60 -21.77 37.24
N VAL G 12 39.09 -22.95 37.56
CA VAL G 12 37.76 -23.09 38.17
C VAL G 12 37.79 -24.21 39.20
N LYS G 13 36.68 -24.32 39.95
CA LYS G 13 36.45 -25.32 40.98
C LYS G 13 35.48 -26.38 40.49
N PRO G 14 35.54 -27.60 41.04
CA PRO G 14 34.60 -28.64 40.60
C PRO G 14 33.17 -28.28 40.96
N GLY G 15 32.24 -28.70 40.09
CA GLY G 15 30.85 -28.35 40.24
C GLY G 15 30.46 -27.02 39.63
N ALA G 16 31.41 -26.15 39.30
CA ALA G 16 31.13 -24.87 38.68
C ALA G 16 30.90 -25.06 37.18
N SER G 17 30.91 -23.96 36.43
CA SER G 17 30.69 -24.01 35.00
C SER G 17 31.49 -22.90 34.33
N VAL G 18 31.96 -23.19 33.11
CA VAL G 18 32.82 -22.29 32.36
C VAL G 18 32.34 -22.26 30.91
N LYS G 19 32.56 -21.12 30.26
CA LYS G 19 32.15 -20.91 28.87
C LYS G 19 33.36 -20.44 28.07
N LEU G 20 33.88 -21.30 27.20
CA LEU G 20 35.00 -20.94 26.35
C LEU G 20 34.49 -20.34 25.05
N SER G 21 35.31 -19.49 24.44
CA SER G 21 34.92 -18.78 23.23
C SER G 21 35.95 -19.01 22.13
N CYS G 22 35.48 -18.90 20.88
CA CYS G 22 36.31 -19.09 19.71
C CYS G 22 35.88 -18.05 18.67
N THR G 23 36.70 -17.03 18.46
CA THR G 23 36.34 -15.91 17.61
C THR G 23 36.97 -16.07 16.23
N ALA G 24 36.16 -15.93 15.19
CA ALA G 24 36.62 -16.06 13.82
C ALA G 24 37.26 -14.75 13.38
N SER G 25 38.54 -14.80 13.00
CA SER G 25 39.28 -13.64 12.52
C SER G 25 39.57 -13.83 11.03
N GLY G 26 39.11 -12.87 10.21
CA GLY G 26 39.37 -12.89 8.80
C GLY G 26 38.28 -13.50 7.94
N PHE G 27 37.18 -13.93 8.53
CA PHE G 27 36.11 -14.57 7.77
C PHE G 27 34.83 -14.55 8.61
N ASN G 28 33.75 -15.03 8.01
CA ASN G 28 32.45 -15.12 8.67
C ASN G 28 32.31 -16.51 9.29
N ILE G 29 32.13 -16.56 10.60
CA ILE G 29 31.98 -17.85 11.28
C ILE G 29 30.75 -18.60 10.80
N LYS G 30 29.83 -17.90 10.13
CA LYS G 30 28.66 -18.51 9.53
C LYS G 30 28.99 -19.42 8.35
N ASP G 31 30.23 -19.38 7.85
CA ASP G 31 30.56 -20.05 6.59
C ASP G 31 30.56 -21.58 6.73
N THR G 32 31.13 -22.11 7.81
CA THR G 32 31.36 -23.55 7.92
C THR G 32 30.90 -24.06 9.28
N TYR G 33 30.98 -25.37 9.44
CA TYR G 33 30.85 -25.99 10.76
C TYR G 33 31.96 -25.48 11.66
N VAL G 34 31.69 -25.46 12.97
CA VAL G 34 32.71 -25.23 13.99
C VAL G 34 32.63 -26.37 15.00
N HIS G 35 33.75 -27.04 15.22
CA HIS G 35 33.83 -28.20 16.10
C HIS G 35 34.58 -27.83 17.37
N TRP G 36 34.50 -28.72 18.36
CA TRP G 36 35.24 -28.59 19.61
C TRP G 36 35.89 -29.92 19.93
N VAL G 37 37.19 -29.88 20.22
CA VAL G 37 37.99 -31.07 20.48
C VAL G 37 38.68 -30.91 21.82
N LYS G 38 38.67 -31.97 22.62
CA LYS G 38 39.28 -32.02 23.93
C LYS G 38 40.55 -32.86 23.85
N GLN G 39 41.64 -32.36 24.44
CA GLN G 39 42.92 -33.05 24.41
C GLN G 39 43.43 -33.26 25.83
N ARG G 40 43.93 -34.48 26.08
CA ARG G 40 44.58 -34.85 27.32
C ARG G 40 45.79 -35.71 26.99
N PRO G 41 46.84 -35.67 27.81
CA PRO G 41 48.05 -36.45 27.48
C PRO G 41 47.81 -37.94 27.42
N GLU G 42 47.12 -38.51 28.41
CA GLU G 42 46.87 -39.94 28.43
C GLU G 42 45.74 -40.32 27.47
N GLN G 43 44.59 -39.66 27.60
CA GLN G 43 43.43 -40.00 26.79
C GLN G 43 43.54 -39.53 25.35
N GLY G 44 44.41 -38.57 25.05
CA GLY G 44 44.55 -38.13 23.68
C GLY G 44 43.43 -37.17 23.27
N LEU G 45 43.13 -37.18 21.98
CA LEU G 45 42.13 -36.28 21.41
C LEU G 45 40.76 -36.92 21.39
N GLU G 46 39.74 -36.12 21.72
CA GLU G 46 38.36 -36.56 21.74
C GLU G 46 37.50 -35.49 21.09
N TRP G 47 36.53 -35.92 20.29
CA TRP G 47 35.63 -35.00 19.59
C TRP G 47 34.40 -34.75 20.46
N ILE G 48 34.15 -33.47 20.76
CA ILE G 48 33.03 -33.09 21.61
C ILE G 48 31.77 -32.95 20.77
N GLY G 49 31.81 -32.07 19.79
CA GLY G 49 30.65 -31.84 18.94
C GLY G 49 30.90 -30.70 17.98
N ARG G 50 29.85 -30.34 17.24
CA ARG G 50 29.92 -29.30 16.24
C ARG G 50 28.66 -28.45 16.29
N ILE G 51 28.76 -27.24 15.74
CA ILE G 51 27.62 -26.37 15.53
C ILE G 51 27.71 -25.77 14.13
N ASP G 52 26.55 -25.55 13.52
CA ASP G 52 26.45 -24.80 12.28
C ASP G 52 25.97 -23.40 12.63
N PRO G 53 26.88 -22.41 12.77
CA PRO G 53 26.46 -21.08 13.23
C PRO G 53 25.44 -20.40 12.32
N ALA G 54 25.27 -20.87 11.09
CA ALA G 54 24.26 -20.29 10.21
C ALA G 54 22.86 -20.49 10.79
N ASN G 55 22.59 -21.66 11.36
CA ASN G 55 21.27 -21.97 11.89
C ASN G 55 21.29 -22.38 13.36
N GLY G 56 22.45 -22.65 13.93
CA GLY G 56 22.56 -23.01 15.33
C GLY G 56 22.36 -24.48 15.65
N TYR G 57 22.17 -25.32 14.64
CA TYR G 57 22.01 -26.75 14.88
C TYR G 57 23.32 -27.37 15.34
N THR G 58 23.22 -28.30 16.28
CA THR G 58 24.40 -28.87 16.93
C THR G 58 24.40 -30.39 16.82
N LYS G 59 25.58 -30.95 17.05
CA LYS G 59 25.77 -32.39 17.18
C LYS G 59 26.75 -32.62 18.32
N TYR G 60 26.63 -33.78 18.96
CA TYR G 60 27.47 -34.09 20.11
C TYR G 60 27.85 -35.56 20.11
N ASP G 61 29.03 -35.84 20.65
CA ASP G 61 29.37 -37.20 21.03
C ASP G 61 28.56 -37.55 22.28
N PRO G 62 27.89 -38.71 22.33
CA PRO G 62 27.07 -39.05 23.51
C PRO G 62 27.84 -39.03 24.81
N LYS G 63 29.16 -39.18 24.73
CA LYS G 63 29.99 -39.13 25.94
C LYS G 63 29.92 -37.77 26.61
N PHE G 64 29.68 -36.71 25.85
CA PHE G 64 29.70 -35.35 26.37
C PHE G 64 28.31 -34.75 26.52
N GLN G 65 27.26 -35.56 26.45
CA GLN G 65 25.91 -35.03 26.60
C GLN G 65 25.69 -34.57 28.04
N GLY G 66 25.09 -33.39 28.19
CA GLY G 66 24.94 -32.81 29.51
C GLY G 66 26.18 -32.07 29.95
N LYS G 67 27.35 -32.61 29.62
CA LYS G 67 28.61 -31.96 29.98
C LYS G 67 28.84 -30.71 29.15
N ALA G 68 28.76 -30.84 27.83
CA ALA G 68 29.12 -29.77 26.90
C ALA G 68 27.87 -29.19 26.25
N THR G 69 27.95 -27.90 25.94
CA THR G 69 26.89 -27.19 25.23
C THR G 69 27.55 -26.17 24.32
N ILE G 70 27.28 -26.26 23.02
CA ILE G 70 27.95 -25.46 22.01
C ILE G 70 26.96 -24.47 21.42
N THR G 71 27.34 -23.19 21.39
CA THR G 71 26.52 -22.12 20.84
C THR G 71 27.39 -21.24 19.97
N ALA G 72 26.76 -20.24 19.34
CA ALA G 72 27.48 -19.34 18.45
C ALA G 72 26.66 -18.07 18.25
N ASP G 73 27.35 -16.93 18.19
CA ASP G 73 26.73 -15.63 17.95
C ASP G 73 27.30 -15.06 16.66
N THR G 74 26.51 -15.11 15.58
CA THR G 74 26.96 -14.56 14.30
C THR G 74 27.27 -13.08 14.41
N SER G 75 26.60 -12.38 15.33
CA SER G 75 26.84 -10.95 15.53
C SER G 75 28.31 -10.67 15.81
N SER G 76 28.83 -11.23 16.90
CA SER G 76 30.23 -11.02 17.26
C SER G 76 31.16 -12.00 16.55
N ASN G 77 30.65 -12.83 15.64
CA ASN G 77 31.47 -13.78 14.87
C ASN G 77 32.21 -14.74 15.80
N THR G 78 31.52 -15.21 16.83
CA THR G 78 32.14 -15.99 17.90
C THR G 78 31.32 -17.24 18.19
N ALA G 79 32.02 -18.34 18.48
CA ALA G 79 31.40 -19.59 18.88
C ALA G 79 31.85 -19.97 20.29
N TYR G 80 30.98 -20.66 21.01
CA TYR G 80 31.19 -20.92 22.43
C TYR G 80 31.04 -22.40 22.76
N LEU G 81 31.81 -22.83 23.76
CA LEU G 81 31.69 -24.15 24.35
C LEU G 81 31.46 -23.99 25.85
N GLN G 82 30.32 -24.45 26.33
CA GLN G 82 29.99 -24.39 27.74
C GLN G 82 30.21 -25.76 28.38
N LEU G 83 30.92 -25.76 29.50
CA LEU G 83 31.15 -26.96 30.29
C LEU G 83 30.54 -26.74 31.67
N SER G 84 29.77 -27.72 32.15
CA SER G 84 29.04 -27.60 33.40
C SER G 84 29.37 -28.77 34.31
N SER G 85 29.12 -28.58 35.61
CA SER G 85 29.39 -29.58 36.64
C SER G 85 30.81 -30.13 36.51
N LEU G 86 31.76 -29.21 36.51
CA LEU G 86 33.14 -29.55 36.18
C LEU G 86 33.73 -30.50 37.22
N THR G 87 34.63 -31.36 36.77
CA THR G 87 35.38 -32.26 37.64
C THR G 87 36.83 -32.31 37.16
N SER G 88 37.62 -33.13 37.84
CA SER G 88 39.04 -33.26 37.50
C SER G 88 39.22 -33.80 36.09
N GLU G 89 38.35 -34.72 35.66
CA GLU G 89 38.48 -35.29 34.33
C GLU G 89 38.24 -34.27 33.23
N ASP G 90 37.58 -33.15 33.55
CA ASP G 90 37.41 -32.06 32.61
C ASP G 90 38.64 -31.18 32.48
N THR G 91 39.72 -31.49 33.21
CA THR G 91 40.96 -30.73 33.09
C THR G 91 41.64 -31.13 31.79
N ALA G 92 41.63 -30.24 30.82
CA ALA G 92 42.13 -30.54 29.48
C ALA G 92 42.28 -29.24 28.70
N VAL G 93 42.90 -29.37 27.53
CA VAL G 93 42.99 -28.27 26.57
C VAL G 93 41.90 -28.46 25.53
N TYR G 94 41.20 -27.37 25.19
CA TYR G 94 40.08 -27.42 24.28
C TYR G 94 40.38 -26.58 23.04
N TYR G 95 40.03 -27.13 21.87
CA TYR G 95 40.30 -26.49 20.59
C TYR G 95 39.00 -26.36 19.81
N CYS G 96 38.84 -25.25 19.10
CA CYS G 96 37.81 -25.12 18.09
C CYS G 96 38.42 -25.37 16.72
N VAL G 97 37.68 -26.07 15.86
CA VAL G 97 38.18 -26.52 14.57
C VAL G 97 37.15 -26.17 13.50
N ARG G 98 37.64 -26.00 12.27
CA ARG G 98 36.78 -25.77 11.11
C ARG G 98 37.51 -26.29 9.88
N PRO G 99 36.78 -26.67 8.85
CA PRO G 99 37.42 -27.19 7.64
C PRO G 99 37.88 -26.08 6.71
N LEU G 100 38.73 -26.47 5.76
CA LEU G 100 39.22 -25.56 4.73
C LEU G 100 38.28 -25.55 3.53
N TYR G 101 38.10 -26.70 2.89
CA TYR G 101 37.19 -26.82 1.76
C TYR G 101 36.12 -27.88 2.03
N ASP G 102 36.53 -29.12 2.29
CA ASP G 102 35.60 -30.21 2.52
C ASP G 102 34.67 -29.89 3.69
N TYR G 103 33.36 -29.97 3.47
CA TYR G 103 32.39 -29.62 4.50
C TYR G 103 32.65 -30.35 5.82
N TYR G 104 33.15 -31.59 5.76
CA TYR G 104 33.25 -32.46 6.93
C TYR G 104 34.67 -32.59 7.47
N ALA G 105 35.60 -31.76 7.01
CA ALA G 105 37.00 -31.91 7.38
C ALA G 105 37.30 -31.13 8.66
N MET G 106 38.55 -31.28 9.14
CA MET G 106 39.02 -30.65 10.38
C MET G 106 40.43 -30.11 10.10
N ASP G 107 40.50 -28.89 9.55
CA ASP G 107 41.75 -28.39 9.00
C ASP G 107 42.35 -27.22 9.77
N TYR G 108 41.55 -26.23 10.17
CA TYR G 108 42.04 -25.07 10.89
C TYR G 108 41.70 -25.19 12.37
N TRP G 109 42.68 -24.90 13.22
CA TRP G 109 42.57 -25.10 14.65
C TRP G 109 42.95 -23.83 15.40
N GLY G 110 42.21 -23.52 16.45
CA GLY G 110 42.60 -22.45 17.34
C GLY G 110 43.84 -22.83 18.13
N GLN G 111 44.36 -21.85 18.87
CA GLN G 111 45.56 -22.09 19.66
C GLN G 111 45.29 -23.01 20.85
N GLY G 112 44.05 -23.12 21.29
CA GLY G 112 43.72 -23.95 22.44
C GLY G 112 43.46 -23.13 23.69
N THR G 113 42.51 -23.57 24.51
CA THR G 113 42.19 -22.91 25.78
C THR G 113 42.41 -23.92 26.90
N SER G 114 43.33 -23.59 27.82
CA SER G 114 43.66 -24.49 28.91
C SER G 114 42.63 -24.34 30.03
N VAL G 115 42.13 -25.47 30.52
CA VAL G 115 41.20 -25.51 31.64
C VAL G 115 41.81 -26.34 32.75
N THR G 116 41.64 -25.90 33.99
CA THR G 116 42.12 -26.63 35.16
C THR G 116 41.10 -26.53 36.28
N VAL G 117 40.57 -27.67 36.69
CA VAL G 117 39.62 -27.76 37.79
C VAL G 117 40.37 -28.14 39.05
N SER G 118 40.13 -27.40 40.13
CA SER G 118 40.79 -27.68 41.40
C SER G 118 40.12 -26.89 42.51
N SER G 119 39.98 -27.52 43.68
CA SER G 119 39.52 -26.82 44.88
C SER G 119 40.65 -26.10 45.59
N ALA G 120 41.90 -26.30 45.17
CA ALA G 120 43.04 -25.72 45.87
C ALA G 120 42.96 -24.20 45.88
N LYS G 121 43.38 -23.61 46.98
CA LYS G 121 43.55 -22.17 47.08
C LYS G 121 44.90 -21.75 46.52
N THR G 122 45.10 -20.44 46.40
CA THR G 122 46.38 -19.92 45.94
C THR G 122 47.43 -20.19 47.01
N THR G 123 48.32 -21.15 46.75
CA THR G 123 49.33 -21.58 47.71
C THR G 123 50.72 -21.24 47.19
N ALA G 124 51.56 -20.73 48.07
CA ALA G 124 52.93 -20.41 47.70
C ALA G 124 53.81 -21.68 47.78
N PRO G 125 54.88 -21.75 46.97
CA PRO G 125 55.71 -22.96 46.97
C PRO G 125 56.61 -23.10 48.21
N SER G 126 57.31 -24.24 48.29
CA SER G 126 58.30 -24.47 49.35
C SER G 126 59.60 -24.87 48.66
N VAL G 127 60.57 -23.97 48.65
CA VAL G 127 61.81 -24.15 47.90
C VAL G 127 62.84 -24.79 48.83
N TYR G 128 63.34 -25.95 48.44
CA TYR G 128 64.29 -26.71 49.26
C TYR G 128 65.60 -26.89 48.51
N PRO G 129 66.75 -26.65 49.16
CA PRO G 129 68.04 -26.85 48.50
C PRO G 129 68.40 -28.33 48.46
N LEU G 130 69.02 -28.74 47.35
CA LEU G 130 69.38 -30.14 47.11
C LEU G 130 70.89 -30.22 46.88
N ALA G 131 71.66 -30.49 47.96
CA ALA G 131 73.09 -30.70 47.93
C ALA G 131 73.42 -32.18 47.90
N PRO G 132 74.58 -32.58 47.36
CA PRO G 132 74.88 -34.01 47.26
C PRO G 132 75.36 -34.61 48.57
N VAL G 133 75.93 -35.81 48.50
CA VAL G 133 76.39 -36.55 49.66
C VAL G 133 77.91 -36.45 49.74
N CYS G 134 78.43 -36.59 50.96
CA CYS G 134 79.87 -36.56 51.21
C CYS G 134 80.57 -37.69 50.48
N THR G 138 82.90 -36.37 44.22
CA THR G 138 84.02 -37.30 44.29
C THR G 138 84.65 -37.50 42.92
N GLY G 139 83.91 -37.13 41.86
CA GLY G 139 84.36 -37.23 40.51
C GLY G 139 84.67 -35.87 39.88
N SER G 140 84.93 -35.91 38.58
CA SER G 140 85.23 -34.67 37.86
C SER G 140 83.99 -33.80 37.71
N SER G 141 82.81 -34.40 37.66
CA SER G 141 81.55 -33.67 37.52
C SER G 141 80.82 -33.58 38.85
N VAL G 142 79.94 -32.59 38.95
CA VAL G 142 79.13 -32.37 40.14
C VAL G 142 77.77 -31.84 39.70
N THR G 143 76.73 -32.23 40.43
CA THR G 143 75.36 -31.89 40.08
C THR G 143 74.60 -31.45 41.32
N LEU G 144 73.89 -30.35 41.20
CA LEU G 144 73.04 -29.81 42.25
C LEU G 144 71.58 -29.87 41.82
N GLY G 145 70.70 -29.33 42.67
CA GLY G 145 69.28 -29.38 42.36
C GLY G 145 68.50 -28.43 43.23
N CYS G 146 67.20 -28.36 42.94
CA CYS G 146 66.28 -27.48 43.64
C CYS G 146 64.87 -28.07 43.53
N LEU G 147 64.14 -28.04 44.64
CA LEU G 147 62.82 -28.65 44.73
C LEU G 147 61.78 -27.58 45.06
N VAL G 148 60.71 -27.54 44.28
CA VAL G 148 59.63 -26.57 44.44
C VAL G 148 58.35 -27.37 44.66
N LYS G 149 57.84 -27.37 45.90
CA LYS G 149 56.81 -28.32 46.29
C LYS G 149 55.58 -27.61 46.84
N GLY G 150 54.41 -28.14 46.51
CA GLY G 150 53.17 -27.76 47.18
C GLY G 150 52.56 -26.44 46.78
N TYR G 151 52.91 -25.89 45.63
CA TYR G 151 52.35 -24.62 45.21
C TYR G 151 51.11 -24.82 44.35
N PHE G 152 50.34 -23.74 44.19
CA PHE G 152 49.16 -23.69 43.34
C PHE G 152 48.74 -22.25 43.11
N PRO G 153 48.35 -21.88 41.88
CA PRO G 153 48.36 -22.75 40.70
C PRO G 153 49.62 -22.61 39.87
N GLU G 154 49.66 -23.29 38.72
CA GLU G 154 50.75 -23.12 37.77
C GLU G 154 50.71 -21.72 37.16
N PRO G 155 51.83 -21.24 36.61
CA PRO G 155 53.16 -21.86 36.62
C PRO G 155 54.14 -21.18 37.56
N VAL G 156 55.43 -21.49 37.39
CA VAL G 156 56.51 -20.82 38.10
C VAL G 156 57.68 -20.67 37.13
N THR G 157 58.63 -19.83 37.50
CA THR G 157 59.86 -19.64 36.75
C THR G 157 61.03 -19.93 37.66
N LEU G 158 61.98 -20.73 37.20
CA LEU G 158 63.14 -21.12 37.98
C LEU G 158 64.40 -20.81 37.19
N THR G 159 65.31 -20.06 37.80
CA THR G 159 66.60 -19.74 37.20
C THR G 159 67.70 -19.98 38.23
N TRP G 160 68.92 -20.11 37.73
CA TRP G 160 70.09 -20.30 38.57
C TRP G 160 70.94 -19.03 38.57
N ASN G 161 71.24 -18.53 39.77
CA ASN G 161 71.98 -17.28 39.96
C ASN G 161 71.30 -16.12 39.24
N SER G 162 69.98 -16.16 39.17
CA SER G 162 69.16 -15.14 38.50
C SER G 162 69.53 -15.01 37.02
N GLY G 163 69.36 -16.11 36.29
CA GLY G 163 69.63 -16.16 34.87
C GLY G 163 71.08 -16.31 34.48
N SER G 164 72.01 -16.06 35.41
CA SER G 164 73.44 -16.21 35.13
C SER G 164 73.77 -17.61 34.63
N LEU G 165 73.63 -18.60 35.49
CA LEU G 165 73.84 -19.98 35.09
C LEU G 165 72.60 -20.49 34.36
N SER G 166 72.77 -20.88 33.10
CA SER G 166 71.67 -21.32 32.25
C SER G 166 71.96 -22.62 31.53
N SER G 167 73.18 -22.81 31.04
CA SER G 167 73.53 -24.01 30.31
C SER G 167 73.84 -25.16 31.28
N GLY G 168 73.60 -26.38 30.82
CA GLY G 168 73.78 -27.55 31.66
C GLY G 168 72.73 -27.67 32.74
N VAL G 169 71.47 -27.37 32.42
CA VAL G 169 70.38 -27.33 33.39
C VAL G 169 69.21 -28.15 32.85
N HIS G 170 68.49 -28.80 33.76
CA HIS G 170 67.29 -29.57 33.43
C HIS G 170 66.19 -29.21 34.43
N THR G 171 65.23 -28.41 33.98
CA THR G 171 64.04 -28.11 34.76
C THR G 171 62.91 -28.99 34.26
N PHE G 172 62.32 -29.75 35.16
CA PHE G 172 61.38 -30.77 34.77
C PHE G 172 59.94 -30.26 34.85
N PRO G 173 59.05 -30.80 34.02
CA PRO G 173 57.64 -30.39 34.07
C PRO G 173 57.04 -30.57 35.45
N ALA G 174 56.16 -29.64 35.83
CA ALA G 174 55.47 -29.75 37.09
C ALA G 174 54.54 -30.98 37.09
N VAL G 175 54.32 -31.52 38.28
CA VAL G 175 53.48 -32.70 38.46
C VAL G 175 52.48 -32.41 39.57
N LEU G 176 51.26 -32.92 39.42
CA LEU G 176 50.20 -32.69 40.39
C LEU G 176 50.28 -33.72 41.52
N GLN G 177 50.47 -33.22 42.74
CA GLN G 177 50.52 -34.06 43.95
C GLN G 177 49.42 -33.60 44.89
N SER G 178 48.27 -34.27 44.83
CA SER G 178 47.13 -34.02 45.71
C SER G 178 46.72 -32.53 45.68
N ASP G 179 46.17 -32.15 44.54
CA ASP G 179 45.66 -30.80 44.26
C ASP G 179 46.74 -29.72 44.35
N LEU G 180 48.01 -30.11 44.41
CA LEU G 180 49.11 -29.15 44.46
C LEU G 180 50.21 -29.61 43.53
N TYR G 181 50.97 -28.65 43.01
CA TYR G 181 52.00 -28.94 42.02
C TYR G 181 53.37 -29.10 42.69
N THR G 182 54.26 -29.80 42.00
CA THR G 182 55.64 -29.97 42.44
C THR G 182 56.54 -29.98 41.22
N LEU G 183 57.65 -29.26 41.31
CA LEU G 183 58.63 -29.19 40.23
C LEU G 183 60.02 -29.34 40.82
N SER G 184 60.93 -29.88 40.01
CA SER G 184 62.33 -29.98 40.37
C SER G 184 63.19 -29.52 39.19
N SER G 185 64.40 -29.07 39.52
CA SER G 185 65.33 -28.60 38.50
C SER G 185 66.76 -28.92 38.94
N SER G 186 67.50 -29.61 38.08
CA SER G 186 68.89 -29.92 38.34
C SER G 186 69.80 -28.88 37.70
N VAL G 187 71.09 -29.01 37.98
CA VAL G 187 72.11 -28.14 37.41
C VAL G 187 73.46 -28.81 37.61
N THR G 188 74.30 -28.76 36.58
CA THR G 188 75.54 -29.53 36.55
C THR G 188 76.70 -28.63 36.14
N VAL G 189 77.79 -28.69 36.91
CA VAL G 189 79.01 -27.95 36.60
C VAL G 189 80.21 -28.85 36.88
N THR G 190 81.40 -28.27 36.91
CA THR G 190 82.62 -29.00 37.24
C THR G 190 82.88 -28.96 38.74
N SER G 191 83.69 -29.91 39.20
CA SER G 191 83.98 -30.00 40.63
C SER G 191 84.66 -28.76 41.16
N SER G 192 85.44 -28.07 40.32
CA SER G 192 86.11 -26.85 40.76
C SER G 192 85.11 -25.74 41.04
N THR G 193 83.99 -25.72 40.33
CA THR G 193 83.07 -24.58 40.41
C THR G 193 82.39 -24.51 41.78
N TRP G 194 82.17 -25.65 42.43
CA TRP G 194 81.38 -25.71 43.65
C TRP G 194 82.09 -26.54 44.70
N PRO G 195 81.99 -26.19 45.99
CA PRO G 195 81.26 -25.06 46.59
C PRO G 195 81.95 -23.71 46.39
N SER G 196 83.00 -23.68 45.57
CA SER G 196 83.76 -22.47 45.29
C SER G 196 82.85 -21.28 44.98
N GLN G 197 82.03 -21.41 43.95
CA GLN G 197 81.14 -20.34 43.50
C GLN G 197 79.77 -20.52 44.12
N SER G 198 79.21 -19.43 44.62
CA SER G 198 77.91 -19.44 45.28
C SER G 198 76.80 -19.61 44.25
N ILE G 199 76.11 -20.74 44.30
CA ILE G 199 75.00 -21.05 43.39
C ILE G 199 73.69 -20.88 44.16
N THR G 200 72.71 -20.25 43.51
CA THR G 200 71.43 -19.92 44.13
C THR G 200 70.28 -20.34 43.22
N CYS G 201 69.20 -20.80 43.83
CA CYS G 201 67.99 -21.21 43.13
C CYS G 201 66.95 -20.11 43.26
N ASN G 202 66.68 -19.42 42.15
CA ASN G 202 65.73 -18.30 42.12
C ASN G 202 64.39 -18.79 41.60
N VAL G 203 63.37 -18.75 42.45
CA VAL G 203 62.05 -19.27 42.13
C VAL G 203 61.03 -18.15 42.30
N ALA G 204 60.25 -17.89 41.26
CA ALA G 204 59.19 -16.89 41.29
C ALA G 204 57.85 -17.56 41.08
N HIS G 205 56.88 -17.21 41.93
CA HIS G 205 55.50 -17.70 41.82
C HIS G 205 54.59 -16.48 41.75
N PRO G 206 54.26 -16.01 40.54
CA PRO G 206 53.49 -14.77 40.42
C PRO G 206 52.10 -14.80 41.06
N ALA G 207 51.44 -15.97 41.09
CA ALA G 207 50.08 -16.07 41.61
C ALA G 207 50.00 -15.51 43.02
N SER G 208 50.78 -16.07 43.93
CA SER G 208 50.92 -15.49 45.27
C SER G 208 51.94 -14.37 45.31
N SER G 209 52.62 -14.10 44.19
CA SER G 209 53.63 -13.04 44.07
C SER G 209 54.73 -13.21 45.12
N THR G 210 55.52 -14.26 44.92
CA THR G 210 56.62 -14.60 45.81
C THR G 210 57.85 -14.95 44.96
N LYS G 211 58.99 -14.35 45.31
CA LYS G 211 60.26 -14.64 44.64
C LYS G 211 61.27 -15.05 45.71
N VAL G 212 61.21 -16.32 46.11
CA VAL G 212 62.16 -16.88 47.06
C VAL G 212 63.44 -17.28 46.31
N ASP G 213 64.57 -17.15 46.98
CA ASP G 213 65.84 -17.64 46.45
C ASP G 213 66.63 -18.31 47.57
N LYS G 214 67.03 -19.55 47.34
CA LYS G 214 67.77 -20.34 48.31
C LYS G 214 69.14 -20.68 47.75
N LYS G 215 70.18 -20.40 48.53
CA LYS G 215 71.53 -20.79 48.15
C LYS G 215 71.79 -22.24 48.55
N ILE G 216 72.46 -22.97 47.66
CA ILE G 216 72.76 -24.38 47.93
C ILE G 216 73.99 -24.46 48.81
N GLU G 217 73.87 -25.15 49.94
CA GLU G 217 74.96 -25.35 50.89
C GLU G 217 75.33 -26.83 50.95
N PRO G 218 76.63 -27.16 50.94
CA PRO G 218 77.02 -28.58 51.07
C PRO G 218 76.74 -29.14 52.44
N ARG G 219 77.05 -30.42 52.65
CA ARG G 219 76.80 -31.07 53.92
C ARG G 219 78.10 -31.50 54.58
N ASP H 1 31.08 -46.80 17.76
CA ASP H 1 31.98 -45.82 17.16
C ASP H 1 33.09 -46.50 16.37
N ILE H 2 33.79 -45.73 15.55
CA ILE H 2 34.86 -46.24 14.72
C ILE H 2 36.18 -46.06 15.46
N LEU H 3 36.91 -47.16 15.66
CA LEU H 3 38.20 -47.12 16.33
C LEU H 3 39.30 -46.84 15.32
N MET H 4 40.18 -45.89 15.64
CA MET H 4 41.30 -45.52 14.79
C MET H 4 42.58 -45.95 15.48
N THR H 5 43.15 -47.05 15.01
CA THR H 5 44.38 -47.61 15.57
C THR H 5 45.55 -47.09 14.74
N GLN H 6 46.29 -46.14 15.31
CA GLN H 6 47.39 -45.47 14.64
C GLN H 6 48.71 -46.10 15.09
N SER H 7 49.57 -46.43 14.12
CA SER H 7 50.85 -47.05 14.38
C SER H 7 51.95 -46.35 13.60
N PRO H 8 53.16 -46.24 14.17
CA PRO H 8 53.50 -46.68 15.52
C PRO H 8 53.24 -45.61 16.57
N SER H 9 53.44 -45.96 17.84
CA SER H 9 53.33 -44.95 18.90
C SER H 9 54.40 -43.87 18.72
N SER H 10 55.62 -44.26 18.36
CA SER H 10 56.70 -43.32 18.13
C SER H 10 57.75 -43.99 17.25
N MET H 11 58.67 -43.18 16.72
CA MET H 11 59.76 -43.67 15.91
C MET H 11 60.92 -42.70 15.98
N SER H 12 62.12 -43.24 16.13
CA SER H 12 63.35 -42.44 16.11
C SER H 12 63.95 -42.52 14.72
N VAL H 13 64.10 -41.36 14.08
CA VAL H 13 64.56 -41.27 12.70
C VAL H 13 65.51 -40.07 12.59
N SER H 14 66.04 -39.86 11.39
CA SER H 14 67.03 -38.82 11.15
C SER H 14 66.61 -37.95 9.98
N LEU H 15 67.24 -36.78 9.88
CA LEU H 15 66.93 -35.86 8.80
C LEU H 15 67.24 -36.48 7.44
N GLY H 16 66.32 -36.31 6.49
CA GLY H 16 66.46 -36.90 5.18
C GLY H 16 65.79 -38.24 5.01
N ASP H 17 65.41 -38.91 6.10
CA ASP H 17 64.74 -40.19 6.00
C ASP H 17 63.37 -40.04 5.36
N THR H 18 62.88 -41.16 4.82
CA THR H 18 61.52 -41.25 4.30
C THR H 18 60.75 -42.19 5.21
N VAL H 19 59.80 -41.64 5.97
CA VAL H 19 59.07 -42.39 6.97
C VAL H 19 57.60 -42.45 6.57
N SER H 20 56.89 -43.39 7.19
CA SER H 20 55.49 -43.63 6.87
C SER H 20 54.72 -43.98 8.14
N ILE H 21 53.72 -43.18 8.47
CA ILE H 21 52.78 -43.47 9.55
C ILE H 21 51.57 -44.16 8.93
N THR H 22 50.94 -45.05 9.69
CA THR H 22 49.76 -45.76 9.22
C THR H 22 48.61 -45.56 10.19
N CYS H 23 47.40 -45.85 9.70
CA CYS H 23 46.19 -45.68 10.49
C CYS H 23 45.18 -46.72 10.03
N HIS H 24 44.75 -47.59 10.95
CA HIS H 24 43.79 -48.64 10.64
C HIS H 24 42.47 -48.33 11.31
N ALA H 25 41.39 -48.42 10.55
CA ALA H 25 40.05 -48.15 11.05
C ALA H 25 39.29 -49.46 11.25
N SER H 26 38.42 -49.47 12.26
CA SER H 26 37.60 -50.65 12.57
C SER H 26 36.62 -50.99 11.45
N GLN H 27 36.49 -50.16 10.42
CA GLN H 27 35.65 -50.46 9.27
C GLN H 27 36.06 -49.53 8.14
N GLY H 28 35.49 -49.76 6.96
CA GLY H 28 35.81 -48.91 5.83
C GLY H 28 35.33 -47.49 6.04
N ILE H 29 36.14 -46.53 5.60
CA ILE H 29 35.82 -45.11 5.75
C ILE H 29 35.94 -44.34 4.45
N SER H 30 36.30 -44.99 3.34
CA SER H 30 36.21 -44.40 1.99
C SER H 30 37.03 -43.11 1.88
N SER H 31 38.26 -43.15 2.39
CA SER H 31 39.22 -42.03 2.35
C SER H 31 38.76 -40.81 3.13
N ASN H 32 37.68 -40.90 3.91
CA ASN H 32 37.23 -39.80 4.75
C ASN H 32 38.10 -39.73 5.99
N ILE H 33 39.34 -39.30 5.78
CA ILE H 33 40.37 -39.29 6.83
C ILE H 33 41.22 -38.04 6.68
N GLY H 34 41.61 -37.46 7.80
CA GLY H 34 42.54 -36.34 7.81
C GLY H 34 43.80 -36.66 8.57
N TRP H 35 44.85 -35.87 8.32
CA TRP H 35 46.12 -36.04 9.01
C TRP H 35 46.52 -34.71 9.63
N LEU H 36 46.97 -34.74 10.88
CA LEU H 36 47.21 -33.54 11.66
C LEU H 36 48.64 -33.56 12.21
N GLN H 37 49.14 -32.36 12.49
CA GLN H 37 50.48 -32.17 13.04
C GLN H 37 50.41 -31.22 14.21
N GLN H 38 51.08 -31.58 15.31
CA GLN H 38 51.15 -30.74 16.51
C GLN H 38 52.61 -30.58 16.90
N LYS H 39 53.20 -29.44 16.54
CA LYS H 39 54.55 -29.14 16.98
C LYS H 39 54.57 -28.95 18.49
N PRO H 40 55.67 -29.32 19.15
CA PRO H 40 55.68 -29.36 20.62
C PRO H 40 55.26 -28.04 21.25
N GLY H 41 54.40 -28.14 22.26
CA GLY H 41 53.93 -26.97 22.98
C GLY H 41 53.18 -25.97 22.13
N LYS H 42 52.52 -26.43 21.07
CA LYS H 42 51.78 -25.55 20.17
C LYS H 42 50.50 -26.26 19.74
N SER H 43 49.73 -25.59 18.89
CA SER H 43 48.42 -26.10 18.49
C SER H 43 48.58 -27.02 17.29
N PHE H 44 47.52 -27.19 16.51
CA PHE H 44 47.47 -28.19 15.44
C PHE H 44 47.55 -27.52 14.08
N MET H 45 48.07 -28.28 13.11
CA MET H 45 48.11 -27.87 11.71
C MET H 45 47.56 -29.02 10.88
N GLY H 46 46.62 -28.70 9.98
CA GLY H 46 46.11 -29.72 9.07
C GLY H 46 47.10 -30.01 7.95
N LEU H 47 47.27 -31.30 7.65
CA LEU H 47 48.15 -31.74 6.59
C LEU H 47 47.39 -32.31 5.39
N ILE H 48 46.50 -33.26 5.63
CA ILE H 48 45.80 -33.98 4.58
C ILE H 48 44.31 -33.97 4.90
N TYR H 49 43.49 -33.85 3.85
CA TYR H 49 42.06 -34.11 3.98
C TYR H 49 41.62 -34.99 2.84
N TYR H 50 40.56 -35.77 3.09
CA TYR H 50 40.05 -36.76 2.13
C TYR H 50 41.15 -37.69 1.63
N GLY H 51 41.97 -38.17 2.57
CA GLY H 51 42.94 -39.20 2.27
C GLY H 51 44.23 -38.76 1.61
N THR H 52 44.12 -37.90 0.58
CA THR H 52 45.27 -37.56 -0.24
C THR H 52 45.45 -36.07 -0.51
N ASN H 53 44.47 -35.23 -0.21
CA ASN H 53 44.51 -33.84 -0.65
C ASN H 53 45.26 -32.98 0.37
N LEU H 54 46.29 -32.29 -0.11
CA LEU H 54 47.11 -31.44 0.73
C LEU H 54 46.33 -30.20 1.16
N VAL H 55 46.42 -29.85 2.44
CA VAL H 55 45.89 -28.59 2.92
C VAL H 55 46.74 -27.46 2.36
N ASP H 56 46.09 -26.33 2.04
CA ASP H 56 46.81 -25.20 1.45
C ASP H 56 47.94 -24.74 2.36
N GLY H 57 49.15 -24.64 1.80
CA GLY H 57 50.31 -24.21 2.53
C GLY H 57 51.21 -25.31 3.04
N VAL H 58 50.83 -26.57 2.87
CA VAL H 58 51.62 -27.71 3.35
C VAL H 58 52.67 -28.06 2.30
N PRO H 59 53.90 -28.38 2.71
CA PRO H 59 54.92 -28.77 1.74
C PRO H 59 54.56 -30.06 1.01
N SER H 60 55.17 -30.23 -0.17
CA SER H 60 54.88 -31.39 -1.00
C SER H 60 55.56 -32.66 -0.51
N ARG H 61 56.53 -32.57 0.39
CA ARG H 61 57.14 -33.76 0.94
C ARG H 61 56.16 -34.57 1.78
N PHE H 62 55.03 -33.97 2.15
CA PHE H 62 53.93 -34.70 2.76
C PHE H 62 53.03 -35.28 1.69
N SER H 63 52.46 -36.45 1.99
CA SER H 63 51.55 -37.11 1.06
C SER H 63 50.72 -38.13 1.83
N GLY H 64 49.49 -38.33 1.37
CA GLY H 64 48.61 -39.33 1.95
C GLY H 64 48.21 -40.39 0.94
N SER H 65 47.87 -41.59 1.44
CA SER H 65 47.46 -42.67 0.56
C SER H 65 46.69 -43.70 1.37
N GLY H 66 45.99 -44.58 0.67
CA GLY H 66 45.25 -45.65 1.28
C GLY H 66 43.83 -45.72 0.76
N SER H 67 43.13 -46.75 1.21
CA SER H 67 41.73 -46.95 0.84
C SER H 67 41.11 -47.90 1.86
N GLY H 68 39.79 -48.03 1.76
CA GLY H 68 39.05 -48.89 2.66
C GLY H 68 39.21 -48.53 4.12
N ALA H 69 40.07 -49.26 4.83
CA ALA H 69 40.28 -49.03 6.25
C ALA H 69 41.75 -48.95 6.63
N ASP H 70 42.63 -48.72 5.66
CA ASP H 70 44.06 -48.66 5.92
C ASP H 70 44.67 -47.50 5.14
N TYR H 71 45.32 -46.58 5.85
CA TYR H 71 45.81 -45.35 5.25
C TYR H 71 47.21 -45.05 5.76
N SER H 72 47.92 -44.19 5.04
CA SER H 72 49.31 -43.90 5.37
C SER H 72 49.62 -42.43 5.10
N LEU H 73 50.35 -41.83 6.02
CA LEU H 73 50.97 -40.52 5.85
C LEU H 73 52.46 -40.71 5.68
N THR H 74 53.03 -40.12 4.64
CA THR H 74 54.44 -40.30 4.31
C THR H 74 55.14 -38.93 4.24
N ILE H 75 56.33 -38.86 4.82
CA ILE H 75 57.15 -37.65 4.80
C ILE H 75 58.46 -38.01 4.11
N SER H 76 58.65 -37.53 2.88
CA SER H 76 59.85 -37.78 2.11
C SER H 76 60.91 -36.74 2.47
N SER H 77 62.09 -37.20 2.87
CA SER H 77 63.19 -36.34 3.29
C SER H 77 62.78 -35.43 4.43
N LEU H 78 62.95 -35.92 5.66
CA LEU H 78 62.49 -35.18 6.84
C LEU H 78 63.26 -33.86 7.00
N ASP H 79 62.55 -32.85 7.47
CA ASP H 79 63.11 -31.56 7.83
C ASP H 79 63.16 -31.46 9.35
N SER H 80 63.98 -30.52 9.84
CA SER H 80 64.10 -30.31 11.28
C SER H 80 62.75 -29.99 11.90
N GLU H 81 61.93 -29.18 11.22
CA GLU H 81 60.60 -28.83 11.73
C GLU H 81 59.64 -30.00 11.74
N ASP H 82 59.95 -31.10 11.05
CA ASP H 82 59.03 -32.24 10.94
C ASP H 82 59.04 -33.15 12.16
N PHE H 83 59.80 -32.82 13.21
CA PHE H 83 59.83 -33.61 14.43
C PHE H 83 58.72 -33.11 15.35
N ALA H 84 57.61 -33.82 15.38
CA ALA H 84 56.44 -33.44 16.17
C ALA H 84 55.52 -34.64 16.26
N ASP H 85 54.27 -34.38 16.66
CA ASP H 85 53.25 -35.41 16.79
C ASP H 85 52.31 -35.36 15.60
N TYR H 86 51.77 -36.53 15.25
CA TYR H 86 50.85 -36.66 14.12
C TYR H 86 49.69 -37.54 14.50
N TYR H 87 48.48 -37.11 14.15
CA TYR H 87 47.25 -37.83 14.44
C TYR H 87 46.44 -38.01 13.17
N CYS H 88 45.80 -39.17 13.03
CA CYS H 88 44.77 -39.37 12.03
C CYS H 88 43.40 -39.15 12.65
N VAL H 89 42.45 -38.75 11.83
CA VAL H 89 41.08 -38.52 12.28
C VAL H 89 40.13 -38.90 11.15
N GLN H 90 39.14 -39.73 11.48
CA GLN H 90 38.15 -40.13 10.49
C GLN H 90 36.91 -39.27 10.64
N TYR H 91 36.25 -39.01 9.50
CA TYR H 91 34.95 -38.34 9.53
C TYR H 91 33.97 -39.01 8.58
N ALA H 92 34.09 -40.33 8.41
CA ALA H 92 33.08 -41.08 7.67
C ALA H 92 31.80 -41.20 8.47
N GLN H 93 31.90 -41.22 9.80
CA GLN H 93 30.73 -41.31 10.66
C GLN H 93 30.89 -40.36 11.84
N LEU H 94 29.75 -39.96 12.39
CA LEU H 94 29.73 -39.28 13.67
C LEU H 94 29.56 -40.31 14.79
N PRO H 95 30.27 -40.18 15.91
CA PRO H 95 31.19 -39.07 16.21
C PRO H 95 32.55 -39.21 15.54
N TYR H 96 33.18 -38.07 15.23
CA TYR H 96 34.54 -38.11 14.72
C TYR H 96 35.46 -38.72 15.77
N THR H 97 36.40 -39.55 15.32
CA THR H 97 37.32 -40.22 16.23
C THR H 97 38.74 -40.05 15.72
N PHE H 98 39.69 -40.04 16.65
CA PHE H 98 41.09 -39.77 16.37
C PHE H 98 41.94 -41.00 16.62
N GLY H 99 43.13 -41.00 16.05
CA GLY H 99 44.12 -42.00 16.37
C GLY H 99 44.87 -41.66 17.64
N GLY H 100 45.60 -42.65 18.15
CA GLY H 100 46.32 -42.45 19.41
C GLY H 100 47.41 -41.41 19.31
N GLY H 101 48.08 -41.33 18.17
CA GLY H 101 49.15 -40.37 17.99
C GLY H 101 50.47 -41.01 17.65
N THR H 102 51.35 -40.28 16.97
CA THR H 102 52.67 -40.77 16.60
C THR H 102 53.67 -39.65 16.79
N LYS H 103 54.70 -39.92 17.59
CA LYS H 103 55.74 -38.93 17.87
C LYS H 103 56.99 -39.30 17.09
N LEU H 104 57.46 -38.39 16.25
CA LEU H 104 58.72 -38.56 15.53
C LEU H 104 59.83 -37.91 16.33
N GLU H 105 60.83 -38.70 16.71
CA GLU H 105 61.90 -38.25 17.58
C GLU H 105 63.25 -38.42 16.90
N ILE H 106 64.22 -37.66 17.36
CA ILE H 106 65.55 -37.63 16.76
C ILE H 106 66.31 -38.89 17.17
N LYS H 107 66.85 -39.60 16.18
CA LYS H 107 67.69 -40.76 16.45
C LYS H 107 69.12 -40.31 16.69
N ARG H 108 69.76 -40.93 17.68
CA ARG H 108 71.13 -40.56 18.04
C ARG H 108 71.79 -41.73 18.75
N ALA H 109 73.07 -41.55 19.09
CA ALA H 109 73.84 -42.62 19.71
C ALA H 109 73.37 -42.87 21.14
N ASP H 110 73.38 -44.14 21.54
CA ASP H 110 72.98 -44.50 22.89
C ASP H 110 73.88 -43.83 23.91
N ALA H 111 73.30 -43.51 25.07
CA ALA H 111 74.00 -42.83 26.14
C ALA H 111 73.45 -43.28 27.48
N ALA H 112 74.33 -43.71 28.36
CA ALA H 112 73.93 -44.10 29.70
C ALA H 112 73.60 -42.85 30.53
N PRO H 113 72.69 -42.96 31.49
CA PRO H 113 72.31 -41.78 32.28
C PRO H 113 73.32 -41.46 33.37
N THR H 114 73.24 -40.22 33.85
CA THR H 114 74.03 -39.74 34.97
C THR H 114 73.11 -39.65 36.19
N VAL H 115 73.18 -40.66 37.05
CA VAL H 115 72.29 -40.76 38.19
C VAL H 115 72.83 -39.92 39.34
N SER H 116 71.93 -39.35 40.13
CA SER H 116 72.32 -38.53 41.27
C SER H 116 71.18 -38.57 42.29
N ILE H 117 71.49 -38.95 43.52
CA ILE H 117 70.50 -39.04 44.59
C ILE H 117 70.75 -37.91 45.58
N PHE H 118 69.67 -37.35 46.12
CA PHE H 118 69.73 -36.17 46.98
C PHE H 118 68.89 -36.41 48.22
N PRO H 119 69.50 -36.45 49.41
CA PRO H 119 68.73 -36.67 50.65
C PRO H 119 67.82 -35.49 50.93
N PRO H 120 66.87 -35.63 51.86
CA PRO H 120 66.00 -34.50 52.20
C PRO H 120 66.79 -33.31 52.71
N SER H 121 66.23 -32.13 52.52
CA SER H 121 66.87 -30.91 52.98
C SER H 121 66.62 -30.72 54.48
N SER H 122 67.49 -29.94 55.11
CA SER H 122 67.28 -29.57 56.51
C SER H 122 65.98 -28.79 56.66
N GLU H 123 65.70 -27.88 55.73
CA GLU H 123 64.49 -27.07 55.80
C GLU H 123 63.23 -27.93 55.76
N GLN H 124 63.16 -28.85 54.79
CA GLN H 124 61.97 -29.69 54.66
C GLN H 124 61.78 -30.58 55.88
N LEU H 125 62.88 -31.12 56.42
CA LEU H 125 62.77 -32.02 57.55
C LEU H 125 62.21 -31.32 58.79
N THR H 126 62.50 -30.02 58.96
CA THR H 126 61.97 -29.28 60.09
C THR H 126 60.49 -28.96 59.95
N SER H 127 59.88 -29.23 58.79
CA SER H 127 58.47 -29.01 58.58
C SER H 127 57.63 -30.28 58.73
N GLY H 128 58.26 -31.44 58.80
CA GLY H 128 57.56 -32.70 58.95
C GLY H 128 57.55 -33.59 57.72
N GLY H 129 58.13 -33.14 56.61
CA GLY H 129 58.20 -33.95 55.41
C GLY H 129 59.61 -34.37 55.06
N ALA H 130 59.75 -35.37 54.19
CA ALA H 130 61.06 -35.87 53.81
C ALA H 130 60.97 -36.42 52.39
N SER H 131 61.71 -35.79 51.47
CA SER H 131 61.68 -36.15 50.06
C SER H 131 63.10 -36.46 49.59
N VAL H 132 63.30 -37.68 49.11
CA VAL H 132 64.54 -38.05 48.44
C VAL H 132 64.35 -37.87 46.93
N VAL H 133 65.28 -37.17 46.29
CA VAL H 133 65.21 -36.86 44.87
C VAL H 133 66.32 -37.61 44.15
N CYS H 134 65.99 -38.15 42.97
CA CYS H 134 66.92 -38.90 42.14
C CYS H 134 66.82 -38.37 40.73
N PHE H 135 67.91 -37.81 40.21
CA PHE H 135 67.97 -37.30 38.85
C PHE H 135 68.67 -38.30 37.94
N LEU H 136 68.12 -38.48 36.74
CA LEU H 136 68.68 -39.38 35.73
C LEU H 136 68.75 -38.58 34.43
N ASN H 137 69.95 -38.12 34.08
CA ASN H 137 70.12 -37.07 33.09
C ASN H 137 70.84 -37.56 31.84
N ASN H 138 70.40 -37.05 30.69
CA ASN H 138 71.11 -37.14 29.41
C ASN H 138 71.40 -38.59 29.04
N PHE H 139 70.33 -39.30 28.69
CA PHE H 139 70.44 -40.68 28.25
C PHE H 139 69.66 -40.86 26.95
N TYR H 140 69.93 -41.98 26.28
CA TYR H 140 69.24 -42.37 25.06
C TYR H 140 69.41 -43.87 24.90
N PRO H 141 68.35 -44.61 24.52
CA PRO H 141 67.00 -44.13 24.20
C PRO H 141 66.17 -43.71 25.42
N LYS H 142 64.91 -43.34 25.17
CA LYS H 142 64.08 -42.75 26.20
C LYS H 142 63.58 -43.76 27.22
N ASP H 143 63.59 -45.06 26.86
CA ASP H 143 62.95 -46.07 27.68
C ASP H 143 63.85 -46.43 28.86
N ILE H 144 63.38 -46.16 30.08
CA ILE H 144 64.17 -46.32 31.29
C ILE H 144 63.24 -46.61 32.44
N ASN H 145 63.73 -47.37 33.43
CA ASN H 145 62.95 -47.74 34.59
C ASN H 145 63.69 -47.33 35.86
N VAL H 146 62.98 -46.71 36.79
CA VAL H 146 63.53 -46.31 38.08
C VAL H 146 62.88 -47.15 39.16
N LYS H 147 63.69 -47.61 40.11
CA LYS H 147 63.22 -48.43 41.22
C LYS H 147 63.75 -47.86 42.52
N TRP H 148 62.87 -47.65 43.48
CA TRP H 148 63.25 -47.13 44.79
C TRP H 148 63.36 -48.29 45.78
N LYS H 149 64.46 -48.33 46.52
CA LYS H 149 64.70 -49.36 47.51
C LYS H 149 65.03 -48.71 48.86
N ILE H 150 64.23 -49.01 49.87
CA ILE H 150 64.47 -48.56 51.24
C ILE H 150 64.95 -49.77 52.04
N ASP H 151 66.17 -49.68 52.57
CA ASP H 151 66.83 -50.80 53.24
C ASP H 151 66.85 -52.04 52.34
N GLY H 152 67.16 -51.82 51.06
CA GLY H 152 67.23 -52.87 50.08
C GLY H 152 65.89 -53.41 49.59
N SER H 153 64.79 -52.90 50.11
CA SER H 153 63.46 -53.39 49.77
C SER H 153 62.72 -52.37 48.90
N GLU H 154 62.06 -52.86 47.85
CA GLU H 154 61.43 -51.99 46.88
C GLU H 154 60.28 -51.21 47.49
N ARG H 155 60.10 -49.98 47.03
CA ARG H 155 59.05 -49.08 47.47
C ARG H 155 58.34 -48.52 46.25
N GLN H 156 57.00 -48.50 46.27
CA GLN H 156 56.24 -48.04 45.12
C GLN H 156 55.24 -46.95 45.50
N ASN H 157 54.82 -46.93 46.77
CA ASN H 157 53.90 -45.91 47.25
C ASN H 157 54.66 -44.62 47.54
N GLY H 158 54.22 -43.52 46.93
CA GLY H 158 54.77 -42.21 47.21
C GLY H 158 55.80 -41.70 46.23
N VAL H 159 55.93 -42.31 45.05
CA VAL H 159 56.90 -41.88 44.05
C VAL H 159 56.22 -40.94 43.06
N LEU H 160 57.00 -40.00 42.52
CA LEU H 160 56.49 -38.96 41.63
C LEU H 160 57.54 -38.70 40.56
N ASN H 161 57.21 -39.01 39.31
CA ASN H 161 58.16 -38.97 38.21
C ASN H 161 57.82 -37.87 37.23
N SER H 162 58.84 -37.43 36.49
CA SER H 162 58.69 -36.38 35.49
C SER H 162 59.80 -36.52 34.47
N TRP H 163 59.45 -36.41 33.18
CA TRP H 163 60.39 -36.54 32.08
C TRP H 163 60.42 -35.24 31.30
N THR H 164 61.53 -35.02 30.59
CA THR H 164 61.68 -33.88 29.70
C THR H 164 61.55 -34.34 28.25
N ASP H 165 61.07 -33.43 27.41
CA ASP H 165 61.10 -33.67 25.97
C ASP H 165 62.54 -33.83 25.51
N GLN H 166 62.69 -34.42 24.33
CA GLN H 166 64.02 -34.60 23.75
C GLN H 166 64.75 -33.26 23.68
N ASP H 167 65.90 -33.20 24.35
CA ASP H 167 66.62 -31.94 24.49
C ASP H 167 66.98 -31.37 23.13
N SER H 168 67.01 -30.04 23.05
CA SER H 168 67.24 -29.38 21.77
C SER H 168 68.68 -29.55 21.30
N LYS H 169 69.64 -29.51 22.23
CA LYS H 169 71.04 -29.53 21.85
C LYS H 169 71.53 -30.94 21.52
N ASP H 170 71.57 -31.82 22.51
CA ASP H 170 72.13 -33.15 22.34
C ASP H 170 71.10 -34.21 21.99
N SER H 171 69.81 -33.87 22.00
CA SER H 171 68.73 -34.81 21.70
C SER H 171 68.71 -35.99 22.66
N THR H 172 69.06 -35.74 23.91
CA THR H 172 68.97 -36.74 24.96
C THR H 172 67.70 -36.54 25.78
N TYR H 173 67.44 -37.48 26.68
CA TYR H 173 66.30 -37.41 27.57
C TYR H 173 66.80 -37.38 29.01
N SER H 174 65.95 -36.88 29.91
CA SER H 174 66.28 -36.78 31.32
C SER H 174 65.03 -37.01 32.14
N MET H 175 65.22 -37.50 33.36
CA MET H 175 64.12 -37.93 34.21
C MET H 175 64.37 -37.52 35.66
N SER H 176 63.29 -37.16 36.35
CA SER H 176 63.33 -36.84 37.77
C SER H 176 62.41 -37.78 38.52
N SER H 177 62.90 -38.36 39.61
CA SER H 177 62.12 -39.26 40.45
C SER H 177 62.21 -38.77 41.89
N THR H 178 61.06 -38.60 42.54
CA THR H 178 61.00 -38.07 43.89
C THR H 178 60.20 -39.02 44.77
N LEU H 179 60.82 -39.50 45.84
CA LEU H 179 60.14 -40.28 46.87
C LEU H 179 59.88 -39.39 48.07
N THR H 180 58.63 -39.31 48.49
CA THR H 180 58.21 -38.42 49.58
C THR H 180 57.62 -39.25 50.71
N LEU H 181 58.21 -39.14 51.89
CA LEU H 181 57.74 -39.80 53.10
C LEU H 181 57.48 -38.75 54.17
N THR H 182 56.82 -39.17 55.25
CA THR H 182 56.79 -38.35 56.44
C THR H 182 58.16 -38.34 57.10
N LYS H 183 58.41 -37.32 57.91
CA LYS H 183 59.66 -37.27 58.65
C LYS H 183 59.77 -38.46 59.61
N ASP H 184 58.67 -38.79 60.28
CA ASP H 184 58.67 -39.90 61.24
C ASP H 184 58.99 -41.22 60.55
N GLU H 185 58.43 -41.43 59.35
CA GLU H 185 58.69 -42.68 58.62
C GLU H 185 60.07 -42.69 57.98
N TYR H 186 60.57 -41.52 57.56
CA TYR H 186 61.90 -41.44 56.96
C TYR H 186 63.00 -41.86 57.93
N GLU H 187 62.77 -41.74 59.23
CA GLU H 187 63.78 -42.06 60.23
C GLU H 187 63.66 -43.48 60.78
N ARG H 188 62.63 -44.23 60.36
CA ARG H 188 62.56 -45.64 60.72
C ARG H 188 63.56 -46.49 59.95
N HIS H 189 64.15 -45.96 58.88
CA HIS H 189 65.07 -46.71 58.03
C HIS H 189 66.34 -45.89 57.84
N ASN H 190 67.38 -46.58 57.37
CA ASN H 190 68.70 -45.98 57.24
C ASN H 190 69.19 -45.86 55.80
N SER H 191 68.80 -46.78 54.93
CA SER H 191 69.34 -46.87 53.58
C SER H 191 68.28 -46.45 52.55
N TYR H 192 68.70 -45.63 51.58
CA TYR H 192 67.80 -45.12 50.55
C TYR H 192 68.52 -45.16 49.21
N THR H 193 67.84 -45.72 48.19
CA THR H 193 68.47 -46.09 46.93
C THR H 193 67.51 -45.87 45.77
N CYS H 194 68.05 -45.44 44.63
CA CYS H 194 67.33 -45.47 43.36
C CYS H 194 68.14 -46.26 42.35
N GLU H 195 67.47 -47.18 41.64
CA GLU H 195 68.10 -48.06 40.67
C GLU H 195 67.61 -47.70 39.26
N ALA H 196 68.56 -47.42 38.36
CA ALA H 196 68.25 -47.08 36.98
C ALA H 196 68.52 -48.28 36.08
N THR H 197 67.53 -48.66 35.28
CA THR H 197 67.63 -49.81 34.38
C THR H 197 67.48 -49.32 32.95
N HIS H 198 68.59 -49.13 32.26
CA HIS H 198 68.63 -48.72 30.87
C HIS H 198 69.18 -49.85 30.01
N LYS H 199 68.98 -49.74 28.71
CA LYS H 199 69.54 -50.74 27.80
C LYS H 199 71.05 -50.61 27.67
N THR H 200 71.61 -49.47 28.07
CA THR H 200 73.05 -49.25 27.97
C THR H 200 73.86 -50.07 28.98
N SER H 201 73.24 -50.95 29.75
CA SER H 201 73.95 -51.75 30.74
C SER H 201 73.02 -52.86 31.20
N THR H 202 73.56 -54.07 31.27
CA THR H 202 72.83 -55.17 31.87
C THR H 202 72.69 -55.00 33.37
N SER H 203 73.72 -54.43 34.02
CA SER H 203 73.69 -54.15 35.45
C SER H 203 73.02 -52.79 35.69
N PRO H 204 72.03 -52.72 36.57
CA PRO H 204 71.38 -51.43 36.84
C PRO H 204 72.32 -50.46 37.52
N ILE H 205 72.29 -49.21 37.07
CA ILE H 205 73.05 -48.17 37.73
C ILE H 205 72.42 -47.88 39.09
N VAL H 206 73.25 -47.82 40.13
CA VAL H 206 72.78 -47.71 41.50
C VAL H 206 73.48 -46.53 42.17
N LYS H 207 72.70 -45.65 42.79
CA LYS H 207 73.24 -44.62 43.68
C LYS H 207 72.37 -44.54 44.91
N SER H 208 73.00 -44.36 46.07
CA SER H 208 72.31 -44.47 47.35
C SER H 208 73.09 -43.73 48.41
N PHE H 209 72.55 -43.72 49.63
CA PHE H 209 73.20 -43.12 50.79
C PHE H 209 72.56 -43.70 52.03
N ASN H 210 73.12 -43.35 53.18
CA ASN H 210 72.61 -43.79 54.47
C ASN H 210 72.30 -42.59 55.34
N ARG H 211 71.11 -42.59 55.96
CA ARG H 211 70.73 -41.52 56.85
C ARG H 211 71.74 -41.37 57.98
N ASN H 212 71.85 -40.15 58.52
CA ASN H 212 72.86 -39.78 59.52
C ASN H 212 74.27 -39.80 58.93
N GLU H 213 74.64 -40.91 58.29
CA GLU H 213 75.97 -41.07 57.75
C GLU H 213 76.22 -40.09 56.60
N CYS H 214 77.43 -39.55 56.55
CA CYS H 214 77.89 -38.76 55.41
C CYS H 214 79.42 -38.68 55.44
C1 NAG I . -3.59 -5.56 -12.18
C2 NAG I . -2.41 -5.47 -11.20
C3 NAG I . -2.41 -4.15 -10.44
C4 NAG I . -2.57 -2.96 -11.38
C5 NAG I . -3.76 -3.18 -12.31
C6 NAG I . -3.92 -2.09 -13.34
C7 NAG I . -1.93 -7.79 -10.51
C8 NAG I . -2.08 -8.80 -9.42
N2 NAG I . -2.46 -6.58 -10.26
O3 NAG I . -1.19 -4.04 -9.69
O4 NAG I . -2.80 -1.78 -10.62
O5 NAG I . -3.59 -4.41 -13.03
O6 NAG I . -2.66 -1.72 -13.90
O7 NAG I . -1.37 -8.05 -11.57
C1 NAG I . -1.77 -0.79 -10.81
C2 NAG I . -2.32 0.54 -10.29
C3 NAG I . -1.27 1.62 -10.41
C4 NAG I . 0.06 1.18 -9.81
C5 NAG I . 0.47 -0.20 -10.31
C6 NAG I . 1.66 -0.74 -9.55
C7 NAG I . -4.76 0.68 -10.57
C8 NAG I . -5.88 1.16 -11.44
N2 NAG I . -3.52 0.92 -11.01
O3 NAG I . -1.74 2.79 -9.73
O4 NAG I . 1.07 2.12 -10.18
O5 NAG I . -0.60 -1.13 -10.09
O6 NAG I . 1.22 -1.43 -8.39
O7 NAG I . -4.95 0.09 -9.51
C1 BMA I . 1.30 3.04 -9.08
C2 BMA I . 2.78 3.43 -9.08
C3 BMA I . 3.07 4.42 -7.91
C4 BMA I . 1.96 5.50 -7.66
C5 BMA I . 0.52 4.99 -8.02
C6 BMA I . -0.49 6.11 -8.22
O2 BMA I . 3.12 4.10 -10.28
O3 BMA I . 4.32 5.06 -8.11
O4 BMA I . 1.98 5.87 -6.28
O5 BMA I . 0.54 4.21 -9.22
O6 BMA I . -1.74 5.58 -8.66
C1 MAN I . 5.32 4.57 -7.21
C2 MAN I . 6.49 5.60 -7.24
C3 MAN I . 7.25 5.51 -8.58
C4 MAN I . 7.63 4.06 -8.91
C5 MAN I . 6.36 3.19 -8.89
C6 MAN I . 6.61 1.73 -9.23
O2 MAN I . 7.47 5.30 -6.24
O3 MAN I . 8.40 6.35 -8.58
O4 MAN I . 8.25 4.00 -10.20
O5 MAN I . 5.76 3.28 -7.57
O6 MAN I . 5.34 1.09 -9.42
C1 MAN I . -2.82 6.26 -8.02
C2 MAN I . -3.71 5.12 -7.41
C3 MAN I . -4.64 4.43 -8.44
C4 MAN I . -5.26 5.44 -9.41
C5 MAN I . -4.15 6.37 -9.97
C6 MAN I . -4.64 7.35 -11.01
O2 MAN I . -4.59 5.65 -6.38
O3 MAN I . -5.67 3.64 -7.79
O4 MAN I . -5.93 4.71 -10.48
O5 MAN I . -3.55 7.11 -8.92
O6 MAN I . -5.82 7.93 -10.51
C1 NAG J . -26.02 7.53 -38.66
C2 NAG J . -26.42 7.54 -40.15
C3 NAG J . -25.91 8.81 -40.84
C4 NAG J . -26.35 10.05 -40.07
C5 NAG J . -25.93 9.93 -38.60
C6 NAG J . -26.40 11.08 -37.75
C7 NAG J . -26.46 5.15 -40.73
C8 NAG J . -25.78 4.04 -41.47
N2 NAG J . -25.89 6.36 -40.81
O3 NAG J . -26.41 8.86 -42.16
O4 NAG J . -25.72 11.18 -40.64
O5 NAG J . -26.49 8.73 -38.04
O6 NAG J . -25.87 10.98 -36.43
O7 NAG J . -27.48 4.97 -40.08
C1 NAG J . -26.68 12.13 -41.13
C2 NAG J . -25.93 13.43 -41.42
C3 NAG J . -26.84 14.48 -42.06
C4 NAG J . -27.59 13.88 -43.25
C5 NAG J . -28.31 12.60 -42.80
C6 NAG J . -29.04 11.92 -43.93
C7 NAG J . -24.05 13.84 -39.87
C8 NAG J . -23.18 13.11 -40.87
N2 NAG J . -25.34 13.96 -40.19
O3 NAG J . -26.06 15.58 -42.49
O4 NAG J . -28.54 14.80 -43.77
O5 NAG J . -27.33 11.67 -42.31
O6 NAG J . -30.34 11.51 -43.53
O7 NAG J . -23.59 14.28 -38.83
C1 NAG K . 7.55 14.76 12.29
C2 NAG K . 6.80 15.65 11.30
C3 NAG K . 7.76 16.48 10.46
C4 NAG K . 8.81 17.19 11.31
C5 NAG K . 9.47 16.18 12.24
C6 NAG K . 10.45 16.81 13.20
C7 NAG K . 4.70 14.46 10.78
C8 NAG K . 3.98 13.64 9.75
N2 NAG K . 5.93 14.85 10.45
O3 NAG K . 7.05 17.42 9.66
O4 NAG K . 9.80 17.75 10.47
O5 NAG K . 8.47 15.55 13.05
O6 NAG K . 10.02 18.10 13.61
O7 NAG K . 4.19 14.73 11.86
C1 NAG K . 9.89 19.18 10.51
C2 NAG K . 11.24 19.55 9.90
C3 NAG K . 11.42 21.06 9.80
C4 NAG K . 10.21 21.73 9.18
C5 NAG K . 8.92 21.26 9.85
C6 NAG K . 7.68 21.80 9.20
C7 NAG K . 12.96 17.84 10.33
C8 NAG K . 14.05 17.39 11.25
N2 NAG K . 12.34 18.97 10.67
O3 NAG K . 12.58 21.34 9.02
O4 NAG K . 10.31 23.14 9.34
O5 NAG K . 8.84 19.82 9.79
O6 NAG K . 7.53 21.32 7.87
O7 NAG K . 12.67 17.22 9.32
C1 BMA K . 10.78 23.82 8.15
C2 BMA K . 10.17 25.24 8.15
C3 BMA K . 10.72 26.08 6.98
C4 BMA K . 12.25 26.08 6.98
C5 BMA K . 12.77 24.62 6.97
C6 BMA K . 14.29 24.55 7.02
O2 BMA K . 10.50 25.92 9.34
O3 BMA K . 10.23 27.42 6.99
O4 BMA K . 12.73 26.78 5.84
O5 BMA K . 12.21 23.89 8.12
O6 BMA K . 14.69 23.38 7.73
C1 MAN K . 9.14 27.54 6.06
C2 MAN K . 8.95 29.05 5.74
C3 MAN K . 8.45 29.82 6.96
C4 MAN K . 7.23 29.14 7.60
C5 MAN K . 7.53 27.64 7.86
C6 MAN K . 6.35 26.86 8.42
O2 MAN K . 7.95 29.23 4.74
O3 MAN K . 8.16 31.18 6.64
O4 MAN K . 6.89 29.79 8.83
O5 MAN K . 7.94 27.00 6.63
O6 MAN K . 6.68 25.48 8.33
C1 NAG L . 32.35 9.05 37.76
C2 NAG L . 32.75 8.94 39.25
C3 NAG L . 33.44 10.22 39.72
C4 NAG L . 34.56 10.60 38.76
C5 NAG L . 34.01 10.70 37.35
C6 NAG L . 35.05 11.07 36.33
C7 NAG L . 31.19 7.40 40.33
C8 NAG L . 29.96 7.27 41.18
N2 NAG L . 31.60 8.64 40.07
O3 NAG L . 33.97 9.99 41.02
O4 NAG L . 35.14 11.84 39.14
O5 NAG L . 33.47 9.43 36.97
O6 NAG L . 35.94 9.98 36.10
O7 NAG L . 31.78 6.42 39.90
C1 NAG L . 36.48 11.56 39.58
C2 NAG L . 37.07 12.88 40.07
C3 NAG L . 38.46 12.66 40.67
C4 NAG L . 38.45 11.52 41.68
C5 NAG L . 37.84 10.28 41.05
C6 NAG L . 37.74 9.11 41.98
C7 NAG L . 36.24 14.82 38.79
C8 NAG L . 35.11 14.90 39.79
N2 NAG L . 37.14 13.85 38.99
O3 NAG L . 38.90 13.86 41.31
O4 NAG L . 39.79 11.23 42.11
O5 NAG L . 36.51 10.59 40.62
O6 NAG L . 37.68 9.51 43.34
O7 NAG L . 36.33 15.61 37.85
S SO4 M . 15.67 4.73 -39.05
O1 SO4 M . 16.66 5.31 -39.93
O2 SO4 M . 15.89 3.30 -38.99
O3 SO4 M . 14.33 4.94 -39.58
O4 SO4 M . 15.76 5.34 -37.73
CA CA N . 30.63 0.31 -11.54
CA CA O . 25.35 4.86 -24.24
CA CA P . 27.82 0.42 -36.21
CA CA Q . 35.38 -11.28 -39.31
S SO4 R . 10.17 0.56 -8.87
O1 SO4 R . 10.35 1.02 -10.25
O2 SO4 R . 9.41 -0.68 -8.95
O3 SO4 R . 11.48 0.34 -8.25
O4 SO4 R . 9.51 1.54 -8.01
C1 GOL S . 11.85 -25.87 -45.71
O1 GOL S . 12.52 -26.97 -46.27
C2 GOL S . 10.49 -26.32 -45.19
O2 GOL S . 10.65 -27.28 -44.19
C3 GOL S . 9.79 -25.10 -44.60
O3 GOL S . 8.41 -25.35 -44.51
C1 GOL T . 29.86 -3.67 -26.28
O1 GOL T . 30.66 -4.33 -27.25
C2 GOL T . 30.58 -2.44 -25.73
O2 GOL T . 29.67 -1.45 -25.28
C3 GOL T . 31.38 -2.89 -24.51
O3 GOL T . 32.70 -2.42 -24.63
MN MN U . -2.34 -25.52 -5.64
MN MN V . -9.28 -25.51 -0.53
MN MN W . 2.56 -25.96 -9.28
C1 NAG X . -31.78 3.26 -45.79
C2 NAG X . -32.82 2.21 -45.38
C3 NAG X . -34.23 2.74 -45.63
C4 NAG X . -34.41 4.09 -44.96
C5 NAG X . -33.32 5.06 -45.40
C6 NAG X . -33.37 6.38 -44.67
C7 NAG X . -32.50 -0.23 -45.49
C8 NAG X . -32.30 -1.41 -46.39
N2 NAG X . -32.62 0.96 -46.10
O3 NAG X . -35.18 1.79 -45.16
O4 NAG X . -35.69 4.64 -45.28
O5 NAG X . -32.04 4.48 -45.12
O6 NAG X . -32.85 6.25 -43.35
O7 NAG X . -32.54 -0.34 -44.27
C10 XQS Y . 1.15 -25.32 -2.16
C11 XQS Y . 2.52 -25.45 -2.74
C12 XQS Y . 0.76 -23.87 -2.03
C13 XQS Y . 3.48 -24.82 -1.75
C14 XQS Y . 1.65 -23.29 -0.96
C15 XQS Y . 3.94 -23.09 -0.12
C16 XQS Y . 5.36 -23.57 -0.15
C17 XQS Y . 0.22 -27.33 -2.87
C18 XQS Y . 5.58 -24.58 0.95
C19 XQS Y . 6.27 -21.40 -0.93
C20 XQS Y . -0.49 -27.88 -4.07
C22 XQS Y . 8.48 -20.64 0.17
C23 XQS Y . 7.13 -19.07 -1.19
C24 XQS Y . 9.40 -19.70 0.42
C26 XQS Y . 9.24 -18.32 -0.15
C27 XQS Y . 10.29 -17.30 0.14
O01 XQS Y . 0.28 -25.93 -3.06
O02 XQS Y . 3.61 -22.16 0.57
O03 XQS Y . -1.29 -27.16 -4.71
O04 XQS Y . 5.55 -21.36 -1.90
O05 XQS Y . -0.27 -29.07 -4.40
N06 XQS Y . 3.00 -23.75 -0.96
N07 XQS Y . 6.24 -22.47 0.00
N08 XQS Y . 9.97 -16.17 0.70
N09 XQS Y . 11.54 -17.56 -0.18
C21 XQS Y . 7.27 -20.30 -0.68
C25 XQS Y . 8.17 -18.01 -0.91
S SO4 Z . -2.33 26.29 0.90
O1 SO4 Z . -3.08 25.07 1.17
O2 SO4 Z . -1.52 26.08 -0.29
O3 SO4 Z . -1.48 26.61 2.05
O4 SO4 Z . -3.24 27.40 0.64
CL CL AA . -25.15 23.51 44.08
CA CA BA . -10.48 44.48 9.13
CA CA CA . -3.46 44.53 21.92
CA CA DA . -8.16 44.75 34.00
CA CA EA . -21.68 42.90 37.47
S SO4 FA . 3.28 28.74 7.74
O1 SO4 FA . 4.23 28.55 6.63
O2 SO4 FA . 2.56 27.48 7.96
O3 SO4 FA . 4.00 29.10 8.97
O4 SO4 FA . 2.35 29.81 7.41
MN MN GA . -8.37 2.19 7.04
MN MN HA . -3.15 -3.61 2.72
MN MN IA . -11.85 5.91 10.51
C1 NAG JA . 33.66 3.26 45.47
C2 NAG JA . 33.67 1.75 45.21
C3 NAG JA . 35.10 1.20 45.22
C4 NAG JA . 35.99 2.01 44.28
C5 NAG JA . 35.91 3.48 44.64
C6 NAG JA . 36.71 4.36 43.72
C7 NAG JA . 31.94 0.12 45.88
C8 NAG JA . 31.19 -0.48 47.03
N2 NAG JA . 32.84 1.05 46.19
O3 NAG JA . 35.08 -0.17 44.83
O4 NAG JA . 37.34 1.56 44.36
O5 NAG JA . 34.55 3.92 44.55
O6 NAG JA . 36.82 5.69 44.22
O7 NAG JA . 31.72 -0.22 44.72
C10 XQS KA . -10.41 4.45 3.39
C11 XQS KA . -11.46 5.34 3.99
C12 XQS KA . -9.07 5.15 3.41
C13 XQS KA . -11.53 6.63 3.19
C14 XQS KA . -9.17 6.29 2.42
C15 XQS KA . -10.54 8.04 1.45
C16 XQS KA . -11.86 8.79 1.37
C17 XQS KA . -11.56 2.71 4.49
C18 XQS KA . -12.75 8.13 0.35
C19 XQS KA . -10.92 11.07 1.83
C20 XQS KA . -11.39 1.86 5.73
C22 XQS KA . -11.84 13.15 0.56
C23 XQS KA . -9.68 13.21 1.76
C24 XQS KA . -11.72 14.43 0.17
C26 XQS KA . -10.49 15.22 0.57
C27 XQS KA . -10.35 16.66 0.13
O01 XQS KA . -10.31 3.29 4.17
O02 XQS KA . -9.61 8.36 0.74
O03 XQS KA . -10.32 1.94 6.39
O04 XQS KA . -10.42 10.71 2.88
O05 XQS KA . -12.30 1.07 6.09
N06 XQS KA . -10.42 6.97 2.36
N07 XQS KA . -11.65 10.16 1.02
N08 XQS KA . -9.30 17.05 -0.55
N09 XQS KA . -11.28 17.53 0.42
C21 XQS KA . -10.76 12.50 1.40
C25 XQS KA . -9.52 14.65 1.31
S SO4 LA . 37.02 -47.50 -0.55
O1 SO4 LA . 38.28 -47.02 0.01
O2 SO4 LA . 37.32 -48.18 -1.81
O3 SO4 LA . 36.11 -46.38 -0.76
O4 SO4 LA . 36.36 -48.43 0.35
#